data_3WXM
#
_entry.id   3WXM
#
_cell.length_a   148.926
_cell.length_b   158.944
_cell.length_c   427.236
_cell.angle_alpha   90.00
_cell.angle_beta   90.00
_cell.angle_gamma   90.00
#
_symmetry.space_group_name_H-M   'C 2 2 21'
#
loop_
_entity.id
_entity.type
_entity.pdbx_description
1 polymer 'Elongation factor 1-alpha'
2 polymer 'Protein pelota homolog'
3 non-polymer "GUANOSINE-5'-TRIPHOSPHATE"
4 non-polymer 'MAGNESIUM ION'
5 water water
#
loop_
_entity_poly.entity_id
_entity_poly.type
_entity_poly.pdbx_seq_one_letter_code
_entity_poly.pdbx_strand_id
1 'polypeptide(L)'
;GSHMAEKPHMNLVVIGHVDHGKSTLVGHLLYRLGYIEEKKLKELEEQAKSRGKESFKFAWILDKMKEERERGITIDLTFM
KFETKKYVFTIIDAPGHRDFVKNMITGASQADAAILVVSARKGEFEAGMSTEGQTREHLLLARTMGIEQIIVAVNKMDAP
DVNYDQKRYEFVVSVLKKFMKGLGYQVDKIPFIPVSAWKGDNLIERSPNMPWYNGPTLVEALDQLQPPAKPVDKPLRIPV
QNVYSIPGAGTVPVGRVETGVLRVGDKVVFMPPGVVGEVRSIEMHYQQLQQAEPGDNIGFAVRGVSKSDIKRGDVAGHLD
KPPTVAEEFEARIFVIWHPSAITVGYTPVIHVHTASVSSRIIEIKAKLDPKTGQVVEQNPQFLKAGDAAIVRFKPVKPLV
VEKFSEIPQLGRFAMRDMNRTVGIGIVTDVKPAKVDIKAKLARGSGC
;
A,C,E,G
2 'polypeptide(L)'
;MGSSHHHHHHSSGLVPRGSHMRVEVLDNKRRIVRLRPESEEDLWLLRITLRPGDVVRIRTSRDVPVGSGRKERVVMTLRI
RLDSIEFQPFTGKLRISGIVVEGPDEFGVKGRRHSTAVSIGTWLVVERDKGWSEQELERLASGRARGTAVIAAVDYDEFA
LAVLAGHGMKILEDTSARLPGKDDPSREQEVEKYVDRAAKRIVEEAARHRSPIAVIAGPGQLKTSVAEKVQRAMPSLKVA
TVDTSMGGVAGVREALRRESVTRILRELSIVEAEGVLEEFLRRIAKSRDTVAYTPGEVLAVARMGAVDTVLLVDTLLHSP
DDAVREAVDEALRLVESMGGRVIIIPGDSPAGERLVSFGGVIALLRYPVPQEARRL
;
B,D,F,H
#
loop_
_chem_comp.id
_chem_comp.type
_chem_comp.name
_chem_comp.formula
GTP non-polymer GUANOSINE-5'-TRIPHOSPHATE 'C10 H16 N5 O14 P3'
MG non-polymer 'MAGNESIUM ION' 'Mg 2'
#
# COMPACT_ATOMS: atom_id res chain seq x y z
N LYS A 7 2.16 14.39 4.59
CA LYS A 7 0.98 13.85 5.28
C LYS A 7 -0.31 14.14 4.51
N PRO A 8 -0.95 13.08 3.97
CA PRO A 8 -2.06 13.13 3.02
C PRO A 8 -3.33 13.81 3.54
N HIS A 9 -4.07 14.45 2.64
CA HIS A 9 -5.28 15.19 3.01
C HIS A 9 -6.55 14.52 2.47
N MET A 10 -7.63 14.59 3.25
CA MET A 10 -8.93 14.05 2.82
C MET A 10 -10.10 14.85 3.38
N ASN A 11 -11.18 14.91 2.62
CA ASN A 11 -12.35 15.64 3.06
C ASN A 11 -13.39 14.66 3.63
N LEU A 12 -13.86 14.94 4.84
CA LEU A 12 -14.86 14.11 5.53
C LEU A 12 -16.16 14.85 5.65
N VAL A 13 -17.24 14.27 5.15
CA VAL A 13 -18.55 14.87 5.34
C VAL A 13 -19.29 14.05 6.40
N VAL A 14 -19.89 14.75 7.35
CA VAL A 14 -20.62 14.09 8.43
C VAL A 14 -22.11 14.17 8.15
N ILE A 15 -22.73 13.02 7.90
CA ILE A 15 -24.13 12.96 7.47
C ILE A 15 -25.03 12.16 8.41
N GLY A 16 -26.32 12.19 8.14
CA GLY A 16 -27.29 11.44 8.92
C GLY A 16 -28.57 12.20 9.18
N HIS A 17 -29.57 11.51 9.68
CA HIS A 17 -30.88 12.08 9.97
C HIS A 17 -30.80 13.25 10.94
N VAL A 18 -31.87 14.03 11.01
CA VAL A 18 -31.84 15.22 11.86
C VAL A 18 -31.68 14.88 13.34
N ASP A 19 -30.76 15.61 13.98
CA ASP A 19 -30.49 15.52 15.41
C ASP A 19 -29.89 14.21 15.90
N HIS A 20 -29.48 13.32 15.00
CA HIS A 20 -28.87 12.07 15.42
C HIS A 20 -27.45 12.28 15.95
N GLY A 21 -27.01 13.53 16.02
CA GLY A 21 -25.79 13.85 16.75
C GLY A 21 -24.55 14.15 15.95
N LYS A 22 -24.70 14.56 14.70
CA LYS A 22 -23.56 14.85 13.85
C LYS A 22 -22.66 15.94 14.42
N SER A 23 -23.27 17.04 14.81
CA SER A 23 -22.51 18.18 15.30
C SER A 23 -21.83 17.92 16.66
N THR A 24 -22.54 17.32 17.61
CA THR A 24 -21.86 16.96 18.86
C THR A 24 -20.71 15.96 18.57
N LEU A 25 -20.94 14.98 17.72
CA LEU A 25 -19.91 14.00 17.42
C LEU A 25 -18.66 14.70 16.91
N VAL A 26 -18.82 15.68 16.01
CA VAL A 26 -17.66 16.39 15.47
C VAL A 26 -17.03 17.29 16.52
N GLY A 27 -17.87 18.06 17.19
CA GLY A 27 -17.42 18.93 18.26
C GLY A 27 -16.64 18.24 19.36
N HIS A 28 -17.19 17.14 19.88
CA HIS A 28 -16.55 16.44 20.97
C HIS A 28 -15.24 15.84 20.50
N LEU A 29 -15.25 15.24 19.32
CA LEU A 29 -14.08 14.61 18.77
C LEU A 29 -12.94 15.61 18.67
N LEU A 30 -13.26 16.83 18.25
CA LEU A 30 -12.26 17.86 18.16
C LEU A 30 -11.77 18.24 19.54
N TYR A 31 -12.70 18.45 20.47
CA TYR A 31 -12.33 18.77 21.85
C TYR A 31 -11.38 17.73 22.46
N ARG A 32 -11.77 16.46 22.38
CA ARG A 32 -10.93 15.36 22.86
C ARG A 32 -9.55 15.33 22.19
N LEU A 33 -9.52 15.52 20.88
CA LEU A 33 -8.28 15.49 20.09
C LEU A 33 -7.35 16.65 20.44
N GLY A 34 -7.88 17.66 21.12
CA GLY A 34 -7.09 18.78 21.58
C GLY A 34 -7.20 20.02 20.73
N TYR A 35 -8.37 20.27 20.16
CA TYR A 35 -8.52 21.36 19.21
C TYR A 35 -9.52 22.42 19.65
N ILE A 36 -9.94 22.36 20.91
CA ILE A 36 -10.85 23.37 21.45
C ILE A 36 -10.42 23.75 22.87
N GLU A 37 -10.23 25.03 23.11
CA GLU A 37 -9.82 25.51 24.42
C GLU A 37 -10.94 25.39 25.45
N GLU A 38 -10.54 25.05 26.68
CA GLU A 38 -11.45 24.91 27.82
C GLU A 38 -12.39 26.08 28.06
N LYS A 39 -11.83 27.30 27.99
CA LYS A 39 -12.62 28.51 28.24
C LYS A 39 -13.70 28.64 27.18
N LYS A 40 -13.42 28.15 25.99
CA LYS A 40 -14.40 28.23 24.90
C LYS A 40 -15.49 27.19 25.06
N LEU A 41 -15.12 25.95 25.27
CA LEU A 41 -16.13 24.90 25.47
C LEU A 41 -17.01 25.21 26.69
N LYS A 42 -16.44 25.90 27.69
CA LYS A 42 -17.19 26.26 28.89
C LYS A 42 -18.08 27.50 28.66
N GLU A 43 -17.56 28.46 27.89
CA GLU A 43 -18.31 29.67 27.52
C GLU A 43 -19.58 29.27 26.76
N LEU A 44 -19.44 28.30 25.85
CA LEU A 44 -20.55 27.76 25.08
C LEU A 44 -21.55 27.04 25.97
N GLU A 45 -21.02 26.24 26.89
CA GLU A 45 -21.84 25.59 27.91
C GLU A 45 -22.71 26.63 28.63
N GLU A 46 -22.10 27.75 29.01
CA GLU A 46 -22.84 28.81 29.69
C GLU A 46 -23.90 29.40 28.78
N GLN A 47 -23.46 29.83 27.60
CA GLN A 47 -24.33 30.40 26.57
C GLN A 47 -25.52 29.50 26.25
N ALA A 48 -25.23 28.22 26.00
CA ALA A 48 -26.25 27.23 25.71
C ALA A 48 -27.27 27.20 26.81
N LYS A 49 -26.86 26.68 27.97
CA LYS A 49 -27.70 26.62 29.17
C LYS A 49 -28.50 27.90 29.36
N SER A 50 -27.85 29.04 29.19
CA SER A 50 -28.51 30.35 29.31
C SER A 50 -29.73 30.53 28.42
N ARG A 51 -29.64 30.09 27.16
CA ARG A 51 -30.80 30.09 26.29
C ARG A 51 -31.46 28.73 26.35
N GLY A 52 -32.47 28.52 25.51
CA GLY A 52 -33.23 27.29 25.56
C GLY A 52 -32.39 26.02 25.56
N LYS A 53 -31.55 25.88 24.53
CA LYS A 53 -30.72 24.71 24.33
C LYS A 53 -29.81 24.47 25.54
N GLU A 54 -29.33 23.24 25.73
CA GLU A 54 -28.56 22.93 26.93
C GLU A 54 -27.54 21.85 26.70
N SER A 55 -27.98 20.77 26.09
CA SER A 55 -27.07 19.71 25.67
C SER A 55 -26.43 20.02 24.30
N PHE A 56 -26.16 21.29 24.04
CA PHE A 56 -25.76 21.68 22.70
C PHE A 56 -24.37 22.29 22.63
N LYS A 57 -23.67 22.31 23.76
CA LYS A 57 -22.37 22.96 23.85
C LYS A 57 -21.40 22.39 22.81
N PHE A 58 -21.49 21.10 22.53
CA PHE A 58 -20.60 20.50 21.54
C PHE A 58 -21.05 20.89 20.15
N ALA A 59 -22.35 20.85 19.92
CA ALA A 59 -22.89 21.17 18.60
C ALA A 59 -22.64 22.62 18.25
N TRP A 60 -22.56 23.47 19.28
CA TRP A 60 -22.46 24.89 19.03
C TRP A 60 -21.03 25.32 18.77
N ILE A 61 -20.12 24.37 18.61
CA ILE A 61 -18.80 24.75 18.15
C ILE A 61 -18.76 24.53 16.64
N LEU A 62 -19.84 23.97 16.11
CA LEU A 62 -20.08 23.97 14.67
C LEU A 62 -21.18 24.97 14.30
N ASP A 63 -22.35 24.83 14.93
CA ASP A 63 -23.50 25.67 14.59
C ASP A 63 -23.35 27.07 15.13
N LYS A 64 -23.37 28.05 14.25
CA LYS A 64 -23.13 29.42 14.67
C LYS A 64 -24.13 30.41 14.09
N MET A 65 -24.84 30.00 13.04
CA MET A 65 -25.92 30.82 12.48
C MET A 65 -27.02 31.15 13.49
N LYS A 66 -27.63 32.33 13.32
CA LYS A 66 -28.73 32.79 14.18
C LYS A 66 -29.87 31.75 14.23
N GLU A 67 -30.40 31.38 13.07
CA GLU A 67 -31.49 30.42 13.05
C GLU A 67 -31.02 29.05 13.58
N GLU A 68 -29.76 28.71 13.31
CA GLU A 68 -29.17 27.45 13.75
C GLU A 68 -29.18 27.29 15.26
N ARG A 69 -28.76 28.32 15.99
CA ARG A 69 -28.68 28.20 17.44
C ARG A 69 -30.09 28.14 18.05
N GLU A 70 -31.01 28.91 17.49
CA GLU A 70 -32.35 28.98 18.07
C GLU A 70 -33.18 27.72 17.84
N ARG A 71 -32.72 26.84 16.96
CA ARG A 71 -33.64 25.82 16.45
C ARG A 71 -33.61 24.40 17.03
N GLY A 72 -32.47 23.79 17.38
CA GLY A 72 -31.12 24.18 17.11
C GLY A 72 -30.67 23.15 16.08
N ILE A 73 -30.50 23.64 14.86
CA ILE A 73 -30.45 22.80 13.67
C ILE A 73 -29.22 23.24 12.91
N THR A 74 -28.50 22.30 12.30
CA THR A 74 -27.48 22.69 11.33
C THR A 74 -28.19 23.11 10.04
N ILE A 75 -27.85 24.26 9.49
CA ILE A 75 -28.46 24.66 8.23
C ILE A 75 -27.44 24.54 7.09
N ASP A 76 -26.27 25.17 7.21
CA ASP A 76 -25.29 25.07 6.13
C ASP A 76 -24.00 24.46 6.66
N LEU A 77 -23.22 23.89 5.76
CA LEU A 77 -21.95 23.26 6.10
C LEU A 77 -21.05 24.08 7.02
N THR A 78 -20.31 23.36 7.85
CA THR A 78 -19.26 23.95 8.65
C THR A 78 -17.96 23.25 8.33
N PHE A 79 -16.87 24.01 8.22
CA PHE A 79 -15.58 23.39 7.91
C PHE A 79 -14.58 23.53 9.06
N MET A 80 -13.95 22.40 9.44
CA MET A 80 -12.90 22.40 10.46
C MET A 80 -11.73 21.49 10.06
N LYS A 81 -10.54 21.83 10.54
CA LYS A 81 -9.34 21.04 10.28
C LYS A 81 -8.90 20.29 11.51
N PHE A 82 -8.38 19.08 11.32
CA PHE A 82 -7.69 18.37 12.39
C PHE A 82 -6.86 17.29 11.76
N GLU A 83 -5.98 16.68 12.54
CA GLU A 83 -5.23 15.57 11.99
C GLU A 83 -5.08 14.43 12.95
N THR A 84 -4.88 13.25 12.36
CA THR A 84 -4.65 12.02 13.10
C THR A 84 -3.19 11.63 12.91
N LYS A 85 -2.87 10.39 13.27
CA LYS A 85 -1.54 9.86 13.01
C LYS A 85 -1.21 9.90 11.51
N LYS A 86 -2.08 9.32 10.69
CA LYS A 86 -1.82 9.20 9.26
C LYS A 86 -2.16 10.46 8.42
N TYR A 87 -3.20 11.19 8.82
CA TYR A 87 -3.90 12.10 7.91
C TYR A 87 -4.16 13.49 8.44
N VAL A 88 -4.25 14.47 7.54
CA VAL A 88 -4.82 15.75 7.91
C VAL A 88 -6.21 15.78 7.27
N PHE A 89 -7.17 16.32 8.00
CA PHE A 89 -8.58 16.19 7.63
C PHE A 89 -9.30 17.52 7.52
N THR A 90 -10.13 17.63 6.50
CA THR A 90 -11.15 18.65 6.54
C THR A 90 -12.44 17.92 6.82
N ILE A 91 -13.05 18.25 7.94
CA ILE A 91 -14.30 17.62 8.27
C ILE A 91 -15.41 18.61 8.01
N ILE A 92 -16.45 18.13 7.32
CA ILE A 92 -17.58 18.92 6.90
C ILE A 92 -18.83 18.46 7.59
N ASP A 93 -19.41 19.36 8.39
CA ASP A 93 -20.56 19.10 9.22
C ASP A 93 -21.82 19.48 8.45
N ALA A 94 -22.63 18.48 8.10
CA ALA A 94 -23.79 18.67 7.22
C ALA A 94 -25.11 18.80 7.97
N PRO A 95 -26.10 19.45 7.37
CA PRO A 95 -27.41 19.54 8.01
C PRO A 95 -28.17 18.25 7.84
N GLY A 96 -28.97 17.88 8.84
CA GLY A 96 -29.76 16.66 8.74
C GLY A 96 -31.19 16.96 8.37
N HIS A 97 -31.65 18.16 8.71
CA HIS A 97 -33.03 18.54 8.47
C HIS A 97 -33.36 18.45 6.97
N ARG A 98 -34.53 17.90 6.66
CA ARG A 98 -34.87 17.61 5.27
C ARG A 98 -34.96 18.88 4.41
N ASP A 99 -35.27 20.00 5.03
CA ASP A 99 -35.36 21.25 4.28
C ASP A 99 -34.01 21.73 3.74
N PHE A 100 -32.93 21.16 4.24
CA PHE A 100 -31.61 21.61 3.82
C PHE A 100 -30.73 20.53 3.27
N VAL A 101 -31.33 19.50 2.67
CA VAL A 101 -30.48 18.48 2.11
C VAL A 101 -29.73 18.98 0.86
N LYS A 102 -30.17 20.09 0.25
CA LYS A 102 -29.36 20.64 -0.85
C LYS A 102 -27.94 20.91 -0.36
N ASN A 103 -27.80 21.43 0.87
CA ASN A 103 -26.48 21.70 1.42
C ASN A 103 -25.68 20.45 1.80
N MET A 104 -26.40 19.41 2.20
CA MET A 104 -25.75 18.14 2.49
C MET A 104 -25.14 17.64 1.21
N ILE A 105 -25.87 17.86 0.12
CA ILE A 105 -25.41 17.42 -1.18
C ILE A 105 -24.11 18.10 -1.61
N THR A 106 -23.98 19.41 -1.39
CA THR A 106 -22.75 20.07 -1.81
C THR A 106 -21.58 19.56 -0.95
N GLY A 107 -21.87 19.27 0.31
CA GLY A 107 -20.90 18.61 1.19
C GLY A 107 -20.47 17.24 0.69
N ALA A 108 -21.43 16.42 0.27
CA ALA A 108 -21.13 15.10 -0.26
C ALA A 108 -20.30 15.14 -1.55
N SER A 109 -20.60 16.07 -2.45
CA SER A 109 -19.82 16.22 -3.68
C SER A 109 -18.35 16.61 -3.41
N GLN A 110 -18.14 17.32 -2.31
CA GLN A 110 -16.78 17.74 -1.90
C GLN A 110 -16.01 16.63 -1.20
N ALA A 111 -16.73 15.64 -0.68
CA ALA A 111 -16.16 14.69 0.27
C ALA A 111 -15.35 13.57 -0.35
N ASP A 112 -14.32 13.13 0.37
CA ASP A 112 -13.59 11.92 0.01
C ASP A 112 -14.19 10.73 0.76
N ALA A 113 -14.79 11.02 1.91
CA ALA A 113 -15.32 9.97 2.78
C ALA A 113 -16.41 10.51 3.71
N ALA A 114 -17.31 9.65 4.16
CA ALA A 114 -18.43 10.09 4.97
C ALA A 114 -18.52 9.36 6.30
N ILE A 115 -18.77 10.13 7.36
CA ILE A 115 -19.21 9.55 8.62
C ILE A 115 -20.72 9.57 8.68
N LEU A 116 -21.34 8.39 8.58
CA LEU A 116 -22.78 8.26 8.76
C LEU A 116 -23.07 8.18 10.26
N VAL A 117 -23.75 9.19 10.77
CA VAL A 117 -24.13 9.22 12.17
C VAL A 117 -25.56 8.77 12.24
N VAL A 118 -25.80 7.67 12.96
CA VAL A 118 -27.15 7.15 13.12
C VAL A 118 -27.42 6.85 14.59
N SER A 119 -28.53 7.36 15.09
CA SER A 119 -28.90 7.22 16.50
C SER A 119 -29.51 5.85 16.78
N ALA A 120 -29.14 5.26 17.90
CA ALA A 120 -29.67 3.93 18.25
C ALA A 120 -30.90 4.05 19.15
N ARG A 121 -31.28 5.28 19.49
CA ARG A 121 -32.43 5.47 20.37
C ARG A 121 -33.73 4.95 19.76
N LYS A 122 -34.55 4.29 20.57
CA LYS A 122 -35.88 3.83 20.18
C LYS A 122 -36.65 4.96 19.52
N GLY A 123 -37.22 4.66 18.35
CA GLY A 123 -37.95 5.68 17.60
C GLY A 123 -37.09 6.49 16.65
N GLU A 124 -35.94 6.95 17.12
CA GLU A 124 -35.04 7.79 16.32
C GLU A 124 -34.49 7.04 15.12
N PHE A 125 -33.78 5.94 15.37
CA PHE A 125 -33.24 5.11 14.31
C PHE A 125 -34.26 4.72 13.27
N GLU A 126 -35.46 4.41 13.73
CA GLU A 126 -36.53 4.02 12.82
C GLU A 126 -36.99 5.21 11.96
N ALA A 127 -36.98 6.41 12.57
CA ALA A 127 -37.30 7.64 11.84
C ALA A 127 -36.38 7.80 10.64
N GLY A 128 -35.08 7.85 10.92
CA GLY A 128 -34.07 8.03 9.90
C GLY A 128 -34.01 6.91 8.87
N MET A 129 -34.40 5.70 9.24
CA MET A 129 -34.33 4.62 8.25
C MET A 129 -35.68 4.39 7.58
N SER A 130 -36.67 5.22 7.91
CA SER A 130 -37.96 5.13 7.24
C SER A 130 -37.86 5.61 5.80
N THR A 131 -38.96 5.46 5.07
CA THR A 131 -38.99 5.70 3.63
C THR A 131 -38.67 7.16 3.30
N GLU A 132 -38.90 8.05 4.26
CA GLU A 132 -38.77 9.47 4.02
C GLU A 132 -37.78 10.10 4.98
N GLY A 133 -36.97 9.25 5.63
CA GLY A 133 -36.02 9.70 6.62
C GLY A 133 -34.63 9.88 6.03
N GLN A 134 -33.75 10.56 6.75
CA GLN A 134 -32.51 11.00 6.12
C GLN A 134 -31.30 10.12 6.36
N THR A 135 -31.44 9.06 7.16
CA THR A 135 -30.36 8.08 7.17
C THR A 135 -30.36 7.46 5.79
N ARG A 136 -31.56 7.17 5.33
CA ARG A 136 -31.77 6.57 4.04
C ARG A 136 -31.40 7.58 2.94
N GLU A 137 -31.99 8.78 3.00
CA GLU A 137 -31.70 9.77 1.96
C GLU A 137 -30.22 10.07 1.82
N HIS A 138 -29.56 10.42 2.94
CA HIS A 138 -28.14 10.79 2.86
C HIS A 138 -27.24 9.63 2.38
N LEU A 139 -27.58 8.41 2.71
CA LEU A 139 -26.81 7.27 2.21
C LEU A 139 -26.97 7.17 0.69
N LEU A 140 -28.20 7.27 0.21
CA LEU A 140 -28.47 7.35 -1.22
C LEU A 140 -27.62 8.46 -1.88
N LEU A 141 -27.84 9.69 -1.44
CA LEU A 141 -27.19 10.84 -2.00
C LEU A 141 -25.64 10.73 -1.98
N ALA A 142 -25.09 10.28 -0.86
CA ALA A 142 -23.63 10.07 -0.77
C ALA A 142 -23.14 9.12 -1.86
N ARG A 143 -23.89 8.04 -2.07
CA ARG A 143 -23.59 7.08 -3.10
C ARG A 143 -23.61 7.69 -4.51
N THR A 144 -24.67 8.45 -4.79
CA THR A 144 -24.81 8.98 -6.13
C THR A 144 -23.81 10.09 -6.34
N MET A 145 -23.43 10.74 -5.25
CA MET A 145 -22.43 11.78 -5.37
C MET A 145 -20.99 11.23 -5.39
N GLY A 146 -20.83 9.90 -5.36
CA GLY A 146 -19.55 9.26 -5.54
C GLY A 146 -18.67 9.02 -4.32
N ILE A 147 -19.30 8.86 -3.16
CA ILE A 147 -18.54 8.53 -1.97
C ILE A 147 -18.51 7.01 -1.77
N GLU A 148 -17.31 6.43 -1.76
CA GLU A 148 -17.21 4.98 -1.59
C GLU A 148 -16.53 4.56 -0.30
N GLN A 149 -16.06 5.52 0.47
CA GLN A 149 -15.55 5.24 1.81
C GLN A 149 -16.47 5.82 2.85
N ILE A 150 -17.07 4.94 3.63
CA ILE A 150 -18.01 5.35 4.65
C ILE A 150 -17.76 4.66 5.99
N ILE A 151 -17.82 5.44 7.05
CA ILE A 151 -17.72 4.95 8.41
C ILE A 151 -19.05 5.22 9.08
N VAL A 152 -19.71 4.22 9.63
CA VAL A 152 -20.93 4.54 10.33
C VAL A 152 -20.70 4.50 11.82
N ALA A 153 -21.03 5.61 12.46
CA ALA A 153 -20.98 5.70 13.90
C ALA A 153 -22.39 5.50 14.44
N VAL A 154 -22.63 4.35 15.09
CA VAL A 154 -23.91 4.07 15.74
C VAL A 154 -23.92 4.74 17.10
N ASN A 155 -24.79 5.73 17.25
CA ASN A 155 -24.59 6.78 18.24
C ASN A 155 -25.66 6.81 19.34
N LYS A 156 -25.46 7.67 20.34
CA LYS A 156 -26.39 7.87 21.44
C LYS A 156 -26.48 6.58 22.27
N MET A 157 -25.37 5.86 22.29
CA MET A 157 -25.26 4.57 22.94
C MET A 157 -25.41 4.67 24.47
N ASP A 158 -25.36 5.90 24.98
CA ASP A 158 -25.48 6.16 26.41
C ASP A 158 -26.92 6.47 26.81
N ALA A 159 -27.77 6.69 25.83
CA ALA A 159 -29.13 7.10 26.13
C ALA A 159 -29.83 6.03 26.95
N PRO A 160 -30.66 6.45 27.91
CA PRO A 160 -31.39 5.54 28.81
C PRO A 160 -32.03 4.39 28.05
N ASP A 161 -32.67 4.68 26.93
CA ASP A 161 -33.35 3.66 26.14
C ASP A 161 -32.42 2.90 25.20
N VAL A 162 -31.11 2.97 25.44
CA VAL A 162 -30.18 2.13 24.69
C VAL A 162 -29.18 1.49 25.64
N ASN A 163 -28.53 2.35 26.43
CA ASN A 163 -27.60 1.93 27.48
C ASN A 163 -26.62 0.85 27.06
N TYR A 164 -25.80 1.15 26.06
CA TYR A 164 -24.68 0.31 25.66
C TYR A 164 -25.10 -1.12 25.30
N ASP A 165 -26.38 -1.32 25.02
CA ASP A 165 -26.91 -2.63 24.73
C ASP A 165 -26.46 -3.20 23.38
N GLN A 166 -25.59 -4.21 23.40
CA GLN A 166 -25.10 -4.88 22.19
C GLN A 166 -26.23 -5.46 21.34
N LYS A 167 -27.36 -5.75 21.96
CA LYS A 167 -28.52 -6.25 21.21
C LYS A 167 -29.06 -5.18 20.25
N ARG A 168 -29.09 -3.93 20.71
CA ARG A 168 -29.61 -2.83 19.91
C ARG A 168 -28.68 -2.53 18.75
N TYR A 169 -27.42 -2.26 19.11
CA TYR A 169 -26.35 -2.04 18.15
C TYR A 169 -26.43 -3.03 17.01
N GLU A 170 -26.65 -4.29 17.37
CA GLU A 170 -26.60 -5.37 16.40
C GLU A 170 -27.77 -5.25 15.45
N PHE A 171 -28.90 -4.84 16.00
CA PHE A 171 -30.08 -4.65 15.19
C PHE A 171 -29.86 -3.53 14.17
N VAL A 172 -29.50 -2.33 14.65
CA VAL A 172 -29.37 -1.20 13.73
C VAL A 172 -28.36 -1.57 12.66
N VAL A 173 -27.27 -2.23 13.04
CA VAL A 173 -26.28 -2.65 12.05
C VAL A 173 -26.92 -3.56 11.00
N SER A 174 -27.78 -4.47 11.46
CA SER A 174 -28.44 -5.42 10.56
C SER A 174 -29.25 -4.73 9.48
N VAL A 175 -30.12 -3.84 9.94
CA VAL A 175 -30.96 -3.04 9.06
C VAL A 175 -30.11 -2.18 8.11
N LEU A 176 -29.21 -1.39 8.69
CA LEU A 176 -28.26 -0.58 7.94
C LEU A 176 -27.54 -1.38 6.84
N LYS A 177 -27.00 -2.53 7.21
CA LYS A 177 -26.21 -3.31 6.28
C LYS A 177 -27.05 -3.80 5.10
N LYS A 178 -28.30 -4.16 5.38
CA LYS A 178 -29.16 -4.68 4.34
C LYS A 178 -29.26 -3.62 3.25
N PHE A 179 -29.80 -2.47 3.65
CA PHE A 179 -29.98 -1.33 2.76
C PHE A 179 -28.72 -0.92 2.01
N MET A 180 -27.61 -0.77 2.73
CA MET A 180 -26.34 -0.34 2.13
C MET A 180 -25.83 -1.35 1.11
N LYS A 181 -26.15 -2.62 1.32
CA LYS A 181 -25.72 -3.68 0.43
C LYS A 181 -26.43 -3.53 -0.89
N GLY A 182 -27.71 -3.12 -0.81
CA GLY A 182 -28.54 -2.93 -1.99
C GLY A 182 -28.24 -1.66 -2.76
N LEU A 183 -27.60 -0.71 -2.09
CA LEU A 183 -27.10 0.48 -2.73
C LEU A 183 -25.87 0.16 -3.58
N GLY A 184 -25.24 -0.97 -3.28
CA GLY A 184 -24.00 -1.38 -3.95
C GLY A 184 -22.75 -1.34 -3.09
N TYR A 185 -22.92 -1.13 -1.78
CA TYR A 185 -21.78 -1.10 -0.87
C TYR A 185 -21.33 -2.50 -0.47
N GLN A 186 -20.02 -2.72 -0.51
CA GLN A 186 -19.41 -3.90 0.08
C GLN A 186 -19.38 -3.65 1.57
N VAL A 187 -20.45 -4.09 2.22
CA VAL A 187 -20.81 -3.63 3.54
C VAL A 187 -19.88 -4.20 4.63
N ASP A 188 -19.33 -5.39 4.34
CA ASP A 188 -18.49 -6.13 5.29
C ASP A 188 -17.12 -5.50 5.44
N LYS A 189 -16.81 -4.62 4.49
CA LYS A 189 -15.54 -3.91 4.48
C LYS A 189 -15.69 -2.55 5.13
N ILE A 190 -16.82 -2.29 5.78
CA ILE A 190 -16.99 -0.99 6.44
C ILE A 190 -17.44 -1.10 7.92
N PRO A 191 -16.80 -0.31 8.78
CA PRO A 191 -16.96 -0.33 10.25
C PRO A 191 -18.28 0.23 10.73
N PHE A 192 -18.85 -0.39 11.74
CA PHE A 192 -20.01 0.17 12.43
C PHE A 192 -19.66 0.40 13.90
N ILE A 193 -19.28 1.62 14.23
CA ILE A 193 -18.68 1.89 15.50
C ILE A 193 -19.69 2.39 16.51
N PRO A 194 -19.95 1.60 17.56
CA PRO A 194 -20.86 2.06 18.62
C PRO A 194 -20.20 3.17 19.41
N VAL A 195 -20.84 4.31 19.50
CA VAL A 195 -20.21 5.48 20.09
C VAL A 195 -21.22 6.25 20.91
N SER A 196 -20.73 7.12 21.76
CA SER A 196 -21.54 8.13 22.39
C SER A 196 -20.95 9.48 22.06
N ALA A 197 -21.67 10.28 21.29
CA ALA A 197 -21.11 11.55 20.83
C ALA A 197 -21.04 12.50 22.01
N TRP A 198 -21.98 12.31 22.91
CA TRP A 198 -22.17 13.17 24.08
C TRP A 198 -21.17 12.84 25.20
N LYS A 199 -21.03 11.55 25.52
CA LYS A 199 -20.11 11.11 26.55
C LYS A 199 -18.69 10.96 26.03
N GLY A 200 -18.55 10.30 24.87
CA GLY A 200 -17.24 10.21 24.25
C GLY A 200 -16.86 8.78 23.96
N ASP A 201 -17.75 7.88 24.32
CA ASP A 201 -17.51 6.46 24.15
C ASP A 201 -17.08 6.15 22.72
N ASN A 202 -15.85 5.67 22.59
CA ASN A 202 -15.30 5.08 21.36
C ASN A 202 -14.89 6.09 20.30
N LEU A 203 -14.89 7.36 20.68
CA LEU A 203 -14.33 8.38 19.81
C LEU A 203 -12.82 8.21 19.65
N ILE A 204 -12.06 8.30 20.74
CA ILE A 204 -10.60 8.16 20.67
C ILE A 204 -10.04 6.89 21.34
N GLU A 205 -10.40 6.61 22.59
CA GLU A 205 -9.97 5.39 23.26
C GLU A 205 -11.12 4.39 23.33
N ARG A 206 -10.82 3.13 23.67
CA ARG A 206 -11.88 2.14 23.93
C ARG A 206 -12.85 2.63 24.99
N SER A 207 -14.08 2.13 24.93
CA SER A 207 -15.08 2.49 25.93
C SER A 207 -15.27 1.35 26.90
N PRO A 208 -15.08 1.63 28.20
CA PRO A 208 -15.24 0.60 29.23
C PRO A 208 -16.64 -0.03 29.17
N ASN A 209 -17.64 0.81 28.90
CA ASN A 209 -19.03 0.40 28.92
C ASN A 209 -19.41 -0.61 27.84
N MET A 210 -18.59 -0.76 26.80
CA MET A 210 -18.95 -1.67 25.70
C MET A 210 -17.84 -2.66 25.35
N PRO A 211 -17.61 -3.64 26.25
CA PRO A 211 -16.48 -4.57 26.19
C PRO A 211 -16.62 -5.51 25.01
N TRP A 212 -17.85 -5.65 24.55
CA TRP A 212 -18.17 -6.55 23.44
C TRP A 212 -17.81 -5.99 22.08
N TYR A 213 -17.39 -4.72 22.01
CA TYR A 213 -17.13 -4.13 20.70
C TYR A 213 -15.89 -4.75 20.02
N ASN A 214 -14.69 -4.43 20.52
CA ASN A 214 -13.42 -4.94 19.95
C ASN A 214 -13.03 -4.38 18.58
N GLY A 215 -13.98 -3.82 17.84
CA GLY A 215 -13.67 -3.18 16.57
C GLY A 215 -12.89 -1.88 16.75
N PRO A 216 -12.68 -1.13 15.67
CA PRO A 216 -11.86 0.07 15.80
C PRO A 216 -12.65 1.23 16.38
N THR A 217 -11.99 2.12 17.09
CA THR A 217 -12.58 3.40 17.48
C THR A 217 -12.75 4.30 16.27
N LEU A 218 -13.37 5.47 16.48
CA LEU A 218 -13.57 6.43 15.39
C LEU A 218 -12.23 6.85 14.80
N VAL A 219 -11.34 7.37 15.65
CA VAL A 219 -10.00 7.77 15.21
C VAL A 219 -9.28 6.64 14.48
N GLU A 220 -9.41 5.43 15.00
CA GLU A 220 -8.82 4.26 14.35
C GLU A 220 -9.40 4.03 12.97
N ALA A 221 -10.72 4.12 12.85
CA ALA A 221 -11.39 3.96 11.57
C ALA A 221 -10.91 5.01 10.60
N LEU A 222 -10.69 6.22 11.13
CA LEU A 222 -10.23 7.33 10.31
C LEU A 222 -8.93 6.97 9.59
N ASP A 223 -7.95 6.44 10.34
CA ASP A 223 -6.65 6.11 9.78
C ASP A 223 -6.70 4.91 8.85
N GLN A 224 -7.82 4.21 8.81
CA GLN A 224 -7.93 3.10 7.89
C GLN A 224 -8.47 3.57 6.54
N LEU A 225 -8.87 4.83 6.47
CA LEU A 225 -9.34 5.36 5.21
C LEU A 225 -8.16 5.41 4.26
N GLN A 226 -8.39 5.15 2.98
CA GLN A 226 -7.35 5.23 1.97
C GLN A 226 -7.63 6.41 1.06
N PRO A 227 -6.67 7.32 0.92
CA PRO A 227 -6.90 8.56 0.17
C PRO A 227 -7.08 8.30 -1.32
N PRO A 228 -7.90 9.10 -2.00
CA PRO A 228 -8.34 8.87 -3.38
C PRO A 228 -7.24 9.15 -4.39
N ALA A 229 -7.54 9.01 -5.68
CA ALA A 229 -6.59 9.40 -6.72
C ALA A 229 -6.64 10.91 -7.02
N LYS A 230 -5.58 11.44 -7.60
CA LYS A 230 -5.51 12.88 -7.89
C LYS A 230 -5.46 13.13 -9.38
N PRO A 231 -6.62 13.35 -10.00
CA PRO A 231 -6.68 13.59 -11.45
C PRO A 231 -5.97 14.88 -11.87
N VAL A 232 -4.65 14.89 -11.78
CA VAL A 232 -3.88 15.86 -12.55
C VAL A 232 -3.89 15.40 -14.02
N ASP A 233 -3.59 16.33 -14.93
CA ASP A 233 -3.68 16.10 -16.37
C ASP A 233 -5.13 15.91 -16.80
N LYS A 234 -6.03 16.50 -16.03
CA LYS A 234 -7.40 16.71 -16.44
C LYS A 234 -7.60 18.21 -16.30
N PRO A 235 -8.40 18.82 -17.17
CA PRO A 235 -8.53 20.29 -17.07
C PRO A 235 -9.00 20.72 -15.69
N LEU A 236 -8.43 21.82 -15.19
CA LEU A 236 -8.79 22.41 -13.89
C LEU A 236 -10.29 22.59 -13.73
N ARG A 237 -10.82 22.15 -12.60
CA ARG A 237 -12.21 22.37 -12.22
C ARG A 237 -12.30 22.58 -10.72
N ILE A 238 -12.81 23.74 -10.32
CA ILE A 238 -13.08 24.04 -8.90
C ILE A 238 -14.53 24.52 -8.70
N PRO A 239 -15.45 23.61 -8.36
CA PRO A 239 -16.81 24.12 -8.10
C PRO A 239 -16.80 25.05 -6.89
N VAL A 240 -17.37 26.24 -7.02
CA VAL A 240 -17.26 27.15 -5.89
C VAL A 240 -18.41 26.89 -4.94
N GLN A 241 -18.04 26.76 -3.68
CA GLN A 241 -18.90 26.45 -2.56
C GLN A 241 -19.45 27.70 -1.90
N ASN A 242 -18.60 28.72 -1.81
CA ASN A 242 -18.99 30.01 -1.24
C ASN A 242 -18.16 31.14 -1.82
N VAL A 243 -18.64 32.37 -1.71
CA VAL A 243 -17.83 33.55 -2.08
C VAL A 243 -17.78 34.57 -0.94
N TYR A 244 -16.57 35.01 -0.60
CA TYR A 244 -16.38 35.93 0.51
C TYR A 244 -15.71 37.23 0.10
N SER A 245 -16.15 38.33 0.68
CA SER A 245 -15.41 39.58 0.54
C SER A 245 -14.56 39.78 1.77
N ILE A 246 -13.27 39.55 1.64
CA ILE A 246 -12.34 39.61 2.77
C ILE A 246 -11.30 40.73 2.67
N PRO A 247 -11.23 41.57 3.70
CA PRO A 247 -10.24 42.64 3.76
C PRO A 247 -8.83 42.09 3.83
N GLY A 248 -7.95 42.61 2.99
CA GLY A 248 -6.61 42.06 2.83
C GLY A 248 -6.52 41.12 1.65
N ALA A 249 -7.66 40.75 1.08
CA ALA A 249 -7.67 39.71 0.07
C ALA A 249 -8.50 40.09 -1.15
N GLY A 250 -9.65 40.71 -0.93
CA GLY A 250 -10.53 40.98 -2.05
C GLY A 250 -11.61 39.93 -2.06
N THR A 251 -12.16 39.62 -3.22
CA THR A 251 -13.19 38.63 -3.22
C THR A 251 -12.56 37.26 -3.37
N VAL A 252 -12.94 36.33 -2.51
CA VAL A 252 -12.33 35.01 -2.59
C VAL A 252 -13.40 33.90 -2.57
N PRO A 253 -13.51 33.19 -3.69
CA PRO A 253 -14.29 31.97 -3.75
C PRO A 253 -13.63 30.95 -2.89
N VAL A 254 -14.41 29.97 -2.44
CA VAL A 254 -13.91 28.85 -1.70
C VAL A 254 -14.46 27.58 -2.33
N GLY A 255 -13.62 26.55 -2.45
CA GLY A 255 -14.05 25.30 -3.04
C GLY A 255 -13.01 24.19 -2.95
N ARG A 256 -13.41 22.97 -3.26
CA ARG A 256 -12.45 21.88 -3.35
C ARG A 256 -12.04 21.63 -4.81
N VAL A 257 -10.73 21.69 -5.08
CA VAL A 257 -10.17 21.41 -6.40
C VAL A 257 -10.55 20.01 -6.82
N GLU A 258 -11.23 19.86 -7.95
CA GLU A 258 -11.69 18.54 -8.36
C GLU A 258 -10.73 17.87 -9.31
N THR A 259 -10.22 18.64 -10.25
CA THR A 259 -9.32 18.14 -11.26
C THR A 259 -8.32 19.25 -11.63
N GLY A 260 -7.18 18.86 -12.19
CA GLY A 260 -6.13 19.81 -12.53
C GLY A 260 -5.43 20.42 -11.33
N VAL A 261 -4.59 21.42 -11.60
CA VAL A 261 -3.85 22.12 -10.56
C VAL A 261 -3.95 23.64 -10.72
N LEU A 262 -4.11 24.35 -9.60
CA LEU A 262 -4.16 25.81 -9.62
C LEU A 262 -2.89 26.44 -9.05
N ARG A 263 -2.37 27.47 -9.70
CA ARG A 263 -1.17 28.16 -9.21
C ARG A 263 -1.44 29.65 -9.04
N VAL A 264 -0.89 30.23 -7.98
CA VAL A 264 -0.92 31.68 -7.82
C VAL A 264 -0.42 32.34 -9.11
N GLY A 265 -1.15 33.33 -9.61
CA GLY A 265 -0.78 33.97 -10.86
C GLY A 265 -1.55 33.48 -12.07
N ASP A 266 -2.12 32.27 -11.98
CA ASP A 266 -3.01 31.77 -13.03
C ASP A 266 -4.19 32.70 -13.27
N LYS A 267 -4.56 32.78 -14.53
CA LYS A 267 -5.81 33.43 -14.87
C LYS A 267 -6.86 32.34 -14.89
N VAL A 268 -8.04 32.66 -14.36
CA VAL A 268 -9.08 31.67 -14.20
C VAL A 268 -10.42 32.23 -14.72
N VAL A 269 -11.23 31.40 -15.38
CA VAL A 269 -12.59 31.80 -15.74
C VAL A 269 -13.70 31.13 -14.89
N PHE A 270 -14.70 31.90 -14.50
CA PHE A 270 -15.85 31.36 -13.77
C PHE A 270 -17.03 31.12 -14.69
N MET A 271 -17.43 29.86 -14.81
CA MET A 271 -18.56 29.47 -15.63
C MET A 271 -19.73 29.09 -14.74
N PRO A 272 -20.97 29.44 -15.15
CA PRO A 272 -21.31 30.12 -16.42
C PRO A 272 -21.20 31.65 -16.52
N PRO A 273 -20.85 32.39 -15.45
CA PRO A 273 -20.89 33.84 -15.72
C PRO A 273 -19.92 34.36 -16.78
N GLY A 274 -18.89 33.58 -17.08
CA GLY A 274 -17.86 33.97 -18.00
C GLY A 274 -16.95 35.07 -17.50
N VAL A 275 -16.85 35.26 -16.18
CA VAL A 275 -15.98 36.30 -15.67
C VAL A 275 -14.58 35.77 -15.46
N VAL A 276 -13.59 36.64 -15.67
CA VAL A 276 -12.19 36.26 -15.64
C VAL A 276 -11.46 37.10 -14.65
N GLY A 277 -10.49 36.49 -13.99
CA GLY A 277 -9.68 37.18 -13.01
C GLY A 277 -8.39 36.44 -12.82
N GLU A 278 -7.48 37.07 -12.07
CA GLU A 278 -6.15 36.54 -11.86
C GLU A 278 -6.01 36.10 -10.40
N VAL A 279 -5.41 34.95 -10.17
CA VAL A 279 -5.32 34.45 -8.81
C VAL A 279 -4.16 35.06 -8.06
N ARG A 280 -4.49 35.79 -7.01
CA ARG A 280 -3.50 36.50 -6.25
C ARG A 280 -2.92 35.65 -5.15
N SER A 281 -3.74 34.77 -4.59
CA SER A 281 -3.31 33.95 -3.47
C SER A 281 -4.15 32.69 -3.31
N ILE A 282 -3.61 31.76 -2.54
CA ILE A 282 -4.32 30.54 -2.25
C ILE A 282 -4.11 30.26 -0.79
N GLU A 283 -5.20 30.01 -0.08
CA GLU A 283 -5.13 29.71 1.32
C GLU A 283 -5.91 28.42 1.56
N MET A 284 -5.32 27.51 2.34
CA MET A 284 -6.01 26.29 2.76
C MET A 284 -5.72 26.06 4.23
N HIS A 285 -6.77 26.07 5.04
CA HIS A 285 -6.62 25.93 6.47
C HIS A 285 -5.66 27.00 6.99
N TYR A 286 -5.89 28.24 6.55
CA TYR A 286 -5.12 29.40 6.99
C TYR A 286 -3.65 29.32 6.58
N GLN A 287 -3.34 28.43 5.64
CA GLN A 287 -1.96 28.26 5.20
C GLN A 287 -1.74 28.79 3.79
N GLN A 288 -0.67 29.55 3.61
CA GLN A 288 -0.36 30.04 2.28
C GLN A 288 0.14 28.91 1.37
N LEU A 289 -0.49 28.74 0.22
CA LEU A 289 -0.02 27.77 -0.76
C LEU A 289 0.37 28.49 -2.05
N GLN A 290 1.27 27.91 -2.83
CA GLN A 290 1.59 28.49 -4.14
C GLN A 290 0.85 27.71 -5.22
N GLN A 291 0.44 26.50 -4.88
CA GLN A 291 -0.43 25.74 -5.75
C GLN A 291 -1.39 24.84 -4.97
N ALA A 292 -2.52 24.52 -5.59
CA ALA A 292 -3.49 23.63 -4.97
C ALA A 292 -3.73 22.42 -5.85
N GLU A 293 -3.56 21.24 -5.26
CA GLU A 293 -3.73 19.96 -5.96
C GLU A 293 -5.18 19.52 -5.86
N PRO A 294 -5.60 18.56 -6.69
CA PRO A 294 -6.92 17.96 -6.50
C PRO A 294 -7.12 17.41 -5.09
N GLY A 295 -8.27 17.72 -4.48
CA GLY A 295 -8.56 17.29 -3.12
C GLY A 295 -8.33 18.40 -2.14
N ASP A 296 -7.54 19.40 -2.55
CA ASP A 296 -7.35 20.57 -1.72
C ASP A 296 -8.62 21.38 -1.63
N ASN A 297 -8.87 21.92 -0.44
CA ASN A 297 -10.08 22.67 -0.17
C ASN A 297 -9.63 24.06 0.19
N ILE A 298 -9.82 24.99 -0.74
CA ILE A 298 -9.09 26.25 -0.68
C ILE A 298 -9.97 27.48 -0.78
N GLY A 299 -9.45 28.59 -0.28
CA GLY A 299 -9.92 29.90 -0.68
C GLY A 299 -8.87 30.45 -1.65
N PHE A 300 -9.32 31.10 -2.72
CA PHE A 300 -8.37 31.73 -3.62
C PHE A 300 -8.80 33.14 -4.03
N ALA A 301 -7.97 34.13 -3.73
CA ALA A 301 -8.27 35.52 -4.08
C ALA A 301 -8.10 35.75 -5.59
N VAL A 302 -9.02 36.51 -6.15
CA VAL A 302 -9.14 36.70 -7.58
C VAL A 302 -9.23 38.17 -7.92
N ARG A 303 -8.16 38.70 -8.51
CA ARG A 303 -8.13 40.09 -8.93
C ARG A 303 -9.08 40.30 -10.09
N GLY A 304 -9.93 41.33 -10.00
CA GLY A 304 -10.73 41.73 -11.15
C GLY A 304 -12.13 41.15 -11.19
N VAL A 305 -12.50 40.48 -10.10
CA VAL A 305 -13.80 39.86 -10.00
C VAL A 305 -14.44 40.34 -8.71
N SER A 306 -15.73 40.62 -8.73
CA SER A 306 -16.37 41.05 -7.50
C SER A 306 -17.38 40.02 -7.01
N LYS A 307 -17.75 40.16 -5.75
CA LYS A 307 -18.62 39.21 -5.07
C LYS A 307 -19.99 39.09 -5.73
N SER A 308 -20.35 40.05 -6.58
CA SER A 308 -21.63 40.00 -7.23
C SER A 308 -21.56 39.31 -8.59
N ASP A 309 -20.35 38.91 -8.99
CA ASP A 309 -20.10 38.33 -10.31
C ASP A 309 -20.23 36.82 -10.31
N ILE A 310 -19.84 36.22 -9.19
CA ILE A 310 -19.78 34.77 -9.05
C ILE A 310 -20.53 34.31 -7.80
N LYS A 311 -21.11 33.12 -7.84
CA LYS A 311 -21.80 32.55 -6.68
C LYS A 311 -21.58 31.04 -6.56
N ARG A 312 -22.02 30.49 -5.44
CA ARG A 312 -22.04 29.05 -5.25
C ARG A 312 -22.63 28.35 -6.47
N GLY A 313 -21.93 27.36 -7.00
CA GLY A 313 -22.47 26.59 -8.10
C GLY A 313 -21.78 26.94 -9.40
N ASP A 314 -21.10 28.09 -9.39
CA ASP A 314 -20.21 28.43 -10.47
C ASP A 314 -18.98 27.54 -10.36
N VAL A 315 -18.27 27.35 -11.49
CA VAL A 315 -17.09 26.49 -11.52
C VAL A 315 -15.91 27.22 -12.16
N ALA A 316 -14.79 27.24 -11.48
CA ALA A 316 -13.60 27.91 -11.98
C ALA A 316 -12.78 26.98 -12.86
N GLY A 317 -12.18 27.53 -13.91
CA GLY A 317 -11.27 26.76 -14.75
C GLY A 317 -10.27 27.68 -15.43
N HIS A 318 -9.27 27.10 -16.08
CA HIS A 318 -8.37 27.89 -16.93
C HIS A 318 -9.08 28.35 -18.22
N LEU A 319 -8.68 29.50 -18.77
CA LEU A 319 -9.29 30.01 -20.02
C LEU A 319 -9.04 29.04 -21.16
N ASP A 320 -7.82 28.50 -21.13
CA ASP A 320 -7.38 27.41 -21.96
C ASP A 320 -8.50 26.40 -22.25
N LYS A 321 -9.05 25.79 -21.21
CA LYS A 321 -10.12 24.80 -21.34
C LYS A 321 -11.21 25.00 -20.28
N PRO A 322 -12.17 25.89 -20.57
CA PRO A 322 -13.15 26.31 -19.58
C PRO A 322 -14.24 25.26 -19.30
N PRO A 323 -14.78 25.26 -18.08
CA PRO A 323 -15.89 24.38 -17.71
C PRO A 323 -17.03 24.48 -18.73
N THR A 324 -17.56 23.33 -19.14
CA THR A 324 -18.67 23.28 -20.06
C THR A 324 -19.97 23.85 -19.48
N VAL A 325 -20.61 24.75 -20.21
CA VAL A 325 -21.94 25.17 -19.82
C VAL A 325 -22.97 24.51 -20.71
N ALA A 326 -23.78 23.64 -20.12
CA ALA A 326 -24.74 22.85 -20.86
C ALA A 326 -25.97 23.65 -21.26
N GLU A 327 -26.17 23.78 -22.57
CA GLU A 327 -27.42 24.31 -23.07
C GLU A 327 -28.48 23.21 -22.95
N GLU A 328 -28.08 22.00 -23.28
CA GLU A 328 -28.86 20.80 -23.01
C GLU A 328 -27.90 19.74 -22.50
N PHE A 329 -28.41 18.69 -21.86
CA PHE A 329 -27.58 17.51 -21.55
C PHE A 329 -28.38 16.23 -21.51
N GLU A 330 -27.67 15.13 -21.79
CA GLU A 330 -28.27 13.82 -21.88
C GLU A 330 -27.85 13.05 -20.64
N ALA A 331 -28.74 12.23 -20.10
CA ALA A 331 -28.36 11.48 -18.90
C ALA A 331 -28.95 10.08 -18.84
N ARG A 332 -28.19 9.17 -18.25
CA ARG A 332 -28.76 7.89 -17.85
C ARG A 332 -29.26 8.06 -16.41
N ILE A 333 -30.55 7.88 -16.22
CA ILE A 333 -31.15 8.09 -14.91
C ILE A 333 -31.86 6.86 -14.38
N PHE A 334 -32.20 6.94 -13.09
CA PHE A 334 -32.98 5.92 -12.39
C PHE A 334 -33.93 6.61 -11.42
N VAL A 335 -35.22 6.32 -11.55
CA VAL A 335 -36.23 6.97 -10.71
C VAL A 335 -36.36 6.27 -9.36
N ILE A 336 -35.90 6.91 -8.29
CA ILE A 336 -36.00 6.33 -6.96
C ILE A 336 -37.44 6.32 -6.45
N TRP A 337 -38.05 7.49 -6.44
CA TRP A 337 -39.38 7.70 -5.92
C TRP A 337 -40.10 8.78 -6.73
N HIS A 338 -41.39 8.58 -6.97
CA HIS A 338 -42.27 9.56 -7.62
C HIS A 338 -43.67 9.01 -7.48
N PRO A 339 -44.64 9.87 -7.13
CA PRO A 339 -45.96 9.37 -6.74
C PRO A 339 -46.82 8.92 -7.89
N SER A 340 -46.41 9.25 -9.11
CA SER A 340 -47.21 8.94 -10.27
C SER A 340 -46.34 8.79 -11.51
N ALA A 341 -46.53 9.66 -12.50
CA ALA A 341 -45.89 9.50 -13.79
C ALA A 341 -44.91 10.64 -14.08
N ILE A 342 -43.69 10.29 -14.48
CA ILE A 342 -42.74 11.31 -14.91
C ILE A 342 -42.86 11.47 -16.42
N THR A 343 -43.13 12.68 -16.91
CA THR A 343 -43.19 12.87 -18.36
C THR A 343 -42.27 13.97 -18.90
N VAL A 344 -42.20 14.05 -20.24
CA VAL A 344 -41.59 15.20 -20.90
C VAL A 344 -42.25 16.45 -20.35
N GLY A 345 -41.46 17.44 -19.98
CA GLY A 345 -41.97 18.66 -19.37
C GLY A 345 -41.73 18.73 -17.87
N TYR A 346 -41.49 17.57 -17.27
CA TYR A 346 -41.23 17.50 -15.86
C TYR A 346 -39.92 18.24 -15.56
N THR A 347 -39.94 19.07 -14.54
CA THR A 347 -38.82 19.94 -14.24
C THR A 347 -38.34 19.84 -12.79
N PRO A 348 -37.57 18.80 -12.47
CA PRO A 348 -36.99 18.69 -11.12
C PRO A 348 -35.83 19.64 -10.97
N VAL A 349 -35.26 19.73 -9.78
CA VAL A 349 -34.02 20.47 -9.72
C VAL A 349 -32.88 19.46 -9.73
N ILE A 350 -31.84 19.86 -10.47
CA ILE A 350 -30.66 19.03 -10.67
C ILE A 350 -29.57 19.47 -9.74
N HIS A 351 -29.09 18.54 -8.93
CA HIS A 351 -28.02 18.86 -8.02
C HIS A 351 -26.73 18.24 -8.52
N VAL A 352 -25.75 19.09 -8.87
CA VAL A 352 -24.43 18.62 -9.32
C VAL A 352 -23.34 19.46 -8.75
N HIS A 353 -22.21 18.82 -8.44
CA HIS A 353 -21.10 19.44 -7.75
C HIS A 353 -21.71 20.41 -6.73
N THR A 354 -21.36 21.70 -6.74
CA THR A 354 -21.96 22.56 -5.74
C THR A 354 -23.22 23.26 -6.24
N ALA A 355 -23.81 22.79 -7.33
CA ALA A 355 -24.87 23.57 -7.95
C ALA A 355 -26.23 22.90 -7.87
N SER A 356 -27.28 23.71 -8.01
CA SER A 356 -28.66 23.22 -7.99
C SER A 356 -29.54 24.07 -8.89
N VAL A 357 -29.95 23.48 -10.01
CA VAL A 357 -30.64 24.19 -11.06
C VAL A 357 -31.77 23.33 -11.62
N SER A 358 -32.97 23.88 -11.72
CA SER A 358 -34.07 23.13 -12.28
C SER A 358 -33.85 22.91 -13.78
N SER A 359 -34.25 21.74 -14.27
CA SER A 359 -34.01 21.39 -15.65
C SER A 359 -35.20 20.68 -16.19
N ARG A 360 -35.64 21.06 -17.37
CA ARG A 360 -36.84 20.50 -17.97
C ARG A 360 -36.47 19.26 -18.75
N ILE A 361 -37.10 18.13 -18.45
CA ILE A 361 -36.99 16.97 -19.30
C ILE A 361 -37.61 17.33 -20.64
N ILE A 362 -36.82 17.33 -21.71
CA ILE A 362 -37.36 17.64 -23.02
C ILE A 362 -37.50 16.41 -23.91
N GLU A 363 -37.00 15.27 -23.44
CA GLU A 363 -37.20 14.01 -24.17
C GLU A 363 -36.92 12.83 -23.25
N ILE A 364 -37.80 11.84 -23.28
CA ILE A 364 -37.41 10.56 -22.73
C ILE A 364 -37.03 9.68 -23.89
N LYS A 365 -35.73 9.65 -24.21
CA LYS A 365 -35.25 8.86 -25.34
C LYS A 365 -35.60 7.40 -25.19
N ALA A 366 -35.39 6.83 -24.01
CA ALA A 366 -35.56 5.40 -23.88
C ALA A 366 -35.74 4.89 -22.44
N LYS A 367 -36.66 3.94 -22.27
CA LYS A 367 -36.73 3.08 -21.09
C LYS A 367 -35.71 1.93 -21.24
N LEU A 368 -34.98 1.61 -20.17
CA LEU A 368 -33.95 0.56 -20.22
C LEU A 368 -34.36 -0.65 -19.40
N ASP A 369 -33.96 -1.86 -19.80
CA ASP A 369 -34.17 -3.00 -18.92
C ASP A 369 -33.53 -2.72 -17.55
N PRO A 370 -34.28 -2.99 -16.48
CA PRO A 370 -33.74 -2.69 -15.15
C PRO A 370 -32.64 -3.67 -14.72
N LYS A 371 -32.44 -4.76 -15.46
CA LYS A 371 -31.40 -5.72 -15.11
C LYS A 371 -30.25 -5.67 -16.12
N THR A 372 -30.55 -5.76 -17.41
CA THR A 372 -29.45 -5.79 -18.37
C THR A 372 -29.25 -4.49 -19.17
N GLY A 373 -30.12 -3.50 -19.03
CA GLY A 373 -29.83 -2.17 -19.54
C GLY A 373 -30.05 -1.89 -21.02
N GLN A 374 -30.54 -2.89 -21.73
CA GLN A 374 -30.87 -2.74 -23.15
C GLN A 374 -32.04 -1.79 -23.31
N VAL A 375 -32.06 -1.05 -24.41
CA VAL A 375 -33.22 -0.25 -24.74
C VAL A 375 -34.41 -1.15 -24.91
N VAL A 376 -35.46 -0.83 -24.18
CA VAL A 376 -36.62 -1.67 -24.08
C VAL A 376 -37.85 -0.94 -24.68
N GLU A 377 -37.82 0.39 -24.63
CA GLU A 377 -38.83 1.23 -25.29
C GLU A 377 -38.22 2.57 -25.66
N GLN A 378 -38.42 3.00 -26.91
CA GLN A 378 -38.03 4.34 -27.30
C GLN A 378 -39.19 5.34 -27.14
N ASN A 379 -38.88 6.49 -26.58
CA ASN A 379 -39.85 7.53 -26.33
C ASN A 379 -41.09 7.04 -25.60
N PRO A 380 -40.91 6.39 -24.43
CA PRO A 380 -42.08 5.95 -23.68
C PRO A 380 -42.86 7.16 -23.20
N GLN A 381 -44.16 6.98 -23.06
CA GLN A 381 -45.07 8.01 -22.60
C GLN A 381 -44.63 8.58 -21.25
N PHE A 382 -44.20 7.71 -20.36
CA PHE A 382 -43.82 8.14 -19.01
C PHE A 382 -42.87 7.18 -18.29
N LEU A 383 -42.33 7.64 -17.18
CA LEU A 383 -41.52 6.82 -16.31
C LEU A 383 -42.11 6.79 -14.90
N LYS A 384 -41.85 5.71 -14.18
CA LYS A 384 -42.27 5.62 -12.79
C LYS A 384 -41.10 5.10 -11.97
N ALA A 385 -41.19 5.22 -10.64
CA ALA A 385 -40.26 4.51 -9.78
C ALA A 385 -40.50 3.04 -10.04
N GLY A 386 -39.47 2.26 -10.32
CA GLY A 386 -38.09 2.69 -10.45
C GLY A 386 -37.65 2.25 -11.84
N ASP A 387 -37.96 3.10 -12.82
CA ASP A 387 -37.54 2.87 -14.17
C ASP A 387 -36.12 3.38 -14.34
N ALA A 388 -35.42 2.80 -15.31
CA ALA A 388 -34.13 3.27 -15.74
C ALA A 388 -34.37 3.85 -17.12
N ALA A 389 -33.84 5.02 -17.38
CA ALA A 389 -34.05 5.65 -18.68
C ALA A 389 -32.89 6.53 -19.11
N ILE A 390 -32.92 6.87 -20.40
CA ILE A 390 -32.03 7.85 -20.99
C ILE A 390 -32.92 9.05 -21.26
N VAL A 391 -32.58 10.21 -20.71
CA VAL A 391 -33.43 11.38 -20.94
C VAL A 391 -32.60 12.58 -21.33
N ARG A 392 -33.25 13.55 -21.96
CA ARG A 392 -32.60 14.81 -22.30
C ARG A 392 -33.15 15.93 -21.43
N PHE A 393 -32.23 16.75 -20.95
CA PHE A 393 -32.55 17.81 -20.02
C PHE A 393 -32.21 19.17 -20.60
N LYS A 394 -33.04 20.15 -20.29
CA LYS A 394 -32.70 21.51 -20.61
C LYS A 394 -32.72 22.37 -19.35
N PRO A 395 -31.54 22.69 -18.80
CA PRO A 395 -31.45 23.60 -17.66
C PRO A 395 -32.19 24.89 -17.92
N VAL A 396 -32.86 25.40 -16.91
CA VAL A 396 -33.74 26.56 -16.96
C VAL A 396 -32.93 27.84 -16.77
N LYS A 397 -31.77 27.69 -16.14
CA LYS A 397 -30.75 28.69 -16.02
C LYS A 397 -29.46 28.01 -16.47
N PRO A 398 -28.41 28.78 -16.76
CA PRO A 398 -27.16 28.13 -17.16
C PRO A 398 -26.60 27.28 -16.05
N LEU A 399 -26.00 26.18 -16.43
CA LEU A 399 -25.52 25.17 -15.51
C LEU A 399 -24.23 24.55 -16.05
N VAL A 400 -23.22 24.46 -15.20
CA VAL A 400 -21.99 23.76 -15.59
C VAL A 400 -22.16 22.28 -15.34
N VAL A 401 -22.09 21.48 -16.40
CA VAL A 401 -22.01 20.04 -16.25
C VAL A 401 -20.98 19.51 -17.22
N GLU A 402 -20.59 18.26 -17.02
CA GLU A 402 -19.43 17.68 -17.68
C GLU A 402 -19.85 16.23 -17.88
N LYS A 403 -19.48 15.61 -19.01
CA LYS A 403 -19.74 14.19 -19.22
C LYS A 403 -19.11 13.33 -18.14
N PHE A 404 -19.85 12.32 -17.67
CA PHE A 404 -19.38 11.45 -16.59
C PHE A 404 -18.06 10.76 -16.90
N SER A 405 -17.92 10.31 -18.15
CA SER A 405 -16.72 9.63 -18.60
C SER A 405 -15.50 10.56 -18.66
N GLU A 406 -15.73 11.87 -18.66
CA GLU A 406 -14.63 12.82 -18.68
C GLU A 406 -14.29 13.31 -17.28
N ILE A 407 -15.23 13.98 -16.63
CA ILE A 407 -14.97 14.49 -15.28
C ILE A 407 -16.14 14.10 -14.41
N PRO A 408 -16.08 12.90 -13.80
CA PRO A 408 -17.26 12.29 -13.14
C PRO A 408 -17.86 13.16 -12.05
N GLN A 409 -17.03 13.81 -11.25
CA GLN A 409 -17.53 14.61 -10.14
C GLN A 409 -18.39 15.80 -10.59
N LEU A 410 -18.28 16.16 -11.87
CA LEU A 410 -19.14 17.21 -12.44
C LEU A 410 -20.21 16.61 -13.36
N GLY A 411 -20.41 15.29 -13.26
CA GLY A 411 -21.30 14.59 -14.17
C GLY A 411 -22.17 13.52 -13.49
N ARG A 412 -22.26 13.59 -12.16
CA ARG A 412 -23.19 12.74 -11.40
C ARG A 412 -24.13 13.63 -10.61
N PHE A 413 -25.40 13.29 -10.60
CA PHE A 413 -26.35 14.19 -9.98
C PHE A 413 -27.56 13.50 -9.38
N ALA A 414 -28.16 14.14 -8.38
CA ALA A 414 -29.52 13.79 -7.94
C ALA A 414 -30.56 14.67 -8.63
N MET A 415 -31.70 14.06 -8.95
CA MET A 415 -32.92 14.76 -9.34
C MET A 415 -33.82 14.90 -8.13
N ARG A 416 -34.14 16.13 -7.73
CA ARG A 416 -35.01 16.34 -6.59
C ARG A 416 -36.20 17.23 -6.91
N ASP A 417 -37.35 16.87 -6.36
CA ASP A 417 -38.52 17.69 -6.53
C ASP A 417 -39.32 17.67 -5.25
N MET A 418 -39.79 18.82 -4.80
CA MET A 418 -40.84 18.85 -3.80
C MET A 418 -40.38 18.23 -2.47
N ASN A 419 -39.20 18.66 -2.03
CA ASN A 419 -38.52 18.20 -0.81
C ASN A 419 -38.18 16.72 -0.78
N ARG A 420 -38.26 16.06 -1.93
CA ARG A 420 -37.98 14.64 -2.03
C ARG A 420 -36.89 14.38 -3.04
N THR A 421 -36.11 13.33 -2.79
CA THR A 421 -35.18 12.84 -3.79
C THR A 421 -35.91 11.91 -4.74
N VAL A 422 -36.00 12.32 -5.99
CA VAL A 422 -36.81 11.63 -6.96
C VAL A 422 -35.99 10.66 -7.78
N GLY A 423 -34.77 11.07 -8.11
CA GLY A 423 -33.96 10.34 -9.06
C GLY A 423 -32.48 10.64 -8.96
N ILE A 424 -31.70 9.76 -9.56
CA ILE A 424 -30.26 9.92 -9.63
C ILE A 424 -29.83 9.66 -11.06
N GLY A 425 -28.72 10.25 -11.45
CA GLY A 425 -28.28 10.12 -12.82
C GLY A 425 -26.80 10.39 -13.02
N ILE A 426 -26.33 10.01 -14.20
CA ILE A 426 -24.99 10.39 -14.64
C ILE A 426 -25.17 10.99 -16.03
N VAL A 427 -24.29 11.92 -16.41
CA VAL A 427 -24.48 12.59 -17.70
C VAL A 427 -23.63 11.96 -18.80
N THR A 428 -24.32 11.58 -19.87
CA THR A 428 -23.73 10.83 -20.96
C THR A 428 -23.38 11.73 -22.15
N ASP A 429 -24.04 12.88 -22.25
CA ASP A 429 -23.77 13.82 -23.33
C ASP A 429 -24.12 15.24 -22.95
N VAL A 430 -23.36 16.20 -23.46
CA VAL A 430 -23.59 17.60 -23.16
C VAL A 430 -23.66 18.41 -24.46
N LYS A 431 -24.68 19.25 -24.61
CA LYS A 431 -24.74 20.19 -25.73
C LYS A 431 -24.27 21.58 -25.28
N PRO A 432 -22.98 21.90 -25.53
CA PRO A 432 -22.33 23.09 -24.94
C PRO A 432 -22.93 24.38 -25.45
N ALA A 433 -23.05 25.35 -24.56
CA ALA A 433 -23.46 26.68 -24.92
C ALA A 433 -22.25 27.44 -25.47
N LYS A 434 -22.48 28.54 -26.20
CA LYS A 434 -21.35 29.29 -26.73
C LYS A 434 -20.68 30.05 -25.60
N VAL A 435 -19.38 29.82 -25.45
CA VAL A 435 -18.54 30.54 -24.47
C VAL A 435 -18.61 32.06 -24.65
N ASP A 436 -19.01 32.77 -23.61
CA ASP A 436 -18.90 34.22 -23.60
C ASP A 436 -17.93 34.63 -22.49
N ILE A 437 -17.10 35.66 -22.72
CA ILE A 437 -16.03 35.95 -21.77
C ILE A 437 -15.93 37.44 -21.37
N LYS A 438 -15.64 37.69 -20.09
CA LYS A 438 -15.49 39.04 -19.56
C LYS A 438 -14.41 39.07 -18.46
N SER B 19 -68.21 45.42 -11.67
CA SER B 19 -67.86 44.16 -11.02
C SER B 19 -67.72 43.00 -12.02
N HIS B 20 -68.42 43.11 -13.15
CA HIS B 20 -68.35 42.11 -14.21
C HIS B 20 -68.73 42.78 -15.53
N MET B 21 -68.58 42.05 -16.62
CA MET B 21 -68.81 42.64 -17.91
C MET B 21 -70.30 42.75 -18.19
N ARG B 22 -70.78 43.97 -18.38
CA ARG B 22 -72.15 44.15 -18.83
C ARG B 22 -72.23 43.63 -20.25
N VAL B 23 -73.28 42.87 -20.55
CA VAL B 23 -73.40 42.18 -21.82
C VAL B 23 -74.85 42.17 -22.26
N GLU B 24 -75.13 42.74 -23.42
CA GLU B 24 -76.50 42.93 -23.88
C GLU B 24 -76.62 42.57 -25.35
N VAL B 25 -77.52 41.66 -25.66
CA VAL B 25 -77.68 41.16 -27.01
C VAL B 25 -78.64 42.04 -27.79
N LEU B 26 -78.18 42.59 -28.92
CA LEU B 26 -78.89 43.67 -29.59
C LEU B 26 -79.97 43.23 -30.56
N ASP B 27 -79.69 42.16 -31.31
CA ASP B 27 -80.59 41.76 -32.38
C ASP B 27 -81.42 40.54 -32.01
N ASN B 28 -82.52 40.35 -32.73
CA ASN B 28 -83.38 39.19 -32.52
C ASN B 28 -82.69 37.90 -32.98
N LYS B 29 -81.79 38.01 -33.95
CA LYS B 29 -81.02 36.84 -34.36
C LYS B 29 -79.87 36.49 -33.39
N ARG B 30 -79.72 37.30 -32.33
CA ARG B 30 -78.69 37.10 -31.30
C ARG B 30 -77.28 36.93 -31.91
N ARG B 31 -77.00 37.75 -32.90
CA ARG B 31 -75.72 37.69 -33.58
C ARG B 31 -74.84 38.87 -33.14
N ILE B 32 -75.48 39.90 -32.60
CA ILE B 32 -74.78 41.12 -32.26
C ILE B 32 -74.86 41.39 -30.77
N VAL B 33 -73.69 41.56 -30.14
CA VAL B 33 -73.62 41.85 -28.72
C VAL B 33 -72.83 43.10 -28.41
N ARG B 34 -73.41 43.97 -27.61
CA ARG B 34 -72.71 45.13 -27.10
C ARG B 34 -72.15 44.79 -25.72
N LEU B 35 -70.88 45.10 -25.48
CA LEU B 35 -70.36 44.92 -24.13
C LEU B 35 -69.17 45.82 -23.77
N ARG B 36 -68.90 45.88 -22.47
CA ARG B 36 -67.91 46.80 -21.92
C ARG B 36 -67.07 46.10 -20.86
N PRO B 37 -65.84 45.72 -21.23
CA PRO B 37 -64.89 45.17 -20.25
C PRO B 37 -64.73 46.17 -19.12
N GLU B 38 -64.81 45.71 -17.87
CA GLU B 38 -64.67 46.62 -16.73
C GLU B 38 -63.53 46.15 -15.84
N SER B 39 -62.91 45.05 -16.21
CA SER B 39 -61.75 44.56 -15.48
C SER B 39 -60.84 43.79 -16.42
N GLU B 40 -59.61 43.51 -15.98
CA GLU B 40 -58.70 42.76 -16.81
C GLU B 40 -59.18 41.32 -17.01
N GLU B 41 -59.90 40.78 -16.03
CA GLU B 41 -60.45 39.43 -16.22
C GLU B 41 -61.48 39.46 -17.33
N ASP B 42 -62.23 40.54 -17.44
CA ASP B 42 -63.12 40.73 -18.58
C ASP B 42 -62.34 40.73 -19.91
N LEU B 43 -61.18 41.37 -19.91
CA LEU B 43 -60.32 41.35 -21.08
C LEU B 43 -59.87 39.92 -21.41
N TRP B 44 -59.55 39.16 -20.39
CA TRP B 44 -59.19 37.75 -20.56
C TRP B 44 -60.38 36.97 -21.09
N LEU B 45 -61.56 37.22 -20.53
CA LEU B 45 -62.76 36.58 -21.02
C LEU B 45 -62.93 36.83 -22.53
N LEU B 46 -62.59 38.02 -23.00
CA LEU B 46 -62.66 38.32 -24.43
C LEU B 46 -61.61 37.53 -25.20
N ARG B 47 -60.43 37.38 -24.61
CA ARG B 47 -59.37 36.58 -25.22
C ARG B 47 -59.83 35.17 -25.49
N ILE B 48 -60.45 34.53 -24.50
CA ILE B 48 -60.81 33.13 -24.71
C ILE B 48 -62.12 32.99 -25.49
N THR B 49 -62.86 34.08 -25.65
CA THR B 49 -64.15 34.02 -26.34
C THR B 49 -64.13 34.46 -27.81
N LEU B 50 -63.54 35.62 -28.09
CA LEU B 50 -63.50 36.15 -29.46
C LEU B 50 -62.71 35.24 -30.35
N ARG B 51 -63.04 35.23 -31.62
CA ARG B 51 -62.46 34.27 -32.55
C ARG B 51 -62.22 34.98 -33.88
N PRO B 52 -61.25 34.50 -34.68
CA PRO B 52 -61.03 35.09 -36.00
C PRO B 52 -62.26 34.98 -36.90
N GLY B 53 -62.77 36.10 -37.37
CA GLY B 53 -63.95 36.12 -38.22
C GLY B 53 -65.01 36.96 -37.56
N ASP B 54 -64.92 37.08 -36.23
CA ASP B 54 -65.79 37.99 -35.51
C ASP B 54 -65.57 39.39 -36.03
N VAL B 55 -66.65 40.16 -36.13
CA VAL B 55 -66.52 41.52 -36.61
C VAL B 55 -66.84 42.44 -35.46
N VAL B 56 -65.86 43.27 -35.09
CA VAL B 56 -66.05 44.18 -33.97
C VAL B 56 -66.22 45.59 -34.44
N ARG B 57 -66.78 46.43 -33.57
CA ARG B 57 -67.01 47.80 -33.92
C ARG B 57 -66.59 48.67 -32.77
N ILE B 58 -65.52 49.43 -32.94
CA ILE B 58 -65.10 50.36 -31.90
C ILE B 58 -65.02 51.79 -32.39
N ARG B 59 -65.05 52.72 -31.44
CA ARG B 59 -64.54 54.06 -31.70
C ARG B 59 -63.04 54.11 -31.42
N THR B 60 -62.23 53.92 -32.45
CA THR B 60 -60.82 54.29 -32.32
C THR B 60 -60.59 55.59 -33.06
N SER B 61 -59.44 55.67 -33.71
CA SER B 61 -59.04 56.87 -34.38
C SER B 61 -57.86 56.51 -35.26
N ARG B 62 -57.73 57.17 -36.40
CA ARG B 62 -56.54 56.96 -37.19
C ARG B 62 -56.13 58.22 -37.95
N ASP B 63 -54.95 58.14 -38.58
CA ASP B 63 -54.34 59.28 -39.25
C ASP B 63 -54.76 59.37 -40.70
N VAL B 64 -55.59 60.36 -41.02
CA VAL B 64 -56.10 60.54 -42.38
C VAL B 64 -55.42 61.73 -43.11
N PRO B 65 -55.08 61.55 -44.40
CA PRO B 65 -54.42 62.62 -45.17
C PRO B 65 -55.31 63.81 -45.56
N VAL B 66 -56.05 64.41 -44.62
CA VAL B 66 -56.74 65.66 -44.92
C VAL B 66 -55.95 66.84 -44.38
N GLY B 67 -55.49 67.73 -45.25
CA GLY B 67 -55.67 67.59 -46.69
C GLY B 67 -54.36 67.57 -47.46
N SER B 68 -53.73 68.73 -47.61
CA SER B 68 -52.62 68.90 -48.57
C SER B 68 -51.21 68.80 -47.98
N GLY B 69 -50.62 67.60 -48.04
CA GLY B 69 -49.35 67.35 -47.40
C GLY B 69 -49.44 67.15 -45.89
N ARG B 70 -50.65 67.31 -45.34
CA ARG B 70 -50.85 67.26 -43.89
C ARG B 70 -51.75 66.11 -43.44
N LYS B 71 -51.63 65.73 -42.17
CA LYS B 71 -52.44 64.69 -41.55
C LYS B 71 -53.11 65.19 -40.29
N GLU B 72 -54.33 64.73 -40.06
CA GLU B 72 -55.01 65.03 -38.81
C GLU B 72 -55.48 63.71 -38.19
N ARG B 73 -55.46 63.67 -36.86
CA ARG B 73 -55.86 62.47 -36.16
C ARG B 73 -57.34 62.54 -35.89
N VAL B 74 -58.10 61.65 -36.52
CA VAL B 74 -59.55 61.73 -36.41
C VAL B 74 -60.13 60.53 -35.69
N VAL B 75 -60.92 60.81 -34.67
CA VAL B 75 -61.72 59.81 -34.00
C VAL B 75 -62.84 59.36 -34.95
N MET B 76 -62.94 58.05 -35.17
CA MET B 76 -63.92 57.48 -36.09
C MET B 76 -64.31 56.05 -35.69
N THR B 77 -65.51 55.63 -36.08
CA THR B 77 -65.96 54.27 -35.77
C THR B 77 -65.78 53.31 -36.94
N LEU B 78 -65.17 52.17 -36.66
CA LEU B 78 -64.95 51.17 -37.70
C LEU B 78 -65.59 49.84 -37.34
N ARG B 79 -65.84 49.02 -38.36
CA ARG B 79 -66.19 47.64 -38.15
C ARG B 79 -65.01 46.85 -38.68
N ILE B 80 -64.41 46.02 -37.83
CA ILE B 80 -63.20 45.32 -38.22
C ILE B 80 -63.42 43.84 -38.17
N ARG B 81 -63.11 43.15 -39.27
CA ARG B 81 -63.14 41.70 -39.27
C ARG B 81 -61.90 41.18 -38.57
N LEU B 82 -62.07 40.82 -37.30
CA LEU B 82 -60.97 40.37 -36.48
C LEU B 82 -60.11 39.30 -37.13
N ASP B 83 -58.82 39.48 -36.96
CA ASP B 83 -57.82 38.77 -37.72
C ASP B 83 -56.83 38.24 -36.69
N SER B 84 -56.83 38.90 -35.54
CA SER B 84 -55.84 38.70 -34.49
C SER B 84 -56.39 39.17 -33.14
N ILE B 85 -56.30 38.30 -32.13
CA ILE B 85 -56.67 38.63 -30.75
C ILE B 85 -55.50 38.30 -29.83
N GLU B 86 -55.03 39.28 -29.07
CA GLU B 86 -53.80 39.07 -28.32
C GLU B 86 -53.87 39.67 -26.92
N PHE B 87 -53.43 38.88 -25.94
CA PHE B 87 -53.53 39.25 -24.54
C PHE B 87 -52.19 39.03 -23.88
N GLN B 88 -51.76 39.99 -23.09
CA GLN B 88 -50.61 39.80 -22.25
C GLN B 88 -51.06 40.25 -20.87
N PRO B 89 -50.88 39.38 -19.87
CA PRO B 89 -51.42 39.67 -18.53
C PRO B 89 -50.79 40.90 -17.91
N PHE B 90 -51.51 41.52 -16.99
CA PHE B 90 -51.01 42.64 -16.21
C PHE B 90 -50.70 43.89 -17.05
N THR B 91 -51.35 44.03 -18.22
CA THR B 91 -51.17 45.22 -19.03
C THR B 91 -52.49 45.97 -19.24
N GLY B 92 -53.61 45.29 -18.94
CA GLY B 92 -54.93 45.90 -19.03
C GLY B 92 -55.32 46.24 -20.45
N LYS B 93 -54.86 45.41 -21.37
CA LYS B 93 -55.03 45.69 -22.78
C LYS B 93 -55.25 44.41 -23.52
N LEU B 94 -56.26 44.42 -24.39
CA LEU B 94 -56.51 43.34 -25.31
C LEU B 94 -56.17 43.87 -26.71
N ARG B 95 -55.08 43.38 -27.28
CA ARG B 95 -54.68 43.85 -28.61
C ARG B 95 -55.53 43.16 -29.66
N ILE B 96 -56.14 43.93 -30.57
CA ILE B 96 -56.89 43.34 -31.69
C ILE B 96 -56.49 43.91 -33.03
N SER B 97 -56.63 43.12 -34.08
CA SER B 97 -56.28 43.58 -35.41
C SER B 97 -57.08 42.88 -36.50
N GLY B 98 -57.28 43.57 -37.60
CA GLY B 98 -57.99 43.00 -38.72
C GLY B 98 -58.21 43.95 -39.86
N ILE B 99 -58.88 43.47 -40.90
CA ILE B 99 -59.17 44.25 -42.07
C ILE B 99 -60.50 45.01 -41.90
N VAL B 100 -60.44 46.33 -42.05
CA VAL B 100 -61.61 47.19 -41.89
C VAL B 100 -62.68 46.87 -42.91
N VAL B 101 -63.88 46.58 -42.45
CA VAL B 101 -64.91 46.16 -43.37
C VAL B 101 -65.92 47.31 -43.56
N GLU B 102 -65.93 48.27 -42.66
CA GLU B 102 -66.79 49.44 -42.81
C GLU B 102 -66.30 50.62 -41.97
N GLY B 103 -66.52 51.84 -42.48
CA GLY B 103 -66.21 53.06 -41.76
C GLY B 103 -66.80 54.25 -42.50
N PRO B 104 -66.53 55.47 -42.01
CA PRO B 104 -66.89 56.68 -42.78
C PRO B 104 -66.30 56.61 -44.19
N ASP B 105 -67.15 56.72 -45.21
CA ASP B 105 -66.72 56.55 -46.60
C ASP B 105 -65.82 57.71 -47.03
N GLU B 106 -65.91 58.83 -46.32
CA GLU B 106 -65.12 60.02 -46.62
C GLU B 106 -63.62 59.85 -46.39
N PHE B 107 -63.24 58.68 -45.87
CA PHE B 107 -61.85 58.46 -45.46
C PHE B 107 -61.20 57.26 -46.18
N GLY B 108 -62.02 56.43 -46.81
CA GLY B 108 -61.53 55.30 -47.58
C GLY B 108 -60.68 54.30 -46.82
N VAL B 109 -61.24 53.77 -45.72
CA VAL B 109 -60.50 52.89 -44.81
C VAL B 109 -60.77 51.41 -45.07
N LYS B 110 -61.90 51.12 -45.72
CA LYS B 110 -62.29 49.77 -46.05
C LYS B 110 -61.18 49.05 -46.80
N GLY B 111 -60.88 47.81 -46.38
CA GLY B 111 -59.85 47.02 -47.01
C GLY B 111 -58.50 47.19 -46.35
N ARG B 112 -58.39 48.24 -45.54
CA ARG B 112 -57.16 48.54 -44.81
C ARG B 112 -57.15 47.95 -43.40
N ARG B 113 -55.99 47.46 -42.99
CA ARG B 113 -55.84 46.88 -41.67
C ARG B 113 -55.96 47.94 -40.58
N HIS B 114 -56.76 47.64 -39.56
CA HIS B 114 -56.74 48.44 -38.35
C HIS B 114 -56.20 47.55 -37.23
N SER B 115 -55.33 48.13 -36.40
CA SER B 115 -54.79 47.43 -35.24
C SER B 115 -54.87 48.39 -34.10
N THR B 116 -55.56 47.99 -33.05
CA THR B 116 -55.72 48.81 -31.88
C THR B 116 -55.69 47.90 -30.66
N ALA B 117 -56.04 48.47 -29.52
CA ALA B 117 -56.22 47.71 -28.29
C ALA B 117 -57.53 48.09 -27.63
N VAL B 118 -58.21 47.08 -27.13
CA VAL B 118 -59.36 47.24 -26.27
C VAL B 118 -58.87 47.43 -24.85
N SER B 119 -59.13 48.59 -24.27
CA SER B 119 -58.73 48.84 -22.89
C SER B 119 -59.91 48.62 -21.97
N ILE B 120 -59.68 48.68 -20.66
CA ILE B 120 -60.77 48.52 -19.71
C ILE B 120 -61.69 49.73 -19.86
N GLY B 121 -62.99 49.47 -19.97
CA GLY B 121 -63.95 50.54 -20.23
C GLY B 121 -64.28 50.81 -21.70
N THR B 122 -63.48 50.27 -22.61
CA THR B 122 -63.75 50.47 -24.03
C THR B 122 -65.04 49.75 -24.44
N TRP B 123 -66.00 50.50 -24.98
CA TRP B 123 -67.20 49.91 -25.56
C TRP B 123 -66.85 49.23 -26.86
N LEU B 124 -67.42 48.06 -27.11
CA LEU B 124 -67.30 47.48 -28.45
C LEU B 124 -68.45 46.51 -28.76
N VAL B 125 -68.89 46.53 -30.00
CA VAL B 125 -69.96 45.66 -30.45
C VAL B 125 -69.38 44.63 -31.38
N VAL B 126 -69.76 43.37 -31.18
CA VAL B 126 -69.16 42.32 -31.98
C VAL B 126 -70.24 41.43 -32.55
N GLU B 127 -70.06 41.09 -33.82
CA GLU B 127 -71.02 40.35 -34.59
C GLU B 127 -70.49 38.97 -34.99
N ARG B 128 -71.15 37.95 -34.45
CA ARG B 128 -70.85 36.56 -34.77
C ARG B 128 -71.94 36.02 -35.69
N ASP B 129 -71.52 35.58 -36.86
CA ASP B 129 -72.42 35.12 -37.91
C ASP B 129 -73.20 33.89 -37.47
N LYS B 130 -72.50 32.93 -36.88
CA LYS B 130 -73.08 31.67 -36.43
C LYS B 130 -74.08 31.87 -35.29
N GLY B 131 -74.04 33.04 -34.67
CA GLY B 131 -74.94 33.34 -33.58
C GLY B 131 -74.24 33.18 -32.25
N TRP B 132 -74.60 34.00 -31.28
CA TRP B 132 -73.99 33.90 -29.97
C TRP B 132 -74.73 32.88 -29.13
N SER B 133 -74.09 31.73 -28.91
CA SER B 133 -74.65 30.73 -28.02
C SER B 133 -74.92 31.29 -26.63
N GLU B 134 -75.56 30.49 -25.78
CA GLU B 134 -76.03 30.99 -24.50
C GLU B 134 -74.98 30.76 -23.42
N GLN B 135 -74.21 29.68 -23.56
CA GLN B 135 -73.05 29.46 -22.72
C GLN B 135 -72.02 30.59 -22.92
N GLU B 136 -71.74 30.93 -24.18
CA GLU B 136 -70.83 32.04 -24.52
C GLU B 136 -71.25 33.33 -23.83
N LEU B 137 -72.53 33.68 -23.94
CA LEU B 137 -73.01 34.91 -23.31
C LEU B 137 -72.80 34.91 -21.80
N GLU B 138 -72.85 33.73 -21.20
CA GLU B 138 -72.80 33.61 -19.76
C GLU B 138 -71.34 33.66 -19.28
N ARG B 139 -70.51 32.90 -19.99
CA ARG B 139 -69.05 32.96 -19.88
C ARG B 139 -68.58 34.43 -19.81
N LEU B 140 -69.02 35.22 -20.79
CA LEU B 140 -68.70 36.64 -20.89
C LEU B 140 -69.03 37.44 -19.64
N ALA B 141 -70.11 37.07 -18.98
CA ALA B 141 -70.61 37.84 -17.84
C ALA B 141 -70.13 37.29 -16.51
N SER B 142 -69.41 36.17 -16.58
CA SER B 142 -69.04 35.43 -15.37
C SER B 142 -68.03 36.18 -14.53
N GLY B 143 -67.14 36.91 -15.20
CA GLY B 143 -66.05 37.61 -14.55
C GLY B 143 -66.33 38.31 -13.23
N ARG B 144 -66.19 37.57 -12.14
CA ARG B 144 -65.97 38.20 -10.85
C ARG B 144 -64.61 38.89 -10.97
N ALA B 145 -64.53 40.19 -10.73
CA ALA B 145 -63.26 40.91 -10.90
C ALA B 145 -62.22 40.49 -9.85
N ARG B 146 -62.02 39.17 -9.70
CA ARG B 146 -61.08 38.63 -8.74
C ARG B 146 -59.75 39.28 -9.01
N GLY B 147 -58.98 39.58 -7.99
CA GLY B 147 -57.88 40.45 -8.26
C GLY B 147 -56.60 39.73 -8.55
N THR B 148 -55.69 39.91 -7.62
CA THR B 148 -54.32 39.63 -7.86
C THR B 148 -53.73 39.18 -6.54
N ALA B 149 -52.69 38.37 -6.58
CA ALA B 149 -51.97 38.00 -5.36
C ALA B 149 -50.49 38.02 -5.66
N VAL B 150 -49.65 38.17 -4.64
CA VAL B 150 -48.23 38.03 -4.91
C VAL B 150 -47.67 36.86 -4.12
N ILE B 151 -46.71 36.15 -4.72
CA ILE B 151 -46.03 35.03 -4.08
C ILE B 151 -44.54 35.23 -4.07
N ALA B 152 -43.92 35.00 -2.92
CA ALA B 152 -42.47 35.02 -2.84
C ALA B 152 -41.96 33.77 -2.14
N ALA B 153 -40.70 33.42 -2.43
CA ALA B 153 -40.01 32.36 -1.75
C ALA B 153 -38.59 32.80 -1.44
N VAL B 154 -38.18 32.60 -0.19
CA VAL B 154 -36.89 33.06 0.28
C VAL B 154 -36.12 31.97 0.98
N ASP B 155 -34.86 31.76 0.61
CA ASP B 155 -33.95 30.99 1.46
C ASP B 155 -32.61 31.72 1.42
N TYR B 156 -31.57 31.16 2.03
CA TYR B 156 -30.29 31.85 2.12
C TYR B 156 -29.59 31.93 0.75
N ASP B 157 -30.07 31.15 -0.20
CA ASP B 157 -29.54 31.21 -1.55
C ASP B 157 -30.27 32.22 -2.43
N GLU B 158 -31.56 31.99 -2.64
CA GLU B 158 -32.34 32.78 -3.60
C GLU B 158 -33.59 33.42 -3.01
N PHE B 159 -34.08 34.42 -3.71
CA PHE B 159 -35.32 35.09 -3.44
C PHE B 159 -36.02 35.27 -4.77
N ALA B 160 -37.30 34.93 -4.84
CA ALA B 160 -38.04 35.27 -6.04
C ALA B 160 -39.45 35.75 -5.67
N LEU B 161 -39.99 36.63 -6.48
CA LEU B 161 -41.30 37.22 -6.26
C LEU B 161 -42.11 37.18 -7.55
N ALA B 162 -43.38 36.78 -7.48
CA ALA B 162 -44.25 36.71 -8.65
C ALA B 162 -45.60 37.33 -8.39
N VAL B 163 -46.28 37.78 -9.44
CA VAL B 163 -47.64 38.26 -9.31
C VAL B 163 -48.55 37.27 -10.01
N LEU B 164 -49.67 36.98 -9.37
CA LEU B 164 -50.58 35.94 -9.78
C LEU B 164 -51.94 36.54 -10.09
N ALA B 165 -52.56 36.13 -11.17
CA ALA B 165 -53.97 36.40 -11.37
C ALA B 165 -54.61 35.15 -11.91
N GLY B 166 -55.92 35.17 -12.05
CA GLY B 166 -56.61 34.03 -12.62
C GLY B 166 -56.03 33.68 -13.97
N HIS B 167 -55.66 34.73 -14.72
CA HIS B 167 -55.35 34.58 -16.13
C HIS B 167 -53.87 34.65 -16.47
N GLY B 168 -53.02 34.87 -15.48
CA GLY B 168 -51.60 34.90 -15.79
C GLY B 168 -50.71 34.95 -14.59
N MET B 169 -49.44 34.67 -14.84
CA MET B 169 -48.43 34.74 -13.81
C MET B 169 -47.13 35.31 -14.38
N LYS B 170 -46.52 36.23 -13.64
CA LYS B 170 -45.33 36.92 -14.10
C LYS B 170 -44.27 37.03 -13.00
N ILE B 171 -43.04 36.62 -13.30
CA ILE B 171 -41.95 36.71 -12.33
C ILE B 171 -41.48 38.15 -12.22
N LEU B 172 -41.46 38.70 -11.02
CA LEU B 172 -41.08 40.09 -10.86
C LEU B 172 -39.67 40.26 -10.32
N GLU B 173 -39.18 39.22 -9.64
CA GLU B 173 -37.85 39.29 -9.07
C GLU B 173 -37.26 37.89 -9.02
N ASP B 174 -35.98 37.79 -9.35
CA ASP B 174 -35.21 36.55 -9.34
C ASP B 174 -33.78 36.96 -9.03
N THR B 175 -33.24 36.41 -7.95
CA THR B 175 -32.11 37.03 -7.29
C THR B 175 -31.38 36.07 -6.35
N SER B 176 -30.10 35.84 -6.60
CA SER B 176 -29.28 35.16 -5.63
C SER B 176 -29.02 36.11 -4.49
N ALA B 177 -29.06 35.59 -3.28
CA ALA B 177 -28.70 36.38 -2.13
C ALA B 177 -27.23 36.22 -1.97
N ARG B 178 -26.43 36.98 -2.71
CA ARG B 178 -25.00 36.75 -2.69
C ARG B 178 -24.46 37.07 -1.28
N LEU B 179 -24.94 36.28 -0.33
CA LEU B 179 -24.69 36.38 1.10
C LEU B 179 -23.33 35.79 1.43
N PRO B 180 -22.72 36.22 2.54
CA PRO B 180 -21.50 35.52 2.98
C PRO B 180 -21.80 34.05 3.35
N GLY B 181 -20.75 33.24 3.54
CA GLY B 181 -20.89 31.98 4.25
C GLY B 181 -21.05 32.24 5.74
N LYS B 182 -21.55 31.25 6.49
CA LYS B 182 -22.05 31.49 7.87
C LYS B 182 -21.00 31.95 8.88
N ASP B 183 -19.75 31.54 8.70
CA ASP B 183 -18.67 31.92 9.62
C ASP B 183 -18.34 33.41 9.57
N ASP B 184 -18.51 34.02 8.40
CA ASP B 184 -18.24 35.44 8.15
C ASP B 184 -18.78 36.37 9.25
N PRO B 185 -17.94 37.28 9.76
CA PRO B 185 -18.36 38.29 10.74
C PRO B 185 -19.36 39.25 10.12
N SER B 186 -20.27 39.79 10.92
CA SER B 186 -21.44 40.51 10.41
C SER B 186 -22.11 39.75 9.21
N ARG B 187 -22.35 38.45 9.41
CA ARG B 187 -23.21 37.68 8.49
C ARG B 187 -24.63 37.95 8.88
N GLU B 188 -24.79 38.30 10.15
CA GLU B 188 -26.08 38.59 10.71
C GLU B 188 -26.60 39.87 10.09
N GLN B 189 -25.71 40.84 9.87
CA GLN B 189 -26.14 42.12 9.34
C GLN B 189 -26.59 41.98 7.88
N GLU B 190 -25.82 41.22 7.12
CA GLU B 190 -26.09 41.01 5.71
C GLU B 190 -27.39 40.23 5.46
N VAL B 191 -27.76 39.29 6.34
CA VAL B 191 -29.06 38.61 6.19
C VAL B 191 -30.17 39.58 6.60
N GLU B 192 -29.90 40.46 7.55
CA GLU B 192 -30.87 41.46 7.95
C GLU B 192 -31.20 42.38 6.78
N LYS B 193 -30.16 42.81 6.06
CA LYS B 193 -30.34 43.63 4.85
C LYS B 193 -31.09 42.84 3.78
N TYR B 194 -30.70 41.58 3.62
CA TYR B 194 -31.38 40.68 2.70
C TYR B 194 -32.89 40.66 2.93
N VAL B 195 -33.34 40.49 4.17
CA VAL B 195 -34.78 40.35 4.41
C VAL B 195 -35.46 41.69 4.17
N ASP B 196 -34.81 42.78 4.55
CA ASP B 196 -35.35 44.11 4.33
C ASP B 196 -35.58 44.35 2.85
N ARG B 197 -34.61 43.95 2.04
CA ARG B 197 -34.71 44.07 0.60
C ARG B 197 -35.91 43.29 0.11
N ALA B 198 -36.03 42.06 0.59
CA ALA B 198 -37.12 41.18 0.19
C ALA B 198 -38.49 41.73 0.61
N ALA B 199 -38.57 42.27 1.82
CA ALA B 199 -39.83 42.86 2.27
C ALA B 199 -40.15 44.10 1.42
N LYS B 200 -39.16 44.95 1.16
CA LYS B 200 -39.44 46.16 0.40
C LYS B 200 -39.96 45.79 -0.98
N ARG B 201 -39.37 44.78 -1.62
CA ARG B 201 -39.90 44.36 -2.93
C ARG B 201 -41.33 43.80 -2.83
N ILE B 202 -41.62 43.04 -1.80
CA ILE B 202 -42.95 42.42 -1.70
C ILE B 202 -44.03 43.48 -1.52
N VAL B 203 -43.73 44.48 -0.71
CA VAL B 203 -44.60 45.63 -0.55
C VAL B 203 -44.78 46.37 -1.88
N GLU B 204 -43.68 46.70 -2.55
CA GLU B 204 -43.75 47.49 -3.77
C GLU B 204 -44.68 46.86 -4.80
N GLU B 205 -44.50 45.58 -5.04
CA GLU B 205 -45.32 44.91 -6.03
C GLU B 205 -46.76 44.67 -5.58
N ALA B 206 -47.00 44.35 -4.30
CA ALA B 206 -48.38 44.19 -3.80
C ALA B 206 -49.15 45.48 -4.00
N ALA B 207 -48.53 46.59 -3.60
CA ALA B 207 -48.99 47.94 -3.94
C ALA B 207 -49.22 48.14 -5.45
N ARG B 208 -48.17 47.97 -6.25
CA ARG B 208 -48.25 48.19 -7.70
C ARG B 208 -49.40 47.41 -8.32
N HIS B 209 -49.74 46.25 -7.77
CA HIS B 209 -50.73 45.37 -8.40
C HIS B 209 -52.03 45.27 -7.66
N ARG B 210 -52.16 46.04 -6.59
CA ARG B 210 -53.38 46.01 -5.77
C ARG B 210 -53.66 44.61 -5.23
N SER B 211 -52.65 43.94 -4.70
CA SER B 211 -52.82 42.65 -4.05
C SER B 211 -53.33 42.74 -2.62
N PRO B 212 -54.46 42.05 -2.33
CA PRO B 212 -54.95 41.83 -0.97
C PRO B 212 -54.15 40.76 -0.25
N ILE B 213 -53.47 39.92 -1.02
CA ILE B 213 -52.81 38.75 -0.44
C ILE B 213 -51.34 38.64 -0.86
N ALA B 214 -50.52 38.29 0.10
CA ALA B 214 -49.12 38.09 -0.15
C ALA B 214 -48.77 36.75 0.45
N VAL B 215 -48.48 35.77 -0.38
CA VAL B 215 -48.03 34.46 0.08
C VAL B 215 -46.50 34.43 0.10
N ILE B 216 -45.92 34.18 1.29
CA ILE B 216 -44.47 34.22 1.46
C ILE B 216 -43.92 32.86 1.88
N ALA B 217 -43.14 32.26 1.00
CA ALA B 217 -42.80 30.86 1.14
C ALA B 217 -41.32 30.68 1.43
N GLY B 218 -40.96 29.47 1.87
CA GLY B 218 -39.57 29.16 2.10
C GLY B 218 -39.36 28.17 3.22
N PRO B 219 -38.16 27.58 3.28
CA PRO B 219 -37.75 26.73 4.40
C PRO B 219 -37.34 27.57 5.61
N GLY B 220 -37.84 27.23 6.80
CA GLY B 220 -37.36 27.87 8.01
C GLY B 220 -37.87 29.28 8.29
N GLN B 221 -37.11 30.01 9.11
CA GLN B 221 -37.54 31.31 9.63
C GLN B 221 -37.41 32.54 8.72
N LEU B 222 -36.65 32.46 7.62
CA LEU B 222 -36.47 33.64 6.76
C LEU B 222 -37.80 34.20 6.30
N LYS B 223 -38.69 33.31 5.88
CA LYS B 223 -39.98 33.71 5.34
C LYS B 223 -40.77 34.49 6.39
N THR B 224 -40.60 34.13 7.66
CA THR B 224 -41.39 34.76 8.70
C THR B 224 -40.74 36.10 9.13
N SER B 225 -39.41 36.17 9.14
CA SER B 225 -38.71 37.46 9.20
C SER B 225 -39.22 38.44 8.12
N VAL B 226 -39.28 37.97 6.88
CA VAL B 226 -39.79 38.77 5.78
C VAL B 226 -41.26 39.12 5.96
N ALA B 227 -42.10 38.09 6.12
CA ALA B 227 -43.53 38.26 6.44
C ALA B 227 -43.79 39.33 7.51
N GLU B 228 -43.12 39.23 8.66
CA GLU B 228 -43.37 40.21 9.73
C GLU B 228 -43.17 41.65 9.24
N LYS B 229 -42.13 41.86 8.44
CA LYS B 229 -41.82 43.20 8.00
C LYS B 229 -42.81 43.69 6.96
N VAL B 230 -43.30 42.83 6.07
CA VAL B 230 -44.27 43.33 5.12
C VAL B 230 -45.64 43.53 5.79
N GLN B 231 -45.99 42.73 6.79
CA GLN B 231 -47.24 42.97 7.53
C GLN B 231 -47.23 44.33 8.18
N ARG B 232 -46.08 44.69 8.76
CA ARG B 232 -45.96 45.95 9.45
C ARG B 232 -46.05 47.15 8.47
N ALA B 233 -45.64 46.95 7.22
CA ALA B 233 -45.68 48.06 6.27
C ALA B 233 -47.01 48.16 5.52
N MET B 234 -47.73 47.05 5.39
CA MET B 234 -49.07 47.03 4.79
C MET B 234 -50.03 46.28 5.72
N PRO B 235 -50.58 46.97 6.72
CA PRO B 235 -51.20 46.19 7.80
C PRO B 235 -52.53 45.61 7.39
N SER B 236 -53.18 46.22 6.41
CA SER B 236 -54.41 45.69 5.88
C SER B 236 -54.19 44.48 4.95
N LEU B 237 -52.95 44.23 4.58
CA LEU B 237 -52.65 43.14 3.66
C LEU B 237 -52.77 41.76 4.32
N LYS B 238 -53.34 40.79 3.59
CA LYS B 238 -53.35 39.41 4.08
C LYS B 238 -52.04 38.72 3.76
N VAL B 239 -51.30 38.36 4.81
CA VAL B 239 -49.97 37.81 4.69
C VAL B 239 -49.91 36.41 5.24
N ALA B 240 -49.74 35.45 4.34
CA ALA B 240 -49.67 34.06 4.71
C ALA B 240 -48.27 33.43 4.43
N THR B 241 -47.66 32.84 5.46
CA THR B 241 -46.45 32.05 5.26
C THR B 241 -46.78 30.61 4.87
N VAL B 242 -45.92 30.00 4.05
CA VAL B 242 -46.04 28.61 3.65
C VAL B 242 -44.69 27.96 3.73
N ASP B 243 -44.65 26.77 4.33
CA ASP B 243 -43.43 25.99 4.39
C ASP B 243 -43.17 25.36 3.03
N THR B 244 -41.91 25.34 2.64
CA THR B 244 -41.55 25.02 1.28
C THR B 244 -40.08 24.57 1.29
N SER B 245 -39.71 23.67 0.39
CA SER B 245 -38.36 23.10 0.40
C SER B 245 -37.26 24.12 0.09
N MET B 246 -37.58 25.16 -0.67
CA MET B 246 -36.55 26.12 -1.07
C MET B 246 -37.09 27.51 -1.43
N GLY B 247 -36.20 28.49 -1.55
CA GLY B 247 -36.58 29.81 -2.03
C GLY B 247 -36.63 29.87 -3.56
N GLY B 248 -36.44 31.07 -4.10
CA GLY B 248 -36.40 31.26 -5.54
C GLY B 248 -37.63 30.81 -6.31
N VAL B 249 -37.52 30.84 -7.63
CA VAL B 249 -38.63 30.52 -8.49
C VAL B 249 -39.18 29.10 -8.24
N ALA B 250 -38.28 28.14 -8.05
CA ALA B 250 -38.73 26.77 -7.78
C ALA B 250 -39.62 26.72 -6.54
N GLY B 251 -39.32 27.58 -5.56
CA GLY B 251 -40.13 27.69 -4.35
C GLY B 251 -41.51 28.30 -4.57
N VAL B 252 -41.56 29.35 -5.39
CA VAL B 252 -42.82 29.97 -5.76
C VAL B 252 -43.68 28.93 -6.45
N ARG B 253 -43.03 28.07 -7.21
CA ARG B 253 -43.76 27.04 -7.93
C ARG B 253 -44.18 25.91 -7.01
N GLU B 254 -43.33 25.56 -6.05
CA GLU B 254 -43.69 24.58 -5.06
C GLU B 254 -44.86 25.09 -4.21
N ALA B 255 -44.82 26.36 -3.82
CA ALA B 255 -45.85 26.94 -2.97
C ALA B 255 -47.22 26.87 -3.63
N LEU B 256 -47.25 27.02 -4.95
CA LEU B 256 -48.51 26.92 -5.68
C LEU B 256 -49.12 25.54 -5.54
N ARG B 257 -48.33 24.58 -5.08
CA ARG B 257 -48.79 23.22 -4.95
C ARG B 257 -49.10 22.82 -3.51
N ARG B 258 -48.72 23.63 -2.54
CA ARG B 258 -48.97 23.26 -1.14
C ARG B 258 -50.44 23.48 -0.79
N GLU B 259 -50.93 22.68 0.15
CA GLU B 259 -52.33 22.61 0.49
C GLU B 259 -52.91 23.96 0.94
N SER B 260 -52.15 24.71 1.74
CA SER B 260 -52.66 25.97 2.26
C SER B 260 -52.89 26.98 1.14
N VAL B 261 -51.94 27.09 0.23
CA VAL B 261 -52.03 28.00 -0.90
C VAL B 261 -53.13 27.61 -1.89
N THR B 262 -53.23 26.32 -2.18
CA THR B 262 -54.32 25.84 -3.01
C THR B 262 -55.66 26.27 -2.43
N ARG B 263 -55.81 26.28 -1.10
CA ARG B 263 -57.08 26.73 -0.51
C ARG B 263 -57.28 28.25 -0.64
N ILE B 264 -56.34 29.02 -0.10
CA ILE B 264 -56.39 30.48 -0.19
C ILE B 264 -56.61 30.98 -1.61
N LEU B 265 -55.90 30.36 -2.54
CA LEU B 265 -55.90 30.81 -3.93
C LEU B 265 -56.83 29.97 -4.82
N ARG B 266 -57.72 29.21 -4.21
CA ARG B 266 -58.55 28.27 -4.96
C ARG B 266 -59.38 28.89 -6.10
N GLU B 267 -59.71 30.16 -6.01
CA GLU B 267 -60.51 30.79 -7.05
C GLU B 267 -59.69 31.12 -8.29
N LEU B 268 -58.39 30.89 -8.23
CA LEU B 268 -57.53 31.19 -9.38
C LEU B 268 -57.32 29.96 -10.25
N SER B 269 -57.60 30.08 -11.56
CA SER B 269 -57.50 28.96 -12.50
C SER B 269 -56.11 28.35 -12.54
N ILE B 270 -55.12 29.22 -12.56
CA ILE B 270 -53.72 28.85 -12.54
C ILE B 270 -53.45 27.88 -11.42
N VAL B 271 -54.10 28.12 -10.29
CA VAL B 271 -53.87 27.31 -9.11
C VAL B 271 -54.72 26.06 -9.19
N GLU B 272 -55.96 26.20 -9.60
CA GLU B 272 -56.86 25.06 -9.67
C GLU B 272 -56.35 24.06 -10.71
N ALA B 273 -55.70 24.57 -11.76
CA ALA B 273 -55.08 23.69 -12.75
C ALA B 273 -54.17 22.67 -12.09
N GLU B 274 -53.49 23.08 -11.04
CA GLU B 274 -52.45 22.26 -10.46
C GLU B 274 -53.04 20.94 -9.96
N GLY B 275 -54.20 21.05 -9.33
CA GLY B 275 -54.93 19.88 -8.86
C GLY B 275 -55.28 18.92 -9.95
N VAL B 276 -55.79 19.40 -11.07
CA VAL B 276 -56.26 18.47 -12.09
C VAL B 276 -55.09 17.87 -12.87
N LEU B 277 -53.95 18.57 -12.91
CA LEU B 277 -52.75 18.00 -13.49
C LEU B 277 -52.16 16.87 -12.60
N GLU B 278 -52.11 17.11 -11.30
CA GLU B 278 -51.70 16.11 -10.34
C GLU B 278 -52.54 14.84 -10.47
N GLU B 279 -53.86 14.99 -10.55
CA GLU B 279 -54.77 13.86 -10.72
C GLU B 279 -54.56 13.18 -12.07
N PHE B 280 -54.44 14.00 -13.12
CA PHE B 280 -54.18 13.47 -14.45
C PHE B 280 -52.94 12.57 -14.47
N LEU B 281 -51.86 13.00 -13.82
CA LEU B 281 -50.61 12.24 -13.85
C LEU B 281 -50.79 10.91 -13.08
N ARG B 282 -51.47 11.00 -11.95
CA ARG B 282 -51.81 9.85 -11.14
C ARG B 282 -52.49 8.80 -12.01
N ARG B 283 -53.48 9.22 -12.79
CA ARG B 283 -54.19 8.30 -13.67
C ARG B 283 -53.30 7.77 -14.82
N ILE B 284 -52.42 8.60 -15.36
CA ILE B 284 -51.50 8.16 -16.42
C ILE B 284 -50.77 6.93 -15.89
N ALA B 285 -50.38 6.99 -14.62
CA ALA B 285 -49.66 5.89 -14.00
C ALA B 285 -50.58 4.73 -13.60
N LYS B 286 -51.70 5.04 -12.92
CA LYS B 286 -52.50 4.01 -12.22
C LYS B 286 -53.79 3.56 -12.92
N SER B 287 -54.42 4.42 -13.71
CA SER B 287 -55.65 4.04 -14.41
C SER B 287 -55.80 4.78 -15.74
N ARG B 288 -54.93 4.40 -16.67
CA ARG B 288 -54.69 5.10 -17.91
C ARG B 288 -55.89 5.36 -18.79
N ASP B 289 -56.86 4.45 -18.78
CA ASP B 289 -57.98 4.63 -19.69
C ASP B 289 -58.99 5.66 -19.17
N THR B 290 -58.71 6.27 -18.01
CA THR B 290 -59.60 7.34 -17.52
C THR B 290 -59.06 8.76 -17.74
N VAL B 291 -58.08 8.92 -18.62
CA VAL B 291 -57.68 10.25 -19.06
C VAL B 291 -57.69 10.34 -20.58
N ALA B 292 -57.76 11.57 -21.07
CA ALA B 292 -57.50 11.82 -22.47
C ALA B 292 -56.70 13.10 -22.62
N TYR B 293 -55.90 13.17 -23.66
CA TYR B 293 -55.20 14.41 -24.01
C TYR B 293 -55.07 14.42 -25.49
N THR B 294 -54.71 15.60 -26.02
CA THR B 294 -54.70 15.90 -27.45
C THR B 294 -56.11 16.34 -27.88
N PRO B 295 -56.20 17.37 -28.73
CA PRO B 295 -57.48 17.93 -29.17
C PRO B 295 -58.41 16.87 -29.72
N GLY B 296 -57.85 16.02 -30.56
CA GLY B 296 -58.61 14.99 -31.24
C GLY B 296 -59.18 13.99 -30.27
N GLU B 297 -58.36 13.50 -29.36
CA GLU B 297 -58.82 12.51 -28.38
C GLU B 297 -59.85 13.13 -27.44
N VAL B 298 -59.63 14.36 -27.01
CA VAL B 298 -60.52 14.99 -26.05
C VAL B 298 -61.90 15.20 -26.69
N LEU B 299 -61.92 15.61 -27.95
CA LEU B 299 -63.19 15.71 -28.67
C LEU B 299 -63.92 14.35 -28.69
N ALA B 300 -63.19 13.29 -29.03
CA ALA B 300 -63.75 11.96 -29.07
C ALA B 300 -64.46 11.58 -27.77
N VAL B 301 -63.75 11.67 -26.64
CA VAL B 301 -64.34 11.28 -25.38
C VAL B 301 -65.33 12.32 -24.87
N ALA B 302 -65.25 13.56 -25.36
CA ALA B 302 -66.22 14.56 -24.93
C ALA B 302 -67.57 14.26 -25.55
N ARG B 303 -67.55 13.73 -26.77
CA ARG B 303 -68.79 13.28 -27.42
C ARG B 303 -69.48 12.13 -26.68
N MET B 304 -68.69 11.21 -26.12
CA MET B 304 -69.28 10.10 -25.38
C MET B 304 -69.97 10.55 -24.12
N GLY B 305 -69.60 11.70 -23.61
CA GLY B 305 -70.17 12.15 -22.35
C GLY B 305 -69.29 11.75 -21.22
N ALA B 306 -68.06 11.34 -21.54
CA ALA B 306 -67.12 10.81 -20.55
C ALA B 306 -66.33 11.88 -19.79
N VAL B 307 -66.33 13.12 -20.25
CA VAL B 307 -65.45 14.14 -19.65
C VAL B 307 -66.01 14.77 -18.36
N ASP B 308 -65.28 14.58 -17.27
CA ASP B 308 -65.60 15.20 -16.00
C ASP B 308 -65.07 16.63 -15.98
N THR B 309 -63.79 16.79 -16.28
CA THR B 309 -63.25 18.14 -16.43
C THR B 309 -62.15 18.21 -17.50
N VAL B 310 -62.04 19.35 -18.19
CA VAL B 310 -61.00 19.54 -19.18
C VAL B 310 -60.11 20.75 -18.85
N LEU B 311 -58.80 20.53 -18.87
CA LEU B 311 -57.79 21.58 -18.66
C LEU B 311 -57.12 21.87 -20.00
N LEU B 312 -57.09 23.14 -20.34
CA LEU B 312 -56.91 23.57 -21.71
C LEU B 312 -56.09 24.85 -21.66
N VAL B 313 -54.98 24.87 -22.38
CA VAL B 313 -54.20 26.07 -22.54
C VAL B 313 -54.85 27.02 -23.57
N ASP B 314 -54.89 28.32 -23.28
CA ASP B 314 -55.67 29.21 -24.12
C ASP B 314 -55.19 29.26 -25.57
N THR B 315 -53.93 28.94 -25.80
CA THR B 315 -53.36 29.07 -27.14
C THR B 315 -54.07 28.16 -28.15
N LEU B 316 -54.64 27.07 -27.66
CA LEU B 316 -55.43 26.16 -28.50
C LEU B 316 -56.68 26.83 -29.07
N LEU B 317 -57.28 27.70 -28.28
CA LEU B 317 -58.44 28.47 -28.72
C LEU B 317 -58.12 29.30 -29.96
N HIS B 318 -56.88 29.73 -30.08
CA HIS B 318 -56.50 30.62 -31.17
C HIS B 318 -55.50 30.04 -32.14
N SER B 319 -55.48 28.71 -32.20
CA SER B 319 -54.57 28.03 -33.10
C SER B 319 -54.76 28.53 -34.54
N PRO B 320 -53.70 28.49 -35.36
CA PRO B 320 -53.86 28.97 -36.72
C PRO B 320 -54.54 27.94 -37.59
N ASP B 321 -54.57 26.70 -37.11
CA ASP B 321 -55.31 25.66 -37.81
C ASP B 321 -56.79 25.80 -37.47
N ASP B 322 -57.62 26.01 -38.51
CA ASP B 322 -59.04 26.22 -38.29
C ASP B 322 -59.69 24.98 -37.66
N ALA B 323 -59.26 23.82 -38.14
CA ALA B 323 -59.81 22.54 -37.73
C ALA B 323 -59.66 22.32 -36.25
N VAL B 324 -58.52 22.70 -35.70
CA VAL B 324 -58.28 22.44 -34.30
C VAL B 324 -59.03 23.45 -33.43
N ARG B 325 -59.22 24.69 -33.90
CA ARG B 325 -60.07 25.64 -33.16
C ARG B 325 -61.50 25.14 -33.11
N GLU B 326 -61.96 24.56 -34.22
CA GLU B 326 -63.31 24.06 -34.29
C GLU B 326 -63.47 22.80 -33.43
N ALA B 327 -62.48 21.92 -33.46
CA ALA B 327 -62.51 20.74 -32.63
C ALA B 327 -62.53 21.11 -31.16
N VAL B 328 -61.66 22.03 -30.78
CA VAL B 328 -61.51 22.36 -29.38
C VAL B 328 -62.77 23.04 -28.85
N ASP B 329 -63.30 23.98 -29.63
CA ASP B 329 -64.52 24.68 -29.20
C ASP B 329 -65.70 23.72 -29.14
N GLU B 330 -65.70 22.74 -30.03
CA GLU B 330 -66.77 21.76 -30.04
C GLU B 330 -66.70 20.92 -28.78
N ALA B 331 -65.54 20.31 -28.56
CA ALA B 331 -65.34 19.46 -27.41
C ALA B 331 -65.73 20.20 -26.15
N LEU B 332 -65.31 21.45 -26.04
CA LEU B 332 -65.64 22.28 -24.88
C LEU B 332 -67.13 22.59 -24.77
N ARG B 333 -67.79 22.86 -25.90
CA ARG B 333 -69.24 22.98 -25.94
C ARG B 333 -69.85 21.67 -25.36
N LEU B 334 -69.39 20.53 -25.87
CA LEU B 334 -69.84 19.23 -25.39
C LEU B 334 -69.68 19.02 -23.91
N VAL B 335 -68.48 19.21 -23.35
CA VAL B 335 -68.33 18.81 -21.96
C VAL B 335 -69.14 19.74 -21.05
N GLU B 336 -69.38 20.96 -21.48
CA GLU B 336 -70.16 21.89 -20.65
C GLU B 336 -71.62 21.45 -20.62
N SER B 337 -72.09 20.97 -21.77
CA SER B 337 -73.48 20.56 -21.94
C SER B 337 -73.81 19.29 -21.17
N MET B 338 -72.81 18.47 -20.87
CA MET B 338 -73.07 17.25 -20.12
C MET B 338 -72.47 17.29 -18.72
N GLY B 339 -72.51 18.45 -18.09
CA GLY B 339 -72.17 18.58 -16.68
C GLY B 339 -70.71 18.79 -16.31
N GLY B 340 -69.83 18.90 -17.30
CA GLY B 340 -68.41 18.97 -17.02
C GLY B 340 -67.86 20.35 -16.69
N ARG B 341 -66.67 20.36 -16.12
CA ARG B 341 -65.96 21.60 -15.80
C ARG B 341 -64.91 21.89 -16.87
N VAL B 342 -64.91 23.09 -17.42
CA VAL B 342 -63.81 23.42 -18.33
C VAL B 342 -62.96 24.53 -17.71
N ILE B 343 -61.65 24.32 -17.77
CA ILE B 343 -60.68 25.25 -17.20
C ILE B 343 -59.69 25.68 -18.28
N ILE B 344 -59.64 26.98 -18.54
CA ILE B 344 -58.67 27.52 -19.48
C ILE B 344 -57.58 28.26 -18.72
N ILE B 345 -56.32 27.95 -19.05
CA ILE B 345 -55.18 28.66 -18.49
C ILE B 345 -54.28 29.18 -19.60
N PRO B 346 -53.54 30.27 -19.33
CA PRO B 346 -52.45 30.72 -20.18
C PRO B 346 -51.37 29.67 -20.38
N GLY B 347 -50.81 29.58 -21.57
CA GLY B 347 -49.58 28.81 -21.78
C GLY B 347 -48.50 29.29 -20.82
N ASP B 348 -48.50 30.59 -20.54
CA ASP B 348 -47.51 31.18 -19.66
C ASP B 348 -47.86 30.94 -18.18
N SER B 349 -47.91 29.67 -17.80
CA SER B 349 -48.14 29.30 -16.41
C SER B 349 -47.44 27.95 -16.16
N PRO B 350 -47.15 27.65 -14.87
CA PRO B 350 -46.48 26.39 -14.54
C PRO B 350 -47.23 25.19 -15.12
N ALA B 351 -48.54 25.15 -14.88
CA ALA B 351 -49.38 24.09 -15.40
C ALA B 351 -49.46 24.11 -16.93
N GLY B 352 -49.58 25.30 -17.50
CA GLY B 352 -49.66 25.42 -18.94
C GLY B 352 -48.43 24.92 -19.68
N GLU B 353 -47.26 25.08 -19.07
CA GLU B 353 -46.06 24.51 -19.65
C GLU B 353 -46.04 22.97 -19.56
N ARG B 354 -46.63 22.38 -18.52
CA ARG B 354 -46.66 20.92 -18.45
C ARG B 354 -47.57 20.39 -19.58
N LEU B 355 -48.57 21.18 -19.92
CA LEU B 355 -49.55 20.76 -20.91
C LEU B 355 -49.02 20.63 -22.33
N VAL B 356 -47.94 21.32 -22.67
CA VAL B 356 -47.61 21.42 -24.09
C VAL B 356 -47.25 20.02 -24.62
N SER B 357 -46.69 19.18 -23.75
CA SER B 357 -46.33 17.80 -24.11
C SER B 357 -47.55 16.95 -24.43
N PHE B 358 -48.71 17.37 -23.92
CA PHE B 358 -49.94 16.68 -24.17
C PHE B 358 -50.82 17.45 -25.18
N GLY B 359 -50.20 18.24 -26.04
CA GLY B 359 -50.95 18.94 -27.08
C GLY B 359 -51.83 20.03 -26.51
N GLY B 360 -51.55 20.44 -25.29
CA GLY B 360 -52.25 21.57 -24.73
C GLY B 360 -53.59 21.33 -24.06
N VAL B 361 -54.13 20.11 -24.17
CA VAL B 361 -55.35 19.73 -23.46
C VAL B 361 -55.27 18.38 -22.83
N ILE B 362 -55.73 18.31 -21.60
CA ILE B 362 -55.92 17.05 -20.91
C ILE B 362 -57.36 16.96 -20.40
N ALA B 363 -57.84 15.75 -20.16
CA ALA B 363 -59.19 15.58 -19.65
C ALA B 363 -59.25 14.44 -18.66
N LEU B 364 -60.00 14.66 -17.57
CA LEU B 364 -60.34 13.64 -16.60
C LEU B 364 -61.65 13.01 -16.98
N LEU B 365 -61.64 11.71 -17.20
CA LEU B 365 -62.82 10.99 -17.65
C LEU B 365 -63.64 10.41 -16.48
N ARG B 366 -64.95 10.24 -16.70
CA ARG B 366 -65.86 9.75 -15.64
C ARG B 366 -65.79 8.24 -15.47
N TYR B 367 -65.38 7.55 -16.54
CA TYR B 367 -65.29 6.11 -16.55
C TYR B 367 -64.21 5.68 -17.54
N PRO B 368 -63.67 4.46 -17.41
CA PRO B 368 -62.64 4.06 -18.38
C PRO B 368 -63.16 3.93 -19.79
N VAL B 369 -62.64 4.75 -20.68
CA VAL B 369 -62.85 4.59 -22.12
C VAL B 369 -61.62 3.93 -22.69
N PRO B 370 -61.77 2.72 -23.25
CA PRO B 370 -60.65 1.99 -23.89
C PRO B 370 -60.09 2.75 -25.07
N GLN B 371 -58.82 2.51 -25.39
CA GLN B 371 -58.15 3.24 -26.47
C GLN B 371 -58.73 2.87 -27.83
N GLU B 372 -59.11 1.61 -27.98
CA GLU B 372 -59.77 1.14 -29.19
C GLU B 372 -61.07 1.89 -29.49
N ALA B 373 -61.64 2.55 -28.48
CA ALA B 373 -62.96 3.15 -28.65
C ALA B 373 -62.92 4.66 -28.93
N ARG B 374 -61.72 5.26 -28.90
CA ARG B 374 -61.61 6.70 -29.11
C ARG B 374 -61.40 7.02 -30.60
N ARG B 375 -62.47 6.88 -31.39
CA ARG B 375 -62.37 6.96 -32.84
C ARG B 375 -62.90 8.29 -33.39
N LYS C 7 26.71 -98.31 22.86
CA LYS C 7 27.06 -97.33 23.89
C LYS C 7 25.83 -96.73 24.57
N PRO C 8 25.36 -97.36 25.67
CA PRO C 8 24.10 -97.08 26.38
C PRO C 8 23.90 -95.62 26.81
N HIS C 9 22.63 -95.19 26.85
CA HIS C 9 22.27 -93.85 27.30
C HIS C 9 21.78 -93.82 28.74
N MET C 10 22.16 -92.78 29.47
CA MET C 10 21.64 -92.56 30.80
C MET C 10 21.32 -91.10 31.04
N ASN C 11 20.34 -90.86 31.91
CA ASN C 11 19.95 -89.52 32.30
C ASN C 11 20.49 -89.20 33.67
N LEU C 12 21.18 -88.07 33.75
CA LEU C 12 21.90 -87.64 34.93
C LEU C 12 21.38 -86.30 35.45
N VAL C 13 20.93 -86.25 36.70
CA VAL C 13 20.55 -84.96 37.26
C VAL C 13 21.54 -84.48 38.32
N VAL C 14 21.94 -83.23 38.26
CA VAL C 14 22.83 -82.71 39.28
C VAL C 14 22.04 -81.89 40.29
N ILE C 15 22.04 -82.35 41.54
CA ILE C 15 21.28 -81.72 42.62
C ILE C 15 22.13 -81.20 43.78
N GLY C 16 21.45 -80.55 44.71
CA GLY C 16 22.12 -79.98 45.86
C GLY C 16 21.71 -78.56 46.19
N HIS C 17 22.05 -78.14 47.40
CA HIS C 17 21.77 -76.83 47.94
C HIS C 17 22.22 -75.65 47.07
N VAL C 18 21.62 -74.48 47.31
CA VAL C 18 21.87 -73.32 46.46
C VAL C 18 23.33 -72.87 46.50
N ASP C 19 23.88 -72.64 45.30
CA ASP C 19 25.25 -72.20 45.07
C ASP C 19 26.35 -73.15 45.54
N HIS C 20 26.00 -74.40 45.85
CA HIS C 20 27.02 -75.37 46.24
C HIS C 20 27.91 -75.77 45.08
N GLY C 21 27.53 -75.37 43.88
CA GLY C 21 28.42 -75.48 42.74
C GLY C 21 27.99 -76.38 41.61
N LYS C 22 26.76 -76.85 41.62
CA LYS C 22 26.38 -77.88 40.65
C LYS C 22 26.45 -77.40 39.19
N SER C 23 26.23 -76.11 38.96
CA SER C 23 26.31 -75.59 37.60
C SER C 23 27.76 -75.47 37.12
N THR C 24 28.61 -74.84 37.92
CA THR C 24 30.02 -74.65 37.55
C THR C 24 30.70 -76.01 37.37
N LEU C 25 30.28 -77.00 38.16
CA LEU C 25 30.75 -78.36 38.03
C LEU C 25 30.44 -78.94 36.65
N VAL C 26 29.18 -78.94 36.25
CA VAL C 26 28.82 -79.49 34.96
C VAL C 26 29.57 -78.75 33.87
N GLY C 27 29.70 -77.43 34.04
CA GLY C 27 30.37 -76.61 33.05
C GLY C 27 31.84 -76.93 32.85
N HIS C 28 32.58 -77.04 33.96
CA HIS C 28 34.00 -77.33 33.91
C HIS C 28 34.23 -78.75 33.41
N LEU C 29 33.41 -79.68 33.89
CA LEU C 29 33.48 -81.07 33.46
C LEU C 29 33.36 -81.17 31.95
N LEU C 30 32.48 -80.38 31.38
CA LEU C 30 32.24 -80.41 29.94
C LEU C 30 33.38 -79.76 29.18
N TYR C 31 33.93 -78.70 29.77
CA TYR C 31 35.05 -77.98 29.17
C TYR C 31 36.28 -78.88 29.09
N ARG C 32 36.74 -79.30 30.26
CA ARG C 32 37.78 -80.31 30.39
C ARG C 32 37.66 -81.50 29.43
N LEU C 33 36.43 -81.85 29.06
CA LEU C 33 36.21 -82.99 28.19
C LEU C 33 36.15 -82.56 26.72
N GLY C 34 36.25 -81.25 26.50
CA GLY C 34 36.38 -80.72 25.15
C GLY C 34 35.09 -80.35 24.44
N TYR C 35 34.01 -80.15 25.21
CA TYR C 35 32.71 -79.88 24.61
C TYR C 35 32.44 -78.40 24.49
N ILE C 36 33.17 -77.61 25.26
CA ILE C 36 33.03 -76.16 25.21
C ILE C 36 34.24 -75.58 24.48
N GLU C 37 34.01 -74.83 23.42
CA GLU C 37 35.10 -74.15 22.71
C GLU C 37 35.72 -73.07 23.58
N GLU C 38 37.04 -72.92 23.47
CA GLU C 38 37.78 -71.96 24.28
C GLU C 38 37.29 -70.54 24.04
N LYS C 39 37.10 -70.21 22.76
CA LYS C 39 36.63 -68.89 22.37
C LYS C 39 35.34 -68.57 23.11
N LYS C 40 34.45 -69.57 23.18
CA LYS C 40 33.17 -69.41 23.85
C LYS C 40 33.38 -69.11 25.32
N LEU C 41 34.36 -69.77 25.92
CA LEU C 41 34.58 -69.65 27.36
C LEU C 41 35.19 -68.30 27.71
N LYS C 42 35.99 -67.75 26.81
CA LYS C 42 36.59 -66.45 27.07
C LYS C 42 35.51 -65.37 27.02
N GLU C 43 34.57 -65.53 26.09
CA GLU C 43 33.47 -64.58 25.96
C GLU C 43 32.69 -64.54 27.26
N LEU C 44 32.35 -65.71 27.79
CA LEU C 44 31.59 -65.77 29.03
C LEU C 44 32.41 -65.18 30.18
N GLU C 45 33.70 -65.51 30.24
CA GLU C 45 34.59 -64.97 31.26
C GLU C 45 34.56 -63.45 31.25
N GLU C 46 34.50 -62.90 30.06
CA GLU C 46 34.43 -61.46 29.86
C GLU C 46 33.05 -60.92 30.23
N GLN C 47 32.01 -61.53 29.67
CA GLN C 47 30.63 -61.14 29.97
C GLN C 47 30.36 -61.17 31.47
N ALA C 48 30.85 -62.23 32.13
CA ALA C 48 30.67 -62.38 33.57
C ALA C 48 31.35 -61.26 34.35
N LYS C 49 32.57 -60.91 33.93
CA LYS C 49 33.32 -59.85 34.59
C LYS C 49 32.65 -58.49 34.43
N SER C 50 31.93 -58.31 33.32
CA SER C 50 31.27 -57.03 33.04
C SER C 50 30.21 -56.73 34.11
N ARG C 51 29.60 -57.78 34.63
CA ARG C 51 28.74 -57.65 35.79
C ARG C 51 29.49 -58.15 37.03
N GLY C 52 28.80 -58.17 38.17
CA GLY C 52 29.47 -58.57 39.40
C GLY C 52 29.79 -60.05 39.43
N LYS C 53 29.50 -60.73 38.34
CA LYS C 53 29.42 -62.17 38.34
C LYS C 53 30.65 -62.87 37.82
N GLU C 54 31.84 -62.38 38.19
CA GLU C 54 33.12 -62.90 37.69
C GLU C 54 33.25 -64.42 37.83
N SER C 55 33.04 -64.96 39.02
CA SER C 55 33.30 -66.39 39.27
C SER C 55 32.25 -67.36 38.69
N PHE C 56 31.44 -66.84 37.77
CA PHE C 56 30.36 -67.62 37.17
C PHE C 56 30.62 -68.02 35.72
N LYS C 57 31.86 -67.86 35.26
CA LYS C 57 32.25 -68.25 33.90
C LYS C 57 31.65 -69.61 33.53
N PHE C 58 31.95 -70.61 34.36
CA PHE C 58 31.50 -71.98 34.10
C PHE C 58 29.98 -72.14 34.25
N ALA C 59 29.42 -71.61 35.32
CA ALA C 59 27.99 -71.76 35.57
C ALA C 59 27.20 -71.27 34.38
N TRP C 60 27.74 -70.26 33.69
CA TRP C 60 27.05 -69.63 32.59
C TRP C 60 27.09 -70.38 31.25
N ILE C 61 27.67 -71.58 31.22
CA ILE C 61 27.46 -72.37 30.00
C ILE C 61 26.17 -73.15 30.16
N LEU C 62 25.55 -73.01 31.32
CA LEU C 62 24.27 -73.67 31.62
C LEU C 62 23.18 -72.68 31.97
N ASP C 63 23.43 -71.83 32.96
CA ASP C 63 22.50 -70.76 33.31
C ASP C 63 22.37 -69.80 32.14
N LYS C 64 21.17 -69.63 31.59
CA LYS C 64 21.01 -68.81 30.39
C LYS C 64 19.94 -67.72 30.52
N MET C 65 19.01 -67.87 31.46
CA MET C 65 17.94 -66.89 31.61
C MET C 65 18.43 -65.51 32.05
N LYS C 66 17.61 -64.48 31.82
CA LYS C 66 17.91 -63.16 32.32
C LYS C 66 17.99 -63.18 33.84
N GLU C 67 16.96 -63.70 34.49
CA GLU C 67 16.94 -63.75 35.95
C GLU C 67 17.99 -64.70 36.48
N GLU C 68 18.38 -65.69 35.68
CA GLU C 68 19.40 -66.63 36.08
C GLU C 68 20.78 -65.97 36.15
N ARG C 69 21.16 -65.26 35.10
CA ARG C 69 22.48 -64.65 35.09
C ARG C 69 22.50 -63.47 36.04
N GLU C 70 21.39 -62.74 36.13
CA GLU C 70 21.33 -61.59 37.01
C GLU C 70 21.49 -61.94 38.50
N ARG C 71 21.13 -63.16 38.90
CA ARG C 71 20.84 -63.40 40.31
C ARG C 71 21.95 -63.89 41.27
N GLY C 72 22.82 -64.83 40.94
CA GLY C 72 22.87 -65.60 39.72
C GLY C 72 22.72 -67.05 40.13
N ILE C 73 21.54 -67.57 39.83
CA ILE C 73 21.10 -68.89 40.24
C ILE C 73 20.57 -69.65 39.03
N THR C 74 20.46 -70.96 39.16
CA THR C 74 19.76 -71.77 38.17
C THR C 74 18.27 -71.73 38.54
N ILE C 75 17.40 -71.63 37.54
CA ILE C 75 15.97 -71.57 37.78
C ILE C 75 15.26 -72.78 37.19
N ASP C 76 15.40 -73.00 35.89
CA ASP C 76 14.85 -74.22 35.29
C ASP C 76 15.97 -75.11 34.83
N LEU C 77 15.60 -76.31 34.41
CA LEU C 77 16.57 -77.31 33.99
C LEU C 77 17.43 -76.88 32.81
N THR C 78 18.69 -77.29 32.82
CA THR C 78 19.50 -77.23 31.62
C THR C 78 19.89 -78.64 31.21
N PHE C 79 19.72 -78.93 29.92
CA PHE C 79 20.02 -80.24 29.38
C PHE C 79 21.30 -80.18 28.54
N MET C 80 22.16 -81.18 28.70
CA MET C 80 23.39 -81.25 27.92
C MET C 80 23.76 -82.68 27.59
N LYS C 81 24.48 -82.86 26.49
CA LYS C 81 24.98 -84.17 26.09
C LYS C 81 26.51 -84.23 26.21
N PHE C 82 27.01 -85.39 26.65
CA PHE C 82 28.44 -85.69 26.63
C PHE C 82 28.65 -87.18 26.85
N GLU C 83 29.79 -87.70 26.40
CA GLU C 83 30.08 -89.13 26.53
C GLU C 83 31.28 -89.36 27.41
N THR C 84 31.31 -90.50 28.08
CA THR C 84 32.53 -91.00 28.67
C THR C 84 33.12 -92.02 27.69
N LYS C 85 33.72 -93.07 28.23
CA LYS C 85 34.14 -94.18 27.40
C LYS C 85 32.99 -95.18 27.31
N LYS C 86 32.29 -95.36 28.42
CA LYS C 86 31.30 -96.43 28.54
C LYS C 86 29.86 -95.98 28.24
N TYR C 87 29.54 -94.72 28.50
CA TYR C 87 28.16 -94.24 28.37
C TYR C 87 28.04 -92.91 27.65
N VAL C 88 26.87 -92.69 27.07
CA VAL C 88 26.49 -91.37 26.60
C VAL C 88 25.50 -90.81 27.62
N PHE C 89 25.70 -89.56 28.02
CA PHE C 89 24.91 -88.97 29.09
C PHE C 89 24.08 -87.78 28.64
N THR C 90 22.81 -87.77 29.01
CA THR C 90 22.05 -86.54 29.04
C THR C 90 22.17 -86.04 30.47
N ILE C 91 22.84 -84.92 30.65
CA ILE C 91 23.05 -84.44 32.00
C ILE C 91 22.14 -83.24 32.20
N ILE C 92 21.46 -83.23 33.35
CA ILE C 92 20.43 -82.25 33.68
C ILE C 92 20.80 -81.41 34.90
N ASP C 93 20.98 -80.11 34.66
CA ASP C 93 21.33 -79.15 35.69
C ASP C 93 20.07 -78.65 36.42
N ALA C 94 19.93 -78.95 37.71
CA ALA C 94 18.76 -78.51 38.48
C ALA C 94 19.05 -77.31 39.36
N PRO C 95 18.02 -76.50 39.63
CA PRO C 95 18.15 -75.36 40.55
C PRO C 95 18.27 -75.80 42.00
N GLY C 96 19.05 -75.09 42.79
CA GLY C 96 19.21 -75.42 44.19
C GLY C 96 18.33 -74.56 45.09
N HIS C 97 17.92 -73.40 44.60
CA HIS C 97 17.17 -72.45 45.39
C HIS C 97 15.82 -73.02 45.84
N ARG C 98 15.45 -72.71 47.09
CA ARG C 98 14.21 -73.13 47.72
C ARG C 98 12.97 -73.00 46.81
N ASP C 99 12.97 -71.96 45.98
CA ASP C 99 11.73 -71.54 45.33
C ASP C 99 11.41 -72.36 44.10
N PHE C 100 12.38 -73.16 43.70
CA PHE C 100 12.35 -73.80 42.40
C PHE C 100 12.59 -75.28 42.54
N VAL C 101 12.32 -75.83 43.73
CA VAL C 101 12.52 -77.26 43.86
C VAL C 101 11.56 -77.98 42.91
N LYS C 102 10.46 -77.33 42.52
CA LYS C 102 9.52 -78.00 41.60
C LYS C 102 10.24 -78.42 40.33
N ASN C 103 11.18 -77.62 39.85
CA ASN C 103 11.88 -78.02 38.65
C ASN C 103 12.89 -79.12 38.95
N MET C 104 13.50 -79.09 40.13
CA MET C 104 14.43 -80.13 40.55
C MET C 104 13.70 -81.46 40.54
N ILE C 105 12.47 -81.44 41.01
CA ILE C 105 11.64 -82.63 41.08
C ILE C 105 11.41 -83.24 39.70
N THR C 106 11.16 -82.40 38.68
CA THR C 106 10.91 -82.94 37.35
C THR C 106 12.20 -83.56 36.79
N GLY C 107 13.34 -82.89 37.02
CA GLY C 107 14.64 -83.43 36.68
C GLY C 107 14.86 -84.81 37.28
N ALA C 108 14.58 -84.94 38.56
CA ALA C 108 14.69 -86.20 39.28
C ALA C 108 13.89 -87.37 38.67
N SER C 109 12.65 -87.10 38.26
CA SER C 109 11.78 -88.18 37.78
C SER C 109 12.23 -88.59 36.39
N GLN C 110 12.91 -87.68 35.71
CA GLN C 110 13.51 -87.93 34.41
C GLN C 110 14.81 -88.72 34.48
N ALA C 111 15.39 -88.83 35.67
CA ALA C 111 16.79 -89.26 35.77
C ALA C 111 17.00 -90.71 36.21
N ASP C 112 18.16 -91.21 35.79
CA ASP C 112 18.63 -92.54 36.15
C ASP C 112 19.57 -92.47 37.34
N ALA C 113 20.20 -91.32 37.50
CA ALA C 113 21.21 -91.17 38.54
C ALA C 113 21.37 -89.70 38.92
N ALA C 114 21.88 -89.47 40.13
CA ALA C 114 22.06 -88.11 40.60
C ALA C 114 23.50 -87.87 41.00
N ILE C 115 23.99 -86.69 40.66
CA ILE C 115 25.20 -86.18 41.27
C ILE C 115 24.82 -85.14 42.34
N LEU C 116 25.02 -85.49 43.60
CA LEU C 116 24.75 -84.56 44.70
C LEU C 116 25.97 -83.70 44.95
N VAL C 117 25.93 -82.45 44.49
CA VAL C 117 27.02 -81.54 44.75
C VAL C 117 26.88 -80.92 46.14
N VAL C 118 27.82 -81.22 47.02
CA VAL C 118 27.80 -80.70 48.37
C VAL C 118 29.00 -79.79 48.60
N SER C 119 28.75 -78.62 49.18
CA SER C 119 29.86 -77.72 49.47
C SER C 119 30.49 -78.00 50.82
N ALA C 120 31.82 -78.03 50.86
CA ALA C 120 32.57 -78.32 52.07
C ALA C 120 32.86 -77.07 52.89
N ARG C 121 32.58 -75.89 52.34
CA ARG C 121 32.87 -74.65 53.04
C ARG C 121 32.09 -74.51 54.35
N LYS C 122 32.61 -73.68 55.24
CA LYS C 122 32.05 -73.56 56.57
C LYS C 122 30.76 -72.78 56.51
N GLY C 123 29.73 -73.33 57.15
CA GLY C 123 28.41 -72.74 57.16
C GLY C 123 27.58 -73.18 55.96
N GLU C 124 28.26 -73.40 54.84
CA GLU C 124 27.62 -73.80 53.60
C GLU C 124 27.10 -75.22 53.75
N PHE C 125 28.00 -76.16 54.02
CA PHE C 125 27.59 -77.54 54.29
C PHE C 125 26.48 -77.66 55.33
N GLU C 126 26.53 -76.81 56.35
CA GLU C 126 25.61 -76.96 57.46
C GLU C 126 24.23 -76.41 57.13
N ALA C 127 24.18 -75.31 56.38
CA ALA C 127 22.93 -74.81 55.84
C ALA C 127 22.28 -75.87 54.96
N GLY C 128 23.09 -76.46 54.08
CA GLY C 128 22.66 -77.51 53.18
C GLY C 128 21.99 -78.65 53.88
N MET C 129 22.60 -79.13 54.95
CA MET C 129 22.07 -80.30 55.67
C MET C 129 21.11 -79.95 56.81
N SER C 130 20.92 -78.66 57.04
CA SER C 130 19.99 -78.20 58.08
C SER C 130 18.59 -78.71 57.80
N THR C 131 17.69 -78.51 58.76
CA THR C 131 16.37 -79.11 58.69
C THR C 131 15.56 -78.57 57.51
N GLU C 132 15.87 -77.35 57.06
CA GLU C 132 15.15 -76.75 55.93
C GLU C 132 16.01 -76.52 54.70
N GLY C 133 17.09 -77.28 54.58
CA GLY C 133 18.08 -77.11 53.52
C GLY C 133 17.90 -78.15 52.44
N GLN C 134 18.53 -77.97 51.29
CA GLN C 134 18.18 -78.84 50.18
C GLN C 134 19.28 -79.79 49.75
N THR C 135 20.32 -79.91 50.56
CA THR C 135 21.13 -81.11 50.49
C THR C 135 20.22 -82.19 51.03
N ARG C 136 19.51 -81.81 52.08
CA ARG C 136 18.58 -82.69 52.76
C ARG C 136 17.38 -82.96 51.85
N GLU C 137 16.78 -81.89 51.32
CA GLU C 137 15.56 -82.05 50.55
C GLU C 137 15.83 -82.76 49.24
N HIS C 138 16.84 -82.33 48.49
CA HIS C 138 17.08 -82.99 47.22
C HIS C 138 17.38 -84.48 47.41
N LEU C 139 18.03 -84.85 48.51
CA LEU C 139 18.24 -86.27 48.78
C LEU C 139 16.90 -86.97 48.99
N LEU C 140 16.08 -86.42 49.89
CA LEU C 140 14.72 -86.90 50.09
C LEU C 140 14.01 -87.03 48.76
N LEU C 141 13.96 -85.93 48.01
CA LEU C 141 13.20 -85.88 46.76
C LEU C 141 13.76 -86.83 45.70
N ALA C 142 15.08 -86.93 45.60
CA ALA C 142 15.71 -87.88 44.67
C ALA C 142 15.24 -89.30 44.95
N ARG C 143 15.18 -89.66 46.22
CA ARG C 143 14.80 -91.02 46.59
C ARG C 143 13.33 -91.28 46.34
N THR C 144 12.47 -90.34 46.73
CA THR C 144 11.03 -90.58 46.58
C THR C 144 10.69 -90.59 45.10
N MET C 145 11.51 -89.93 44.29
CA MET C 145 11.31 -89.96 42.84
C MET C 145 11.88 -91.23 42.18
N GLY C 146 12.58 -92.06 42.95
CA GLY C 146 13.09 -93.33 42.43
C GLY C 146 14.49 -93.33 41.84
N ILE C 147 15.38 -92.55 42.45
CA ILE C 147 16.78 -92.61 42.08
C ILE C 147 17.55 -93.43 43.12
N GLU C 148 18.12 -94.54 42.67
CA GLU C 148 18.87 -95.41 43.57
C GLU C 148 20.39 -95.22 43.36
N GLN C 149 20.78 -94.87 42.14
CA GLN C 149 22.17 -94.58 41.83
C GLN C 149 22.55 -93.13 42.08
N ILE C 150 23.48 -92.91 43.01
CA ILE C 150 23.95 -91.56 43.30
C ILE C 150 25.47 -91.46 43.47
N ILE C 151 26.02 -90.38 42.93
CA ILE C 151 27.41 -89.97 43.12
C ILE C 151 27.39 -88.66 43.90
N VAL C 152 28.09 -88.58 45.02
CA VAL C 152 28.11 -87.31 45.72
C VAL C 152 29.47 -86.66 45.61
N ALA C 153 29.44 -85.40 45.19
CA ALA C 153 30.63 -84.58 45.05
C ALA C 153 30.78 -83.65 46.26
N VAL C 154 31.83 -83.85 47.05
CA VAL C 154 32.16 -82.92 48.12
C VAL C 154 32.93 -81.78 47.48
N ASN C 155 32.26 -80.66 47.26
CA ASN C 155 32.80 -79.63 46.38
C ASN C 155 33.47 -78.47 47.14
N LYS C 156 34.12 -77.58 46.37
CA LYS C 156 34.74 -76.37 46.89
C LYS C 156 35.91 -76.70 47.81
N MET C 157 36.65 -77.73 47.44
CA MET C 157 37.82 -78.17 48.17
C MET C 157 38.88 -77.08 48.21
N ASP C 158 39.04 -76.38 47.08
CA ASP C 158 40.08 -75.39 46.92
C ASP C 158 39.88 -74.19 47.83
N ALA C 159 38.64 -73.95 48.22
CA ALA C 159 38.30 -72.78 49.04
C ALA C 159 39.16 -72.69 50.31
N PRO C 160 39.61 -71.47 50.62
CA PRO C 160 40.50 -71.21 51.76
C PRO C 160 40.08 -71.89 53.04
N ASP C 161 38.81 -71.75 53.43
CA ASP C 161 38.33 -72.31 54.69
C ASP C 161 38.23 -73.85 54.68
N VAL C 162 38.52 -74.45 53.53
CA VAL C 162 38.50 -75.91 53.41
C VAL C 162 39.92 -76.41 53.18
N ASN C 163 40.53 -75.87 52.13
CA ASN C 163 41.91 -76.15 51.77
C ASN C 163 42.27 -77.64 51.75
N TYR C 164 41.60 -78.41 50.90
CA TYR C 164 41.94 -79.80 50.64
C TYR C 164 42.08 -80.66 51.90
N ASP C 165 41.45 -80.21 52.99
CA ASP C 165 41.57 -80.87 54.28
C ASP C 165 40.77 -82.17 54.37
N GLN C 166 41.47 -83.26 54.62
CA GLN C 166 40.83 -84.57 54.70
C GLN C 166 39.92 -84.66 55.92
N LYS C 167 40.12 -83.78 56.90
CA LYS C 167 39.28 -83.79 58.09
C LYS C 167 37.88 -83.26 57.78
N ARG C 168 37.79 -82.12 57.09
CA ARG C 168 36.49 -81.54 56.74
C ARG C 168 35.71 -82.52 55.86
N TYR C 169 36.39 -83.05 54.84
CA TYR C 169 35.81 -84.05 53.96
C TYR C 169 35.24 -85.24 54.71
N GLU C 170 36.03 -85.78 55.64
CA GLU C 170 35.66 -86.94 56.45
C GLU C 170 34.41 -86.63 57.27
N PHE C 171 34.37 -85.43 57.85
CA PHE C 171 33.21 -84.99 58.61
C PHE C 171 31.93 -84.90 57.74
N VAL C 172 32.03 -84.29 56.55
CA VAL C 172 30.83 -84.12 55.73
C VAL C 172 30.35 -85.46 55.21
N VAL C 173 31.26 -86.36 54.86
CA VAL C 173 30.85 -87.68 54.42
C VAL C 173 30.17 -88.40 55.58
N SER C 174 30.65 -88.14 56.79
CA SER C 174 30.05 -88.73 57.97
C SER C 174 28.63 -88.27 58.14
N VAL C 175 28.44 -86.96 58.04
CA VAL C 175 27.13 -86.37 58.25
C VAL C 175 26.17 -86.85 57.16
N LEU C 176 26.64 -86.80 55.91
CA LEU C 176 25.86 -87.26 54.78
C LEU C 176 25.47 -88.71 54.95
N LYS C 177 26.43 -89.52 55.39
CA LYS C 177 26.28 -90.95 55.36
C LYS C 177 25.22 -91.42 56.33
N LYS C 178 25.14 -90.76 57.48
CA LYS C 178 24.10 -91.13 58.43
C LYS C 178 22.75 -90.90 57.79
N PHE C 179 22.47 -89.64 57.45
CA PHE C 179 21.19 -89.27 56.85
C PHE C 179 20.86 -90.11 55.62
N MET C 180 21.81 -90.28 54.72
CA MET C 180 21.56 -91.07 53.51
C MET C 180 21.21 -92.53 53.78
N LYS C 181 21.84 -93.12 54.78
CA LYS C 181 21.52 -94.48 55.17
C LYS C 181 20.09 -94.53 55.71
N GLY C 182 19.67 -93.48 56.42
CA GLY C 182 18.31 -93.36 56.92
C GLY C 182 17.25 -93.28 55.83
N LEU C 183 17.64 -92.79 54.65
CA LEU C 183 16.73 -92.80 53.52
C LEU C 183 16.63 -94.19 52.92
N GLY C 184 17.68 -94.98 53.09
CA GLY C 184 17.68 -96.35 52.63
C GLY C 184 18.64 -96.61 51.49
N TYR C 185 19.55 -95.66 51.28
CA TYR C 185 20.65 -95.89 50.37
C TYR C 185 21.63 -96.83 51.04
N GLN C 186 22.24 -97.71 50.25
CA GLN C 186 23.41 -98.42 50.73
C GLN C 186 24.63 -97.56 50.42
N VAL C 187 25.08 -96.84 51.44
CA VAL C 187 26.11 -95.83 51.29
C VAL C 187 27.48 -96.43 51.04
N ASP C 188 27.68 -97.66 51.52
CA ASP C 188 28.87 -98.46 51.25
C ASP C 188 29.26 -98.42 49.79
N LYS C 189 28.26 -98.34 48.92
CA LYS C 189 28.45 -98.53 47.50
C LYS C 189 28.39 -97.24 46.67
N ILE C 190 28.35 -96.06 47.30
CA ILE C 190 28.35 -94.84 46.50
C ILE C 190 29.57 -93.97 46.76
N PRO C 191 30.16 -93.45 45.67
CA PRO C 191 31.38 -92.67 45.73
C PRO C 191 31.16 -91.34 46.42
N PHE C 192 32.24 -90.70 46.83
CA PHE C 192 32.19 -89.45 47.58
C PHE C 192 33.40 -88.63 47.16
N ILE C 193 33.45 -88.27 45.88
CA ILE C 193 34.60 -87.58 45.30
C ILE C 193 34.84 -86.18 45.87
N PRO C 194 35.94 -86.00 46.61
CA PRO C 194 36.29 -84.63 46.99
C PRO C 194 36.79 -83.85 45.79
N VAL C 195 36.03 -82.87 45.32
CA VAL C 195 36.38 -82.20 44.07
C VAL C 195 36.51 -80.70 44.22
N SER C 196 36.83 -80.07 43.11
CA SER C 196 36.76 -78.63 42.99
C SER C 196 36.16 -78.33 41.64
N ALA C 197 34.91 -77.89 41.63
CA ALA C 197 34.24 -77.51 40.39
C ALA C 197 34.99 -76.34 39.77
N TRP C 198 35.55 -75.49 40.63
CA TRP C 198 36.19 -74.26 40.16
C TRP C 198 37.55 -74.50 39.52
N LYS C 199 38.42 -75.23 40.20
CA LYS C 199 39.79 -75.44 39.73
C LYS C 199 39.92 -76.67 38.86
N GLY C 200 39.06 -77.67 39.08
CA GLY C 200 39.05 -78.85 38.24
C GLY C 200 39.60 -80.10 38.90
N ASP C 201 39.79 -80.03 40.22
CA ASP C 201 40.34 -81.16 40.97
C ASP C 201 39.40 -82.35 40.95
N ASN C 202 39.94 -83.49 40.50
CA ASN C 202 39.28 -84.79 40.57
C ASN C 202 38.09 -84.98 39.64
N LEU C 203 37.92 -84.05 38.71
CA LEU C 203 36.84 -84.15 37.72
C LEU C 203 37.15 -85.22 36.67
N ILE C 204 38.27 -85.08 35.98
CA ILE C 204 38.71 -86.11 35.02
C ILE C 204 40.00 -86.79 35.50
N GLU C 205 40.82 -86.02 36.20
CA GLU C 205 42.18 -86.42 36.51
C GLU C 205 42.44 -86.35 38.02
N ARG C 206 43.24 -87.27 38.54
CA ARG C 206 43.62 -87.25 39.95
C ARG C 206 44.12 -85.88 40.41
N SER C 207 43.88 -85.54 41.67
CA SER C 207 44.26 -84.24 42.17
C SER C 207 45.58 -84.27 42.92
N PRO C 208 46.58 -83.52 42.41
CA PRO C 208 47.88 -83.31 43.04
C PRO C 208 47.76 -82.72 44.43
N ASN C 209 46.65 -82.04 44.70
CA ASN C 209 46.46 -81.42 45.99
C ASN C 209 45.78 -82.34 46.98
N MET C 210 45.27 -83.46 46.49
CA MET C 210 44.58 -84.40 47.38
C MET C 210 45.07 -85.83 47.17
N PRO C 211 46.31 -86.10 47.62
CA PRO C 211 46.94 -87.42 47.50
C PRO C 211 46.30 -88.40 48.46
N TRP C 212 45.67 -87.86 49.50
CA TRP C 212 45.04 -88.65 50.56
C TRP C 212 43.75 -89.31 50.11
N TYR C 213 43.25 -88.93 48.94
CA TYR C 213 41.96 -89.44 48.51
C TYR C 213 42.06 -90.85 47.92
N ASN C 214 42.56 -90.95 46.69
CA ASN C 214 42.74 -92.25 46.03
C ASN C 214 41.48 -93.13 45.94
N GLY C 215 40.39 -92.55 45.43
CA GLY C 215 39.17 -93.26 45.09
C GLY C 215 38.83 -92.83 43.69
N PRO C 216 37.61 -93.13 43.21
CA PRO C 216 37.26 -92.81 41.82
C PRO C 216 37.29 -91.31 41.55
N THR C 217 37.67 -90.88 40.35
CA THR C 217 37.48 -89.50 39.96
C THR C 217 36.03 -89.39 39.56
N LEU C 218 35.58 -88.21 39.15
CA LEU C 218 34.16 -88.04 38.79
C LEU C 218 33.82 -88.78 37.49
N VAL C 219 34.68 -88.70 36.49
CA VAL C 219 34.45 -89.44 35.24
C VAL C 219 34.51 -90.93 35.53
N GLU C 220 35.45 -91.32 36.38
CA GLU C 220 35.62 -92.73 36.71
C GLU C 220 34.38 -93.27 37.41
N ALA C 221 33.79 -92.43 38.25
CA ALA C 221 32.57 -92.77 38.98
C ALA C 221 31.36 -92.91 38.03
N LEU C 222 31.30 -92.03 37.04
CA LEU C 222 30.27 -92.10 36.01
C LEU C 222 30.35 -93.44 35.28
N ASP C 223 31.54 -93.79 34.83
CA ASP C 223 31.75 -95.03 34.10
C ASP C 223 31.45 -96.25 34.96
N GLN C 224 31.46 -96.06 36.28
CA GLN C 224 31.16 -97.15 37.22
C GLN C 224 29.67 -97.31 37.50
N LEU C 225 28.82 -96.54 36.82
CA LEU C 225 27.37 -96.66 36.96
C LEU C 225 26.84 -97.96 36.33
N GLN C 226 25.52 -98.08 36.23
CA GLN C 226 24.90 -99.24 35.58
C GLN C 226 23.47 -98.91 35.11
N PRO C 227 23.23 -99.00 33.79
CA PRO C 227 21.92 -98.59 33.25
C PRO C 227 20.79 -99.45 33.78
N PRO C 228 19.57 -98.90 33.84
CA PRO C 228 18.46 -99.67 34.40
C PRO C 228 17.66 -100.40 33.32
N ALA C 229 16.93 -101.43 33.73
CA ALA C 229 16.03 -102.17 32.84
C ALA C 229 15.14 -101.24 32.04
N LYS C 230 14.84 -101.64 30.81
CA LYS C 230 14.04 -100.81 29.90
C LYS C 230 12.64 -101.40 29.79
N PRO C 231 11.68 -100.81 30.52
CA PRO C 231 10.32 -101.36 30.56
C PRO C 231 9.49 -101.08 29.29
N VAL C 232 9.97 -101.56 28.15
CA VAL C 232 9.09 -101.69 27.00
C VAL C 232 8.13 -102.85 27.35
N ASP C 233 7.02 -102.95 26.62
CA ASP C 233 5.94 -103.92 26.81
C ASP C 233 4.96 -103.43 27.88
N LYS C 234 5.29 -102.32 28.50
CA LYS C 234 4.30 -101.50 29.17
C LYS C 234 3.93 -100.45 28.15
N PRO C 235 2.70 -99.91 28.23
CA PRO C 235 2.22 -98.92 27.26
C PRO C 235 3.11 -97.67 27.16
N LEU C 236 3.12 -97.00 26.02
CA LEU C 236 3.95 -95.80 25.87
C LEU C 236 3.51 -94.73 26.88
N ARG C 237 4.49 -94.18 27.60
CA ARG C 237 4.26 -93.01 28.45
C ARG C 237 5.39 -92.01 28.27
N ILE C 238 5.08 -90.81 27.80
CA ILE C 238 6.07 -89.74 27.72
C ILE C 238 5.60 -88.48 28.42
N PRO C 239 5.95 -88.33 29.71
CA PRO C 239 5.71 -87.08 30.45
C PRO C 239 6.37 -85.91 29.74
N VAL C 240 5.63 -84.87 29.39
CA VAL C 240 6.26 -83.81 28.66
C VAL C 240 6.87 -82.81 29.62
N GLN C 241 8.14 -82.54 29.38
CA GLN C 241 8.95 -81.69 30.21
C GLN C 241 8.83 -80.25 29.75
N ASN C 242 8.55 -80.08 28.46
CA ASN C 242 8.47 -78.76 27.84
C ASN C 242 7.85 -78.87 26.45
N VAL C 243 7.37 -77.75 25.93
CA VAL C 243 6.79 -77.72 24.59
C VAL C 243 7.25 -76.50 23.81
N TYR C 244 7.99 -76.74 22.73
CA TYR C 244 8.52 -75.68 21.92
C TYR C 244 7.76 -75.59 20.61
N SER C 245 7.91 -74.46 19.94
CA SER C 245 7.37 -74.31 18.60
C SER C 245 8.54 -73.97 17.69
N ILE C 246 9.00 -74.97 16.93
CA ILE C 246 10.27 -74.88 16.22
C ILE C 246 10.13 -74.72 14.71
N PRO C 247 10.80 -73.71 14.13
CA PRO C 247 10.80 -73.54 12.68
C PRO C 247 11.35 -74.76 11.97
N GLY C 248 10.63 -75.25 10.97
CA GLY C 248 11.06 -76.41 10.22
C GLY C 248 10.52 -77.70 10.81
N ALA C 249 9.64 -77.60 11.80
CA ALA C 249 9.18 -78.80 12.50
C ALA C 249 7.79 -78.66 13.08
N GLY C 250 7.46 -77.48 13.57
CA GLY C 250 6.15 -77.26 14.14
C GLY C 250 6.23 -77.30 15.65
N THR C 251 5.16 -77.79 16.28
CA THR C 251 5.20 -77.87 17.73
C THR C 251 5.87 -79.19 18.10
N VAL C 252 6.86 -79.13 18.97
CA VAL C 252 7.51 -80.35 19.43
C VAL C 252 7.58 -80.35 20.98
N PRO C 253 6.86 -81.28 21.59
CA PRO C 253 7.03 -81.53 23.01
C PRO C 253 8.39 -82.20 23.22
N VAL C 254 8.94 -82.03 24.41
CA VAL C 254 10.19 -82.63 24.77
C VAL C 254 9.91 -83.44 26.04
N GLY C 255 10.51 -84.60 26.14
CA GLY C 255 10.41 -85.34 27.38
C GLY C 255 11.16 -86.64 27.34
N ARG C 256 11.16 -87.35 28.46
CA ARG C 256 11.84 -88.62 28.54
C ARG C 256 10.85 -89.77 28.45
N VAL C 257 11.11 -90.70 27.52
CA VAL C 257 10.33 -91.92 27.40
C VAL C 257 10.50 -92.78 28.64
N GLU C 258 9.40 -93.09 29.31
CA GLU C 258 9.41 -93.87 30.54
C GLU C 258 9.09 -95.33 30.29
N THR C 259 8.05 -95.56 29.50
CA THR C 259 7.66 -96.91 29.15
C THR C 259 7.34 -96.97 27.66
N GLY C 260 7.38 -98.17 27.10
CA GLY C 260 6.87 -98.39 25.75
C GLY C 260 7.77 -97.84 24.66
N VAL C 261 7.25 -97.80 23.44
CA VAL C 261 8.09 -97.40 22.33
C VAL C 261 7.37 -96.44 21.39
N LEU C 262 8.04 -95.34 21.06
CA LEU C 262 7.53 -94.35 20.14
C LEU C 262 8.24 -94.45 18.80
N ARG C 263 7.49 -94.46 17.71
CA ARG C 263 8.14 -94.40 16.42
C ARG C 263 7.43 -93.45 15.45
N VAL C 264 8.20 -92.92 14.52
CA VAL C 264 7.68 -91.95 13.58
C VAL C 264 6.47 -92.53 12.87
N GLY C 265 5.47 -91.68 12.65
CA GLY C 265 4.23 -92.11 12.07
C GLY C 265 3.18 -92.50 13.10
N ASP C 266 3.60 -92.77 14.34
CA ASP C 266 2.66 -93.10 15.41
C ASP C 266 1.62 -92.02 15.71
N LYS C 267 0.41 -92.47 16.02
CA LYS C 267 -0.63 -91.58 16.50
C LYS C 267 -0.55 -91.54 18.02
N VAL C 268 -0.42 -90.33 18.53
CA VAL C 268 -0.10 -90.15 19.92
C VAL C 268 -1.17 -89.23 20.57
N VAL C 269 -1.58 -89.55 21.80
CA VAL C 269 -2.55 -88.70 22.51
C VAL C 269 -1.94 -88.07 23.78
N PHE C 270 -2.24 -86.80 24.00
CA PHE C 270 -1.70 -86.07 25.13
C PHE C 270 -2.76 -85.95 26.19
N MET C 271 -2.54 -86.63 27.30
CA MET C 271 -3.49 -86.62 28.39
C MET C 271 -2.96 -85.71 29.50
N PRO C 272 -3.84 -84.98 30.22
CA PRO C 272 -5.30 -84.88 30.19
C PRO C 272 -6.02 -84.12 29.04
N PRO C 273 -5.32 -83.30 28.22
CA PRO C 273 -6.15 -82.53 27.26
C PRO C 273 -7.00 -83.37 26.30
N GLY C 274 -6.51 -84.52 25.90
CA GLY C 274 -7.19 -85.32 24.90
C GLY C 274 -6.86 -84.96 23.46
N VAL C 275 -5.77 -84.22 23.23
CA VAL C 275 -5.42 -83.85 21.86
C VAL C 275 -4.59 -84.95 21.19
N VAL C 276 -5.01 -85.33 19.99
CA VAL C 276 -4.35 -86.39 19.26
C VAL C 276 -3.49 -85.76 18.17
N GLY C 277 -2.36 -86.39 17.87
CA GLY C 277 -1.49 -85.92 16.81
C GLY C 277 -0.64 -86.99 16.17
N GLU C 278 -0.04 -86.68 15.02
CA GLU C 278 0.83 -87.65 14.37
C GLU C 278 2.29 -87.24 14.54
N VAL C 279 3.13 -88.22 14.78
CA VAL C 279 4.53 -87.96 15.00
C VAL C 279 5.25 -87.88 13.66
N ARG C 280 5.70 -86.68 13.32
CA ARG C 280 6.35 -86.45 12.06
C ARG C 280 7.83 -86.77 12.12
N SER C 281 8.38 -86.80 13.34
CA SER C 281 9.82 -87.00 13.54
C SER C 281 10.20 -87.09 15.01
N ILE C 282 11.39 -87.62 15.27
CA ILE C 282 11.92 -87.73 16.61
C ILE C 282 13.38 -87.29 16.60
N GLU C 283 13.84 -86.67 17.68
CA GLU C 283 15.22 -86.20 17.72
C GLU C 283 15.81 -86.25 19.12
N MET C 284 16.95 -86.93 19.27
CA MET C 284 17.67 -86.95 20.54
C MET C 284 19.08 -86.44 20.32
N HIS C 285 19.45 -85.36 21.00
CA HIS C 285 20.76 -84.72 20.82
C HIS C 285 21.06 -84.38 19.37
N TYR C 286 20.14 -83.66 18.73
CA TYR C 286 20.32 -83.23 17.35
C TYR C 286 20.48 -84.39 16.37
N GLN C 287 20.14 -85.60 16.79
CA GLN C 287 20.22 -86.75 15.89
C GLN C 287 18.84 -87.14 15.42
N GLN C 288 18.73 -87.67 14.21
CA GLN C 288 17.43 -88.13 13.73
C GLN C 288 17.20 -89.58 14.18
N LEU C 289 16.03 -89.85 14.75
CA LEU C 289 15.70 -91.21 15.21
C LEU C 289 14.42 -91.71 14.55
N GLN C 290 14.33 -93.02 14.33
CA GLN C 290 13.14 -93.58 13.71
C GLN C 290 12.19 -94.05 14.79
N GLN C 291 12.78 -94.48 15.91
CA GLN C 291 12.03 -94.75 17.12
C GLN C 291 12.79 -94.25 18.36
N ALA C 292 12.06 -94.22 19.48
CA ALA C 292 12.64 -93.88 20.77
C ALA C 292 12.23 -94.95 21.76
N GLU C 293 13.15 -95.29 22.64
CA GLU C 293 12.94 -96.36 23.62
C GLU C 293 12.88 -95.80 25.03
N PRO C 294 12.41 -96.60 26.00
CA PRO C 294 12.44 -96.10 27.37
C PRO C 294 13.84 -95.67 27.77
N GLY C 295 13.99 -94.43 28.22
CA GLY C 295 15.28 -93.89 28.63
C GLY C 295 15.71 -92.78 27.71
N ASP C 296 15.16 -92.77 26.51
CA ASP C 296 15.53 -91.75 25.53
C ASP C 296 14.98 -90.38 25.92
N ASN C 297 15.81 -89.35 25.84
CA ASN C 297 15.33 -88.02 26.13
C ASN C 297 15.17 -87.26 24.82
N ILE C 298 13.93 -87.18 24.35
CA ILE C 298 13.63 -86.77 22.97
C ILE C 298 12.77 -85.53 22.80
N GLY C 299 12.81 -84.97 21.60
CA GLY C 299 11.81 -84.03 21.15
C GLY C 299 11.08 -84.70 19.99
N PHE C 300 9.77 -84.50 19.88
CA PHE C 300 9.05 -85.10 18.77
C PHE C 300 8.01 -84.17 18.18
N ALA C 301 8.02 -84.03 16.86
CA ALA C 301 7.10 -83.11 16.22
C ALA C 301 5.75 -83.78 16.09
N VAL C 302 4.70 -83.05 16.45
CA VAL C 302 3.35 -83.61 16.39
C VAL C 302 2.47 -82.80 15.43
N ARG C 303 1.94 -83.51 14.45
CA ARG C 303 1.15 -82.90 13.40
C ARG C 303 -0.21 -82.45 13.93
N GLY C 304 -0.59 -81.19 13.67
CA GLY C 304 -1.93 -80.73 14.02
C GLY C 304 -2.22 -80.66 15.51
N VAL C 305 -1.20 -80.29 16.27
CA VAL C 305 -1.32 -80.03 17.69
C VAL C 305 -0.64 -78.71 17.95
N SER C 306 -1.37 -77.79 18.56
CA SER C 306 -0.84 -76.45 18.78
C SER C 306 -0.06 -76.39 20.07
N LYS C 307 0.90 -75.47 20.12
CA LYS C 307 1.65 -75.22 21.35
C LYS C 307 0.70 -74.86 22.49
N SER C 308 -0.45 -74.30 22.15
CA SER C 308 -1.45 -73.88 23.12
C SER C 308 -2.25 -75.04 23.68
N ASP C 309 -2.10 -76.24 23.10
CA ASP C 309 -2.95 -77.38 23.46
C ASP C 309 -2.35 -78.22 24.57
N ILE C 310 -1.03 -78.20 24.65
CA ILE C 310 -0.33 -79.09 25.57
C ILE C 310 0.70 -78.31 26.35
N LYS C 311 1.19 -78.89 27.44
CA LYS C 311 2.16 -78.21 28.29
C LYS C 311 2.88 -79.20 29.17
N ARG C 312 3.89 -78.70 29.89
CA ARG C 312 4.54 -79.46 30.94
C ARG C 312 3.50 -80.10 31.84
N GLY C 313 3.71 -81.36 32.18
CA GLY C 313 2.75 -82.06 33.02
C GLY C 313 1.81 -83.00 32.27
N ASP C 314 1.54 -82.72 31.01
CA ASP C 314 0.71 -83.64 30.23
C ASP C 314 1.53 -84.93 29.97
N VAL C 315 0.86 -86.04 29.69
CA VAL C 315 1.60 -87.25 29.32
C VAL C 315 1.13 -87.78 27.95
N ALA C 316 2.09 -88.05 27.07
CA ALA C 316 1.79 -88.66 25.78
C ALA C 316 1.78 -90.19 25.89
N GLY C 317 0.88 -90.81 25.13
CA GLY C 317 0.77 -92.26 25.03
C GLY C 317 0.09 -92.60 23.72
N HIS C 318 -0.20 -93.88 23.50
CA HIS C 318 -0.94 -94.32 22.31
C HIS C 318 -2.44 -94.34 22.58
N LEU C 319 -3.24 -94.24 21.52
CA LEU C 319 -4.69 -94.06 21.65
C LEU C 319 -5.39 -95.25 22.32
N ASP C 320 -4.91 -96.45 22.08
CA ASP C 320 -5.64 -97.61 22.52
C ASP C 320 -5.37 -97.84 24.00
N LYS C 321 -4.24 -97.31 24.46
CA LYS C 321 -3.85 -97.39 25.87
C LYS C 321 -3.38 -96.03 26.40
N PRO C 322 -4.32 -95.09 26.56
CA PRO C 322 -3.92 -93.71 26.86
C PRO C 322 -3.51 -93.55 28.30
N PRO C 323 -2.75 -92.49 28.62
CA PRO C 323 -2.39 -92.24 30.02
C PRO C 323 -3.64 -92.05 30.88
N THR C 324 -3.71 -92.74 32.00
CA THR C 324 -4.84 -92.61 32.93
C THR C 324 -4.97 -91.17 33.44
N VAL C 325 -6.19 -90.64 33.41
CA VAL C 325 -6.49 -89.36 34.07
C VAL C 325 -7.28 -89.58 35.34
N ALA C 326 -6.75 -89.06 36.45
CA ALA C 326 -7.31 -89.39 37.74
C ALA C 326 -8.32 -88.38 38.20
N GLU C 327 -9.59 -88.75 38.20
CA GLU C 327 -10.57 -87.89 38.82
C GLU C 327 -10.31 -87.92 40.35
N GLU C 328 -10.08 -89.11 40.91
CA GLU C 328 -9.64 -89.28 42.29
C GLU C 328 -8.54 -90.33 42.31
N PHE C 329 -7.62 -90.27 43.27
CA PHE C 329 -6.67 -91.37 43.43
C PHE C 329 -6.39 -91.68 44.90
N GLU C 330 -6.08 -92.95 45.16
CA GLU C 330 -5.73 -93.43 46.49
C GLU C 330 -4.20 -93.57 46.59
N ALA C 331 -3.63 -93.26 47.74
CA ALA C 331 -2.18 -93.37 47.92
C ALA C 331 -1.85 -93.85 49.30
N ARG C 332 -0.74 -94.59 49.40
CA ARG C 332 -0.11 -94.78 50.70
C ARG C 332 0.92 -93.66 50.83
N ILE C 333 0.79 -92.90 51.89
CA ILE C 333 1.65 -91.77 52.09
C ILE C 333 2.35 -91.84 53.44
N PHE C 334 3.34 -90.98 53.58
CA PHE C 334 4.09 -90.85 54.80
C PHE C 334 4.29 -89.36 55.03
N VAL C 335 3.97 -88.86 56.22
CA VAL C 335 4.15 -87.44 56.48
C VAL C 335 5.55 -87.18 57.00
N ILE C 336 6.36 -86.51 56.19
CA ILE C 336 7.71 -86.16 56.59
C ILE C 336 7.71 -85.02 57.61
N TRP C 337 6.93 -83.99 57.32
CA TRP C 337 6.95 -82.80 58.14
C TRP C 337 5.65 -82.02 58.01
N HIS C 338 5.19 -81.46 59.11
CA HIS C 338 4.01 -80.60 59.09
C HIS C 338 3.84 -79.93 60.46
N PRO C 339 3.62 -78.61 60.46
CA PRO C 339 3.61 -77.85 61.71
C PRO C 339 2.49 -78.26 62.67
N SER C 340 1.47 -78.94 62.20
CA SER C 340 0.38 -79.27 63.10
C SER C 340 -0.28 -80.58 62.75
N ALA C 341 -1.53 -80.48 62.30
CA ALA C 341 -2.31 -81.65 61.92
C ALA C 341 -2.72 -81.58 60.46
N ILE C 342 -2.72 -82.74 59.80
CA ILE C 342 -3.21 -82.86 58.43
C ILE C 342 -4.59 -83.46 58.53
N THR C 343 -5.54 -82.91 57.77
CA THR C 343 -6.94 -83.24 57.97
C THR C 343 -7.65 -83.32 56.63
N VAL C 344 -8.82 -83.96 56.59
CA VAL C 344 -9.61 -83.97 55.37
C VAL C 344 -9.79 -82.52 54.93
N GLY C 345 -9.54 -82.25 53.66
CA GLY C 345 -9.64 -80.88 53.18
C GLY C 345 -8.29 -80.25 52.93
N TYR C 346 -7.27 -80.77 53.59
CA TYR C 346 -5.89 -80.37 53.33
C TYR C 346 -5.58 -80.53 51.83
N THR C 347 -4.99 -79.50 51.23
CA THR C 347 -4.74 -79.50 49.79
C THR C 347 -3.31 -79.10 49.42
N PRO C 348 -2.38 -80.06 49.50
CA PRO C 348 -0.99 -79.85 49.09
C PRO C 348 -0.86 -79.97 47.59
N VAL C 349 0.25 -79.53 47.03
CA VAL C 349 0.47 -79.81 45.62
C VAL C 349 1.19 -81.15 45.53
N ILE C 350 0.72 -81.95 44.58
CA ILE C 350 1.22 -83.27 44.27
C ILE C 350 2.18 -83.14 43.10
N HIS C 351 3.42 -83.56 43.30
CA HIS C 351 4.43 -83.58 42.25
C HIS C 351 4.65 -85.01 41.79
N VAL C 352 4.14 -85.33 40.61
CA VAL C 352 4.36 -86.61 39.95
C VAL C 352 4.90 -86.40 38.57
N HIS C 353 5.76 -87.32 38.14
CA HIS C 353 6.53 -87.20 36.92
C HIS C 353 6.84 -85.75 36.67
N THR C 354 6.30 -85.17 35.61
CA THR C 354 6.59 -83.77 35.27
C THR C 354 5.53 -82.80 35.77
N ALA C 355 4.44 -83.34 36.32
CA ALA C 355 3.30 -82.52 36.73
C ALA C 355 3.39 -82.02 38.17
N SER C 356 2.74 -80.90 38.41
CA SER C 356 2.52 -80.43 39.76
C SER C 356 1.11 -79.88 39.87
N VAL C 357 0.26 -80.62 40.56
CA VAL C 357 -1.14 -80.28 40.61
C VAL C 357 -1.65 -80.40 42.05
N SER C 358 -2.36 -79.37 42.52
CA SER C 358 -2.88 -79.38 43.88
C SER C 358 -4.01 -80.41 44.02
N SER C 359 -4.05 -81.14 45.13
CA SER C 359 -5.12 -82.12 45.30
C SER C 359 -5.62 -82.17 46.72
N ARG C 360 -6.94 -82.27 46.87
CA ARG C 360 -7.57 -82.27 48.17
C ARG C 360 -7.68 -83.67 48.77
N ILE C 361 -7.31 -83.80 50.03
CA ILE C 361 -7.54 -85.05 50.76
C ILE C 361 -9.04 -85.18 51.01
N ILE C 362 -9.68 -86.18 50.41
CA ILE C 362 -11.11 -86.29 50.53
C ILE C 362 -11.45 -87.36 51.54
N GLU C 363 -10.47 -88.20 51.85
CA GLU C 363 -10.62 -89.14 52.94
C GLU C 363 -9.26 -89.59 53.46
N ILE C 364 -9.15 -89.70 54.79
CA ILE C 364 -8.06 -90.47 55.37
C ILE C 364 -8.59 -91.84 55.74
N LYS C 365 -8.49 -92.78 54.81
CA LYS C 365 -9.03 -94.12 55.03
C LYS C 365 -8.47 -94.81 56.28
N ALA C 366 -7.14 -94.78 56.44
CA ALA C 366 -6.51 -95.44 57.59
C ALA C 366 -5.24 -94.77 58.03
N LYS C 367 -4.90 -94.99 59.30
CA LYS C 367 -3.55 -94.75 59.79
C LYS C 367 -2.86 -96.09 59.83
N LEU C 368 -1.64 -96.18 59.32
CA LEU C 368 -0.96 -97.45 59.34
C LEU C 368 -0.02 -97.52 60.52
N ASP C 369 0.15 -98.72 61.05
CA ASP C 369 1.14 -98.99 62.09
C ASP C 369 2.52 -98.64 61.57
N PRO C 370 3.34 -97.99 62.40
CA PRO C 370 4.66 -97.49 62.00
C PRO C 370 5.68 -98.60 61.65
N LYS C 371 5.48 -99.79 62.19
CA LYS C 371 6.46 -100.85 62.00
C LYS C 371 6.00 -101.93 61.02
N THR C 372 4.72 -102.29 61.04
CA THR C 372 4.28 -103.41 60.25
C THR C 372 3.15 -103.08 59.26
N GLY C 373 2.70 -101.84 59.25
CA GLY C 373 1.82 -101.35 58.19
C GLY C 373 0.37 -101.81 58.09
N GLN C 374 -0.17 -102.49 59.09
CA GLN C 374 -1.61 -102.78 59.08
C GLN C 374 -2.38 -101.54 59.43
N VAL C 375 -3.67 -101.62 59.17
CA VAL C 375 -4.60 -100.58 59.54
C VAL C 375 -4.74 -100.64 61.03
N VAL C 376 -4.53 -99.49 61.63
CA VAL C 376 -4.46 -99.39 63.06
C VAL C 376 -5.59 -98.43 63.49
N GLU C 377 -6.16 -97.75 62.51
CA GLU C 377 -7.29 -96.87 62.74
C GLU C 377 -7.98 -96.45 61.43
N GLN C 378 -9.28 -96.69 61.33
CA GLN C 378 -10.03 -96.21 60.18
C GLN C 378 -10.52 -94.79 60.39
N ASN C 379 -10.34 -93.96 59.37
CA ASN C 379 -10.72 -92.54 59.41
C ASN C 379 -10.34 -91.81 60.69
N PRO C 380 -9.03 -91.75 61.00
CA PRO C 380 -8.54 -90.96 62.14
C PRO C 380 -8.80 -89.49 61.86
N GLN C 381 -9.07 -88.67 62.88
CA GLN C 381 -9.49 -87.30 62.55
C GLN C 381 -8.31 -86.52 61.97
N PHE C 382 -7.07 -86.89 62.30
CA PHE C 382 -5.93 -86.24 61.66
C PHE C 382 -4.67 -87.09 61.60
N LEU C 383 -3.73 -86.64 60.76
CA LEU C 383 -2.38 -87.20 60.68
C LEU C 383 -1.39 -86.16 61.13
N LYS C 384 -0.23 -86.62 61.60
CA LYS C 384 0.86 -85.71 61.96
C LYS C 384 2.18 -86.23 61.43
N ALA C 385 3.25 -85.44 61.57
CA ALA C 385 4.57 -85.88 61.11
C ALA C 385 4.95 -87.24 61.71
N GLY C 386 5.54 -88.08 60.88
CA GLY C 386 5.86 -89.46 61.26
C GLY C 386 4.74 -90.47 61.05
N ASP C 387 3.58 -90.04 60.57
CA ASP C 387 2.47 -90.97 60.31
C ASP C 387 2.49 -91.54 58.89
N ALA C 388 2.18 -92.81 58.80
CA ALA C 388 1.86 -93.48 57.56
C ALA C 388 0.34 -93.69 57.46
N ALA C 389 -0.22 -93.62 56.26
CA ALA C 389 -1.66 -93.56 56.12
C ALA C 389 -2.10 -93.95 54.73
N ILE C 390 -3.33 -94.45 54.60
CA ILE C 390 -3.92 -94.63 53.29
C ILE C 390 -4.88 -93.48 53.12
N VAL C 391 -4.70 -92.74 52.03
CA VAL C 391 -5.39 -91.47 51.84
C VAL C 391 -6.04 -91.41 50.45
N ARG C 392 -7.23 -90.82 50.33
CA ARG C 392 -7.80 -90.51 49.02
C ARG C 392 -7.68 -89.02 48.66
N PHE C 393 -7.21 -88.75 47.44
CA PHE C 393 -6.97 -87.41 46.94
C PHE C 393 -7.93 -87.07 45.81
N LYS C 394 -8.31 -85.81 45.71
CA LYS C 394 -9.01 -85.36 44.52
C LYS C 394 -8.27 -84.15 43.92
N PRO C 395 -7.55 -84.35 42.81
CA PRO C 395 -6.84 -83.27 42.11
C PRO C 395 -7.79 -82.14 41.77
N VAL C 396 -7.34 -80.89 41.91
CA VAL C 396 -8.24 -79.76 41.71
C VAL C 396 -8.24 -79.39 40.22
N LYS C 397 -7.29 -79.96 39.50
CA LYS C 397 -7.17 -79.85 38.05
C LYS C 397 -6.84 -81.25 37.50
N PRO C 398 -7.14 -81.53 36.21
CA PRO C 398 -6.90 -82.89 35.71
C PRO C 398 -5.42 -83.26 35.76
N LEU C 399 -5.16 -84.50 36.11
CA LEU C 399 -3.84 -84.93 36.48
C LEU C 399 -3.60 -86.35 36.02
N VAL C 400 -2.54 -86.57 35.24
CA VAL C 400 -2.20 -87.94 34.88
C VAL C 400 -1.41 -88.61 36.01
N VAL C 401 -1.98 -89.65 36.59
CA VAL C 401 -1.21 -90.53 37.47
C VAL C 401 -1.52 -91.97 37.17
N GLU C 402 -0.70 -92.85 37.70
CA GLU C 402 -0.77 -94.25 37.35
C GLU C 402 -0.52 -95.06 38.62
N LYS C 403 -1.17 -96.22 38.76
CA LYS C 403 -0.88 -97.10 39.90
C LYS C 403 0.61 -97.38 39.98
N PHE C 404 1.19 -97.24 41.17
CA PHE C 404 2.63 -97.47 41.36
C PHE C 404 3.07 -98.85 40.90
N SER C 405 2.17 -99.81 41.11
CA SER C 405 2.44 -101.19 40.79
C SER C 405 2.34 -101.50 39.30
N GLU C 406 1.97 -100.52 38.48
CA GLU C 406 1.92 -100.71 37.03
C GLU C 406 2.97 -99.87 36.35
N ILE C 407 2.94 -98.57 36.59
CA ILE C 407 3.96 -97.70 36.05
C ILE C 407 4.49 -96.80 37.15
N PRO C 408 5.39 -97.35 37.98
CA PRO C 408 5.90 -96.69 39.18
C PRO C 408 6.32 -95.25 38.95
N GLN C 409 6.95 -94.97 37.82
CA GLN C 409 7.49 -93.64 37.62
C GLN C 409 6.37 -92.60 37.48
N LEU C 410 5.18 -93.01 37.09
CA LEU C 410 4.03 -92.11 37.11
C LEU C 410 3.15 -92.31 38.35
N GLY C 411 3.69 -93.01 39.34
CA GLY C 411 2.88 -93.40 40.47
C GLY C 411 3.54 -93.21 41.81
N ARG C 412 4.62 -92.42 41.86
CA ARG C 412 5.30 -92.10 43.10
C ARG C 412 5.39 -90.58 43.14
N PHE C 413 5.17 -89.97 44.31
CA PHE C 413 5.05 -88.51 44.34
C PHE C 413 5.49 -87.85 45.64
N ALA C 414 5.63 -86.53 45.61
CA ALA C 414 5.98 -85.74 46.78
C ALA C 414 4.83 -84.82 47.10
N MET C 415 4.51 -84.65 48.38
CA MET C 415 3.48 -83.71 48.84
C MET C 415 4.12 -82.45 49.37
N ARG C 416 3.82 -81.32 48.74
CA ARG C 416 4.42 -80.06 49.18
C ARG C 416 3.37 -78.98 49.42
N ASP C 417 3.71 -78.07 50.32
CA ASP C 417 2.80 -77.00 50.69
C ASP C 417 3.65 -75.95 51.31
N MET C 418 3.40 -74.69 50.97
CA MET C 418 4.08 -73.58 51.63
C MET C 418 5.61 -73.64 51.51
N ASN C 419 6.12 -74.02 50.34
CA ASN C 419 7.56 -74.08 50.09
C ASN C 419 8.33 -75.14 50.88
N ARG C 420 7.62 -76.14 51.36
CA ARG C 420 8.22 -77.25 52.07
C ARG C 420 7.73 -78.59 51.51
N THR C 421 8.55 -79.61 51.68
CA THR C 421 8.11 -80.96 51.37
C THR C 421 7.46 -81.49 52.62
N VAL C 422 6.16 -81.76 52.54
CA VAL C 422 5.42 -82.25 53.68
C VAL C 422 5.41 -83.78 53.72
N GLY C 423 5.31 -84.41 52.55
CA GLY C 423 5.23 -85.85 52.52
C GLY C 423 5.60 -86.53 51.22
N ILE C 424 5.57 -87.85 51.24
CA ILE C 424 5.82 -88.64 50.05
C ILE C 424 4.76 -89.73 49.96
N GLY C 425 4.58 -90.31 48.79
CA GLY C 425 3.59 -91.36 48.64
C GLY C 425 3.70 -92.13 47.34
N ILE C 426 2.97 -93.25 47.26
CA ILE C 426 2.88 -94.04 46.04
C ILE C 426 1.41 -94.26 45.73
N VAL C 427 1.01 -94.18 44.47
CA VAL C 427 -0.43 -94.30 44.23
C VAL C 427 -0.82 -95.78 44.13
N THR C 428 -1.88 -96.11 44.87
CA THR C 428 -2.33 -97.49 45.04
C THR C 428 -3.59 -97.76 44.25
N ASP C 429 -4.36 -96.71 44.00
CA ASP C 429 -5.54 -96.86 43.17
C ASP C 429 -5.87 -95.57 42.44
N VAL C 430 -6.67 -95.69 41.38
CA VAL C 430 -7.00 -94.52 40.58
C VAL C 430 -8.42 -94.61 40.07
N LYS C 431 -9.20 -93.56 40.28
CA LYS C 431 -10.53 -93.48 39.67
C LYS C 431 -10.49 -92.68 38.36
N PRO C 432 -10.58 -93.37 37.22
CA PRO C 432 -10.34 -92.74 35.93
C PRO C 432 -11.39 -91.70 35.58
N ALA C 433 -10.99 -90.66 34.87
CA ALA C 433 -11.92 -89.70 34.32
C ALA C 433 -12.41 -90.20 32.97
N LYS C 434 -13.50 -89.63 32.46
CA LYS C 434 -13.94 -89.93 31.09
C LYS C 434 -13.15 -89.10 30.07
N VAL C 435 -12.58 -89.79 29.08
CA VAL C 435 -11.70 -89.20 28.07
C VAL C 435 -12.42 -88.31 27.04
N ASP C 436 -11.72 -87.32 26.50
CA ASP C 436 -12.31 -86.41 25.52
C ASP C 436 -11.45 -86.30 24.25
N ILE C 437 -11.37 -87.40 23.51
CA ILE C 437 -10.50 -87.50 22.33
C ILE C 437 -11.00 -86.68 21.13
N SER D 19 -21.18 -45.13 53.90
CA SER D 19 -20.53 -46.40 54.21
C SER D 19 -21.31 -47.15 55.28
N HIS D 20 -22.14 -46.41 56.01
CA HIS D 20 -22.98 -46.97 57.07
C HIS D 20 -24.19 -47.67 56.51
N MET D 21 -24.75 -48.57 57.29
CA MET D 21 -26.08 -49.09 56.98
C MET D 21 -27.09 -48.33 57.83
N ARG D 22 -27.94 -47.52 57.18
CA ARG D 22 -28.99 -46.80 57.89
C ARG D 22 -29.87 -47.83 58.60
N VAL D 23 -30.22 -47.60 59.88
CA VAL D 23 -31.00 -48.59 60.63
C VAL D 23 -31.87 -47.98 61.73
N GLU D 24 -33.18 -48.04 61.51
CA GLU D 24 -34.14 -47.40 62.39
C GLU D 24 -35.23 -48.35 62.86
N VAL D 25 -35.29 -48.58 64.16
CA VAL D 25 -36.39 -49.33 64.75
C VAL D 25 -37.67 -48.51 64.63
N LEU D 26 -38.77 -49.14 64.24
CA LEU D 26 -40.00 -48.41 64.00
C LEU D 26 -41.08 -48.67 65.07
N ASP D 27 -41.11 -49.88 65.61
CA ASP D 27 -42.15 -50.22 66.59
C ASP D 27 -41.59 -50.19 68.00
N ASN D 28 -42.47 -50.04 68.98
CA ASN D 28 -42.04 -50.05 70.38
C ASN D 28 -41.70 -51.46 70.85
N LYS D 29 -42.39 -52.45 70.28
CA LYS D 29 -42.18 -53.85 70.66
C LYS D 29 -40.91 -54.43 70.04
N ARG D 30 -40.17 -53.58 69.31
CA ARG D 30 -38.84 -53.88 68.82
C ARG D 30 -38.76 -54.96 67.71
N ARG D 31 -39.81 -55.06 66.91
CA ARG D 31 -39.90 -56.13 65.92
C ARG D 31 -39.77 -55.62 64.49
N ILE D 32 -39.84 -54.30 64.31
CA ILE D 32 -39.80 -53.71 62.99
C ILE D 32 -38.60 -52.79 62.82
N VAL D 33 -37.64 -53.21 62.00
CA VAL D 33 -36.51 -52.35 61.71
C VAL D 33 -36.57 -51.92 60.25
N ARG D 34 -36.21 -50.68 59.98
CA ARG D 34 -36.09 -50.23 58.59
C ARG D 34 -34.64 -49.99 58.24
N LEU D 35 -34.17 -50.57 57.14
CA LEU D 35 -32.79 -50.35 56.77
C LEU D 35 -32.59 -50.14 55.28
N ARG D 36 -31.37 -49.74 54.95
CA ARG D 36 -31.01 -49.44 53.58
C ARG D 36 -29.52 -49.66 53.38
N PRO D 37 -29.18 -50.75 52.66
CA PRO D 37 -27.80 -51.11 52.35
C PRO D 37 -27.13 -50.05 51.49
N GLU D 38 -25.92 -49.64 51.87
CA GLU D 38 -25.18 -48.63 51.13
C GLU D 38 -23.91 -49.21 50.51
N SER D 39 -23.71 -50.51 50.67
CA SER D 39 -22.50 -51.14 50.19
C SER D 39 -22.77 -52.60 49.96
N GLU D 40 -21.80 -53.30 49.38
CA GLU D 40 -21.96 -54.74 49.27
C GLU D 40 -21.77 -55.41 50.63
N GLU D 41 -20.93 -54.82 51.49
CA GLU D 41 -20.76 -55.37 52.84
C GLU D 41 -22.08 -55.29 53.60
N ASP D 42 -22.85 -54.25 53.32
CA ASP D 42 -24.20 -54.18 53.90
C ASP D 42 -25.06 -55.35 53.48
N LEU D 43 -25.05 -55.66 52.18
CA LEU D 43 -25.79 -56.80 51.66
C LEU D 43 -25.34 -58.11 52.31
N TRP D 44 -24.04 -58.23 52.58
CA TRP D 44 -23.49 -59.42 53.23
C TRP D 44 -23.96 -59.51 54.65
N LEU D 45 -24.03 -58.33 55.27
CA LEU D 45 -24.56 -58.19 56.61
C LEU D 45 -26.02 -58.69 56.61
N LEU D 46 -26.82 -58.24 55.65
CA LEU D 46 -28.15 -58.80 55.47
C LEU D 46 -28.14 -60.31 55.28
N ARG D 47 -27.18 -60.84 54.54
CA ARG D 47 -27.11 -62.30 54.31
C ARG D 47 -26.91 -63.07 55.60
N ILE D 48 -26.04 -62.57 56.48
CA ILE D 48 -25.76 -63.32 57.70
C ILE D 48 -26.69 -62.95 58.85
N THR D 49 -27.59 -61.99 58.63
CA THR D 49 -28.55 -61.61 59.66
C THR D 49 -29.99 -62.07 59.42
N LEU D 50 -30.51 -61.87 58.20
CA LEU D 50 -31.89 -62.30 57.93
C LEU D 50 -32.00 -63.82 58.02
N ARG D 51 -33.22 -64.30 58.09
CA ARG D 51 -33.43 -65.68 58.42
C ARG D 51 -34.81 -66.04 57.86
N PRO D 52 -35.05 -67.32 57.53
CA PRO D 52 -36.31 -67.75 56.91
C PRO D 52 -37.56 -67.04 57.43
N GLY D 53 -37.91 -67.20 58.69
CA GLY D 53 -39.17 -66.60 59.14
C GLY D 53 -39.36 -65.09 59.03
N ASP D 54 -38.29 -64.34 58.78
CA ASP D 54 -38.42 -62.88 58.74
C ASP D 54 -39.38 -62.42 57.62
N VAL D 55 -40.04 -61.30 57.84
CA VAL D 55 -40.99 -60.78 56.88
C VAL D 55 -40.51 -59.43 56.39
N VAL D 56 -40.32 -59.28 55.08
CA VAL D 56 -39.84 -58.01 54.55
C VAL D 56 -40.87 -57.27 53.73
N ARG D 57 -40.88 -55.96 53.94
CA ARG D 57 -41.69 -55.06 53.17
C ARG D 57 -40.76 -54.39 52.20
N ILE D 58 -41.01 -54.61 50.92
CA ILE D 58 -40.11 -54.11 49.91
C ILE D 58 -40.94 -53.53 48.78
N ARG D 59 -40.35 -52.63 48.01
CA ARG D 59 -41.05 -52.01 46.90
C ARG D 59 -40.43 -52.49 45.59
N THR D 60 -40.96 -53.58 45.05
CA THR D 60 -40.57 -54.02 43.71
C THR D 60 -41.75 -53.89 42.77
N SER D 61 -41.71 -54.64 41.69
CA SER D 61 -42.78 -54.57 40.75
C SER D 61 -43.18 -55.97 40.33
N ARG D 62 -44.37 -56.09 39.77
CA ARG D 62 -44.88 -57.40 39.39
C ARG D 62 -45.67 -57.23 38.10
N ASP D 63 -45.82 -58.32 37.37
CA ASP D 63 -46.67 -58.33 36.19
C ASP D 63 -48.09 -58.73 36.57
N VAL D 64 -49.03 -57.82 36.35
CA VAL D 64 -50.41 -58.03 36.74
C VAL D 64 -51.36 -58.02 35.51
N PRO D 65 -52.25 -59.03 35.43
CA PRO D 65 -53.17 -59.32 34.32
C PRO D 65 -54.15 -58.22 33.86
N VAL D 66 -54.13 -57.01 34.42
CA VAL D 66 -55.10 -56.02 33.99
C VAL D 66 -54.77 -55.44 32.61
N GLY D 67 -55.68 -55.60 31.64
CA GLY D 67 -56.94 -56.31 31.82
C GLY D 67 -57.22 -57.35 30.75
N SER D 68 -57.70 -56.91 29.59
CA SER D 68 -58.26 -57.82 28.56
C SER D 68 -57.23 -58.56 27.71
N GLY D 69 -56.63 -59.59 28.26
CA GLY D 69 -55.64 -60.37 27.54
C GLY D 69 -54.23 -59.91 27.87
N ARG D 70 -54.07 -58.60 28.00
CA ARG D 70 -52.77 -57.98 28.29
C ARG D 70 -52.36 -58.15 29.76
N LYS D 71 -51.14 -57.73 30.06
CA LYS D 71 -50.68 -57.54 31.43
C LYS D 71 -49.81 -56.29 31.47
N GLU D 72 -49.57 -55.75 32.66
CA GLU D 72 -48.70 -54.59 32.78
C GLU D 72 -47.67 -54.76 33.90
N ARG D 73 -46.58 -54.02 33.76
CA ARG D 73 -45.52 -54.05 34.75
C ARG D 73 -45.87 -53.04 35.82
N VAL D 74 -46.44 -53.49 36.93
CA VAL D 74 -46.87 -52.54 37.97
C VAL D 74 -45.93 -52.55 39.18
N VAL D 75 -45.49 -51.36 39.56
CA VAL D 75 -44.70 -51.17 40.77
C VAL D 75 -45.63 -51.19 41.97
N MET D 76 -45.24 -51.90 43.02
CA MET D 76 -46.08 -52.03 44.21
C MET D 76 -45.28 -52.44 45.45
N THR D 77 -45.85 -52.16 46.62
CA THR D 77 -45.19 -52.54 47.85
C THR D 77 -45.80 -53.84 48.34
N LEU D 78 -44.96 -54.80 48.75
CA LEU D 78 -45.51 -56.01 49.36
C LEU D 78 -44.69 -56.48 50.54
N ARG D 79 -45.30 -57.37 51.33
CA ARG D 79 -44.66 -57.93 52.50
C ARG D 79 -44.47 -59.40 52.22
N ILE D 80 -43.23 -59.89 52.40
CA ILE D 80 -42.94 -61.25 52.01
C ILE D 80 -42.35 -62.08 53.14
N ARG D 81 -42.87 -63.30 53.32
CA ARG D 81 -42.27 -64.22 54.28
C ARG D 81 -41.09 -64.90 53.62
N LEU D 82 -39.89 -64.73 54.17
CA LEU D 82 -38.66 -65.18 53.53
C LEU D 82 -38.44 -66.71 53.45
N ASP D 83 -38.23 -67.16 52.22
CA ASP D 83 -37.91 -68.55 51.90
C ASP D 83 -36.42 -68.69 51.70
N SER D 84 -35.88 -67.77 50.92
CA SER D 84 -34.53 -67.85 50.39
C SER D 84 -33.82 -66.50 50.61
N ILE D 85 -32.58 -66.60 51.05
CA ILE D 85 -31.69 -65.47 51.22
C ILE D 85 -30.33 -65.86 50.64
N GLU D 86 -30.02 -65.35 49.45
CA GLU D 86 -28.86 -65.82 48.70
C GLU D 86 -27.94 -64.69 48.31
N PHE D 87 -26.64 -64.93 48.42
CA PHE D 87 -25.66 -63.87 48.20
C PHE D 87 -24.55 -64.28 47.30
N GLN D 88 -24.40 -63.53 46.22
CA GLN D 88 -23.28 -63.67 45.32
C GLN D 88 -22.35 -62.47 45.43
N PRO D 89 -21.12 -62.70 45.89
CA PRO D 89 -20.10 -61.66 45.97
C PRO D 89 -19.84 -61.01 44.61
N PHE D 90 -19.64 -59.70 44.63
CA PHE D 90 -19.28 -58.93 43.45
C PHE D 90 -20.42 -58.90 42.42
N THR D 91 -21.66 -58.81 42.92
CA THR D 91 -22.84 -58.67 42.06
C THR D 91 -23.70 -57.51 42.51
N GLY D 92 -23.46 -57.06 43.74
CA GLY D 92 -24.24 -55.99 44.34
C GLY D 92 -25.70 -56.35 44.45
N LYS D 93 -25.96 -57.65 44.61
CA LYS D 93 -27.31 -58.17 44.66
C LYS D 93 -27.48 -59.18 45.80
N LEU D 94 -28.48 -58.96 46.63
CA LEU D 94 -28.89 -59.97 47.61
C LEU D 94 -30.20 -60.54 47.08
N ARG D 95 -30.21 -61.80 46.68
CA ARG D 95 -31.45 -62.39 46.15
C ARG D 95 -32.34 -62.84 47.31
N ILE D 96 -33.57 -62.32 47.35
CA ILE D 96 -34.56 -62.76 48.34
C ILE D 96 -35.76 -63.42 47.67
N SER D 97 -36.29 -64.46 48.30
CA SER D 97 -37.60 -64.97 47.88
C SER D 97 -38.52 -65.41 49.02
N GLY D 98 -39.81 -65.47 48.73
CA GLY D 98 -40.78 -66.07 49.63
C GLY D 98 -42.23 -65.84 49.21
N ILE D 99 -43.16 -66.07 50.12
CA ILE D 99 -44.58 -65.94 49.79
C ILE D 99 -45.16 -64.59 50.24
N VAL D 100 -45.89 -63.95 49.34
CA VAL D 100 -46.50 -62.66 49.64
C VAL D 100 -47.51 -62.81 50.76
N VAL D 101 -47.24 -62.09 51.84
CA VAL D 101 -48.07 -62.13 53.03
C VAL D 101 -49.09 -60.99 52.97
N GLU D 102 -48.73 -59.89 52.31
CA GLU D 102 -49.67 -58.82 52.04
C GLU D 102 -49.25 -57.98 50.82
N GLY D 103 -50.24 -57.61 49.99
CA GLY D 103 -50.02 -56.72 48.86
C GLY D 103 -51.23 -55.81 48.67
N PRO D 104 -51.23 -54.94 47.65
CA PRO D 104 -52.40 -54.10 47.33
C PRO D 104 -53.57 -54.97 46.92
N ASP D 105 -54.73 -54.82 47.56
CA ASP D 105 -55.78 -55.83 47.42
C ASP D 105 -56.25 -56.01 45.99
N GLU D 106 -56.27 -54.92 45.23
CA GLU D 106 -56.71 -54.95 43.83
C GLU D 106 -56.05 -56.03 42.97
N PHE D 107 -54.81 -56.37 43.30
CA PHE D 107 -54.00 -57.23 42.43
C PHE D 107 -53.92 -58.69 42.89
N GLY D 108 -54.50 -58.98 44.05
CA GLY D 108 -54.65 -60.35 44.52
C GLY D 108 -53.36 -61.15 44.58
N VAL D 109 -52.29 -60.50 45.00
CA VAL D 109 -50.95 -61.08 44.98
C VAL D 109 -50.68 -61.97 46.21
N LYS D 110 -51.46 -61.78 47.27
CA LYS D 110 -51.25 -62.57 48.49
C LYS D 110 -51.28 -64.07 48.18
N GLY D 111 -50.40 -64.82 48.83
CA GLY D 111 -50.34 -66.25 48.62
C GLY D 111 -49.31 -66.63 47.57
N ARG D 112 -49.08 -65.75 46.59
CA ARG D 112 -48.09 -66.00 45.54
C ARG D 112 -46.65 -65.85 46.01
N ARG D 113 -45.75 -66.54 45.34
CA ARG D 113 -44.33 -66.42 45.60
C ARG D 113 -43.77 -65.18 44.90
N HIS D 114 -42.83 -64.52 45.55
CA HIS D 114 -42.19 -63.37 44.94
C HIS D 114 -40.69 -63.45 45.17
N SER D 115 -39.95 -63.44 44.07
CA SER D 115 -38.50 -63.44 44.11
C SER D 115 -37.95 -62.18 43.44
N THR D 116 -37.03 -61.52 44.10
CA THR D 116 -36.44 -60.30 43.57
C THR D 116 -35.10 -60.15 44.25
N ALA D 117 -34.50 -58.97 44.12
CA ALA D 117 -33.22 -58.74 44.72
C ALA D 117 -33.16 -57.40 45.43
N VAL D 118 -32.63 -57.42 46.63
CA VAL D 118 -32.21 -56.21 47.30
C VAL D 118 -30.88 -55.75 46.71
N SER D 119 -30.85 -54.55 46.16
CA SER D 119 -29.61 -53.97 45.64
C SER D 119 -29.08 -52.91 46.60
N ILE D 120 -27.94 -52.31 46.28
CA ILE D 120 -27.45 -51.19 47.07
C ILE D 120 -28.50 -50.08 47.06
N GLY D 121 -28.75 -49.47 48.21
CA GLY D 121 -29.66 -48.33 48.27
C GLY D 121 -31.13 -48.66 48.12
N THR D 122 -31.48 -49.95 48.21
CA THR D 122 -32.88 -50.36 48.23
C THR D 122 -33.46 -50.14 49.63
N TRP D 123 -34.64 -49.53 49.73
CA TRP D 123 -35.25 -49.36 51.05
C TRP D 123 -35.93 -50.66 51.39
N LEU D 124 -35.79 -51.11 52.63
CA LEU D 124 -36.54 -52.26 53.05
C LEU D 124 -36.82 -52.25 54.55
N VAL D 125 -38.04 -52.67 54.88
CA VAL D 125 -38.48 -52.78 56.25
C VAL D 125 -38.72 -54.25 56.56
N VAL D 126 -38.03 -54.77 57.57
CA VAL D 126 -38.17 -56.18 57.91
C VAL D 126 -38.69 -56.37 59.36
N GLU D 127 -39.60 -57.33 59.49
CA GLU D 127 -40.22 -57.62 60.77
C GLU D 127 -39.79 -58.96 61.33
N ARG D 128 -39.08 -58.95 62.45
CA ARG D 128 -38.73 -60.21 63.12
C ARG D 128 -39.58 -60.46 64.34
N ASP D 129 -40.49 -61.42 64.21
CA ASP D 129 -41.50 -61.69 65.22
C ASP D 129 -40.98 -61.72 66.65
N LYS D 130 -39.88 -62.43 66.85
CA LYS D 130 -39.29 -62.61 68.18
C LYS D 130 -38.49 -61.41 68.66
N GLY D 131 -38.51 -60.32 67.90
CA GLY D 131 -37.83 -59.09 68.30
C GLY D 131 -36.36 -58.98 67.93
N TRP D 132 -35.96 -57.80 67.47
CA TRP D 132 -34.57 -57.56 67.12
C TRP D 132 -33.71 -57.34 68.36
N SER D 133 -32.71 -58.19 68.52
CA SER D 133 -31.76 -58.04 69.61
C SER D 133 -30.87 -56.83 69.39
N GLU D 134 -30.16 -56.44 70.43
CA GLU D 134 -29.25 -55.31 70.34
C GLU D 134 -27.99 -55.72 69.61
N GLN D 135 -27.52 -56.94 69.87
CA GLN D 135 -26.38 -57.49 69.16
C GLN D 135 -26.71 -57.59 67.66
N GLU D 136 -27.95 -57.95 67.35
CA GLU D 136 -28.35 -58.06 65.95
C GLU D 136 -28.40 -56.68 65.29
N LEU D 137 -29.04 -55.70 65.93
CA LEU D 137 -29.13 -54.37 65.33
C LEU D 137 -27.78 -53.65 65.29
N GLU D 138 -26.85 -54.09 66.13
CA GLU D 138 -25.51 -53.52 66.12
C GLU D 138 -24.78 -54.09 64.92
N ARG D 139 -24.69 -55.42 64.89
CA ARG D 139 -24.12 -56.17 63.79
C ARG D 139 -24.63 -55.59 62.46
N LEU D 140 -25.95 -55.49 62.36
CA LEU D 140 -26.61 -54.95 61.19
C LEU D 140 -26.06 -53.59 60.76
N ALA D 141 -25.54 -52.82 61.69
CA ALA D 141 -25.03 -51.50 61.34
C ALA D 141 -23.51 -51.43 61.41
N SER D 142 -22.86 -52.56 61.65
CA SER D 142 -21.39 -52.61 61.67
C SER D 142 -20.79 -52.43 60.28
N GLY D 143 -21.63 -51.99 59.35
CA GLY D 143 -21.23 -51.77 57.98
C GLY D 143 -20.22 -50.66 57.86
N ARG D 144 -18.98 -51.06 57.59
CA ARG D 144 -17.96 -50.14 57.10
C ARG D 144 -17.63 -50.61 55.68
N ALA D 145 -17.92 -49.78 54.68
CA ALA D 145 -17.81 -50.19 53.28
C ALA D 145 -16.37 -50.48 52.85
N ARG D 146 -15.80 -51.56 53.39
CA ARG D 146 -14.35 -51.80 53.30
C ARG D 146 -13.79 -52.02 51.89
N GLY D 147 -14.61 -52.52 50.98
CA GLY D 147 -14.16 -52.68 49.61
C GLY D 147 -13.18 -53.81 49.32
N THR D 148 -12.43 -53.61 48.25
CA THR D 148 -11.88 -54.70 47.47
C THR D 148 -10.36 -54.70 47.44
N ALA D 149 -9.76 -55.86 47.17
CA ALA D 149 -8.33 -55.99 46.88
C ALA D 149 -8.13 -57.03 45.79
N VAL D 150 -7.09 -56.88 44.97
CA VAL D 150 -6.80 -57.92 44.03
C VAL D 150 -5.49 -58.57 44.39
N ILE D 151 -5.43 -59.90 44.22
CA ILE D 151 -4.23 -60.69 44.48
C ILE D 151 -3.85 -61.44 43.24
N ALA D 152 -2.57 -61.42 42.90
CA ALA D 152 -2.11 -62.15 41.74
C ALA D 152 -0.83 -62.85 42.09
N ALA D 153 -0.60 -64.01 41.50
CA ALA D 153 0.62 -64.77 41.73
C ALA D 153 1.18 -65.22 40.40
N VAL D 154 2.46 -64.94 40.18
CA VAL D 154 3.09 -65.17 38.89
C VAL D 154 4.42 -65.92 39.01
N ASP D 155 4.58 -66.98 38.22
CA ASP D 155 5.91 -67.58 38.02
C ASP D 155 6.04 -67.96 36.57
N TYR D 156 7.05 -68.78 36.28
CA TYR D 156 7.41 -69.01 34.90
C TYR D 156 6.47 -69.96 34.17
N ASP D 157 5.55 -70.63 34.88
CA ASP D 157 4.57 -71.45 34.16
C ASP D 157 3.10 -71.21 34.54
N GLU D 158 2.84 -70.31 35.47
CA GLU D 158 1.47 -70.04 35.89
C GLU D 158 1.19 -68.57 36.24
N PHE D 159 -0.04 -68.14 35.98
CA PHE D 159 -0.52 -66.84 36.41
C PHE D 159 -1.95 -66.96 36.88
N ALA D 160 -2.25 -66.34 38.02
CA ALA D 160 -3.61 -66.25 38.48
C ALA D 160 -3.85 -64.89 39.12
N LEU D 161 -5.12 -64.53 39.23
CA LEU D 161 -5.53 -63.24 39.69
C LEU D 161 -6.89 -63.39 40.37
N ALA D 162 -6.98 -63.00 41.64
CA ALA D 162 -8.24 -63.10 42.35
C ALA D 162 -8.69 -61.74 42.87
N VAL D 163 -9.96 -61.60 43.15
CA VAL D 163 -10.42 -60.40 43.81
C VAL D 163 -11.00 -60.79 45.17
N LEU D 164 -10.65 -60.02 46.19
CA LEU D 164 -11.01 -60.31 47.60
C LEU D 164 -11.95 -59.27 48.15
N ALA D 165 -12.92 -59.69 48.95
CA ALA D 165 -13.60 -58.77 49.83
C ALA D 165 -13.69 -59.46 51.18
N GLY D 166 -14.10 -58.73 52.21
CA GLY D 166 -14.22 -59.32 53.53
C GLY D 166 -15.08 -60.56 53.41
N HIS D 167 -16.13 -60.42 52.61
CA HIS D 167 -17.16 -61.41 52.40
C HIS D 167 -17.07 -62.27 51.13
N GLY D 168 -15.87 -62.47 50.58
CA GLY D 168 -15.83 -63.19 49.33
C GLY D 168 -14.52 -63.24 48.56
N MET D 169 -14.39 -64.29 47.75
CA MET D 169 -13.23 -64.46 46.93
C MET D 169 -13.59 -65.10 45.62
N LYS D 170 -13.16 -64.49 44.50
CA LYS D 170 -13.44 -64.98 43.15
C LYS D 170 -12.17 -64.99 42.29
N ILE D 171 -11.85 -66.14 41.69
CA ILE D 171 -10.71 -66.22 40.77
C ILE D 171 -11.12 -65.54 39.48
N LEU D 172 -10.24 -64.72 38.91
CA LEU D 172 -10.58 -63.95 37.71
C LEU D 172 -9.72 -64.32 36.50
N GLU D 173 -8.63 -65.01 36.76
CA GLU D 173 -7.68 -65.35 35.71
C GLU D 173 -6.87 -66.52 36.24
N ASP D 174 -6.56 -67.46 35.35
CA ASP D 174 -5.82 -68.67 35.72
C ASP D 174 -5.31 -69.35 34.46
N THR D 175 -4.02 -69.19 34.21
CA THR D 175 -3.47 -69.45 32.91
C THR D 175 -2.11 -70.10 33.03
N SER D 176 -1.77 -70.96 32.07
CA SER D 176 -0.41 -71.42 31.91
C SER D 176 0.35 -70.40 31.09
N ALA D 177 1.54 -70.08 31.57
CA ALA D 177 2.40 -69.13 30.90
C ALA D 177 2.75 -69.65 29.51
N ARG D 178 3.01 -70.96 29.42
CA ARG D 178 3.41 -71.62 28.18
C ARG D 178 4.54 -70.91 27.47
N LEU D 179 5.59 -70.57 28.20
CA LEU D 179 6.77 -70.03 27.54
C LEU D 179 7.53 -71.13 26.80
N PRO D 180 8.54 -70.73 26.03
CA PRO D 180 9.53 -71.71 25.61
C PRO D 180 10.34 -72.28 26.79
N GLY D 181 11.34 -73.11 26.48
CA GLY D 181 12.40 -73.47 27.43
C GLY D 181 13.53 -72.45 27.33
N LYS D 182 14.33 -72.33 28.39
CA LYS D 182 15.27 -71.21 28.54
C LYS D 182 16.23 -70.97 27.37
N ASP D 183 16.48 -72.00 26.56
CA ASP D 183 17.47 -71.91 25.48
C ASP D 183 16.88 -71.40 24.17
N ASP D 184 15.58 -71.12 24.16
CA ASP D 184 14.89 -70.60 22.99
C ASP D 184 15.42 -69.20 22.61
N PRO D 185 15.35 -68.83 21.32
CA PRO D 185 15.57 -67.44 20.90
C PRO D 185 14.28 -66.61 21.04
N SER D 186 14.43 -65.31 21.28
CA SER D 186 13.32 -64.37 21.56
C SER D 186 12.44 -64.79 22.77
N ARG D 187 12.88 -65.81 23.51
CA ARG D 187 12.26 -66.26 24.76
C ARG D 187 12.29 -65.14 25.81
N GLU D 188 13.16 -64.17 25.60
CA GLU D 188 13.17 -62.96 26.39
C GLU D 188 11.94 -62.12 26.05
N GLN D 189 11.79 -61.78 24.77
CA GLN D 189 10.65 -60.99 24.30
C GLN D 189 9.33 -61.69 24.68
N GLU D 190 9.37 -63.01 24.75
CA GLU D 190 8.20 -63.79 25.12
C GLU D 190 7.84 -63.63 26.61
N VAL D 191 8.82 -63.50 27.49
CA VAL D 191 8.50 -63.25 28.89
C VAL D 191 8.03 -61.80 29.03
N GLU D 192 8.61 -60.86 28.28
CA GLU D 192 8.12 -59.48 28.32
C GLU D 192 6.64 -59.42 27.94
N LYS D 193 6.27 -60.15 26.89
CA LYS D 193 4.88 -60.28 26.48
C LYS D 193 4.03 -60.86 27.60
N TYR D 194 4.63 -61.79 28.35
CA TYR D 194 3.93 -62.43 29.45
C TYR D 194 3.63 -61.47 30.61
N VAL D 195 4.62 -60.67 31.02
CA VAL D 195 4.40 -59.83 32.20
C VAL D 195 3.55 -58.61 31.83
N ASP D 196 3.63 -58.18 30.57
CA ASP D 196 2.76 -57.13 30.05
C ASP D 196 1.34 -57.58 30.18
N ARG D 197 1.10 -58.79 29.71
CA ARG D 197 -0.21 -59.38 29.75
C ARG D 197 -0.69 -59.53 31.20
N ALA D 198 0.22 -59.94 32.10
CA ALA D 198 -0.15 -60.09 33.51
C ALA D 198 -0.52 -58.73 34.09
N ALA D 199 0.35 -57.75 33.87
CA ALA D 199 0.12 -56.40 34.36
C ALA D 199 -1.23 -55.85 33.90
N LYS D 200 -1.61 -56.13 32.67
CA LYS D 200 -2.80 -55.51 32.12
C LYS D 200 -4.04 -56.15 32.73
N ARG D 201 -4.03 -57.45 32.96
CA ARG D 201 -5.15 -58.09 33.61
C ARG D 201 -5.34 -57.54 35.04
N ILE D 202 -4.24 -57.43 35.77
CA ILE D 202 -4.29 -56.90 37.13
C ILE D 202 -4.85 -55.48 37.12
N VAL D 203 -4.39 -54.67 36.18
CA VAL D 203 -4.84 -53.28 36.08
C VAL D 203 -6.33 -53.23 35.65
N GLU D 204 -6.74 -54.13 34.77
CA GLU D 204 -8.13 -54.18 34.34
C GLU D 204 -9.06 -54.52 35.50
N GLU D 205 -8.66 -55.50 36.31
CA GLU D 205 -9.53 -55.95 37.39
C GLU D 205 -9.52 -55.02 38.59
N ALA D 206 -8.37 -54.41 38.86
CA ALA D 206 -8.29 -53.39 39.90
C ALA D 206 -9.31 -52.28 39.63
N ALA D 207 -9.39 -51.83 38.36
CA ALA D 207 -10.34 -50.79 38.00
C ALA D 207 -11.77 -51.32 38.10
N ARG D 208 -12.01 -52.51 37.56
CA ARG D 208 -13.36 -53.07 37.51
C ARG D 208 -13.99 -53.20 38.90
N HIS D 209 -13.15 -53.51 39.89
CA HIS D 209 -13.62 -53.77 41.26
C HIS D 209 -13.24 -52.66 42.22
N ARG D 210 -12.67 -51.59 41.66
CA ARG D 210 -12.30 -50.40 42.41
C ARG D 210 -11.41 -50.71 43.59
N SER D 211 -10.44 -51.60 43.39
CA SER D 211 -9.51 -51.93 44.47
C SER D 211 -8.49 -50.85 44.59
N PRO D 212 -8.21 -50.44 45.83
CA PRO D 212 -7.14 -49.53 46.20
C PRO D 212 -5.83 -50.26 46.40
N ILE D 213 -5.91 -51.59 46.51
CA ILE D 213 -4.73 -52.40 46.81
C ILE D 213 -4.62 -53.57 45.84
N ALA D 214 -3.41 -53.80 45.33
CA ALA D 214 -3.10 -54.98 44.54
C ALA D 214 -1.94 -55.68 45.18
N VAL D 215 -2.08 -56.99 45.40
CA VAL D 215 -0.96 -57.79 45.88
C VAL D 215 -0.43 -58.70 44.78
N ILE D 216 0.87 -58.65 44.55
CA ILE D 216 1.48 -59.39 43.46
C ILE D 216 2.53 -60.33 44.04
N ALA D 217 2.26 -61.62 43.91
CA ALA D 217 2.96 -62.61 44.68
C ALA D 217 3.75 -63.49 43.75
N GLY D 218 4.66 -64.27 44.32
CA GLY D 218 5.38 -65.23 43.52
C GLY D 218 6.83 -65.37 43.89
N PRO D 219 7.49 -66.35 43.27
CA PRO D 219 8.91 -66.61 43.47
C PRO D 219 9.75 -65.77 42.52
N GLY D 220 10.77 -65.11 43.03
CA GLY D 220 11.72 -64.43 42.16
C GLY D 220 11.32 -63.03 41.70
N GLN D 221 11.79 -62.65 40.52
CA GLN D 221 11.63 -61.29 40.04
C GLN D 221 10.42 -61.04 39.14
N LEU D 222 9.71 -62.09 38.75
CA LEU D 222 8.59 -61.93 37.83
C LEU D 222 7.52 -61.03 38.44
N LYS D 223 7.23 -61.27 39.71
CA LYS D 223 6.25 -60.47 40.44
C LYS D 223 6.57 -58.97 40.43
N THR D 224 7.85 -58.63 40.55
CA THR D 224 8.17 -57.23 40.69
C THR D 224 8.26 -56.55 39.32
N SER D 225 8.59 -57.28 38.28
CA SER D 225 8.52 -56.68 36.95
C SER D 225 7.06 -56.46 36.52
N VAL D 226 6.17 -57.37 36.93
CA VAL D 226 4.74 -57.15 36.79
C VAL D 226 4.31 -55.93 37.61
N ALA D 227 4.82 -55.85 38.84
CA ALA D 227 4.37 -54.82 39.78
C ALA D 227 4.68 -53.41 39.28
N GLU D 228 5.92 -53.21 38.85
CA GLU D 228 6.40 -51.92 38.34
C GLU D 228 5.48 -51.39 37.28
N LYS D 229 5.14 -52.29 36.35
CA LYS D 229 4.19 -51.99 35.30
C LYS D 229 2.78 -51.69 35.82
N VAL D 230 2.25 -52.44 36.80
CA VAL D 230 0.88 -52.10 37.20
C VAL D 230 0.92 -50.78 37.97
N GLN D 231 2.04 -50.50 38.65
CA GLN D 231 2.22 -49.22 39.34
C GLN D 231 2.24 -48.04 38.38
N ARG D 232 3.03 -48.15 37.31
CA ARG D 232 3.06 -47.10 36.30
C ARG D 232 1.69 -46.90 35.65
N ALA D 233 0.93 -47.96 35.45
CA ALA D 233 -0.41 -47.81 34.91
C ALA D 233 -1.38 -47.14 35.92
N MET D 234 -1.30 -47.52 37.19
CA MET D 234 -2.15 -46.89 38.21
C MET D 234 -1.33 -46.36 39.38
N PRO D 235 -0.80 -45.14 39.24
CA PRO D 235 0.15 -44.55 40.19
C PRO D 235 -0.41 -44.38 41.59
N SER D 236 -1.74 -44.35 41.72
CA SER D 236 -2.34 -44.12 43.02
C SER D 236 -2.65 -45.43 43.73
N LEU D 237 -2.50 -46.54 43.03
CA LEU D 237 -2.76 -47.84 43.62
C LEU D 237 -1.66 -48.24 44.60
N LYS D 238 -2.06 -48.77 45.76
CA LYS D 238 -1.10 -49.41 46.65
C LYS D 238 -0.72 -50.76 46.08
N VAL D 239 0.57 -50.95 45.81
CA VAL D 239 1.01 -52.19 45.19
C VAL D 239 2.07 -52.83 46.08
N ALA D 240 1.81 -54.06 46.51
CA ALA D 240 2.74 -54.74 47.39
C ALA D 240 3.13 -56.10 46.84
N THR D 241 4.42 -56.37 46.82
CA THR D 241 4.94 -57.66 46.39
C THR D 241 5.07 -58.60 47.58
N VAL D 242 4.94 -59.89 47.33
CA VAL D 242 5.05 -60.91 48.37
C VAL D 242 5.84 -62.10 47.88
N ASP D 243 6.79 -62.56 48.69
CA ASP D 243 7.49 -63.81 48.38
C ASP D 243 6.55 -64.99 48.57
N THR D 244 6.53 -65.87 47.58
CA THR D 244 5.62 -66.97 47.62
C THR D 244 6.29 -68.10 46.84
N SER D 245 5.94 -69.36 47.14
CA SER D 245 6.66 -70.49 46.54
C SER D 245 6.32 -70.71 45.06
N MET D 246 5.20 -70.16 44.60
CA MET D 246 4.76 -70.41 43.23
C MET D 246 3.70 -69.45 42.70
N GLY D 247 3.37 -69.55 41.42
CA GLY D 247 2.35 -68.71 40.84
C GLY D 247 0.99 -69.37 40.88
N GLY D 248 0.10 -68.92 40.01
CA GLY D 248 -1.21 -69.52 39.91
C GLY D 248 -2.04 -69.49 41.17
N VAL D 249 -3.17 -70.18 41.13
CA VAL D 249 -4.10 -70.19 42.24
C VAL D 249 -3.44 -70.62 43.56
N ALA D 250 -2.50 -71.55 43.51
CA ALA D 250 -1.82 -71.97 44.73
C ALA D 250 -0.98 -70.81 45.30
N GLY D 251 -0.38 -70.02 44.43
CA GLY D 251 0.32 -68.82 44.87
C GLY D 251 -0.56 -67.81 45.57
N VAL D 252 -1.74 -67.59 45.02
CA VAL D 252 -2.69 -66.67 45.64
C VAL D 252 -3.05 -67.12 47.06
N ARG D 253 -3.36 -68.41 47.20
CA ARG D 253 -3.81 -68.94 48.48
C ARG D 253 -2.68 -68.98 49.48
N GLU D 254 -1.46 -69.21 49.00
CA GLU D 254 -0.30 -69.13 49.86
C GLU D 254 -0.04 -67.70 50.32
N ALA D 255 -0.12 -66.75 49.38
CA ALA D 255 0.05 -65.34 49.70
C ALA D 255 -0.92 -64.91 50.82
N LEU D 256 -2.15 -65.40 50.76
CA LEU D 256 -3.14 -65.08 51.78
C LEU D 256 -2.75 -65.60 53.17
N ARG D 257 -1.63 -66.31 53.26
CA ARG D 257 -1.18 -66.93 54.49
C ARG D 257 0.14 -66.35 54.95
N ARG D 258 0.66 -65.40 54.17
CA ARG D 258 1.97 -64.80 54.44
C ARG D 258 1.81 -63.57 55.31
N GLU D 259 2.76 -63.41 56.23
CA GLU D 259 2.74 -62.35 57.23
C GLU D 259 2.44 -60.96 56.63
N SER D 260 3.14 -60.58 55.56
CA SER D 260 2.91 -59.28 54.92
C SER D 260 1.45 -59.08 54.55
N VAL D 261 0.90 -60.04 53.82
CA VAL D 261 -0.46 -59.97 53.31
C VAL D 261 -1.50 -59.98 54.43
N THR D 262 -1.21 -60.74 55.49
CA THR D 262 -2.14 -60.86 56.59
C THR D 262 -2.18 -59.56 57.41
N ARG D 263 -1.09 -58.80 57.41
CA ARG D 263 -1.11 -57.45 58.00
C ARG D 263 -1.91 -56.47 57.13
N ILE D 264 -1.54 -56.40 55.86
CA ILE D 264 -2.19 -55.51 54.93
C ILE D 264 -3.71 -55.74 54.87
N LEU D 265 -4.09 -57.00 54.72
CA LEU D 265 -5.48 -57.38 54.57
C LEU D 265 -6.12 -57.86 55.90
N ARG D 266 -5.52 -57.50 57.03
CA ARG D 266 -6.02 -57.90 58.35
C ARG D 266 -7.51 -57.63 58.61
N GLU D 267 -8.06 -56.57 58.05
CA GLU D 267 -9.48 -56.23 58.25
C GLU D 267 -10.45 -57.07 57.41
N LEU D 268 -9.92 -58.02 56.64
CA LEU D 268 -10.78 -58.93 55.88
C LEU D 268 -11.03 -60.21 56.68
N SER D 269 -12.30 -60.56 56.86
CA SER D 269 -12.66 -61.72 57.66
C SER D 269 -12.03 -62.98 57.08
N ILE D 270 -12.09 -63.11 55.76
CA ILE D 270 -11.49 -64.24 55.03
C ILE D 270 -10.02 -64.42 55.34
N VAL D 271 -9.30 -63.31 55.46
CA VAL D 271 -7.89 -63.38 55.79
C VAL D 271 -7.68 -63.69 57.27
N GLU D 272 -8.45 -63.02 58.13
CA GLU D 272 -8.38 -63.27 59.56
C GLU D 272 -8.64 -64.75 59.88
N ALA D 273 -9.65 -65.34 59.22
CA ALA D 273 -10.01 -66.73 59.38
C ALA D 273 -8.79 -67.63 59.33
N GLU D 274 -7.84 -67.28 58.49
CA GLU D 274 -6.72 -68.15 58.21
C GLU D 274 -5.86 -68.39 59.44
N GLY D 275 -5.70 -67.34 60.24
CA GLY D 275 -5.00 -67.45 61.49
C GLY D 275 -5.71 -68.32 62.53
N VAL D 276 -7.03 -68.19 62.64
CA VAL D 276 -7.66 -68.91 63.73
C VAL D 276 -7.69 -70.39 63.34
N LEU D 277 -7.90 -70.66 62.05
CA LEU D 277 -7.80 -72.02 61.50
C LEU D 277 -6.42 -72.65 61.76
N GLU D 278 -5.37 -71.91 61.44
CA GLU D 278 -4.01 -72.33 61.79
C GLU D 278 -3.83 -72.62 63.29
N GLU D 279 -4.31 -71.73 64.16
CA GLU D 279 -4.22 -71.98 65.60
C GLU D 279 -5.08 -73.20 65.99
N PHE D 280 -6.24 -73.34 65.41
CA PHE D 280 -7.09 -74.47 65.67
C PHE D 280 -6.39 -75.81 65.36
N LEU D 281 -5.79 -75.93 64.18
CA LEU D 281 -5.07 -77.15 63.77
C LEU D 281 -3.85 -77.46 64.65
N ARG D 282 -3.13 -76.41 65.02
CA ARG D 282 -2.07 -76.50 66.01
C ARG D 282 -2.60 -77.20 67.26
N ARG D 283 -3.70 -76.69 67.78
CA ARG D 283 -4.33 -77.27 68.96
C ARG D 283 -4.77 -78.72 68.76
N ILE D 284 -5.41 -79.00 67.63
CA ILE D 284 -5.85 -80.35 67.33
C ILE D 284 -4.70 -81.37 67.44
N ALA D 285 -3.51 -80.96 67.03
CA ALA D 285 -2.37 -81.84 67.18
C ALA D 285 -1.78 -81.84 68.62
N LYS D 286 -1.96 -80.74 69.34
CA LYS D 286 -1.20 -80.50 70.58
C LYS D 286 -2.03 -80.37 71.87
N SER D 287 -3.16 -79.65 71.81
CA SER D 287 -3.97 -79.39 72.99
C SER D 287 -5.45 -79.53 72.67
N ARG D 288 -5.83 -80.76 72.38
CA ARG D 288 -7.14 -81.09 71.82
C ARG D 288 -8.33 -80.55 72.60
N ASP D 289 -8.17 -80.39 73.90
CA ASP D 289 -9.33 -80.03 74.71
C ASP D 289 -9.64 -78.53 74.67
N THR D 290 -8.68 -77.76 74.16
CA THR D 290 -8.85 -76.31 74.03
C THR D 290 -9.43 -75.88 72.69
N VAL D 291 -10.23 -76.77 72.10
CA VAL D 291 -10.74 -76.57 70.77
C VAL D 291 -12.07 -77.30 70.68
N ALA D 292 -12.97 -76.84 69.83
CA ALA D 292 -14.24 -77.54 69.68
C ALA D 292 -14.79 -77.33 68.27
N TYR D 293 -15.51 -78.32 67.74
CA TYR D 293 -16.08 -78.12 66.42
C TYR D 293 -17.34 -78.90 66.28
N THR D 294 -18.10 -78.55 65.25
CA THR D 294 -19.42 -79.10 64.96
C THR D 294 -20.38 -78.23 65.76
N PRO D 295 -21.58 -77.96 65.21
CA PRO D 295 -22.50 -77.04 65.89
C PRO D 295 -22.82 -77.48 67.33
N GLY D 296 -23.14 -78.76 67.52
CA GLY D 296 -23.52 -79.25 68.83
C GLY D 296 -22.44 -79.07 69.86
N GLU D 297 -21.21 -79.44 69.53
CA GLU D 297 -20.16 -79.36 70.52
C GLU D 297 -19.85 -77.91 70.83
N VAL D 298 -20.01 -77.05 69.83
CA VAL D 298 -19.66 -75.65 69.99
C VAL D 298 -20.73 -74.95 70.82
N LEU D 299 -21.98 -75.40 70.72
CA LEU D 299 -23.05 -74.85 71.54
C LEU D 299 -22.79 -75.20 73.01
N ALA D 300 -22.40 -76.43 73.26
CA ALA D 300 -22.14 -76.92 74.60
C ALA D 300 -21.06 -76.13 75.31
N VAL D 301 -20.02 -75.72 74.60
CA VAL D 301 -18.92 -75.02 75.24
C VAL D 301 -19.15 -73.51 75.22
N ALA D 302 -19.98 -73.04 74.29
CA ALA D 302 -20.41 -71.65 74.30
C ALA D 302 -21.23 -71.35 75.56
N ARG D 303 -22.02 -72.32 75.99
CA ARG D 303 -22.80 -72.18 77.21
C ARG D 303 -21.91 -72.08 78.44
N MET D 304 -20.85 -72.87 78.49
CA MET D 304 -19.89 -72.73 79.57
C MET D 304 -19.10 -71.41 79.55
N GLY D 305 -19.22 -70.65 78.45
CA GLY D 305 -18.38 -69.48 78.27
C GLY D 305 -16.92 -69.77 78.05
N ALA D 306 -16.62 -70.90 77.45
CA ALA D 306 -15.25 -71.31 77.18
C ALA D 306 -14.71 -70.70 75.87
N VAL D 307 -15.59 -70.19 75.02
CA VAL D 307 -15.18 -69.81 73.69
C VAL D 307 -14.52 -68.45 73.61
N ASP D 308 -13.25 -68.43 73.25
CA ASP D 308 -12.57 -67.19 72.84
C ASP D 308 -13.04 -66.73 71.45
N THR D 309 -12.90 -67.57 70.44
CA THR D 309 -13.38 -67.15 69.13
C THR D 309 -13.98 -68.33 68.38
N VAL D 310 -15.04 -68.04 67.65
CA VAL D 310 -15.69 -69.05 66.85
C VAL D 310 -15.64 -68.63 65.39
N LEU D 311 -15.35 -69.60 64.53
CA LEU D 311 -15.25 -69.41 63.08
C LEU D 311 -16.23 -70.33 62.35
N LEU D 312 -17.07 -69.76 61.49
CA LEU D 312 -18.00 -70.60 60.78
C LEU D 312 -18.31 -70.10 59.38
N VAL D 313 -18.79 -71.01 58.55
CA VAL D 313 -19.24 -70.65 57.22
C VAL D 313 -20.68 -70.20 57.24
N ASP D 314 -20.96 -69.12 56.51
CA ASP D 314 -22.28 -68.55 56.48
C ASP D 314 -23.36 -69.53 56.08
N THR D 315 -22.98 -70.64 55.45
CA THR D 315 -23.98 -71.59 55.02
C THR D 315 -24.65 -72.26 56.24
N LEU D 316 -23.92 -72.32 57.37
CA LEU D 316 -24.49 -72.89 58.59
C LEU D 316 -25.67 -72.10 59.11
N LEU D 317 -25.53 -70.78 59.04
CA LEU D 317 -26.57 -69.86 59.38
C LEU D 317 -27.84 -70.15 58.62
N HIS D 318 -27.71 -70.75 57.44
CA HIS D 318 -28.86 -70.97 56.59
C HIS D 318 -29.09 -72.43 56.29
N SER D 319 -28.59 -73.28 57.17
CA SER D 319 -28.88 -74.69 57.08
C SER D 319 -30.37 -74.88 56.93
N PRO D 320 -30.78 -75.82 56.10
CA PRO D 320 -32.21 -76.12 55.94
C PRO D 320 -32.77 -76.88 57.15
N ASP D 321 -31.89 -77.35 58.03
CA ASP D 321 -32.31 -77.95 59.30
C ASP D 321 -32.58 -76.86 60.34
N ASP D 322 -33.85 -76.59 60.62
CA ASP D 322 -34.26 -75.55 61.58
C ASP D 322 -33.57 -75.72 62.94
N ALA D 323 -33.34 -76.97 63.33
CA ALA D 323 -32.71 -77.24 64.61
C ALA D 323 -31.30 -76.68 64.69
N VAL D 324 -30.50 -76.89 63.64
CA VAL D 324 -29.09 -76.46 63.70
C VAL D 324 -28.99 -74.95 63.46
N ARG D 325 -29.89 -74.36 62.68
CA ARG D 325 -29.89 -72.91 62.62
C ARG D 325 -30.07 -72.36 64.04
N GLU D 326 -31.15 -72.80 64.70
CA GLU D 326 -31.45 -72.33 66.04
C GLU D 326 -30.28 -72.59 66.98
N ALA D 327 -29.72 -73.78 66.91
CA ALA D 327 -28.53 -74.13 67.68
C ALA D 327 -27.35 -73.18 67.44
N VAL D 328 -27.08 -72.88 66.17
CA VAL D 328 -25.93 -72.09 65.79
C VAL D 328 -26.14 -70.63 66.20
N ASP D 329 -27.34 -70.11 65.98
CA ASP D 329 -27.64 -68.74 66.40
C ASP D 329 -27.53 -68.58 67.92
N GLU D 330 -27.89 -69.61 68.69
CA GLU D 330 -27.72 -69.55 70.13
C GLU D 330 -26.24 -69.46 70.47
N ALA D 331 -25.46 -70.42 69.96
CA ALA D 331 -24.03 -70.44 70.22
C ALA D 331 -23.38 -69.09 69.91
N LEU D 332 -23.76 -68.48 68.79
CA LEU D 332 -23.20 -67.18 68.44
C LEU D 332 -23.55 -66.10 69.47
N ARG D 333 -24.83 -66.05 69.87
CA ARG D 333 -25.29 -65.12 70.89
C ARG D 333 -24.53 -65.33 72.20
N LEU D 334 -24.44 -66.59 72.60
CA LEU D 334 -23.73 -66.99 73.81
C LEU D 334 -22.30 -66.53 73.78
N VAL D 335 -21.57 -66.89 72.73
CA VAL D 335 -20.17 -66.56 72.59
C VAL D 335 -19.95 -65.06 72.74
N GLU D 336 -20.77 -64.29 72.04
CA GLU D 336 -20.67 -62.85 72.03
C GLU D 336 -21.08 -62.22 73.37
N SER D 337 -22.10 -62.79 74.01
CA SER D 337 -22.61 -62.23 75.26
C SER D 337 -21.55 -62.34 76.35
N MET D 338 -20.57 -63.21 76.11
CA MET D 338 -19.56 -63.48 77.10
C MET D 338 -18.18 -63.16 76.62
N GLY D 339 -18.08 -62.16 75.74
CA GLY D 339 -16.80 -61.57 75.40
C GLY D 339 -16.03 -62.17 74.24
N GLY D 340 -16.61 -63.17 73.57
CA GLY D 340 -15.90 -63.89 72.56
C GLY D 340 -16.08 -63.25 71.21
N ARG D 341 -15.28 -63.66 70.25
CA ARG D 341 -15.36 -63.09 68.91
C ARG D 341 -15.97 -64.10 67.94
N VAL D 342 -16.91 -63.68 67.11
CA VAL D 342 -17.34 -64.59 66.05
C VAL D 342 -16.92 -64.03 64.68
N ILE D 343 -16.36 -64.92 63.87
CA ILE D 343 -15.96 -64.60 62.51
C ILE D 343 -16.78 -65.45 61.54
N ILE D 344 -17.56 -64.80 60.70
CA ILE D 344 -18.34 -65.49 59.68
C ILE D 344 -17.71 -65.30 58.32
N ILE D 345 -17.41 -66.39 57.63
CA ILE D 345 -16.88 -66.30 56.27
C ILE D 345 -17.69 -67.10 55.30
N PRO D 346 -17.62 -66.75 53.99
CA PRO D 346 -18.13 -67.54 52.87
C PRO D 346 -17.67 -68.98 52.91
N GLY D 347 -18.54 -69.92 52.56
CA GLY D 347 -18.10 -71.29 52.36
C GLY D 347 -17.18 -71.38 51.16
N ASP D 348 -17.37 -70.45 50.21
CA ASP D 348 -16.52 -70.36 49.02
C ASP D 348 -15.34 -69.41 49.24
N SER D 349 -14.41 -69.87 50.08
CA SER D 349 -13.15 -69.18 50.31
C SER D 349 -12.20 -70.28 50.73
N PRO D 350 -10.88 -70.00 50.73
CA PRO D 350 -9.96 -71.10 51.07
C PRO D 350 -10.23 -71.71 52.46
N ALA D 351 -10.38 -70.86 53.48
CA ALA D 351 -10.64 -71.31 54.84
C ALA D 351 -11.99 -72.02 54.96
N GLY D 352 -13.00 -71.47 54.30
CA GLY D 352 -14.35 -72.00 54.37
C GLY D 352 -14.42 -73.42 53.85
N GLU D 353 -13.63 -73.69 52.83
CA GLU D 353 -13.60 -75.03 52.26
C GLU D 353 -12.99 -76.01 53.26
N ARG D 354 -12.05 -75.55 54.06
CA ARG D 354 -11.44 -76.44 55.01
C ARG D 354 -12.28 -76.62 56.28
N LEU D 355 -13.25 -75.74 56.51
CA LEU D 355 -14.12 -75.90 57.67
C LEU D 355 -15.02 -77.10 57.46
N VAL D 356 -15.37 -77.34 56.20
CA VAL D 356 -16.40 -78.29 55.82
C VAL D 356 -16.34 -79.64 56.51
N SER D 357 -15.17 -80.24 56.63
CA SER D 357 -15.11 -81.53 57.32
C SER D 357 -15.16 -81.40 58.85
N PHE D 358 -15.15 -80.18 59.36
CA PHE D 358 -15.32 -79.95 60.78
C PHE D 358 -16.76 -79.46 61.09
N GLY D 359 -17.68 -79.66 60.15
CA GLY D 359 -19.07 -79.33 60.37
C GLY D 359 -19.35 -77.86 60.12
N GLY D 360 -18.37 -77.14 59.61
CA GLY D 360 -18.59 -75.74 59.27
C GLY D 360 -18.38 -74.74 60.41
N VAL D 361 -18.05 -75.22 61.61
CA VAL D 361 -17.73 -74.38 62.79
C VAL D 361 -16.55 -74.91 63.55
N ILE D 362 -15.64 -74.03 63.91
CA ILE D 362 -14.58 -74.38 64.84
C ILE D 362 -14.48 -73.27 65.91
N ALA D 363 -13.94 -73.62 67.08
CA ALA D 363 -13.76 -72.64 68.14
C ALA D 363 -12.42 -72.84 68.85
N LEU D 364 -11.77 -71.74 69.19
CA LEU D 364 -10.65 -71.79 70.13
C LEU D 364 -11.20 -71.52 71.54
N LEU D 365 -10.88 -72.39 72.50
CA LEU D 365 -11.41 -72.25 73.86
C LEU D 365 -10.42 -71.58 74.82
N ARG D 366 -10.95 -70.79 75.74
CA ARG D 366 -10.14 -70.09 76.74
C ARG D 366 -9.41 -71.05 77.68
N TYR D 367 -9.98 -72.23 77.85
CA TYR D 367 -9.45 -73.22 78.77
C TYR D 367 -9.88 -74.62 78.30
N PRO D 368 -9.09 -75.65 78.67
CA PRO D 368 -9.43 -77.06 78.39
C PRO D 368 -10.81 -77.46 78.85
N VAL D 369 -11.51 -78.23 78.02
CA VAL D 369 -12.81 -78.76 78.36
C VAL D 369 -12.83 -80.19 77.89
N PRO D 370 -12.77 -81.16 78.83
CA PRO D 370 -12.78 -82.60 78.50
C PRO D 370 -14.07 -83.01 77.81
N GLN D 371 -13.98 -84.02 76.94
CA GLN D 371 -15.10 -84.43 76.11
C GLN D 371 -16.29 -84.95 76.94
N GLU D 372 -16.02 -85.56 78.09
CA GLU D 372 -17.09 -85.96 79.02
C GLU D 372 -17.92 -84.74 79.43
N ALA D 373 -17.23 -83.64 79.68
CA ALA D 373 -17.90 -82.41 80.06
C ALA D 373 -18.74 -81.80 78.92
N ARG D 374 -18.55 -82.26 77.69
CA ARG D 374 -19.24 -81.65 76.54
C ARG D 374 -20.58 -82.31 76.25
N ARG D 375 -21.58 -82.04 77.09
CA ARG D 375 -22.93 -82.53 76.84
C ARG D 375 -23.98 -81.50 77.27
N GLU E 6 -47.67 52.03 -64.83
CA GLU E 6 -47.54 53.04 -63.78
C GLU E 6 -46.20 53.78 -63.90
N LYS E 7 -46.21 55.10 -63.66
CA LYS E 7 -45.00 55.92 -63.71
C LYS E 7 -43.94 55.50 -62.68
N PRO E 8 -42.68 55.38 -63.11
CA PRO E 8 -41.56 54.99 -62.22
C PRO E 8 -41.33 55.98 -61.08
N HIS E 9 -40.75 55.48 -59.99
CA HIS E 9 -40.61 56.29 -58.78
C HIS E 9 -39.16 56.66 -58.50
N MET E 10 -38.94 57.93 -58.14
CA MET E 10 -37.60 58.34 -57.77
C MET E 10 -37.54 59.25 -56.54
N ASN E 11 -36.42 59.12 -55.81
CA ASN E 11 -36.18 59.85 -54.58
C ASN E 11 -35.31 61.09 -54.81
N LEU E 12 -35.90 62.24 -54.50
CA LEU E 12 -35.32 63.55 -54.72
C LEU E 12 -34.98 64.28 -53.43
N VAL E 13 -33.69 64.46 -53.14
CA VAL E 13 -33.35 65.29 -51.99
C VAL E 13 -33.00 66.70 -52.47
N VAL E 14 -33.46 67.70 -51.72
CA VAL E 14 -33.20 69.09 -52.00
C VAL E 14 -32.12 69.62 -51.04
N ILE E 15 -30.95 69.94 -51.60
CA ILE E 15 -29.77 70.32 -50.83
C ILE E 15 -29.28 71.72 -51.19
N GLY E 16 -28.50 72.32 -50.29
CA GLY E 16 -27.98 73.66 -50.48
C GLY E 16 -27.69 74.41 -49.18
N HIS E 17 -26.89 75.47 -49.27
CA HIS E 17 -26.51 76.33 -48.14
C HIS E 17 -27.74 76.95 -47.46
N VAL E 18 -27.61 77.28 -46.18
CA VAL E 18 -28.74 77.82 -45.40
C VAL E 18 -29.45 78.99 -46.11
N ASP E 19 -30.77 78.92 -46.18
CA ASP E 19 -31.61 80.03 -46.66
C ASP E 19 -31.39 80.41 -48.14
N HIS E 20 -30.82 79.52 -48.94
CA HIS E 20 -30.82 79.77 -50.38
C HIS E 20 -32.14 79.40 -51.03
N GLY E 21 -33.14 79.04 -50.21
CA GLY E 21 -34.50 78.81 -50.67
C GLY E 21 -34.92 77.39 -50.97
N LYS E 22 -34.29 76.40 -50.33
CA LYS E 22 -34.62 74.99 -50.56
C LYS E 22 -36.09 74.70 -50.28
N SER E 23 -36.58 75.14 -49.13
CA SER E 23 -37.97 74.89 -48.74
C SER E 23 -39.00 75.73 -49.53
N THR E 24 -38.65 76.97 -49.86
CA THR E 24 -39.52 77.78 -50.71
C THR E 24 -39.74 77.14 -52.10
N LEU E 25 -38.65 76.71 -52.73
CA LEU E 25 -38.74 75.98 -53.99
C LEU E 25 -39.71 74.79 -53.93
N VAL E 26 -39.57 73.96 -52.90
CA VAL E 26 -40.38 72.74 -52.82
C VAL E 26 -41.84 73.11 -52.61
N GLY E 27 -42.10 74.03 -51.70
CA GLY E 27 -43.45 74.46 -51.42
C GLY E 27 -44.09 75.10 -52.61
N HIS E 28 -43.35 75.98 -53.27
CA HIS E 28 -43.93 76.73 -54.39
C HIS E 28 -44.15 75.80 -55.58
N LEU E 29 -43.18 74.91 -55.85
CA LEU E 29 -43.33 73.93 -56.93
C LEU E 29 -44.55 73.03 -56.70
N LEU E 30 -44.73 72.60 -55.45
CA LEU E 30 -45.87 71.74 -55.11
C LEU E 30 -47.16 72.54 -55.25
N TYR E 31 -47.12 73.80 -54.85
CA TYR E 31 -48.25 74.67 -55.05
C TYR E 31 -48.62 74.83 -56.53
N ARG E 32 -47.69 75.34 -57.32
CA ARG E 32 -47.86 75.54 -58.76
C ARG E 32 -48.31 74.29 -59.50
N LEU E 33 -47.94 73.12 -59.00
CA LEU E 33 -48.36 71.88 -59.61
C LEU E 33 -49.76 71.49 -59.11
N GLY E 34 -50.30 72.28 -58.21
CA GLY E 34 -51.65 72.07 -57.69
C GLY E 34 -51.80 70.94 -56.69
N TYR E 35 -50.82 70.82 -55.79
CA TYR E 35 -50.86 69.82 -54.73
C TYR E 35 -51.18 70.51 -53.40
N ILE E 36 -51.02 71.82 -53.37
CA ILE E 36 -51.24 72.58 -52.15
C ILE E 36 -52.54 73.34 -52.27
N GLU E 37 -53.49 73.04 -51.38
CA GLU E 37 -54.81 73.66 -51.41
C GLU E 37 -54.70 75.13 -51.10
N GLU E 38 -55.45 75.94 -51.84
CA GLU E 38 -55.29 77.38 -51.80
C GLU E 38 -55.71 78.01 -50.47
N LYS E 39 -56.63 77.36 -49.76
CA LYS E 39 -57.07 77.86 -48.48
C LYS E 39 -55.89 77.84 -47.53
N LYS E 40 -55.11 76.76 -47.59
CA LYS E 40 -53.97 76.58 -46.70
C LYS E 40 -52.92 77.65 -46.91
N LEU E 41 -52.55 77.90 -48.16
CA LEU E 41 -51.49 78.86 -48.45
C LEU E 41 -51.85 80.23 -47.87
N LYS E 42 -53.12 80.62 -48.02
CA LYS E 42 -53.60 81.87 -47.45
C LYS E 42 -53.45 81.87 -45.93
N GLU E 43 -53.83 80.76 -45.30
CA GLU E 43 -53.64 80.58 -43.86
C GLU E 43 -52.18 80.74 -43.43
N LEU E 44 -51.29 80.00 -44.10
CA LEU E 44 -49.85 80.04 -43.83
C LEU E 44 -49.29 81.46 -43.94
N GLU E 45 -49.60 82.15 -45.04
CA GLU E 45 -49.19 83.54 -45.18
C GLU E 45 -49.70 84.41 -44.02
N GLU E 46 -50.95 84.19 -43.62
CA GLU E 46 -51.52 84.92 -42.48
C GLU E 46 -50.73 84.65 -41.21
N GLN E 47 -50.41 83.38 -40.98
CA GLN E 47 -49.69 83.00 -39.78
C GLN E 47 -48.24 83.48 -39.87
N ALA E 48 -47.69 83.47 -41.08
CA ALA E 48 -46.31 83.92 -41.29
C ALA E 48 -46.18 85.40 -41.00
N LYS E 49 -47.25 86.15 -41.28
CA LYS E 49 -47.26 87.59 -41.09
C LYS E 49 -47.55 87.94 -39.64
N SER E 50 -48.29 87.07 -38.96
CA SER E 50 -48.57 87.26 -37.54
C SER E 50 -47.25 87.29 -36.77
N ARG E 51 -46.42 86.30 -37.01
CA ARG E 51 -45.04 86.31 -36.53
C ARG E 51 -44.20 87.16 -37.48
N GLY E 52 -42.88 87.08 -37.36
CA GLY E 52 -42.04 87.91 -38.20
C GLY E 52 -42.03 87.52 -39.67
N LYS E 53 -42.21 86.23 -39.93
CA LYS E 53 -41.74 85.60 -41.16
C LYS E 53 -42.58 85.76 -42.44
N GLU E 54 -42.88 86.99 -42.84
CA GLU E 54 -43.76 87.26 -43.99
C GLU E 54 -43.37 86.49 -45.25
N SER E 55 -42.06 86.45 -45.52
CA SER E 55 -41.56 85.81 -46.72
C SER E 55 -41.54 84.28 -46.68
N PHE E 56 -42.06 83.68 -45.63
CA PHE E 56 -41.86 82.25 -45.41
C PHE E 56 -43.07 81.37 -45.76
N LYS E 57 -44.12 81.94 -46.34
CA LYS E 57 -45.36 81.20 -46.58
C LYS E 57 -45.12 79.89 -47.33
N PHE E 58 -44.21 79.90 -48.31
CA PHE E 58 -43.94 78.73 -49.13
C PHE E 58 -43.08 77.68 -48.42
N ALA E 59 -42.14 78.12 -47.61
CA ALA E 59 -41.28 77.19 -46.90
C ALA E 59 -42.00 76.53 -45.72
N TRP E 60 -43.06 77.15 -45.23
CA TRP E 60 -43.83 76.60 -44.10
C TRP E 60 -44.83 75.51 -44.50
N ILE E 61 -44.91 75.23 -45.79
CA ILE E 61 -45.61 74.05 -46.29
C ILE E 61 -44.83 72.81 -45.82
N LEU E 62 -43.53 73.00 -45.63
CA LEU E 62 -42.64 71.93 -45.21
C LEU E 62 -42.13 72.11 -43.78
N ASP E 63 -41.58 73.29 -43.46
CA ASP E 63 -41.10 73.55 -42.11
C ASP E 63 -42.29 73.57 -41.15
N LYS E 64 -42.30 72.62 -40.22
CA LYS E 64 -43.44 72.40 -39.33
C LYS E 64 -43.10 72.51 -37.84
N MET E 65 -41.88 72.11 -37.47
CA MET E 65 -41.44 72.15 -36.07
C MET E 65 -41.51 73.54 -35.49
N LYS E 66 -41.78 73.66 -34.20
CA LYS E 66 -41.81 74.97 -33.55
C LYS E 66 -40.50 75.73 -33.78
N GLU E 67 -39.39 75.06 -33.48
CA GLU E 67 -38.10 75.70 -33.62
C GLU E 67 -37.86 76.05 -35.07
N GLU E 68 -38.38 75.22 -35.96
CA GLU E 68 -38.18 75.44 -37.39
C GLU E 68 -38.80 76.75 -37.80
N ARG E 69 -39.97 77.06 -37.24
CA ARG E 69 -40.71 78.23 -37.70
C ARG E 69 -40.23 79.46 -36.97
N GLU E 70 -39.74 79.29 -35.75
CA GLU E 70 -39.23 80.44 -34.99
C GLU E 70 -37.90 80.96 -35.54
N ARG E 71 -37.17 80.16 -36.30
CA ARG E 71 -35.77 80.50 -36.57
C ARG E 71 -35.41 81.27 -37.87
N GLY E 72 -36.02 81.04 -39.03
CA GLY E 72 -36.86 79.92 -39.39
C GLY E 72 -36.06 79.14 -40.41
N ILE E 73 -35.58 77.98 -39.95
CA ILE E 73 -34.78 77.09 -40.75
C ILE E 73 -35.34 75.67 -40.74
N THR E 74 -35.02 74.89 -41.77
CA THR E 74 -35.38 73.48 -41.77
C THR E 74 -34.48 72.76 -40.77
N ILE E 75 -35.07 71.92 -39.92
CA ILE E 75 -34.26 71.11 -39.03
C ILE E 75 -34.26 69.63 -39.44
N ASP E 76 -35.40 68.95 -39.57
CA ASP E 76 -35.30 67.57 -40.07
CA ASP E 76 -35.42 67.56 -40.02
C ASP E 76 -35.96 67.40 -41.43
N LEU E 77 -35.64 66.27 -42.05
CA LEU E 77 -36.13 65.93 -43.37
C LEU E 77 -37.62 66.10 -43.37
N THR E 78 -38.14 66.66 -44.46
CA THR E 78 -39.58 66.65 -44.72
C THR E 78 -39.86 65.90 -46.03
N PHE E 79 -40.81 64.98 -45.99
CA PHE E 79 -41.12 64.14 -47.13
C PHE E 79 -42.46 64.49 -47.74
N MET E 80 -42.48 64.67 -49.07
CA MET E 80 -43.72 64.85 -49.81
C MET E 80 -43.68 64.17 -51.17
N LYS E 81 -44.85 64.09 -51.79
CA LYS E 81 -44.99 63.35 -53.04
C LYS E 81 -45.59 64.25 -54.12
N PHE E 82 -45.31 63.92 -55.37
CA PHE E 82 -45.94 64.58 -56.51
C PHE E 82 -45.50 63.81 -57.75
N GLU E 83 -46.15 64.07 -58.88
CA GLU E 83 -45.74 63.43 -60.12
C GLU E 83 -45.58 64.41 -61.29
N THR E 84 -44.60 64.10 -62.13
CA THR E 84 -44.34 64.82 -63.35
C THR E 84 -44.96 64.02 -64.47
N LYS E 85 -44.75 64.47 -65.71
CA LYS E 85 -45.41 63.82 -66.83
C LYS E 85 -45.00 62.34 -66.93
N LYS E 86 -43.77 61.99 -66.59
CA LYS E 86 -43.44 60.57 -66.65
C LYS E 86 -42.97 59.89 -65.34
N TYR E 87 -42.77 60.66 -64.27
CA TYR E 87 -42.32 60.07 -63.00
C TYR E 87 -43.15 60.43 -61.79
N VAL E 88 -43.17 59.54 -60.81
CA VAL E 88 -43.62 59.88 -59.46
C VAL E 88 -42.42 60.11 -58.51
N PHE E 89 -42.48 61.20 -57.77
CA PHE E 89 -41.35 61.62 -56.95
C PHE E 89 -41.68 61.67 -55.45
N THR E 90 -40.78 61.09 -54.66
CA THR E 90 -40.70 61.39 -53.24
C THR E 90 -39.67 62.50 -53.09
N ILE E 91 -40.10 63.67 -52.63
CA ILE E 91 -39.14 64.74 -52.54
C ILE E 91 -38.77 65.00 -51.08
N ILE E 92 -37.47 65.00 -50.82
CA ILE E 92 -36.92 65.09 -49.48
C ILE E 92 -36.27 66.47 -49.25
N ASP E 93 -36.95 67.30 -48.47
CA ASP E 93 -36.48 68.65 -48.10
C ASP E 93 -35.46 68.62 -46.93
N ALA E 94 -34.17 68.75 -47.24
CA ALA E 94 -33.10 68.68 -46.24
C ALA E 94 -32.70 70.06 -45.71
N PRO E 95 -32.10 70.12 -44.51
CA PRO E 95 -31.77 71.39 -43.84
C PRO E 95 -30.48 72.03 -44.32
N GLY E 96 -30.47 73.35 -44.36
CA GLY E 96 -29.31 74.05 -44.88
C GLY E 96 -28.33 74.45 -43.79
N HIS E 97 -28.87 74.78 -42.62
CA HIS E 97 -28.05 75.19 -41.48
C HIS E 97 -26.99 74.15 -41.23
N ARG E 98 -25.79 74.54 -40.82
CA ARG E 98 -24.72 73.55 -40.75
C ARG E 98 -24.83 72.75 -39.46
N ASP E 99 -25.69 73.21 -38.55
CA ASP E 99 -26.02 72.44 -37.35
C ASP E 99 -26.59 71.07 -37.66
N PHE E 100 -27.14 70.92 -38.86
CA PHE E 100 -27.94 69.75 -39.14
C PHE E 100 -27.53 69.01 -40.40
N VAL E 101 -26.26 69.14 -40.73
CA VAL E 101 -25.68 68.38 -41.82
C VAL E 101 -26.02 66.89 -41.67
N LYS E 102 -25.97 66.40 -40.44
CA LYS E 102 -26.30 65.01 -40.11
C LYS E 102 -27.61 64.56 -40.74
N ASN E 103 -28.63 65.41 -40.65
CA ASN E 103 -29.91 65.13 -41.29
C ASN E 103 -29.87 65.20 -42.81
N MET E 104 -29.14 66.16 -43.36
CA MET E 104 -28.98 66.26 -44.83
C MET E 104 -28.43 64.97 -45.38
N ILE E 105 -27.40 64.45 -44.73
CA ILE E 105 -26.74 63.21 -45.13
C ILE E 105 -27.70 61.99 -45.22
N THR E 106 -28.58 61.80 -44.24
CA THR E 106 -29.50 60.66 -44.31
C THR E 106 -30.46 60.86 -45.49
N GLY E 107 -30.85 62.10 -45.75
CA GLY E 107 -31.62 62.43 -46.95
C GLY E 107 -30.91 62.04 -48.24
N ALA E 108 -29.63 62.41 -48.37
CA ALA E 108 -28.86 62.10 -49.57
C ALA E 108 -28.62 60.61 -49.69
N SER E 109 -28.52 59.92 -48.56
CA SER E 109 -28.34 58.47 -48.59
C SER E 109 -29.61 57.77 -49.14
N GLN E 110 -30.77 58.42 -49.02
CA GLN E 110 -32.03 57.90 -49.59
C GLN E 110 -32.20 58.14 -51.10
N ALA E 111 -31.55 59.19 -51.61
CA ALA E 111 -31.90 59.76 -52.92
C ALA E 111 -31.34 59.00 -54.12
N ASP E 112 -32.00 59.23 -55.27
CA ASP E 112 -31.50 58.81 -56.57
C ASP E 112 -30.97 60.01 -57.32
N ALA E 113 -31.50 61.17 -56.94
CA ALA E 113 -31.11 62.43 -57.53
C ALA E 113 -31.26 63.56 -56.53
N ALA E 114 -30.50 64.63 -56.76
CA ALA E 114 -30.51 65.79 -55.91
C ALA E 114 -30.89 67.07 -56.68
N ILE E 115 -31.65 67.95 -56.04
CA ILE E 115 -31.74 69.31 -56.54
C ILE E 115 -30.82 70.18 -55.70
N LEU E 116 -29.81 70.78 -56.31
CA LEU E 116 -28.96 71.74 -55.61
C LEU E 116 -29.53 73.13 -55.80
N VAL E 117 -30.02 73.72 -54.74
CA VAL E 117 -30.45 75.10 -54.77
C VAL E 117 -29.28 75.99 -54.37
N VAL E 118 -28.94 76.97 -55.22
CA VAL E 118 -27.88 77.95 -54.91
C VAL E 118 -28.40 79.37 -55.14
N SER E 119 -28.20 80.24 -54.14
CA SER E 119 -28.69 81.61 -54.20
C SER E 119 -27.80 82.50 -55.08
N ALA E 120 -28.39 83.29 -55.96
CA ALA E 120 -27.58 84.12 -56.84
C ALA E 120 -27.25 85.47 -56.20
N ARG E 121 -28.04 85.86 -55.19
CA ARG E 121 -27.84 87.12 -54.48
C ARG E 121 -26.39 87.37 -54.08
N LYS E 122 -26.07 88.65 -53.88
CA LYS E 122 -24.69 89.07 -53.63
C LYS E 122 -24.26 88.70 -52.22
N GLY E 123 -23.09 88.08 -52.11
CA GLY E 123 -22.62 87.61 -50.83
C GLY E 123 -23.16 86.23 -50.48
N GLU E 124 -24.44 85.99 -50.79
CA GLU E 124 -25.11 84.74 -50.44
C GLU E 124 -24.50 83.55 -51.16
N PHE E 125 -24.33 83.68 -52.48
CA PHE E 125 -23.70 82.63 -53.28
C PHE E 125 -22.26 82.35 -52.80
N GLU E 126 -21.56 83.41 -52.44
CA GLU E 126 -20.19 83.31 -51.98
C GLU E 126 -20.14 82.67 -50.58
N ALA E 127 -21.13 82.98 -49.74
CA ALA E 127 -21.30 82.26 -48.49
C ALA E 127 -21.28 80.76 -48.78
N GLY E 128 -22.24 80.30 -49.57
CA GLY E 128 -22.41 78.88 -49.85
C GLY E 128 -21.22 78.18 -50.48
N MET E 129 -20.51 78.89 -51.36
CA MET E 129 -19.41 78.25 -52.06
C MET E 129 -18.11 78.41 -51.29
N SER E 130 -18.17 79.13 -50.18
CA SER E 130 -16.98 79.36 -49.36
C SER E 130 -16.39 78.04 -48.81
N THR E 131 -15.20 78.14 -48.26
CA THR E 131 -14.49 76.97 -47.76
C THR E 131 -15.30 76.22 -46.69
N GLU E 132 -16.08 76.95 -45.91
CA GLU E 132 -16.87 76.36 -44.86
C GLU E 132 -18.39 76.34 -45.16
N GLY E 133 -18.77 76.85 -46.33
CA GLY E 133 -20.17 76.90 -46.75
C GLY E 133 -20.73 75.55 -47.17
N GLN E 134 -22.05 75.45 -47.26
CA GLN E 134 -22.64 74.11 -47.45
C GLN E 134 -23.10 73.82 -48.87
N THR E 135 -22.87 74.76 -49.79
CA THR E 135 -22.99 74.43 -51.21
C THR E 135 -21.86 73.46 -51.50
N ARG E 136 -20.67 73.86 -51.10
CA ARG E 136 -19.51 72.98 -51.10
C ARG E 136 -19.80 71.68 -50.40
N GLU E 137 -20.22 71.79 -49.15
CA GLU E 137 -20.30 70.60 -48.33
C GLU E 137 -21.38 69.64 -48.82
N HIS E 138 -22.58 70.14 -49.10
CA HIS E 138 -23.65 69.26 -49.57
C HIS E 138 -23.25 68.56 -50.88
N LEU E 139 -22.68 69.34 -51.80
CA LEU E 139 -22.23 68.78 -53.08
C LEU E 139 -21.22 67.66 -52.88
N LEU E 140 -20.33 67.87 -51.92
CA LEU E 140 -19.33 66.86 -51.59
C LEU E 140 -20.07 65.65 -51.05
N LEU E 141 -20.89 65.91 -50.03
CA LEU E 141 -21.59 64.84 -49.33
C LEU E 141 -22.51 64.06 -50.28
N ALA E 142 -23.26 64.77 -51.13
CA ALA E 142 -24.14 64.09 -52.09
C ALA E 142 -23.40 63.09 -52.96
N ARG E 143 -22.20 63.43 -53.39
CA ARG E 143 -21.46 62.50 -54.25
C ARG E 143 -20.94 61.31 -53.44
N THR E 144 -20.46 61.53 -52.22
CA THR E 144 -19.92 60.39 -51.48
C THR E 144 -21.07 59.48 -51.05
N MET E 145 -22.29 60.00 -51.05
CA MET E 145 -23.47 59.21 -50.75
C MET E 145 -24.12 58.59 -52.00
N GLY E 146 -23.38 58.49 -53.09
CA GLY E 146 -23.85 57.78 -54.28
C GLY E 146 -24.71 58.54 -55.29
N ILE E 147 -25.08 59.79 -54.98
CA ILE E 147 -25.90 60.57 -55.89
C ILE E 147 -25.10 61.01 -57.11
N GLU E 148 -25.44 60.48 -58.27
CA GLU E 148 -24.74 60.86 -59.49
C GLU E 148 -25.70 61.33 -60.55
N GLN E 149 -26.57 62.26 -60.17
CA GLN E 149 -27.64 62.72 -61.03
C GLN E 149 -28.20 63.97 -60.39
N ILE E 150 -27.69 65.12 -60.79
CA ILE E 150 -28.06 66.34 -60.10
C ILE E 150 -28.63 67.38 -61.04
N ILE E 151 -29.64 68.08 -60.55
CA ILE E 151 -30.15 69.28 -61.17
C ILE E 151 -29.71 70.44 -60.30
N VAL E 152 -29.26 71.55 -60.88
CA VAL E 152 -29.10 72.71 -60.01
C VAL E 152 -30.03 73.81 -60.44
N ALA E 153 -30.52 74.53 -59.45
CA ALA E 153 -31.40 75.65 -59.65
C ALA E 153 -30.68 76.88 -59.15
N VAL E 154 -30.40 77.81 -60.06
CA VAL E 154 -29.80 79.08 -59.68
C VAL E 154 -30.92 80.03 -59.28
N ASN E 155 -31.05 80.23 -57.99
CA ASN E 155 -32.28 80.75 -57.42
C ASN E 155 -32.18 82.20 -56.97
N LYS E 156 -33.31 82.79 -56.61
CA LYS E 156 -33.40 84.19 -56.15
C LYS E 156 -33.05 85.14 -57.28
N MET E 157 -33.33 84.70 -58.50
CA MET E 157 -33.13 85.49 -59.71
C MET E 157 -33.88 86.82 -59.61
N ASP E 158 -35.08 86.76 -59.05
CA ASP E 158 -35.93 87.93 -58.88
C ASP E 158 -35.32 89.05 -58.03
N ALA E 159 -34.41 88.69 -57.12
CA ALA E 159 -33.93 89.62 -56.10
C ALA E 159 -33.44 90.94 -56.70
N PRO E 160 -33.56 92.04 -55.93
CA PRO E 160 -33.04 93.35 -56.34
C PRO E 160 -31.61 93.28 -56.87
N ASP E 161 -30.72 92.67 -56.10
CA ASP E 161 -29.30 92.61 -56.46
C ASP E 161 -28.99 91.60 -57.55
N VAL E 162 -30.01 91.08 -58.22
CA VAL E 162 -29.78 90.15 -59.32
C VAL E 162 -30.58 90.60 -60.54
N ASN E 163 -31.87 90.81 -60.29
CA ASN E 163 -32.87 91.18 -61.29
C ASN E 163 -32.72 90.52 -62.65
N TYR E 164 -32.65 89.19 -62.66
CA TYR E 164 -32.73 88.40 -63.88
C TYR E 164 -31.51 88.64 -64.77
N ASP E 165 -30.42 89.08 -64.18
CA ASP E 165 -29.21 89.35 -64.96
C ASP E 165 -28.58 88.04 -65.40
N GLN E 166 -28.44 87.88 -66.72
CA GLN E 166 -27.75 86.72 -67.27
C GLN E 166 -26.28 86.61 -66.84
N LYS E 167 -25.59 87.74 -66.69
CA LYS E 167 -24.18 87.69 -66.31
C LYS E 167 -23.97 87.05 -64.95
N ARG E 168 -24.81 87.42 -63.98
CA ARG E 168 -24.71 86.85 -62.63
C ARG E 168 -24.87 85.34 -62.68
N TYR E 169 -25.88 84.89 -63.42
CA TYR E 169 -26.12 83.46 -63.65
C TYR E 169 -24.89 82.76 -64.24
N GLU E 170 -24.32 83.30 -65.31
CA GLU E 170 -23.23 82.61 -65.96
C GLU E 170 -21.99 82.59 -65.07
N PHE E 171 -21.87 83.58 -64.19
CA PHE E 171 -20.78 83.58 -63.24
C PHE E 171 -20.96 82.45 -62.20
N VAL E 172 -22.15 82.33 -61.62
CA VAL E 172 -22.34 81.28 -60.63
C VAL E 172 -22.26 79.91 -61.32
N VAL E 173 -22.76 79.80 -62.54
CA VAL E 173 -22.69 78.52 -63.25
C VAL E 173 -21.24 78.11 -63.46
N SER E 174 -20.35 79.08 -63.62
CA SER E 174 -18.95 78.78 -63.90
C SER E 174 -18.19 78.42 -62.63
N VAL E 175 -18.44 79.17 -61.57
CA VAL E 175 -17.83 78.85 -60.29
C VAL E 175 -18.24 77.42 -59.94
N LEU E 176 -19.54 77.17 -59.90
CA LEU E 176 -20.05 75.84 -59.60
C LEU E 176 -19.40 74.78 -60.48
N LYS E 177 -19.37 75.05 -61.78
CA LYS E 177 -18.92 74.07 -62.76
C LYS E 177 -17.48 73.62 -62.52
N LYS E 178 -16.60 74.57 -62.22
CA LYS E 178 -15.22 74.24 -61.89
C LYS E 178 -15.19 73.30 -60.68
N PHE E 179 -15.83 73.73 -59.58
CA PHE E 179 -15.88 72.93 -58.36
C PHE E 179 -16.52 71.54 -58.60
N MET E 180 -17.70 71.50 -59.23
CA MET E 180 -18.36 70.23 -59.47
C MET E 180 -17.54 69.30 -60.35
N LYS E 181 -16.90 69.84 -61.37
CA LYS E 181 -16.00 69.03 -62.21
C LYS E 181 -14.90 68.39 -61.37
N GLY E 182 -14.29 69.17 -60.48
CA GLY E 182 -13.25 68.67 -59.59
C GLY E 182 -13.71 67.51 -58.72
N LEU E 183 -14.97 67.60 -58.28
CA LEU E 183 -15.59 66.56 -57.46
C LEU E 183 -15.76 65.27 -58.22
N GLY E 184 -16.06 65.36 -59.51
CA GLY E 184 -16.19 64.17 -60.30
C GLY E 184 -17.45 64.17 -61.15
N TYR E 185 -18.31 65.17 -60.95
CA TYR E 185 -19.54 65.28 -61.75
C TYR E 185 -19.23 65.48 -63.21
N GLN E 186 -20.11 64.97 -64.07
CA GLN E 186 -20.05 65.33 -65.47
C GLN E 186 -20.96 66.52 -65.66
N VAL E 187 -20.38 67.71 -65.51
CA VAL E 187 -21.13 68.95 -65.56
C VAL E 187 -21.80 69.20 -66.93
N ASP E 188 -21.25 68.62 -67.99
CA ASP E 188 -21.84 68.71 -69.33
C ASP E 188 -23.27 68.12 -69.40
N LYS E 189 -23.54 67.12 -68.56
CA LYS E 189 -24.86 66.51 -68.46
C LYS E 189 -25.84 67.39 -67.71
N ILE E 190 -25.34 68.10 -66.70
CA ILE E 190 -26.14 68.74 -65.66
C ILE E 190 -26.82 70.04 -66.07
N PRO E 191 -28.14 70.15 -65.85
CA PRO E 191 -28.85 71.42 -66.03
C PRO E 191 -28.49 72.44 -64.98
N PHE E 192 -28.45 73.71 -65.36
CA PHE E 192 -28.26 74.84 -64.44
C PHE E 192 -29.39 75.81 -64.70
N ILE E 193 -30.39 75.77 -63.85
CA ILE E 193 -31.61 76.47 -64.21
C ILE E 193 -31.84 77.74 -63.41
N PRO E 194 -31.98 78.88 -64.11
CA PRO E 194 -32.25 80.14 -63.41
C PRO E 194 -33.70 80.19 -63.00
N VAL E 195 -33.94 80.23 -61.70
CA VAL E 195 -35.29 80.14 -61.18
C VAL E 195 -35.55 81.21 -60.14
N SER E 196 -36.83 81.44 -59.87
CA SER E 196 -37.19 82.18 -58.68
C SER E 196 -38.17 81.35 -57.85
N ALA E 197 -37.65 80.69 -56.82
CA ALA E 197 -38.50 79.87 -55.97
C ALA E 197 -39.62 80.72 -55.40
N TRP E 198 -39.35 81.99 -55.17
CA TRP E 198 -40.36 82.85 -54.57
C TRP E 198 -41.41 83.33 -55.58
N LYS E 199 -41.00 83.46 -56.84
CA LYS E 199 -41.82 84.10 -57.85
C LYS E 199 -42.31 83.15 -58.95
N GLY E 200 -41.78 81.93 -58.97
CA GLY E 200 -42.28 80.91 -59.86
C GLY E 200 -41.46 80.72 -61.12
N ASP E 201 -40.56 81.67 -61.36
CA ASP E 201 -39.77 81.71 -62.59
C ASP E 201 -39.11 80.38 -62.90
N ASN E 202 -39.38 79.89 -64.11
CA ASN E 202 -38.81 78.65 -64.66
C ASN E 202 -39.04 77.39 -63.80
N LEU E 203 -40.01 77.46 -62.88
CA LEU E 203 -40.35 76.30 -62.05
C LEU E 203 -41.06 75.23 -62.87
N ILE E 204 -42.21 75.58 -63.44
CA ILE E 204 -42.91 74.67 -64.33
C ILE E 204 -42.92 75.22 -65.76
N GLU E 205 -43.04 76.53 -65.89
CA GLU E 205 -43.15 77.17 -67.19
C GLU E 205 -42.04 78.18 -67.45
N ARG E 206 -41.74 78.39 -68.73
CA ARG E 206 -40.85 79.43 -69.22
C ARG E 206 -41.08 80.80 -68.61
N SER E 207 -40.04 81.39 -68.02
CA SER E 207 -40.17 82.72 -67.46
C SER E 207 -39.95 83.82 -68.50
N PRO E 208 -40.94 84.72 -68.65
CA PRO E 208 -40.86 85.92 -69.47
C PRO E 208 -39.64 86.79 -69.13
N ASN E 209 -39.29 86.84 -67.84
CA ASN E 209 -38.27 87.77 -67.38
C ASN E 209 -36.84 87.34 -67.73
N MET E 210 -36.69 86.13 -68.25
CA MET E 210 -35.38 85.63 -68.66
C MET E 210 -35.40 85.03 -70.06
N PRO E 211 -35.50 85.91 -71.08
CA PRO E 211 -35.57 85.50 -72.49
C PRO E 211 -34.29 84.80 -72.96
N TRP E 212 -33.25 84.95 -72.16
CA TRP E 212 -31.90 84.53 -72.53
C TRP E 212 -31.58 83.10 -72.15
N TYR E 213 -32.52 82.38 -71.52
CA TYR E 213 -32.14 81.13 -70.88
C TYR E 213 -32.10 79.94 -71.85
N ASN E 214 -33.26 79.46 -72.30
CA ASN E 214 -33.35 78.38 -73.32
C ASN E 214 -32.83 76.99 -72.93
N GLY E 215 -32.66 76.72 -71.64
CA GLY E 215 -32.47 75.36 -71.18
C GLY E 215 -33.82 74.78 -70.75
N PRO E 216 -33.82 73.63 -70.06
CA PRO E 216 -35.10 73.09 -69.62
C PRO E 216 -35.68 73.89 -68.43
N THR E 217 -36.96 73.77 -68.14
CA THR E 217 -37.44 74.29 -66.85
C THR E 217 -37.19 73.21 -65.79
N LEU E 218 -37.52 73.49 -64.53
CA LEU E 218 -37.28 72.53 -63.44
C LEU E 218 -38.02 71.20 -63.69
N VAL E 219 -39.33 71.29 -63.94
CA VAL E 219 -40.14 70.10 -64.21
C VAL E 219 -39.59 69.30 -65.41
N GLU E 220 -39.09 70.01 -66.42
CA GLU E 220 -38.56 69.37 -67.63
C GLU E 220 -37.27 68.65 -67.32
N ALA E 221 -36.47 69.23 -66.44
CA ALA E 221 -35.19 68.63 -66.04
C ALA E 221 -35.42 67.41 -65.15
N LEU E 222 -36.46 67.49 -64.32
CA LEU E 222 -36.95 66.32 -63.60
C LEU E 222 -37.24 65.21 -64.60
N ASP E 223 -37.99 65.55 -65.65
CA ASP E 223 -38.45 64.56 -66.61
C ASP E 223 -37.34 64.09 -67.52
N GLN E 224 -36.10 64.49 -67.21
CA GLN E 224 -34.92 63.97 -67.91
C GLN E 224 -34.13 62.98 -67.07
N LEU E 225 -34.36 63.02 -65.75
CA LEU E 225 -33.77 62.05 -64.82
C LEU E 225 -34.08 60.63 -65.25
N GLN E 226 -33.10 59.74 -65.09
CA GLN E 226 -33.29 58.34 -65.43
C GLN E 226 -33.27 57.48 -64.17
N PRO E 227 -34.31 56.64 -63.98
CA PRO E 227 -34.43 55.75 -62.82
C PRO E 227 -33.31 54.73 -62.74
N PRO E 228 -32.80 54.48 -61.54
CA PRO E 228 -31.70 53.54 -61.37
C PRO E 228 -32.16 52.11 -61.50
N ALA E 229 -31.24 51.21 -61.81
CA ALA E 229 -31.51 49.78 -61.80
C ALA E 229 -31.88 49.35 -60.38
N LYS E 230 -32.72 48.34 -60.26
CA LYS E 230 -33.17 47.87 -58.94
C LYS E 230 -32.57 46.51 -58.61
N PRO E 231 -31.77 46.44 -57.53
CA PRO E 231 -31.12 45.19 -57.12
C PRO E 231 -32.08 44.29 -56.34
N VAL E 232 -33.02 43.67 -57.06
CA VAL E 232 -34.09 42.90 -56.41
C VAL E 232 -33.60 41.53 -55.97
N ASP E 233 -32.53 41.04 -56.59
CA ASP E 233 -31.97 39.72 -56.25
C ASP E 233 -30.87 39.78 -55.18
N LYS E 234 -30.78 40.92 -54.50
CA LYS E 234 -29.83 41.07 -53.40
C LYS E 234 -30.60 41.00 -52.08
N PRO E 235 -29.91 40.69 -50.98
CA PRO E 235 -30.58 40.58 -49.68
C PRO E 235 -31.39 41.84 -49.34
N LEU E 236 -32.59 41.67 -48.81
CA LEU E 236 -33.42 42.78 -48.36
C LEU E 236 -32.61 43.67 -47.42
N ARG E 237 -32.64 44.99 -47.67
CA ARG E 237 -32.04 45.95 -46.74
C ARG E 237 -32.87 47.23 -46.71
N ILE E 238 -33.42 47.58 -45.56
CA ILE E 238 -34.11 48.85 -45.41
C ILE E 238 -33.52 49.63 -44.22
N PRO E 239 -32.61 50.58 -44.48
CA PRO E 239 -32.14 51.51 -43.44
C PRO E 239 -33.30 52.34 -42.88
N VAL E 240 -33.54 52.30 -41.58
CA VAL E 240 -34.72 52.98 -41.09
C VAL E 240 -34.36 54.41 -40.81
N GLN E 241 -35.30 55.29 -41.11
CA GLN E 241 -35.04 56.73 -41.15
C GLN E 241 -35.73 57.34 -39.96
N ASN E 242 -36.87 56.75 -39.61
CA ASN E 242 -37.61 57.13 -38.43
C ASN E 242 -38.43 55.94 -37.95
N VAL E 243 -39.01 56.07 -36.76
CA VAL E 243 -39.93 55.07 -36.24
C VAL E 243 -41.05 55.82 -35.60
N TYR E 244 -42.29 55.53 -36.02
CA TYR E 244 -43.45 56.23 -35.49
C TYR E 244 -44.36 55.28 -34.71
N SER E 245 -45.21 55.86 -33.87
CA SER E 245 -46.21 55.09 -33.16
C SER E 245 -47.60 55.55 -33.57
N ILE E 246 -48.18 54.83 -34.54
CA ILE E 246 -49.40 55.24 -35.21
C ILE E 246 -50.67 54.49 -34.76
N PRO E 247 -51.64 55.23 -34.23
CA PRO E 247 -52.93 54.62 -33.89
C PRO E 247 -53.52 53.93 -35.12
N GLY E 248 -53.72 52.63 -35.03
CA GLY E 248 -54.29 51.88 -36.12
C GLY E 248 -53.30 50.95 -36.79
N ALA E 249 -52.00 51.18 -36.57
CA ALA E 249 -51.01 50.38 -37.25
C ALA E 249 -49.99 49.78 -36.30
N GLY E 250 -49.89 50.35 -35.10
CA GLY E 250 -48.84 49.98 -34.18
C GLY E 250 -47.58 50.80 -34.44
N THR E 251 -46.44 50.13 -34.46
CA THR E 251 -45.21 50.88 -34.52
C THR E 251 -44.59 50.66 -35.91
N VAL E 252 -44.34 51.76 -36.61
CA VAL E 252 -43.97 51.66 -38.01
C VAL E 252 -42.70 52.47 -38.29
N PRO E 253 -41.63 51.72 -38.56
CA PRO E 253 -40.41 52.24 -39.14
C PRO E 253 -40.73 52.76 -40.54
N VAL E 254 -40.07 53.85 -40.95
CA VAL E 254 -40.15 54.35 -42.31
C VAL E 254 -38.74 54.29 -42.86
N GLY E 255 -38.59 54.07 -44.17
CA GLY E 255 -37.27 53.95 -44.78
C GLY E 255 -37.30 53.61 -46.26
N ARG E 256 -36.14 53.68 -46.91
CA ARG E 256 -36.05 53.47 -48.35
C ARG E 256 -35.47 52.11 -48.65
N VAL E 257 -36.22 51.25 -49.33
CA VAL E 257 -35.72 49.94 -49.73
C VAL E 257 -34.47 50.07 -50.61
N GLU E 258 -33.37 49.42 -50.23
CA GLU E 258 -32.14 49.54 -51.00
C GLU E 258 -31.89 48.29 -51.82
N THR E 259 -32.20 47.14 -51.25
CA THR E 259 -32.02 45.88 -51.96
C THR E 259 -33.11 44.91 -51.57
N GLY E 260 -33.42 43.99 -52.48
CA GLY E 260 -34.43 42.97 -52.26
C GLY E 260 -35.86 43.48 -52.19
N VAL E 261 -36.77 42.60 -51.83
CA VAL E 261 -38.19 42.92 -51.81
C VAL E 261 -38.80 42.59 -50.46
N LEU E 262 -39.57 43.52 -49.93
CA LEU E 262 -40.36 43.32 -48.72
C LEU E 262 -41.77 42.99 -49.08
N ARG E 263 -42.29 41.87 -48.59
CA ARG E 263 -43.66 41.45 -48.89
C ARG E 263 -44.45 41.39 -47.58
N VAL E 264 -45.69 41.85 -47.59
CA VAL E 264 -46.47 41.86 -46.35
C VAL E 264 -46.54 40.44 -45.78
N GLY E 265 -46.35 40.32 -44.47
CA GLY E 265 -46.32 39.01 -43.85
C GLY E 265 -44.93 38.48 -43.56
N ASP E 266 -43.92 38.96 -44.30
CA ASP E 266 -42.53 38.54 -44.07
C ASP E 266 -42.14 38.77 -42.63
N LYS E 267 -41.22 37.96 -42.13
CA LYS E 267 -40.61 38.27 -40.85
C LYS E 267 -39.34 39.07 -41.13
N VAL E 268 -39.10 40.13 -40.36
CA VAL E 268 -37.92 40.96 -40.56
C VAL E 268 -37.13 41.15 -39.26
N VAL E 269 -35.81 41.15 -39.39
CA VAL E 269 -34.97 41.40 -38.24
C VAL E 269 -34.38 42.80 -38.35
N PHE E 270 -34.44 43.57 -37.28
CA PHE E 270 -33.79 44.87 -37.26
C PHE E 270 -32.41 44.80 -36.61
N MET E 271 -31.37 45.09 -37.38
CA MET E 271 -30.02 45.12 -36.84
C MET E 271 -29.51 46.56 -36.68
N PRO E 272 -28.64 46.80 -35.68
CA PRO E 272 -28.10 45.79 -34.76
C PRO E 272 -28.90 45.35 -33.49
N PRO E 273 -30.13 45.86 -33.23
CA PRO E 273 -30.74 45.38 -31.97
C PRO E 273 -30.98 43.87 -31.90
N GLY E 274 -31.52 43.32 -32.97
CA GLY E 274 -31.83 41.90 -33.03
C GLY E 274 -33.29 41.64 -32.75
N VAL E 275 -34.13 42.65 -32.97
CA VAL E 275 -35.55 42.49 -32.69
C VAL E 275 -36.29 42.09 -33.95
N VAL E 276 -37.18 41.10 -33.78
CA VAL E 276 -37.89 40.52 -34.89
C VAL E 276 -39.37 40.83 -34.76
N GLY E 277 -40.02 41.00 -35.90
CA GLY E 277 -41.44 41.24 -35.91
C GLY E 277 -41.95 40.86 -37.28
N GLU E 278 -43.26 40.81 -37.41
CA GLU E 278 -43.87 40.43 -38.67
C GLU E 278 -44.42 41.68 -39.33
N VAL E 279 -44.23 41.79 -40.64
CA VAL E 279 -44.75 42.94 -41.36
C VAL E 279 -46.25 42.81 -41.50
N ARG E 280 -46.99 43.71 -40.85
CA ARG E 280 -48.44 43.69 -40.88
C ARG E 280 -49.00 44.41 -42.11
N SER E 281 -48.25 45.37 -42.63
CA SER E 281 -48.70 46.18 -43.76
C SER E 281 -47.63 47.15 -44.21
N ILE E 282 -47.55 47.33 -45.52
CA ILE E 282 -46.62 48.26 -46.16
C ILE E 282 -47.39 49.42 -46.80
N GLU E 283 -47.03 50.64 -46.43
CA GLU E 283 -47.65 51.83 -47.02
C GLU E 283 -46.59 52.73 -47.69
N MET E 284 -47.00 53.45 -48.73
CA MET E 284 -46.14 54.38 -49.45
C MET E 284 -46.99 55.44 -50.10
N HIS E 285 -46.77 56.68 -49.68
CA HIS E 285 -47.60 57.79 -50.11
C HIS E 285 -49.07 57.52 -49.81
N TYR E 286 -49.35 57.14 -48.58
CA TYR E 286 -50.71 56.84 -48.12
C TYR E 286 -51.40 55.71 -48.90
N GLN E 287 -50.64 54.98 -49.71
CA GLN E 287 -51.20 53.86 -50.46
C GLN E 287 -50.85 52.52 -49.82
N GLN E 288 -51.78 51.59 -49.90
CA GLN E 288 -51.54 50.26 -49.39
C GLN E 288 -50.82 49.49 -50.45
N LEU E 289 -49.67 48.92 -50.10
CA LEU E 289 -48.92 48.07 -51.02
C LEU E 289 -48.84 46.65 -50.48
N GLN E 290 -48.74 45.68 -51.38
CA GLN E 290 -48.58 44.30 -50.92
C GLN E 290 -47.10 44.00 -50.81
N GLN E 291 -46.30 44.71 -51.59
CA GLN E 291 -44.85 44.57 -51.49
C GLN E 291 -44.15 45.92 -51.68
N ALA E 292 -42.84 45.92 -51.51
CA ALA E 292 -42.03 47.10 -51.79
C ALA E 292 -40.67 46.65 -52.35
N GLU E 293 -40.26 47.27 -53.45
CA GLU E 293 -39.04 46.90 -54.15
C GLU E 293 -38.00 48.01 -53.99
N PRO E 294 -36.73 47.76 -54.38
CA PRO E 294 -35.70 48.80 -54.33
C PRO E 294 -36.18 50.16 -54.86
N GLY E 295 -35.97 51.22 -54.06
CA GLY E 295 -36.38 52.55 -54.42
C GLY E 295 -37.65 52.98 -53.72
N ASP E 296 -38.40 52.00 -53.24
CA ASP E 296 -39.65 52.32 -52.56
C ASP E 296 -39.38 52.95 -51.20
N ASN E 297 -40.15 53.98 -50.90
CA ASN E 297 -39.96 54.76 -49.70
C ASN E 297 -41.19 54.55 -48.83
N ILE E 298 -41.07 53.67 -47.84
CA ILE E 298 -42.25 53.11 -47.18
C ILE E 298 -42.29 53.23 -45.69
N GLY E 299 -43.49 53.26 -45.15
CA GLY E 299 -43.70 52.97 -43.75
C GLY E 299 -44.19 51.53 -43.71
N PHE E 300 -43.58 50.69 -42.87
CA PHE E 300 -44.09 49.33 -42.70
C PHE E 300 -44.32 48.95 -41.23
N ALA E 301 -45.59 48.80 -40.87
CA ALA E 301 -46.00 48.32 -39.54
C ALA E 301 -45.43 46.96 -39.18
N VAL E 302 -44.87 46.86 -37.98
CA VAL E 302 -44.28 45.60 -37.57
C VAL E 302 -44.93 45.04 -36.30
N ARG E 303 -45.34 43.78 -36.38
CA ARG E 303 -46.02 43.15 -35.26
C ARG E 303 -45.09 42.85 -34.08
N GLY E 304 -45.53 43.27 -32.90
CA GLY E 304 -44.87 42.89 -31.67
C GLY E 304 -43.48 43.43 -31.56
N VAL E 305 -43.27 44.63 -32.11
CA VAL E 305 -42.05 45.38 -31.88
C VAL E 305 -42.43 46.71 -31.29
N SER E 306 -41.74 47.11 -30.22
CA SER E 306 -42.04 48.36 -29.55
C SER E 306 -41.28 49.48 -30.25
N LYS E 307 -41.74 50.72 -30.11
CA LYS E 307 -41.08 51.85 -30.76
C LYS E 307 -39.67 52.08 -30.18
N SER E 308 -39.45 51.63 -28.94
CA SER E 308 -38.18 51.87 -28.29
C SER E 308 -37.18 50.75 -28.59
N ASP E 309 -37.59 49.80 -29.42
CA ASP E 309 -36.71 48.69 -29.75
C ASP E 309 -35.75 49.08 -30.85
N ILE E 310 -36.23 49.96 -31.72
CA ILE E 310 -35.52 50.29 -32.95
C ILE E 310 -35.52 51.79 -33.23
N LYS E 311 -34.50 52.27 -33.93
CA LYS E 311 -34.36 53.70 -34.21
C LYS E 311 -33.64 53.96 -35.55
N ARG E 312 -33.52 55.24 -35.91
CA ARG E 312 -32.79 55.59 -37.12
C ARG E 312 -31.40 55.01 -37.07
N GLY E 313 -30.96 54.46 -38.18
CA GLY E 313 -29.63 53.89 -38.24
C GLY E 313 -29.68 52.39 -38.16
N ASP E 314 -30.78 51.86 -37.61
CA ASP E 314 -31.00 50.41 -37.65
C ASP E 314 -31.27 49.99 -39.10
N VAL E 315 -31.00 48.73 -39.43
CA VAL E 315 -31.27 48.24 -40.78
C VAL E 315 -32.09 46.96 -40.73
N ALA E 316 -33.20 46.95 -41.47
CA ALA E 316 -34.07 45.77 -41.55
C ALA E 316 -33.69 44.85 -42.71
N GLY E 317 -33.80 43.53 -42.46
CA GLY E 317 -33.60 42.53 -43.48
C GLY E 317 -34.44 41.29 -43.24
N HIS E 318 -34.15 40.25 -44.00
CA HIS E 318 -34.80 38.96 -43.78
C HIS E 318 -33.94 38.14 -42.84
N LEU E 319 -34.59 37.20 -42.16
CA LEU E 319 -33.95 36.42 -41.10
C LEU E 319 -32.79 35.59 -41.61
N ASP E 320 -32.86 35.15 -42.86
CA ASP E 320 -31.81 34.29 -43.41
C ASP E 320 -30.59 35.09 -43.83
N LYS E 321 -30.83 36.26 -44.39
CA LYS E 321 -29.75 37.16 -44.81
C LYS E 321 -29.84 38.46 -44.03
N PRO E 322 -29.43 38.45 -42.76
CA PRO E 322 -29.61 39.61 -41.88
C PRO E 322 -28.52 40.65 -42.10
N PRO E 323 -28.86 41.95 -42.01
CA PRO E 323 -27.89 43.04 -42.17
C PRO E 323 -26.65 42.84 -41.28
N THR E 324 -25.47 42.94 -41.89
CA THR E 324 -24.21 42.70 -41.18
C THR E 324 -23.90 43.77 -40.16
N VAL E 325 -23.59 43.34 -38.94
CA VAL E 325 -23.16 44.26 -37.91
C VAL E 325 -21.63 44.22 -37.78
N ALA E 326 -20.99 45.38 -37.82
CA ALA E 326 -19.53 45.39 -37.88
C ALA E 326 -18.91 45.55 -36.51
N GLU E 327 -18.20 44.53 -36.07
CA GLU E 327 -17.38 44.65 -34.87
C GLU E 327 -16.20 45.55 -35.18
N GLU E 328 -15.64 45.35 -36.37
CA GLU E 328 -14.63 46.22 -36.96
C GLU E 328 -14.93 46.28 -38.45
N PHE E 329 -14.45 47.29 -39.15
CA PHE E 329 -14.46 47.21 -40.60
C PHE E 329 -13.23 47.85 -41.22
N GLU E 330 -12.84 47.32 -42.38
CA GLU E 330 -11.76 47.88 -43.17
C GLU E 330 -12.34 48.79 -44.26
N ALA E 331 -11.65 49.88 -44.55
CA ALA E 331 -12.15 50.88 -45.49
C ALA E 331 -11.03 51.56 -46.25
N ARG E 332 -11.35 51.99 -47.47
CA ARG E 332 -10.49 52.86 -48.26
C ARG E 332 -11.03 54.29 -48.14
N ILE E 333 -10.25 55.18 -47.52
CA ILE E 333 -10.73 56.53 -47.25
C ILE E 333 -9.84 57.55 -47.91
N PHE E 334 -10.41 58.74 -48.11
CA PHE E 334 -9.67 59.87 -48.62
C PHE E 334 -9.85 61.07 -47.70
N VAL E 335 -8.75 61.70 -47.28
CA VAL E 335 -8.88 62.83 -46.36
C VAL E 335 -9.17 64.11 -47.10
N ILE E 336 -10.39 64.59 -46.96
CA ILE E 336 -10.79 65.81 -47.61
C ILE E 336 -10.19 66.99 -46.91
N TRP E 337 -10.24 66.97 -45.59
CA TRP E 337 -9.84 68.12 -44.78
C TRP E 337 -9.53 67.73 -43.35
N HIS E 338 -8.50 68.36 -42.78
CA HIS E 338 -8.12 68.15 -41.40
C HIS E 338 -7.03 69.15 -40.99
N PRO E 339 -7.21 69.77 -39.81
CA PRO E 339 -6.25 70.78 -39.32
C PRO E 339 -4.88 70.22 -38.94
N SER E 340 -4.75 68.90 -38.84
CA SER E 340 -3.53 68.31 -38.28
C SER E 340 -3.16 66.99 -38.89
N ALA E 341 -3.01 66.01 -38.01
CA ALA E 341 -2.67 64.69 -38.42
C ALA E 341 -3.71 63.73 -37.88
N ILE E 342 -4.18 62.86 -38.77
CA ILE E 342 -5.05 61.77 -38.37
C ILE E 342 -4.16 60.60 -37.96
N THR E 343 -4.38 60.07 -36.77
CA THR E 343 -3.54 58.99 -36.29
C THR E 343 -4.41 57.83 -35.82
N VAL E 344 -3.80 56.70 -35.51
CA VAL E 344 -4.50 55.67 -34.75
C VAL E 344 -5.11 56.32 -33.50
N GLY E 345 -6.37 55.99 -33.21
CA GLY E 345 -7.06 56.53 -32.06
C GLY E 345 -8.09 57.58 -32.39
N TYR E 346 -7.88 58.27 -33.51
CA TYR E 346 -8.80 59.24 -34.09
C TYR E 346 -10.17 58.66 -34.25
N THR E 347 -11.16 59.27 -33.59
CA THR E 347 -12.53 58.76 -33.62
C THR E 347 -13.55 59.76 -34.20
N PRO E 348 -13.71 59.77 -35.51
CA PRO E 348 -14.71 60.68 -36.10
C PRO E 348 -16.08 60.03 -36.17
N VAL E 349 -17.08 60.78 -36.62
CA VAL E 349 -18.41 60.20 -36.84
C VAL E 349 -18.49 59.56 -38.22
N ILE E 350 -18.82 58.26 -38.27
CA ILE E 350 -19.09 57.61 -39.53
C ILE E 350 -20.57 57.75 -39.89
N HIS E 351 -20.84 58.37 -41.04
CA HIS E 351 -22.20 58.48 -41.58
C HIS E 351 -22.36 57.47 -42.72
N VAL E 352 -23.07 56.37 -42.47
CA VAL E 352 -23.45 55.38 -43.49
C VAL E 352 -24.94 55.20 -43.51
N HIS E 353 -25.50 55.10 -44.71
CA HIS E 353 -26.96 55.10 -44.94
C HIS E 353 -27.57 56.08 -43.96
N THR E 354 -28.49 55.63 -43.12
CA THR E 354 -29.15 56.54 -42.17
C THR E 354 -28.44 56.65 -40.80
N ALA E 355 -27.38 55.87 -40.60
CA ALA E 355 -26.66 55.84 -39.32
C ALA E 355 -25.52 56.88 -39.21
N SER E 356 -25.28 57.27 -37.96
CA SER E 356 -24.19 58.16 -37.58
C SER E 356 -23.56 57.60 -36.29
N VAL E 357 -22.45 56.89 -36.44
CA VAL E 357 -21.81 56.20 -35.34
C VAL E 357 -20.31 56.49 -35.29
N SER E 358 -19.81 56.96 -34.15
CA SER E 358 -18.38 57.24 -34.04
C SER E 358 -17.58 55.95 -34.16
N SER E 359 -16.44 56.00 -34.85
CA SER E 359 -15.60 54.82 -34.98
C SER E 359 -14.14 55.16 -34.80
N ARG E 360 -13.41 54.27 -34.14
CA ARG E 360 -12.03 54.53 -33.78
C ARG E 360 -11.06 53.89 -34.78
N ILE E 361 -10.14 54.67 -35.33
CA ILE E 361 -9.12 54.11 -36.18
C ILE E 361 -8.18 53.28 -35.31
N ILE E 362 -8.21 51.96 -35.49
CA ILE E 362 -7.37 51.08 -34.69
C ILE E 362 -6.13 50.64 -35.43
N GLU E 363 -6.07 50.97 -36.72
CA GLU E 363 -4.86 50.75 -37.51
C GLU E 363 -4.90 51.51 -38.83
N ILE E 364 -3.85 52.25 -39.15
CA ILE E 364 -3.70 52.75 -40.51
C ILE E 364 -2.67 51.88 -41.18
N LYS E 365 -3.13 50.90 -41.95
CA LYS E 365 -2.21 49.89 -42.45
C LYS E 365 -1.52 50.24 -43.77
N ALA E 366 -2.00 51.28 -44.47
CA ALA E 366 -1.36 51.66 -45.73
C ALA E 366 -1.70 53.06 -46.21
N LYS E 367 -0.67 53.80 -46.62
CA LYS E 367 -0.81 55.04 -47.36
C LYS E 367 -0.97 54.68 -48.84
N LEU E 368 -1.79 55.41 -49.57
CA LEU E 368 -1.98 55.11 -50.98
C LEU E 368 -1.82 56.33 -51.86
N ASP E 369 -1.26 56.12 -53.04
CA ASP E 369 -1.29 57.12 -54.09
C ASP E 369 -2.75 57.39 -54.45
N PRO E 370 -3.19 58.64 -54.33
CA PRO E 370 -4.60 58.98 -54.59
C PRO E 370 -5.07 58.70 -56.02
N LYS E 371 -4.11 58.47 -56.92
CA LYS E 371 -4.43 58.32 -58.34
C LYS E 371 -4.37 56.86 -58.80
N THR E 372 -3.39 56.12 -58.31
CA THR E 372 -3.17 54.75 -58.74
C THR E 372 -3.68 53.72 -57.73
N GLY E 373 -3.51 54.03 -56.45
CA GLY E 373 -4.05 53.19 -55.39
C GLY E 373 -3.04 52.23 -54.78
N GLN E 374 -1.77 52.39 -55.14
CA GLN E 374 -0.73 51.50 -54.67
C GLN E 374 -0.28 51.83 -53.25
N VAL E 375 0.09 50.81 -52.49
CA VAL E 375 0.65 51.01 -51.17
C VAL E 375 1.98 51.76 -51.26
N VAL E 376 1.93 53.05 -50.97
CA VAL E 376 3.13 53.91 -50.97
C VAL E 376 3.84 53.85 -49.60
N GLU E 377 3.18 53.28 -48.60
CA GLU E 377 3.79 53.13 -47.28
C GLU E 377 3.00 52.20 -46.39
N GLN E 378 3.69 51.21 -45.82
CA GLN E 378 3.09 50.35 -44.81
C GLN E 378 3.04 51.08 -43.47
N ASN E 379 1.98 50.82 -42.72
CA ASN E 379 1.70 51.47 -41.42
C ASN E 379 2.26 52.88 -41.19
N PRO E 380 1.74 53.87 -41.93
CA PRO E 380 2.13 55.27 -41.68
C PRO E 380 1.87 55.73 -40.23
N GLN E 381 2.63 56.71 -39.78
CA GLN E 381 2.47 57.23 -38.43
C GLN E 381 1.19 58.04 -38.36
N PHE E 382 0.90 58.76 -39.44
CA PHE E 382 -0.27 59.62 -39.53
C PHE E 382 -0.69 59.80 -40.98
N LEU E 383 -1.90 60.34 -41.18
CA LEU E 383 -2.33 60.80 -42.49
C LEU E 383 -2.62 62.28 -42.38
N LYS E 384 -2.66 62.99 -43.51
CA LYS E 384 -3.15 64.35 -43.50
C LYS E 384 -3.97 64.63 -44.74
N ALA E 385 -4.58 65.80 -44.82
CA ALA E 385 -5.26 66.19 -46.04
C ALA E 385 -4.19 66.39 -47.10
N GLY E 386 -4.32 65.77 -48.27
CA GLY E 386 -5.36 64.81 -48.61
C GLY E 386 -4.72 63.53 -49.11
N ASP E 387 -4.43 62.65 -48.17
CA ASP E 387 -3.91 61.34 -48.49
C ASP E 387 -5.04 60.36 -48.74
N ALA E 388 -4.69 59.20 -49.31
CA ALA E 388 -5.59 58.08 -49.41
C ALA E 388 -5.02 56.94 -48.56
N ALA E 389 -5.89 56.10 -48.01
CA ALA E 389 -5.40 55.06 -47.11
C ALA E 389 -6.35 53.87 -46.87
N ILE E 390 -5.76 52.77 -46.44
CA ILE E 390 -6.51 51.61 -45.99
C ILE E 390 -6.53 51.64 -44.46
N VAL E 391 -7.73 51.73 -43.91
CA VAL E 391 -7.89 51.97 -42.48
C VAL E 391 -8.82 50.93 -41.83
N ARG E 392 -8.50 50.51 -40.61
CA ARG E 392 -9.42 49.69 -39.80
C ARG E 392 -10.09 50.53 -38.71
N PHE E 393 -11.43 50.56 -38.72
CA PHE E 393 -12.24 51.26 -37.73
C PHE E 393 -12.87 50.27 -36.77
N LYS E 394 -13.13 50.72 -35.55
CA LYS E 394 -13.97 49.97 -34.63
C LYS E 394 -15.10 50.87 -34.10
N PRO E 395 -16.35 50.55 -34.50
CA PRO E 395 -17.49 51.34 -34.05
C PRO E 395 -17.60 51.33 -32.55
N VAL E 396 -18.07 52.45 -32.02
CA VAL E 396 -18.06 52.67 -30.60
C VAL E 396 -19.34 52.12 -30.03
N LYS E 397 -20.36 52.11 -30.88
CA LYS E 397 -21.63 51.47 -30.61
C LYS E 397 -21.86 50.52 -31.78
N PRO E 398 -22.78 49.56 -31.63
CA PRO E 398 -23.01 48.68 -32.78
C PRO E 398 -23.52 49.44 -34.02
N LEU E 399 -23.00 49.04 -35.16
CA LEU E 399 -23.27 49.70 -36.44
C LEU E 399 -23.37 48.68 -37.60
N VAL E 400 -24.38 48.86 -38.43
CA VAL E 400 -24.52 48.04 -39.64
C VAL E 400 -23.86 48.70 -40.85
N VAL E 401 -22.85 48.03 -41.39
CA VAL E 401 -22.28 48.41 -42.67
C VAL E 401 -22.10 47.17 -43.50
N GLU E 402 -22.13 47.36 -44.81
CA GLU E 402 -21.96 46.28 -45.76
C GLU E 402 -20.73 46.58 -46.60
N LYS E 403 -20.03 45.53 -47.05
CA LYS E 403 -18.91 45.66 -47.98
C LYS E 403 -19.37 46.40 -49.22
N PHE E 404 -18.62 47.41 -49.65
CA PHE E 404 -19.05 48.29 -50.74
C PHE E 404 -19.28 47.56 -52.07
N SER E 405 -18.40 46.62 -52.38
CA SER E 405 -18.50 45.83 -53.60
C SER E 405 -19.85 45.12 -53.73
N GLU E 406 -20.39 44.68 -52.61
CA GLU E 406 -21.66 43.96 -52.55
C GLU E 406 -22.86 44.89 -52.56
N ILE E 407 -23.12 45.54 -51.44
CA ILE E 407 -24.18 46.53 -51.35
C ILE E 407 -23.57 47.88 -51.10
N PRO E 408 -23.37 48.65 -52.18
CA PRO E 408 -22.63 49.91 -52.05
C PRO E 408 -23.42 50.99 -51.28
N GLN E 409 -24.74 50.92 -51.27
CA GLN E 409 -25.45 51.99 -50.57
C GLN E 409 -25.30 51.87 -49.04
N LEU E 410 -24.82 50.72 -48.57
CA LEU E 410 -24.52 50.51 -47.16
C LEU E 410 -22.99 50.44 -46.92
N GLY E 411 -22.21 50.81 -47.92
CA GLY E 411 -20.76 50.69 -47.82
C GLY E 411 -19.97 51.94 -48.18
N ARG E 412 -20.67 53.05 -48.36
CA ARG E 412 -20.00 54.30 -48.70
C ARG E 412 -20.33 55.36 -47.64
N PHE E 413 -19.31 56.05 -47.13
CA PHE E 413 -19.55 56.93 -45.98
C PHE E 413 -18.75 58.24 -45.96
N ALA E 414 -19.22 59.15 -45.12
CA ALA E 414 -18.48 60.37 -44.78
C ALA E 414 -17.94 60.27 -43.36
N MET E 415 -16.66 60.61 -43.20
CA MET E 415 -16.05 60.85 -41.89
C MET E 415 -16.21 62.30 -41.48
N ARG E 416 -16.86 62.53 -40.34
CA ARG E 416 -17.06 63.88 -39.83
C ARG E 416 -16.60 64.02 -38.37
N ASP E 417 -16.11 65.20 -38.04
CA ASP E 417 -15.56 65.47 -36.74
C ASP E 417 -15.67 66.94 -36.52
N MET E 418 -16.16 67.35 -35.34
CA MET E 418 -16.21 68.78 -35.04
C MET E 418 -17.14 69.56 -36.01
N ASN E 419 -18.13 68.86 -36.57
CA ASN E 419 -19.09 69.40 -37.55
C ASN E 419 -18.40 69.90 -38.82
N ARG E 420 -17.47 69.09 -39.31
CA ARG E 420 -16.73 69.36 -40.53
C ARG E 420 -16.57 68.03 -41.25
N THR E 421 -16.69 68.04 -42.57
CA THR E 421 -16.51 66.80 -43.30
C THR E 421 -15.03 66.57 -43.54
N VAL E 422 -14.49 65.61 -42.80
CA VAL E 422 -13.06 65.37 -42.76
C VAL E 422 -12.57 64.48 -43.90
N GLY E 423 -13.41 63.53 -44.31
CA GLY E 423 -13.01 62.57 -45.30
C GLY E 423 -14.18 61.76 -45.84
N ILE E 424 -13.84 60.87 -46.78
CA ILE E 424 -14.80 60.04 -47.48
C ILE E 424 -14.21 58.64 -47.61
N GLY E 425 -15.06 57.62 -47.61
CA GLY E 425 -14.59 56.24 -47.66
C GLY E 425 -15.55 55.21 -48.26
N ILE E 426 -15.01 54.03 -48.53
CA ILE E 426 -15.85 52.90 -48.90
C ILE E 426 -15.40 51.72 -48.07
N VAL E 427 -16.32 50.85 -47.65
CA VAL E 427 -15.87 49.77 -46.78
C VAL E 427 -15.49 48.57 -47.63
N THR E 428 -14.36 47.96 -47.30
CA THR E 428 -13.73 46.96 -48.15
C THR E 428 -13.64 45.61 -47.46
N ASP E 429 -13.93 45.60 -46.17
CA ASP E 429 -13.95 44.36 -45.43
C ASP E 429 -14.68 44.56 -44.11
N VAL E 430 -15.32 43.51 -43.62
CA VAL E 430 -16.12 43.64 -42.41
C VAL E 430 -15.91 42.46 -41.48
N LYS E 431 -15.50 42.73 -40.24
CA LYS E 431 -15.36 41.69 -39.23
C LYS E 431 -16.65 41.64 -38.43
N PRO E 432 -17.54 40.69 -38.77
CA PRO E 432 -18.93 40.77 -38.30
C PRO E 432 -19.10 40.28 -36.86
N ALA E 433 -20.07 40.88 -36.15
CA ALA E 433 -20.32 40.56 -34.75
C ALA E 433 -21.33 39.43 -34.57
N LYS E 434 -21.43 38.95 -33.33
CA LYS E 434 -22.33 37.85 -32.98
C LYS E 434 -23.81 38.22 -33.12
N VAL E 435 -24.50 37.51 -34.00
CA VAL E 435 -25.95 37.63 -34.15
C VAL E 435 -26.70 36.94 -33.00
N HIS F 20 -5.73 70.04 -0.49
CA HIS F 20 -4.34 69.58 -0.63
C HIS F 20 -3.96 68.59 0.47
N MET F 21 -2.84 67.88 0.25
CA MET F 21 -2.45 66.73 1.07
C MET F 21 -1.48 67.10 2.20
N ARG F 22 -1.73 66.56 3.39
CA ARG F 22 -0.77 66.67 4.49
C ARG F 22 0.43 65.76 4.23
N VAL F 23 1.63 66.34 4.07
CA VAL F 23 2.84 65.54 3.84
C VAL F 23 4.01 66.04 4.71
N GLU F 24 4.61 65.11 5.46
CA GLU F 24 5.63 65.44 6.45
C GLU F 24 6.74 64.38 6.50
N VAL F 25 7.97 64.80 6.23
CA VAL F 25 9.10 63.87 6.28
C VAL F 25 9.52 63.58 7.71
N LEU F 26 9.44 62.31 8.10
CA LEU F 26 9.70 61.91 9.47
C LEU F 26 11.16 61.54 9.63
N ASP F 27 11.90 61.69 8.54
CA ASP F 27 13.18 61.02 8.46
C ASP F 27 14.37 61.99 8.32
N ASN F 28 15.48 61.67 8.98
CA ASN F 28 16.72 62.41 8.80
C ASN F 28 17.15 62.33 7.34
N LYS F 29 17.28 61.11 6.83
CA LYS F 29 17.70 60.87 5.45
C LYS F 29 16.58 61.04 4.41
N ARG F 30 15.51 61.74 4.78
CA ARG F 30 14.34 61.97 3.91
C ARG F 30 13.86 60.72 3.15
N ARG F 31 13.74 59.59 3.84
CA ARG F 31 13.27 58.39 3.17
C ARG F 31 11.83 58.08 3.55
N ILE F 32 11.33 58.74 4.59
CA ILE F 32 10.04 58.38 5.16
C ILE F 32 9.08 59.56 5.32
N VAL F 33 8.02 59.53 4.53
CA VAL F 33 7.01 60.58 4.57
C VAL F 33 5.69 60.00 5.09
N ARG F 34 4.94 60.81 5.83
CA ARG F 34 3.59 60.48 6.24
C ARG F 34 2.60 61.34 5.48
N LEU F 35 1.59 60.70 4.88
CA LEU F 35 0.61 61.40 4.07
C LEU F 35 -0.81 61.19 4.59
N ARG F 36 -1.69 62.14 4.28
CA ARG F 36 -3.11 61.96 4.51
C ARG F 36 -3.85 62.58 3.35
N PRO F 37 -4.25 61.74 2.37
CA PRO F 37 -5.06 62.23 1.25
C PRO F 37 -6.37 62.83 1.75
N GLU F 38 -6.65 64.08 1.37
CA GLU F 38 -7.88 64.73 1.79
C GLU F 38 -8.87 64.80 0.64
N SER F 39 -8.51 64.26 -0.52
CA SER F 39 -9.38 64.32 -1.69
C SER F 39 -8.98 63.34 -2.78
N GLU F 40 -9.92 63.01 -3.66
CA GLU F 40 -9.64 62.09 -4.76
C GLU F 40 -8.43 62.53 -5.60
N GLU F 41 -8.24 63.83 -5.79
CA GLU F 41 -7.10 64.30 -6.57
C GLU F 41 -5.77 64.03 -5.86
N ASP F 42 -5.79 63.96 -4.53
CA ASP F 42 -4.63 63.48 -3.77
C ASP F 42 -4.41 61.98 -4.00
N LEU F 43 -5.48 61.23 -4.26
CA LEU F 43 -5.36 59.82 -4.61
C LEU F 43 -4.72 59.69 -5.98
N TRP F 44 -5.21 60.48 -6.94
CA TRP F 44 -4.59 60.54 -8.26
C TRP F 44 -3.10 60.82 -8.12
N LEU F 45 -2.79 61.84 -7.30
CA LEU F 45 -1.42 62.16 -6.97
C LEU F 45 -0.67 60.92 -6.49
N LEU F 46 -1.31 60.11 -5.65
CA LEU F 46 -0.67 58.92 -5.14
C LEU F 46 -0.46 57.88 -6.24
N ARG F 47 -1.44 57.70 -7.11
CA ARG F 47 -1.29 56.78 -8.23
C ARG F 47 -0.09 57.15 -9.09
N ILE F 48 0.12 58.45 -9.30
CA ILE F 48 1.18 58.82 -10.23
C ILE F 48 2.53 59.01 -9.52
N THR F 49 2.55 58.96 -8.19
CA THR F 49 3.79 59.10 -7.44
C THR F 49 4.33 57.79 -6.85
N LEU F 50 3.47 57.01 -6.18
CA LEU F 50 3.92 55.76 -5.57
C LEU F 50 4.40 54.81 -6.65
N ARG F 51 5.25 53.87 -6.29
CA ARG F 51 5.92 53.03 -7.28
C ARG F 51 6.22 51.67 -6.65
N PRO F 52 6.21 50.59 -7.44
CA PRO F 52 6.52 49.26 -6.86
C PRO F 52 7.76 49.32 -5.99
N GLY F 53 7.70 48.74 -4.81
CA GLY F 53 8.86 48.74 -3.92
C GLY F 53 8.77 49.72 -2.76
N ASP F 54 8.06 50.82 -2.94
CA ASP F 54 7.69 51.66 -1.80
C ASP F 54 6.98 50.81 -0.77
N VAL F 55 7.29 51.05 0.50
CA VAL F 55 6.67 50.34 1.59
C VAL F 55 5.70 51.27 2.27
N VAL F 56 4.43 50.90 2.34
CA VAL F 56 3.48 51.71 3.08
C VAL F 56 3.17 51.08 4.42
N ARG F 57 2.92 51.92 5.41
CA ARG F 57 2.44 51.45 6.70
C ARG F 57 1.02 51.96 6.85
N ILE F 58 0.05 51.06 6.92
CA ILE F 58 -1.34 51.46 7.12
C ILE F 58 -1.97 50.75 8.31
N ARG F 59 -3.05 51.33 8.83
CA ARG F 59 -3.89 50.62 9.78
C ARG F 59 -4.98 49.93 9.00
N THR F 60 -4.76 48.66 8.68
CA THR F 60 -5.72 47.87 7.92
C THR F 60 -6.31 46.80 8.86
N SER F 61 -6.65 45.62 8.33
CA SER F 61 -7.31 44.60 9.13
C SER F 61 -7.34 43.28 8.41
N ARG F 62 -7.06 42.21 9.13
CA ARG F 62 -7.14 40.87 8.56
C ARG F 62 -8.01 39.96 9.39
N ASP F 63 -8.38 38.84 8.79
CA ASP F 63 -8.99 37.76 9.54
C ASP F 63 -7.85 36.94 10.11
N VAL F 64 -7.98 36.57 11.38
CA VAL F 64 -6.95 35.79 12.05
C VAL F 64 -7.57 34.59 12.76
N PRO F 65 -6.93 33.43 12.62
CA PRO F 65 -7.29 32.27 13.43
C PRO F 65 -6.97 32.51 14.91
N VAL F 66 -8.00 32.71 15.71
CA VAL F 66 -7.86 32.70 17.16
C VAL F 66 -9.23 32.57 17.80
N GLY F 67 -9.45 31.43 18.45
CA GLY F 67 -8.48 30.34 18.45
C GLY F 67 -9.09 28.99 18.14
N SER F 68 -10.24 28.70 18.75
CA SER F 68 -10.81 27.36 18.73
C SER F 68 -11.45 27.01 17.40
N GLY F 69 -10.63 26.89 16.36
CA GLY F 69 -11.14 26.68 15.02
C GLY F 69 -12.10 27.78 14.63
N ARG F 70 -11.80 29.01 15.05
CA ARG F 70 -12.64 30.15 14.75
C ARG F 70 -11.79 31.37 14.41
N LYS F 71 -12.23 32.14 13.43
CA LYS F 71 -11.48 33.31 12.97
C LYS F 71 -12.19 34.58 13.41
N GLU F 72 -11.44 35.64 13.67
CA GLU F 72 -12.09 36.93 13.75
C GLU F 72 -11.28 38.02 13.08
N ARG F 73 -11.98 39.07 12.69
CA ARG F 73 -11.39 40.18 11.98
C ARG F 73 -10.78 41.18 12.97
N VAL F 74 -9.46 41.29 12.98
CA VAL F 74 -8.81 42.21 13.91
C VAL F 74 -7.99 43.29 13.20
N VAL F 75 -8.08 44.53 13.69
CA VAL F 75 -7.40 45.65 13.09
C VAL F 75 -5.94 45.71 13.53
N MET F 76 -5.07 45.93 12.56
CA MET F 76 -3.63 45.88 12.82
C MET F 76 -2.88 46.77 11.86
N THR F 77 -1.78 47.32 12.35
CA THR F 77 -0.90 48.12 11.52
C THR F 77 0.15 47.22 10.85
N LEU F 78 0.31 47.33 9.53
CA LEU F 78 1.38 46.58 8.86
C LEU F 78 2.15 47.41 7.85
N ARG F 79 3.27 46.84 7.40
CA ARG F 79 4.14 47.50 6.43
C ARG F 79 4.20 46.64 5.19
N ILE F 80 3.67 47.16 4.09
CA ILE F 80 3.55 46.39 2.86
C ILE F 80 4.43 46.90 1.72
N ARG F 81 5.33 46.05 1.24
CA ARG F 81 6.06 46.34 0.03
C ARG F 81 5.12 46.31 -1.18
N LEU F 82 4.70 47.49 -1.60
CA LEU F 82 3.88 47.67 -2.80
C LEU F 82 4.24 46.84 -4.03
N ASP F 83 3.21 46.23 -4.60
CA ASP F 83 3.26 45.23 -5.64
C ASP F 83 2.56 45.82 -6.85
N SER F 84 1.47 46.51 -6.55
CA SER F 84 0.62 47.12 -7.55
C SER F 84 -0.16 48.25 -6.91
N ILE F 85 -0.45 49.26 -7.70
CA ILE F 85 -1.26 50.34 -7.21
C ILE F 85 -2.16 50.79 -8.34
N GLU F 86 -3.46 50.80 -8.08
CA GLU F 86 -4.44 51.01 -9.14
C GLU F 86 -5.45 52.07 -8.74
N PHE F 87 -5.70 53.01 -9.63
CA PHE F 87 -6.67 54.06 -9.37
C PHE F 87 -7.88 53.89 -10.28
N GLN F 88 -9.03 54.37 -9.81
CA GLN F 88 -10.23 54.36 -10.63
C GLN F 88 -11.05 55.57 -10.22
N PRO F 89 -11.30 56.50 -11.18
CA PRO F 89 -11.87 57.81 -10.85
C PRO F 89 -13.30 57.70 -10.35
N PHE F 90 -13.65 58.59 -9.42
CA PHE F 90 -14.98 58.68 -8.84
C PHE F 90 -15.29 57.48 -7.94
N THR F 91 -14.28 56.67 -7.62
CA THR F 91 -14.46 55.59 -6.65
C THR F 91 -14.07 56.09 -5.26
N GLY F 92 -13.29 57.16 -5.22
CA GLY F 92 -12.78 57.70 -3.97
C GLY F 92 -11.85 56.71 -3.27
N LYS F 93 -11.30 55.78 -4.05
CA LYS F 93 -10.39 54.78 -3.50
C LYS F 93 -9.16 54.56 -4.39
N LEU F 94 -8.01 54.37 -3.75
CA LEU F 94 -6.78 53.98 -4.41
C LEU F 94 -6.45 52.54 -4.02
N ARG F 95 -6.46 51.62 -4.96
CA ARG F 95 -6.22 50.21 -4.61
C ARG F 95 -4.74 49.85 -4.51
N ILE F 96 -4.36 49.18 -3.42
CA ILE F 96 -2.98 48.72 -3.25
C ILE F 96 -2.89 47.27 -2.79
N SER F 97 -1.81 46.62 -3.19
CA SER F 97 -1.50 45.29 -2.70
C SER F 97 0.01 45.11 -2.70
N GLY F 98 0.48 44.17 -1.89
CA GLY F 98 1.90 43.85 -1.86
C GLY F 98 2.19 42.74 -0.87
N ILE F 99 3.48 42.52 -0.63
CA ILE F 99 3.85 41.53 0.36
C ILE F 99 4.06 42.21 1.71
N VAL F 100 3.34 41.73 2.71
CA VAL F 100 3.54 42.18 4.08
C VAL F 100 4.99 41.92 4.40
N VAL F 101 5.63 42.90 5.00
CA VAL F 101 7.07 42.83 5.18
C VAL F 101 7.35 42.91 6.67
N GLU F 102 6.39 43.42 7.42
CA GLU F 102 6.45 43.44 8.88
C GLU F 102 5.09 43.71 9.47
N GLY F 103 4.72 42.91 10.48
CA GLY F 103 3.47 43.09 11.18
C GLY F 103 3.64 42.59 12.61
N PRO F 104 2.53 42.55 13.38
CA PRO F 104 2.54 42.03 14.75
C PRO F 104 3.08 40.61 14.78
N ASP F 105 3.98 40.33 15.72
CA ASP F 105 4.65 39.04 15.77
C ASP F 105 3.68 37.91 16.07
N GLU F 106 2.65 38.20 16.88
CA GLU F 106 1.71 37.19 17.30
C GLU F 106 0.91 36.61 16.14
N PHE F 107 0.78 37.36 15.06
CA PHE F 107 -0.04 36.92 13.94
C PHE F 107 0.77 36.37 12.78
N GLY F 108 2.04 36.77 12.70
CA GLY F 108 2.92 36.30 11.64
C GLY F 108 2.34 36.44 10.24
N VAL F 109 1.76 37.62 9.96
CA VAL F 109 1.24 37.86 8.63
C VAL F 109 2.35 38.23 7.65
N LYS F 110 3.55 38.47 8.18
CA LYS F 110 4.71 38.76 7.34
C LYS F 110 4.81 37.71 6.24
N GLY F 111 5.12 38.15 5.02
CA GLY F 111 5.28 37.26 3.89
C GLY F 111 4.01 37.08 3.10
N ARG F 112 2.87 37.41 3.70
CA ARG F 112 1.58 37.26 3.05
C ARG F 112 1.30 38.40 2.09
N ARG F 113 0.41 38.17 1.14
CA ARG F 113 -0.08 39.25 0.32
C ARG F 113 -1.07 40.05 1.16
N HIS F 114 -1.17 41.34 0.91
CA HIS F 114 -2.24 42.11 1.52
C HIS F 114 -2.76 43.15 0.55
N SER F 115 -4.00 43.00 0.11
CA SER F 115 -4.64 43.97 -0.74
C SER F 115 -5.65 44.80 0.04
N THR F 116 -5.75 46.09 -0.27
CA THR F 116 -6.66 46.98 0.47
C THR F 116 -6.78 48.31 -0.26
N ALA F 117 -7.41 49.29 0.36
CA ALA F 117 -7.67 50.54 -0.32
C ALA F 117 -7.39 51.75 0.57
N VAL F 118 -6.44 52.58 0.15
CA VAL F 118 -6.30 53.89 0.74
C VAL F 118 -7.55 54.66 0.37
N SER F 119 -8.18 55.27 1.37
CA SER F 119 -9.39 56.06 1.12
C SER F 119 -9.14 57.48 1.54
N ILE F 120 -10.14 58.34 1.38
CA ILE F 120 -9.98 59.72 1.78
C ILE F 120 -10.06 59.81 3.31
N GLY F 121 -8.98 60.30 3.91
CA GLY F 121 -8.86 60.37 5.36
C GLY F 121 -7.80 59.40 5.85
N THR F 122 -7.55 58.36 5.07
CA THR F 122 -6.63 57.31 5.46
C THR F 122 -5.24 57.84 5.73
N TRP F 123 -4.71 57.58 6.92
CA TRP F 123 -3.31 57.87 7.17
C TRP F 123 -2.47 56.80 6.51
N LEU F 124 -1.32 57.17 5.96
CA LEU F 124 -0.33 56.15 5.66
C LEU F 124 1.06 56.75 5.62
N VAL F 125 2.03 55.94 6.03
CA VAL F 125 3.42 56.33 6.03
C VAL F 125 4.11 55.47 4.98
N VAL F 126 4.87 56.10 4.11
CA VAL F 126 5.45 55.35 3.01
C VAL F 126 6.93 55.67 2.94
N GLU F 127 7.72 54.63 2.66
CA GLU F 127 9.15 54.67 2.84
C GLU F 127 9.88 54.34 1.55
N ARG F 128 10.40 55.38 0.90
CA ARG F 128 11.19 55.21 -0.32
C ARG F 128 12.66 55.07 0.04
N ASP F 129 13.22 53.89 -0.23
CA ASP F 129 14.60 53.57 0.15
C ASP F 129 15.57 54.60 -0.46
N LYS F 130 15.27 54.95 -1.70
CA LYS F 130 16.05 55.87 -2.53
C LYS F 130 15.92 57.32 -2.03
N GLY F 131 15.16 57.50 -0.97
CA GLY F 131 14.87 58.83 -0.47
C GLY F 131 13.91 59.58 -1.37
N TRP F 132 13.12 60.47 -0.77
CA TRP F 132 12.16 61.29 -1.48
C TRP F 132 12.79 62.58 -1.95
N SER F 133 12.60 62.89 -3.22
CA SER F 133 13.05 64.15 -3.81
C SER F 133 12.16 65.32 -3.40
N GLU F 134 12.70 66.53 -3.56
CA GLU F 134 11.95 67.75 -3.31
C GLU F 134 10.82 67.92 -4.31
N GLN F 135 11.10 67.57 -5.56
CA GLN F 135 10.08 67.63 -6.60
C GLN F 135 8.94 66.71 -6.22
N GLU F 136 9.27 65.45 -5.92
CA GLU F 136 8.31 64.45 -5.50
C GLU F 136 7.49 64.94 -4.29
N LEU F 137 8.16 65.45 -3.27
CA LEU F 137 7.45 65.95 -2.09
C LEU F 137 6.54 67.14 -2.42
N GLU F 138 7.00 68.01 -3.30
CA GLU F 138 6.23 69.18 -3.71
C GLU F 138 5.06 68.75 -4.57
N ARG F 139 5.30 67.78 -5.45
CA ARG F 139 4.26 67.20 -6.28
C ARG F 139 3.20 66.57 -5.38
N LEU F 140 3.63 65.90 -4.31
CA LEU F 140 2.70 65.23 -3.40
C LEU F 140 1.73 66.23 -2.78
N ALA F 141 2.19 67.48 -2.61
CA ALA F 141 1.36 68.51 -1.98
C ALA F 141 0.76 69.43 -3.02
N SER F 142 1.02 69.11 -4.29
CA SER F 142 0.63 69.97 -5.41
C SER F 142 -0.87 70.04 -5.65
N GLY F 143 -1.61 69.08 -5.11
CA GLY F 143 -3.04 69.05 -5.31
C GLY F 143 -3.72 70.22 -4.65
N ARG F 144 -4.94 70.51 -5.09
CA ARG F 144 -5.72 71.61 -4.56
C ARG F 144 -7.22 71.34 -4.78
N ALA F 145 -7.58 70.06 -4.80
CA ALA F 145 -8.96 69.58 -4.79
C ALA F 145 -9.97 70.36 -5.65
N ARG F 146 -9.54 70.85 -6.81
CA ARG F 146 -10.46 71.62 -7.67
C ARG F 146 -11.43 70.67 -8.34
N GLY F 147 -12.37 70.16 -7.56
CA GLY F 147 -13.22 69.04 -7.93
C GLY F 147 -13.73 68.86 -9.34
N THR F 148 -14.99 69.17 -9.58
CA THR F 148 -15.70 68.52 -10.66
C THR F 148 -16.60 69.42 -11.50
N ALA F 149 -16.83 69.02 -12.76
CA ALA F 149 -17.87 69.66 -13.59
C ALA F 149 -18.77 68.62 -14.25
N VAL F 150 -19.91 69.08 -14.75
CA VAL F 150 -20.80 68.18 -15.49
C VAL F 150 -21.06 68.74 -16.91
N ILE F 151 -21.07 67.84 -17.89
CA ILE F 151 -21.31 68.20 -19.29
C ILE F 151 -22.48 67.43 -19.83
N ALA F 152 -23.39 68.12 -20.48
CA ALA F 152 -24.53 67.46 -21.10
C ALA F 152 -24.64 67.92 -22.56
N ALA F 153 -25.19 67.06 -23.40
CA ALA F 153 -25.42 67.40 -24.81
C ALA F 153 -26.79 66.90 -25.29
N VAL F 154 -27.67 67.84 -25.61
CA VAL F 154 -29.02 67.51 -26.08
C VAL F 154 -29.26 67.84 -27.53
N ASP F 155 -29.85 66.89 -28.24
CA ASP F 155 -30.55 67.22 -29.47
C ASP F 155 -31.87 66.47 -29.50
N TYR F 156 -32.53 66.49 -30.64
CA TYR F 156 -33.85 65.91 -30.74
C TYR F 156 -33.85 64.39 -30.78
N ASP F 157 -32.67 63.78 -30.79
CA ASP F 157 -32.60 62.32 -30.78
C ASP F 157 -31.97 61.78 -29.51
N GLU F 158 -30.91 62.43 -29.08
CA GLU F 158 -30.06 61.94 -28.00
C GLU F 158 -29.86 62.95 -26.88
N PHE F 159 -29.60 62.42 -25.69
CA PHE F 159 -29.13 63.17 -24.54
C PHE F 159 -28.08 62.36 -23.77
N ALA F 160 -26.92 62.96 -23.55
CA ALA F 160 -25.92 62.36 -22.69
C ALA F 160 -25.42 63.38 -21.67
N LEU F 161 -24.91 62.86 -20.56
CA LEU F 161 -24.52 63.63 -19.39
C LEU F 161 -23.29 62.99 -18.77
N ALA F 162 -22.22 63.75 -18.59
CA ALA F 162 -20.98 63.18 -18.08
C ALA F 162 -20.49 64.01 -16.91
N VAL F 163 -19.56 63.47 -16.13
CA VAL F 163 -18.99 64.22 -15.02
C VAL F 163 -17.49 64.25 -15.28
N LEU F 164 -16.87 65.40 -15.01
CA LEU F 164 -15.45 65.65 -15.34
C LEU F 164 -14.66 65.95 -14.10
N ALA F 165 -13.56 65.25 -13.90
CA ALA F 165 -12.58 65.69 -12.92
C ALA F 165 -11.31 66.02 -13.67
N GLY F 166 -10.29 66.44 -12.96
CA GLY F 166 -9.02 66.74 -13.59
C GLY F 166 -8.30 65.52 -14.10
N HIS F 167 -8.67 64.37 -13.53
CA HIS F 167 -7.99 63.10 -13.79
C HIS F 167 -8.95 62.07 -14.36
N GLY F 168 -10.09 62.49 -14.88
CA GLY F 168 -11.01 61.54 -15.47
C GLY F 168 -12.40 62.05 -15.81
N MET F 169 -13.10 61.28 -16.63
CA MET F 169 -14.44 61.63 -17.08
C MET F 169 -15.30 60.40 -17.01
N LYS F 170 -16.59 60.57 -16.73
CA LYS F 170 -17.48 59.44 -16.56
C LYS F 170 -18.84 59.76 -17.15
N ILE F 171 -19.30 58.93 -18.08
CA ILE F 171 -20.65 59.02 -18.65
C ILE F 171 -21.70 58.56 -17.66
N LEU F 172 -22.63 59.45 -17.32
CA LEU F 172 -23.67 59.15 -16.33
C LEU F 172 -25.00 58.82 -16.97
N GLU F 173 -25.17 59.25 -18.21
CA GLU F 173 -26.40 59.01 -18.94
C GLU F 173 -26.17 59.05 -20.44
N ASP F 174 -26.86 58.19 -21.16
CA ASP F 174 -26.76 58.12 -22.62
C ASP F 174 -28.06 57.58 -23.18
N THR F 175 -29.02 58.47 -23.39
CA THR F 175 -30.37 58.09 -23.71
C THR F 175 -30.78 58.56 -25.10
N SER F 176 -31.57 57.76 -25.79
CA SER F 176 -32.26 58.25 -26.98
C SER F 176 -33.55 58.97 -26.54
N ALA F 177 -33.88 60.05 -27.24
CA ALA F 177 -35.06 60.83 -26.89
C ALA F 177 -36.35 60.12 -27.33
N ARG F 178 -37.20 59.79 -26.36
CA ARG F 178 -38.48 59.17 -26.69
C ARG F 178 -39.47 60.25 -27.12
N LEU F 179 -39.37 60.68 -28.37
CA LEU F 179 -40.20 61.76 -28.87
C LEU F 179 -41.12 61.27 -29.97
N PRO F 180 -42.41 61.65 -29.90
CA PRO F 180 -43.41 61.39 -30.93
C PRO F 180 -43.00 62.02 -32.24
N GLY F 181 -43.60 61.57 -33.34
CA GLY F 181 -43.42 62.23 -34.62
C GLY F 181 -43.81 63.68 -34.53
N LYS F 182 -43.33 64.49 -35.47
CA LYS F 182 -43.47 65.94 -35.37
C LYS F 182 -44.91 66.41 -35.54
N ASP F 183 -45.74 65.64 -36.24
CA ASP F 183 -47.13 66.06 -36.46
C ASP F 183 -48.09 65.47 -35.42
N ASP F 184 -47.53 64.77 -34.43
CA ASP F 184 -48.32 64.13 -33.39
C ASP F 184 -48.92 65.13 -32.44
N PRO F 185 -50.23 64.98 -32.12
CA PRO F 185 -50.97 65.83 -31.18
C PRO F 185 -50.21 66.17 -29.88
N SER F 186 -49.42 65.22 -29.38
CA SER F 186 -48.72 65.41 -28.12
C SER F 186 -47.25 65.84 -28.26
N ARG F 187 -46.86 66.24 -29.46
CA ARG F 187 -45.47 66.65 -29.74
C ARG F 187 -44.99 67.71 -28.76
N GLU F 188 -45.79 68.76 -28.60
CA GLU F 188 -45.38 69.89 -27.78
C GLU F 188 -45.11 69.47 -26.35
N GLN F 189 -46.10 68.85 -25.71
CA GLN F 189 -45.95 68.50 -24.30
C GLN F 189 -44.78 67.54 -24.13
N GLU F 190 -44.45 66.82 -25.19
CA GLU F 190 -43.50 65.73 -25.05
C GLU F 190 -42.05 66.20 -25.16
N VAL F 191 -41.80 67.28 -25.88
CA VAL F 191 -40.44 67.83 -25.89
C VAL F 191 -40.27 68.69 -24.65
N GLU F 192 -41.37 69.24 -24.14
CA GLU F 192 -41.30 70.00 -22.89
C GLU F 192 -40.96 69.03 -21.76
N LYS F 193 -41.52 67.83 -21.82
CA LYS F 193 -41.25 66.84 -20.79
C LYS F 193 -39.81 66.37 -20.92
N TYR F 194 -39.36 66.36 -22.17
CA TYR F 194 -38.00 65.96 -22.51
C TYR F 194 -36.97 66.97 -21.97
N VAL F 195 -37.25 68.27 -22.12
CA VAL F 195 -36.27 69.26 -21.64
C VAL F 195 -36.26 69.22 -20.13
N ASP F 196 -37.43 69.03 -19.53
CA ASP F 196 -37.56 68.93 -18.07
C ASP F 196 -36.73 67.80 -17.51
N ARG F 197 -36.90 66.62 -18.09
CA ARG F 197 -36.16 65.45 -17.66
C ARG F 197 -34.66 65.71 -17.65
N ALA F 198 -34.16 66.31 -18.74
CA ALA F 198 -32.71 66.56 -18.88
C ALA F 198 -32.24 67.53 -17.82
N ALA F 199 -32.99 68.62 -17.66
CA ALA F 199 -32.69 69.60 -16.64
C ALA F 199 -32.61 68.93 -15.26
N LYS F 200 -33.60 68.09 -14.94
CA LYS F 200 -33.66 67.43 -13.63
C LYS F 200 -32.45 66.53 -13.46
N ARG F 201 -32.06 65.92 -14.56
CA ARG F 201 -30.97 64.96 -14.60
C ARG F 201 -29.62 65.68 -14.41
N ILE F 202 -29.46 66.84 -15.03
CA ILE F 202 -28.25 67.65 -14.87
C ILE F 202 -28.14 68.21 -13.45
N VAL F 203 -29.26 68.73 -12.95
CA VAL F 203 -29.30 69.31 -11.61
C VAL F 203 -28.93 68.25 -10.58
N GLU F 204 -29.52 67.07 -10.71
CA GLU F 204 -29.21 65.94 -9.82
C GLU F 204 -27.75 65.64 -9.74
N GLU F 205 -27.12 65.50 -10.91
CA GLU F 205 -25.73 65.10 -10.97
C GLU F 205 -24.77 66.19 -10.52
N ALA F 206 -25.13 67.46 -10.75
CA ALA F 206 -24.32 68.56 -10.26
C ALA F 206 -24.30 68.57 -8.73
N ALA F 207 -25.36 68.08 -8.10
CA ALA F 207 -25.39 68.01 -6.64
C ALA F 207 -24.58 66.82 -6.16
N ARG F 208 -24.87 65.64 -6.69
CA ARG F 208 -24.21 64.42 -6.27
C ARG F 208 -22.69 64.56 -6.35
N HIS F 209 -22.21 65.28 -7.35
CA HIS F 209 -20.76 65.46 -7.56
C HIS F 209 -20.27 66.84 -7.10
N ARG F 210 -21.17 67.65 -6.59
CA ARG F 210 -20.81 68.94 -6.03
C ARG F 210 -20.15 69.83 -7.08
N SER F 211 -20.77 69.93 -8.25
CA SER F 211 -20.24 70.73 -9.36
C SER F 211 -20.60 72.21 -9.29
N PRO F 212 -19.59 73.07 -9.43
CA PRO F 212 -19.75 74.53 -9.58
C PRO F 212 -20.17 74.94 -10.98
N ILE F 213 -19.92 74.08 -11.97
CA ILE F 213 -20.04 74.39 -13.40
C ILE F 213 -20.83 73.31 -14.15
N ALA F 214 -21.80 73.71 -14.96
CA ALA F 214 -22.45 72.78 -15.88
C ALA F 214 -22.35 73.31 -17.28
N VAL F 215 -21.88 72.49 -18.20
CA VAL F 215 -21.80 72.86 -19.60
C VAL F 215 -22.84 72.11 -20.39
N ILE F 216 -23.69 72.85 -21.07
CA ILE F 216 -24.82 72.27 -21.77
C ILE F 216 -24.69 72.46 -23.29
N ALA F 217 -24.45 71.36 -24.00
CA ALA F 217 -24.10 71.46 -25.41
C ALA F 217 -25.25 71.03 -26.29
N GLY F 218 -25.10 71.26 -27.60
CA GLY F 218 -26.12 70.84 -28.54
C GLY F 218 -26.43 71.79 -29.68
N PRO F 219 -27.19 71.30 -30.67
CA PRO F 219 -27.69 72.06 -31.81
C PRO F 219 -28.86 72.95 -31.44
N GLY F 220 -28.72 74.26 -31.67
CA GLY F 220 -29.84 75.18 -31.54
C GLY F 220 -30.44 75.38 -30.16
N GLN F 221 -31.77 75.36 -30.10
CA GLN F 221 -32.48 75.91 -28.98
C GLN F 221 -32.72 74.96 -27.79
N LEU F 222 -32.67 73.66 -28.04
CA LEU F 222 -32.92 72.69 -26.98
C LEU F 222 -31.98 72.91 -25.81
N LYS F 223 -30.69 73.10 -26.10
CA LYS F 223 -29.72 73.27 -25.05
C LYS F 223 -30.07 74.47 -24.17
N THR F 224 -30.65 75.51 -24.76
CA THR F 224 -30.78 76.73 -24.00
C THR F 224 -32.12 76.69 -23.25
N SER F 225 -33.07 75.93 -23.77
CA SER F 225 -34.28 75.62 -23.01
C SER F 225 -33.93 74.81 -21.75
N VAL F 226 -33.10 73.79 -21.92
CA VAL F 226 -32.63 73.00 -20.78
C VAL F 226 -31.89 73.89 -19.78
N ALA F 227 -30.92 74.63 -20.29
CA ALA F 227 -30.06 75.44 -19.43
C ALA F 227 -30.85 76.47 -18.62
N GLU F 228 -31.83 77.11 -19.25
CA GLU F 228 -32.68 78.03 -18.53
C GLU F 228 -33.27 77.36 -17.31
N LYS F 229 -33.65 76.09 -17.46
CA LYS F 229 -34.29 75.39 -16.37
C LYS F 229 -33.27 74.97 -15.33
N VAL F 230 -32.06 74.58 -15.71
CA VAL F 230 -31.17 74.16 -14.65
C VAL F 230 -30.68 75.40 -13.90
N GLN F 231 -30.60 76.54 -14.59
CA GLN F 231 -30.20 77.77 -13.89
C GLN F 231 -31.20 78.12 -12.80
N ARG F 232 -32.48 78.13 -13.16
CA ARG F 232 -33.55 78.43 -12.21
C ARG F 232 -33.46 77.52 -11.00
N ALA F 233 -33.28 76.24 -11.25
CA ALA F 233 -33.17 75.25 -10.18
C ALA F 233 -31.95 75.48 -9.27
N MET F 234 -30.80 75.81 -9.85
CA MET F 234 -29.59 76.08 -9.07
C MET F 234 -28.96 77.42 -9.43
N PRO F 235 -29.55 78.52 -8.93
CA PRO F 235 -29.20 79.91 -9.28
C PRO F 235 -27.72 80.19 -9.13
N SER F 236 -27.10 79.39 -8.29
CA SER F 236 -25.73 79.56 -7.85
C SER F 236 -24.74 78.94 -8.84
N LEU F 237 -25.23 77.94 -9.56
CA LEU F 237 -24.42 77.15 -10.46
C LEU F 237 -23.97 78.00 -11.65
N LYS F 238 -22.72 77.84 -12.06
CA LYS F 238 -22.30 78.49 -13.29
C LYS F 238 -22.75 77.60 -14.44
N VAL F 239 -23.53 78.18 -15.34
CA VAL F 239 -24.13 77.42 -16.44
C VAL F 239 -23.72 78.00 -17.78
N ALA F 240 -22.96 77.22 -18.56
CA ALA F 240 -22.52 77.63 -19.88
C ALA F 240 -23.14 76.76 -20.96
N THR F 241 -23.71 77.39 -21.99
CA THR F 241 -24.16 76.71 -23.20
C THR F 241 -23.08 76.76 -24.26
N VAL F 242 -23.01 75.71 -25.07
CA VAL F 242 -22.07 75.62 -26.19
C VAL F 242 -22.75 75.10 -27.43
N ASP F 243 -22.51 75.76 -28.56
CA ASP F 243 -22.98 75.25 -29.84
C ASP F 243 -22.18 74.02 -30.20
N THR F 244 -22.87 73.07 -30.81
CA THR F 244 -22.30 71.77 -31.08
C THR F 244 -23.21 71.06 -32.11
N SER F 245 -22.64 70.19 -32.94
CA SER F 245 -23.43 69.64 -34.03
C SER F 245 -24.46 68.60 -33.56
N MET F 246 -24.21 67.95 -32.44
CA MET F 246 -25.09 66.86 -32.03
C MET F 246 -25.29 66.75 -30.52
N GLY F 247 -26.27 65.93 -30.15
CA GLY F 247 -26.47 65.55 -28.76
C GLY F 247 -25.59 64.36 -28.43
N GLY F 248 -25.94 63.63 -27.38
CA GLY F 248 -25.20 62.45 -26.96
C GLY F 248 -23.71 62.58 -26.63
N VAL F 249 -23.09 61.42 -26.42
CA VAL F 249 -21.71 61.35 -26.00
C VAL F 249 -20.77 62.00 -27.03
N ALA F 250 -21.10 61.87 -28.31
CA ALA F 250 -20.32 62.49 -29.35
C ALA F 250 -20.38 64.02 -29.23
N GLY F 251 -21.51 64.50 -28.72
CA GLY F 251 -21.73 65.93 -28.53
C GLY F 251 -20.95 66.41 -27.33
N VAL F 252 -20.96 65.59 -26.28
CA VAL F 252 -20.14 65.86 -25.11
C VAL F 252 -18.67 65.92 -25.52
N ARG F 253 -18.25 64.97 -26.34
CA ARG F 253 -16.86 64.89 -26.72
C ARG F 253 -16.49 66.05 -27.66
N GLU F 254 -17.49 66.58 -28.36
CA GLU F 254 -17.32 67.72 -29.24
C GLU F 254 -17.25 69.01 -28.41
N ALA F 255 -18.14 69.12 -27.42
CA ALA F 255 -18.19 70.29 -26.55
C ALA F 255 -16.89 70.48 -25.79
N LEU F 256 -16.31 69.36 -25.38
CA LEU F 256 -15.06 69.39 -24.63
C LEU F 256 -13.88 69.90 -25.46
N ARG F 257 -14.06 70.10 -26.77
CA ARG F 257 -12.96 70.54 -27.60
C ARG F 257 -13.21 71.91 -28.22
N ARG F 258 -14.41 72.43 -28.01
CA ARG F 258 -14.75 73.79 -28.42
C ARG F 258 -14.00 74.79 -27.53
N GLU F 259 -13.72 75.99 -28.06
CA GLU F 259 -12.77 76.87 -27.37
C GLU F 259 -13.30 77.37 -26.04
N SER F 260 -14.57 77.74 -25.97
CA SER F 260 -15.11 78.34 -24.76
C SER F 260 -15.04 77.32 -23.60
N VAL F 261 -15.26 76.05 -23.91
CA VAL F 261 -15.22 75.01 -22.89
C VAL F 261 -13.79 74.72 -22.45
N THR F 262 -12.84 74.75 -23.38
CA THR F 262 -11.45 74.48 -23.03
C THR F 262 -10.86 75.61 -22.19
N ARG F 263 -11.41 76.81 -22.30
CA ARG F 263 -10.98 77.89 -21.41
C ARG F 263 -11.60 77.70 -20.04
N ILE F 264 -12.94 77.66 -19.99
CA ILE F 264 -13.69 77.43 -18.76
C ILE F 264 -13.09 76.29 -17.95
N LEU F 265 -12.71 75.22 -18.63
CA LEU F 265 -12.28 73.99 -17.98
C LEU F 265 -10.77 73.79 -18.04
N ARG F 266 -10.03 74.86 -18.31
CA ARG F 266 -8.59 74.77 -18.55
C ARG F 266 -7.75 74.25 -17.38
N GLU F 267 -8.26 74.32 -16.16
CA GLU F 267 -7.53 73.80 -15.01
C GLU F 267 -7.67 72.28 -14.85
N LEU F 268 -8.43 71.67 -15.75
CA LEU F 268 -8.56 70.22 -15.74
C LEU F 268 -7.52 69.63 -16.65
N SER F 269 -6.68 68.74 -16.11
CA SER F 269 -5.57 68.19 -16.88
C SER F 269 -6.00 67.52 -18.18
N ILE F 270 -7.01 66.67 -18.13
CA ILE F 270 -7.48 65.99 -19.34
C ILE F 270 -8.02 66.98 -20.37
N VAL F 271 -8.43 68.17 -19.92
CA VAL F 271 -8.82 69.19 -20.86
C VAL F 271 -7.60 69.86 -21.51
N GLU F 272 -6.66 70.28 -20.66
CA GLU F 272 -5.42 70.86 -21.13
C GLU F 272 -4.69 69.91 -22.08
N ALA F 273 -4.75 68.62 -21.77
CA ALA F 273 -4.07 67.60 -22.56
C ALA F 273 -4.52 67.63 -24.01
N GLU F 274 -5.77 67.97 -24.25
CA GLU F 274 -6.29 67.97 -25.60
C GLU F 274 -5.60 69.08 -26.41
N GLY F 275 -5.21 70.15 -25.71
CA GLY F 275 -4.58 71.28 -26.36
C GLY F 275 -3.15 70.98 -26.77
N VAL F 276 -2.42 70.24 -25.96
CA VAL F 276 -1.04 70.00 -26.32
C VAL F 276 -0.97 68.88 -27.36
N LEU F 277 -1.93 67.98 -27.36
CA LEU F 277 -1.94 66.92 -28.36
C LEU F 277 -2.30 67.49 -29.74
N GLU F 278 -3.28 68.40 -29.79
CA GLU F 278 -3.58 69.11 -31.04
C GLU F 278 -2.35 69.91 -31.54
N GLU F 279 -1.62 70.53 -30.62
CA GLU F 279 -0.40 71.24 -30.95
C GLU F 279 0.66 70.28 -31.45
N PHE F 280 0.74 69.12 -30.81
CA PHE F 280 1.69 68.10 -31.23
C PHE F 280 1.43 67.63 -32.67
N LEU F 281 0.16 67.41 -32.98
CA LEU F 281 -0.24 66.90 -34.28
C LEU F 281 -0.08 67.94 -35.39
N ARG F 282 -0.16 69.21 -35.04
CA ARG F 282 0.10 70.26 -36.02
C ARG F 282 1.55 70.18 -36.47
N ARG F 283 2.44 70.15 -35.48
CA ARG F 283 3.87 70.12 -35.71
C ARG F 283 4.26 68.93 -36.52
N ILE F 284 3.81 67.75 -36.08
CA ILE F 284 4.12 66.53 -36.78
C ILE F 284 3.68 66.61 -38.24
N ALA F 285 2.53 67.25 -38.49
CA ALA F 285 2.01 67.35 -39.84
C ALA F 285 2.87 68.28 -40.65
N LYS F 286 3.05 69.50 -40.16
CA LYS F 286 3.96 70.46 -40.75
C LYS F 286 5.42 69.96 -40.77
N SER F 287 5.59 68.64 -40.67
CA SER F 287 6.90 67.98 -40.69
C SER F 287 7.93 68.66 -39.80
N ARG F 288 7.48 69.26 -38.69
CA ARG F 288 8.38 69.97 -37.79
C ARG F 288 9.16 69.02 -36.88
N ASP F 289 10.40 69.42 -36.58
CA ASP F 289 11.26 68.69 -35.65
C ASP F 289 11.10 69.23 -34.24
N THR F 290 10.10 70.08 -34.01
CA THR F 290 9.87 70.65 -32.67
C THR F 290 8.97 69.76 -31.81
N VAL F 291 9.25 68.46 -31.82
CA VAL F 291 8.32 67.44 -31.39
C VAL F 291 9.07 66.15 -31.03
N ALA F 292 8.60 65.43 -30.02
CA ALA F 292 9.21 64.13 -29.71
C ALA F 292 8.20 63.17 -29.07
N TYR F 293 8.46 61.88 -29.23
CA TYR F 293 7.59 60.86 -28.64
C TYR F 293 8.31 59.53 -28.52
N THR F 294 7.76 58.64 -27.70
CA THR F 294 8.43 57.42 -27.19
C THR F 294 9.18 57.76 -25.92
N PRO F 295 9.17 56.87 -24.91
CA PRO F 295 9.98 57.15 -23.74
C PRO F 295 11.45 57.45 -24.08
N GLY F 296 12.04 56.70 -25.00
CA GLY F 296 13.42 56.89 -25.41
C GLY F 296 13.77 58.25 -26.00
N GLU F 297 13.01 58.66 -27.02
CA GLU F 297 13.18 59.95 -27.64
C GLU F 297 13.06 61.04 -26.60
N VAL F 298 12.05 60.89 -25.75
CA VAL F 298 11.67 61.96 -24.85
C VAL F 298 12.71 62.12 -23.77
N LEU F 299 13.31 60.99 -23.36
CA LEU F 299 14.38 61.06 -22.39
C LEU F 299 15.54 61.85 -23.00
N ALA F 300 15.91 61.48 -24.22
CA ALA F 300 16.98 62.16 -24.98
C ALA F 300 16.83 63.67 -24.95
N VAL F 301 15.69 64.19 -25.41
CA VAL F 301 15.55 65.64 -25.50
C VAL F 301 15.31 66.28 -24.12
N ALA F 302 14.89 65.48 -23.16
CA ALA F 302 14.78 65.99 -21.80
C ALA F 302 16.17 66.36 -21.24
N ARG F 303 17.18 65.53 -21.54
CA ARG F 303 18.56 65.82 -21.17
C ARG F 303 18.97 67.18 -21.70
N MET F 304 18.65 67.42 -22.99
CA MET F 304 19.06 68.61 -23.70
C MET F 304 18.48 69.87 -23.10
N GLY F 305 17.35 69.72 -22.41
CA GLY F 305 16.62 70.87 -21.94
C GLY F 305 15.77 71.46 -23.04
N ALA F 306 15.52 70.66 -24.07
CA ALA F 306 14.64 71.04 -25.19
C ALA F 306 13.13 70.96 -24.89
N VAL F 307 12.76 70.21 -23.84
CA VAL F 307 11.35 69.89 -23.63
C VAL F 307 10.63 70.98 -22.90
N ASP F 308 9.64 71.53 -23.58
CA ASP F 308 8.77 72.57 -23.07
C ASP F 308 7.57 71.97 -22.29
N THR F 309 6.75 71.16 -22.97
CA THR F 309 5.75 70.41 -22.23
C THR F 309 5.76 68.95 -22.68
N VAL F 310 5.47 68.05 -21.75
CA VAL F 310 5.36 66.63 -22.08
C VAL F 310 4.01 66.07 -21.62
N LEU F 311 3.32 65.34 -22.51
CA LEU F 311 2.02 64.72 -22.20
C LEU F 311 2.20 63.22 -22.15
N LEU F 312 1.67 62.63 -21.11
CA LEU F 312 2.10 61.30 -20.71
C LEU F 312 0.90 60.50 -20.16
N VAL F 313 0.69 59.30 -20.70
CA VAL F 313 -0.31 58.37 -20.16
C VAL F 313 0.22 57.69 -18.88
N ASP F 314 -0.61 57.67 -17.84
CA ASP F 314 -0.18 57.24 -16.51
C ASP F 314 0.26 55.77 -16.41
N THR F 315 -0.21 54.94 -17.33
CA THR F 315 0.20 53.53 -17.32
C THR F 315 1.70 53.37 -17.62
N LEU F 316 2.34 54.41 -18.13
CA LEU F 316 3.76 54.36 -18.44
C LEU F 316 4.59 54.48 -17.20
N LEU F 317 4.07 55.23 -16.23
CA LEU F 317 4.67 55.32 -14.91
C LEU F 317 4.71 53.99 -14.19
N HIS F 318 3.87 53.04 -14.61
CA HIS F 318 3.73 51.78 -13.87
C HIS F 318 3.98 50.56 -14.71
N SER F 319 4.63 50.76 -15.85
CA SER F 319 5.06 49.68 -16.74
C SER F 319 5.76 48.58 -15.95
N PRO F 320 5.49 47.32 -16.31
CA PRO F 320 6.15 46.20 -15.64
C PRO F 320 7.66 46.27 -15.84
N ASP F 321 8.05 46.67 -17.05
CA ASP F 321 9.45 46.86 -17.43
C ASP F 321 10.14 47.94 -16.60
N ASP F 322 10.90 47.51 -15.60
CA ASP F 322 11.63 48.40 -14.71
C ASP F 322 12.43 49.47 -15.48
N ALA F 323 12.79 49.16 -16.71
CA ALA F 323 13.61 50.06 -17.51
C ALA F 323 12.81 51.29 -17.95
N VAL F 324 11.57 51.08 -18.43
CA VAL F 324 10.82 52.23 -18.90
C VAL F 324 10.28 53.04 -17.71
N ARG F 325 10.03 52.40 -16.56
CA ARG F 325 9.61 53.19 -15.42
C ARG F 325 10.71 54.17 -15.08
N GLU F 326 11.95 53.67 -14.97
CA GLU F 326 13.08 54.52 -14.63
C GLU F 326 13.38 55.54 -15.74
N ALA F 327 13.34 55.12 -16.99
CA ALA F 327 13.52 56.04 -18.11
C ALA F 327 12.50 57.19 -18.05
N VAL F 328 11.22 56.87 -18.00
CA VAL F 328 10.20 57.92 -17.92
C VAL F 328 10.33 58.77 -16.65
N ASP F 329 10.73 58.17 -15.52
CA ASP F 329 10.85 58.94 -14.29
C ASP F 329 12.01 59.95 -14.39
N GLU F 330 13.17 59.51 -14.88
CA GLU F 330 14.32 60.41 -15.11
C GLU F 330 13.96 61.50 -16.10
N ALA F 331 13.40 61.11 -17.25
CA ALA F 331 12.94 62.06 -18.24
C ALA F 331 12.07 63.14 -17.60
N LEU F 332 11.04 62.71 -16.88
CA LEU F 332 10.12 63.63 -16.19
C LEU F 332 10.81 64.49 -15.13
N ARG F 333 11.74 63.90 -14.38
CA ARG F 333 12.54 64.64 -13.39
C ARG F 333 13.25 65.81 -14.07
N LEU F 334 13.85 65.48 -15.21
CA LEU F 334 14.58 66.42 -16.04
C LEU F 334 13.72 67.62 -16.47
N VAL F 335 12.66 67.36 -17.25
CA VAL F 335 11.97 68.47 -17.91
C VAL F 335 11.41 69.43 -16.87
N GLU F 336 10.99 68.90 -15.73
CA GLU F 336 10.57 69.75 -14.62
C GLU F 336 11.73 70.60 -14.09
N SER F 337 12.89 69.98 -13.95
CA SER F 337 14.05 70.66 -13.39
C SER F 337 14.49 71.84 -14.26
N MET F 338 14.30 71.70 -15.56
CA MET F 338 14.69 72.77 -16.48
C MET F 338 13.45 73.55 -16.95
N GLY F 339 12.54 73.77 -16.00
CA GLY F 339 11.37 74.62 -16.19
C GLY F 339 10.22 74.08 -17.04
N GLY F 340 10.24 72.78 -17.33
CA GLY F 340 9.21 72.23 -18.19
C GLY F 340 7.94 71.88 -17.43
N ARG F 341 6.85 71.77 -18.19
CA ARG F 341 5.56 71.40 -17.66
C ARG F 341 5.22 69.96 -18.06
N VAL F 342 4.86 69.15 -17.07
CA VAL F 342 4.48 67.78 -17.39
C VAL F 342 3.03 67.54 -17.02
N ILE F 343 2.30 66.97 -17.97
CA ILE F 343 0.90 66.61 -17.81
C ILE F 343 0.71 65.11 -17.87
N ILE F 344 -0.09 64.59 -16.94
CA ILE F 344 -0.33 63.15 -16.84
C ILE F 344 -1.83 62.88 -16.88
N ILE F 345 -2.25 62.12 -17.90
CA ILE F 345 -3.64 61.72 -18.10
C ILE F 345 -3.80 60.21 -18.02
N PRO F 346 -5.03 59.74 -17.72
CA PRO F 346 -5.21 58.28 -17.65
C PRO F 346 -5.17 57.68 -19.04
N GLY F 347 -4.69 56.45 -19.15
CA GLY F 347 -4.67 55.74 -20.42
C GLY F 347 -6.01 55.78 -21.15
N ASP F 348 -7.08 55.56 -20.40
CA ASP F 348 -8.43 55.64 -20.96
C ASP F 348 -9.00 57.04 -20.91
N SER F 349 -8.84 57.80 -21.99
CA SER F 349 -9.50 59.10 -22.11
C SER F 349 -9.55 59.48 -23.58
N PRO F 350 -10.21 60.62 -23.92
CA PRO F 350 -10.15 61.07 -25.32
C PRO F 350 -8.71 61.16 -25.83
N ALA F 351 -7.98 62.14 -25.31
CA ALA F 351 -6.56 62.29 -25.58
C ALA F 351 -5.79 61.01 -25.30
N GLY F 352 -6.23 60.28 -24.30
CA GLY F 352 -5.55 59.07 -23.90
C GLY F 352 -5.36 58.09 -25.04
N GLU F 353 -6.36 58.02 -25.91
CA GLU F 353 -6.39 57.02 -26.96
C GLU F 353 -5.37 57.28 -28.07
N ARG F 354 -5.19 58.55 -28.40
CA ARG F 354 -4.40 58.89 -29.57
C ARG F 354 -2.90 58.85 -29.30
N LEU F 355 -2.54 58.78 -28.03
CA LEU F 355 -1.16 58.63 -27.62
C LEU F 355 -0.59 57.24 -27.89
N VAL F 356 -1.45 56.30 -28.25
CA VAL F 356 -1.04 54.91 -28.22
C VAL F 356 0.01 54.59 -29.29
N SER F 357 -0.07 55.24 -30.45
CA SER F 357 0.87 55.02 -31.54
C SER F 357 2.20 55.74 -31.33
N PHE F 358 2.25 56.54 -30.26
CA PHE F 358 3.40 57.35 -29.96
C PHE F 358 4.07 56.87 -28.68
N GLY F 359 3.78 55.63 -28.32
CA GLY F 359 4.36 55.03 -27.13
C GLY F 359 3.83 55.59 -25.82
N GLY F 360 2.70 56.31 -25.89
CA GLY F 360 2.08 56.88 -24.70
C GLY F 360 2.68 58.17 -24.13
N VAL F 361 3.70 58.71 -24.80
CA VAL F 361 4.33 59.99 -24.45
C VAL F 361 4.64 60.86 -25.64
N ILE F 362 4.19 62.11 -25.62
CA ILE F 362 4.61 63.08 -26.63
C ILE F 362 5.22 64.28 -25.92
N ALA F 363 5.95 65.12 -26.66
CA ALA F 363 6.58 66.31 -26.10
C ALA F 363 6.64 67.44 -27.12
N LEU F 364 6.32 68.65 -26.69
CA LEU F 364 6.52 69.86 -27.49
C LEU F 364 7.90 70.40 -27.17
N LEU F 365 8.74 70.61 -28.20
CA LEU F 365 10.10 71.08 -27.95
C LEU F 365 10.23 72.60 -28.10
N ARG F 366 11.22 73.16 -27.42
CA ARG F 366 11.54 74.58 -27.49
C ARG F 366 12.25 74.99 -28.80
N TYR F 367 12.93 74.04 -29.45
CA TYR F 367 13.69 74.34 -30.67
C TYR F 367 13.73 73.08 -31.50
N PRO F 368 14.00 73.21 -32.81
CA PRO F 368 13.99 71.99 -33.61
C PRO F 368 15.12 71.08 -33.22
N VAL F 369 14.83 69.79 -33.04
CA VAL F 369 15.85 68.77 -32.84
C VAL F 369 15.58 67.66 -33.84
N PRO F 370 16.39 67.56 -34.91
CA PRO F 370 16.13 66.58 -35.96
C PRO F 370 15.93 65.20 -35.35
N GLN F 371 15.00 64.42 -35.87
CA GLN F 371 14.72 63.12 -35.24
C GLN F 371 15.97 62.22 -35.25
N GLU F 372 16.89 62.47 -36.18
CA GLU F 372 18.15 61.76 -36.20
C GLU F 372 18.85 61.84 -34.85
N ALA F 373 19.09 63.05 -34.37
CA ALA F 373 19.87 63.29 -33.15
C ALA F 373 19.07 63.05 -31.87
N ARG F 374 17.83 62.57 -32.01
CA ARG F 374 16.99 62.29 -30.86
C ARG F 374 17.27 60.88 -30.30
N GLU G 6 24.56 -15.96 25.26
CA GLU G 6 25.57 -15.70 24.23
C GLU G 6 25.11 -16.24 22.88
N LYS G 7 24.61 -15.36 22.02
CA LYS G 7 24.31 -15.75 20.65
C LYS G 7 25.63 -15.91 19.89
N PRO G 8 25.73 -16.94 19.04
CA PRO G 8 27.00 -17.30 18.36
C PRO G 8 27.71 -16.13 17.66
N HIS G 9 29.03 -16.26 17.51
CA HIS G 9 29.82 -15.27 16.78
C HIS G 9 30.29 -15.78 15.42
N MET G 10 30.06 -15.01 14.36
CA MET G 10 30.59 -15.37 13.05
C MET G 10 31.38 -14.24 12.39
N ASN G 11 32.46 -14.61 11.70
CA ASN G 11 33.26 -13.67 10.92
C ASN G 11 32.72 -13.57 9.51
N LEU G 12 32.63 -12.34 9.02
CA LEU G 12 31.94 -12.06 7.77
C LEU G 12 32.77 -11.18 6.86
N VAL G 13 33.15 -11.69 5.69
CA VAL G 13 33.93 -10.87 4.76
C VAL G 13 33.10 -10.40 3.58
N VAL G 14 33.33 -9.16 3.17
CA VAL G 14 32.62 -8.57 2.06
C VAL G 14 33.54 -8.39 0.87
N ILE G 15 33.27 -9.16 -0.19
CA ILE G 15 34.13 -9.17 -1.35
C ILE G 15 33.37 -8.78 -2.61
N GLY G 16 34.11 -8.51 -3.69
CA GLY G 16 33.50 -8.12 -4.95
C GLY G 16 34.39 -7.18 -5.73
N HIS G 17 34.05 -6.93 -7.00
CA HIS G 17 34.87 -6.11 -7.89
C HIS G 17 34.99 -4.66 -7.39
N VAL G 18 35.94 -3.90 -7.95
CA VAL G 18 36.18 -2.54 -7.50
C VAL G 18 34.98 -1.61 -7.75
N ASP G 19 34.65 -0.84 -6.72
CA ASP G 19 33.54 0.12 -6.74
C ASP G 19 32.14 -0.48 -6.93
N HIS G 20 32.00 -1.81 -6.81
CA HIS G 20 30.68 -2.46 -6.95
C HIS G 20 29.76 -2.28 -5.74
N GLY G 21 30.23 -1.52 -4.76
CA GLY G 21 29.42 -1.11 -3.63
C GLY G 21 29.63 -1.82 -2.29
N LYS G 22 30.84 -2.31 -2.00
CA LYS G 22 31.04 -3.10 -0.79
C LYS G 22 31.05 -2.25 0.47
N SER G 23 31.86 -1.20 0.43
CA SER G 23 32.03 -0.31 1.59
C SER G 23 30.77 0.51 1.88
N THR G 24 30.18 1.08 0.83
CA THR G 24 28.93 1.80 0.98
C THR G 24 27.79 0.89 1.48
N LEU G 25 27.80 -0.39 1.08
CA LEU G 25 26.81 -1.35 1.57
C LEU G 25 26.93 -1.58 3.07
N VAL G 26 28.10 -2.05 3.51
CA VAL G 26 28.36 -2.29 4.94
C VAL G 26 28.03 -1.05 5.74
N GLY G 27 28.29 0.12 5.13
CA GLY G 27 28.03 1.38 5.78
C GLY G 27 26.55 1.59 6.04
N HIS G 28 25.76 1.44 4.99
CA HIS G 28 24.32 1.63 5.07
C HIS G 28 23.68 0.64 6.04
N LEU G 29 24.02 -0.64 5.89
CA LEU G 29 23.48 -1.68 6.77
C LEU G 29 23.65 -1.33 8.25
N LEU G 30 24.86 -0.93 8.63
CA LEU G 30 25.10 -0.65 10.04
C LEU G 30 24.38 0.63 10.46
N TYR G 31 24.10 1.50 9.50
CA TYR G 31 23.35 2.73 9.78
C TYR G 31 21.89 2.44 10.12
N ARG G 32 21.26 1.61 9.30
CA ARG G 32 19.85 1.29 9.45
C ARG G 32 19.63 0.30 10.57
N LEU G 33 20.66 -0.49 10.86
CA LEU G 33 20.60 -1.32 12.05
C LEU G 33 20.90 -0.47 13.28
N GLY G 34 21.21 0.81 13.03
CA GLY G 34 21.31 1.81 14.08
C GLY G 34 22.61 1.79 14.85
N TYR G 35 23.70 1.40 14.19
CA TYR G 35 25.01 1.41 14.84
C TYR G 35 25.76 2.71 14.57
N ILE G 36 25.18 3.58 13.73
CA ILE G 36 25.82 4.84 13.35
C ILE G 36 25.03 6.08 13.77
N GLU G 37 25.65 6.96 14.54
CA GLU G 37 25.05 8.25 14.89
C GLU G 37 24.63 9.03 13.65
N GLU G 38 23.43 9.62 13.70
CA GLU G 38 23.02 10.53 12.63
C GLU G 38 23.93 11.74 12.67
N LYS G 39 24.48 12.00 13.84
CA LYS G 39 25.42 13.10 14.05
C LYS G 39 26.64 12.90 13.17
N LYS G 40 27.16 11.68 13.19
CA LYS G 40 28.36 11.31 12.43
C LYS G 40 28.12 11.28 10.92
N LEU G 41 27.10 10.55 10.50
CA LEU G 41 26.78 10.43 9.08
C LEU G 41 26.58 11.79 8.45
N LYS G 42 26.01 12.70 9.22
CA LYS G 42 25.77 14.07 8.77
C LYS G 42 27.08 14.73 8.43
N GLU G 43 28.07 14.56 9.31
CA GLU G 43 29.39 15.13 9.08
C GLU G 43 30.03 14.51 7.85
N LEU G 44 29.90 13.20 7.74
CA LEU G 44 30.55 12.45 6.67
C LEU G 44 30.08 12.91 5.29
N GLU G 45 28.80 13.25 5.18
CA GLU G 45 28.25 13.71 3.91
C GLU G 45 28.74 15.12 3.55
N GLU G 46 29.02 15.92 4.57
CA GLU G 46 29.52 17.29 4.37
C GLU G 46 30.95 17.28 3.84
N GLN G 47 31.79 16.43 4.43
CA GLN G 47 33.18 16.26 3.99
C GLN G 47 33.23 15.65 2.60
N ALA G 48 32.36 14.67 2.38
CA ALA G 48 32.26 14.03 1.07
C ALA G 48 31.88 15.06 0.02
N LYS G 49 30.86 15.86 0.32
CA LYS G 49 30.43 16.93 -0.57
C LYS G 49 31.58 17.90 -0.81
N SER G 50 32.34 18.18 0.25
CA SER G 50 33.44 19.14 0.18
C SER G 50 34.46 18.80 -0.90
N ARG G 51 34.91 17.54 -0.89
CA ARG G 51 35.88 17.05 -1.85
C ARG G 51 35.19 16.58 -3.13
N GLY G 52 35.99 16.24 -4.14
CA GLY G 52 35.46 15.77 -5.41
C GLY G 52 34.44 14.67 -5.23
N LYS G 53 34.67 13.84 -4.22
CA LYS G 53 33.78 12.73 -3.87
C LYS G 53 32.37 13.23 -3.55
N GLU G 54 31.47 12.32 -3.25
CA GLU G 54 30.06 12.70 -3.23
C GLU G 54 29.19 11.65 -2.59
N SER G 55 29.02 10.57 -3.34
CA SER G 55 28.18 9.48 -2.91
C SER G 55 28.97 8.44 -2.13
N PHE G 56 29.89 8.90 -1.30
CA PHE G 56 30.79 8.00 -0.59
C PHE G 56 30.56 8.02 0.90
N LYS G 57 29.57 8.80 1.33
CA LYS G 57 29.32 9.05 2.75
C LYS G 57 29.18 7.75 3.54
N PHE G 58 28.57 6.75 2.94
CA PHE G 58 28.45 5.44 3.59
C PHE G 58 29.76 4.67 3.55
N ALA G 59 30.46 4.73 2.41
CA ALA G 59 31.78 4.11 2.26
C ALA G 59 32.75 4.67 3.28
N TRP G 60 32.65 5.98 3.50
CA TRP G 60 33.61 6.68 4.33
C TRP G 60 33.46 6.41 5.81
N ILE G 61 32.53 5.56 6.20
CA ILE G 61 32.45 5.19 7.59
C ILE G 61 33.33 3.95 7.76
N LEU G 62 33.80 3.43 6.62
CA LEU G 62 34.75 2.33 6.60
C LEU G 62 36.11 2.74 5.99
N ASP G 63 36.06 3.55 4.94
CA ASP G 63 37.27 4.03 4.26
C ASP G 63 37.86 5.24 4.98
N LYS G 64 38.84 4.99 5.82
CA LYS G 64 39.30 6.02 6.73
C LYS G 64 40.71 6.56 6.42
N MET G 65 41.57 5.76 5.81
CA MET G 65 42.92 6.25 5.55
C MET G 65 42.93 7.24 4.39
N LYS G 66 43.98 8.06 4.31
CA LYS G 66 44.01 9.20 3.42
C LYS G 66 43.88 8.82 1.94
N GLU G 67 44.71 7.89 1.49
CA GLU G 67 44.70 7.49 0.09
C GLU G 67 43.37 6.80 -0.29
N GLU G 68 42.75 6.15 0.68
CA GLU G 68 41.43 5.56 0.49
C GLU G 68 40.45 6.65 0.11
N ARG G 69 40.40 7.69 0.95
CA ARG G 69 39.37 8.71 0.86
C ARG G 69 39.46 9.53 -0.40
N GLU G 70 40.67 9.81 -0.89
CA GLU G 70 40.77 10.63 -2.09
C GLU G 70 40.88 9.80 -3.38
N ARG G 71 40.28 8.61 -3.42
CA ARG G 71 40.49 7.78 -4.61
C ARG G 71 39.24 7.36 -5.41
N GLY G 72 38.11 6.95 -4.81
CA GLY G 72 37.91 6.64 -3.42
C GLY G 72 37.81 5.13 -3.37
N ILE G 73 38.86 4.51 -2.83
CA ILE G 73 39.06 3.08 -2.96
C ILE G 73 39.35 2.51 -1.59
N THR G 74 38.76 1.38 -1.25
CA THR G 74 39.21 0.70 -0.05
C THR G 74 40.59 0.11 -0.31
N ILE G 75 41.53 0.36 0.60
CA ILE G 75 42.87 -0.20 0.46
C ILE G 75 43.13 -1.36 1.42
N ASP G 76 42.90 -1.12 2.71
CA ASP G 76 43.05 -2.19 3.68
C ASP G 76 41.71 -2.62 4.33
N LEU G 77 41.75 -3.80 4.94
CA LEU G 77 40.64 -4.33 5.72
C LEU G 77 40.13 -3.36 6.77
N THR G 78 38.81 -3.31 6.93
CA THR G 78 38.18 -2.53 7.99
C THR G 78 37.21 -3.43 8.77
N PHE G 79 37.35 -3.43 10.09
CA PHE G 79 36.54 -4.28 10.95
C PHE G 79 35.48 -3.48 11.72
N MET G 80 34.24 -3.98 11.71
CA MET G 80 33.18 -3.43 12.55
C MET G 80 32.42 -4.58 13.20
N LYS G 81 31.61 -4.27 14.22
CA LYS G 81 30.81 -5.27 14.94
C LYS G 81 29.34 -4.93 14.84
N PHE G 82 28.50 -5.93 14.56
CA PHE G 82 27.06 -5.74 14.71
C PHE G 82 26.38 -7.03 15.13
N GLU G 83 25.10 -6.91 15.45
CA GLU G 83 24.35 -8.00 16.04
C GLU G 83 23.01 -8.13 15.32
N THR G 84 22.59 -9.37 15.08
CA THR G 84 21.29 -9.63 14.47
C THR G 84 20.40 -10.33 15.47
N LYS G 85 19.33 -10.94 14.98
CA LYS G 85 18.41 -11.67 15.86
C LYS G 85 19.17 -12.74 16.64
N LYS G 86 19.94 -13.57 15.93
CA LYS G 86 20.59 -14.71 16.58
C LYS G 86 22.13 -14.75 16.48
N TYR G 87 22.74 -13.71 15.92
CA TYR G 87 24.19 -13.71 15.76
C TYR G 87 24.83 -12.38 16.07
N VAL G 88 26.04 -12.44 16.62
CA VAL G 88 26.91 -11.27 16.65
C VAL G 88 27.94 -11.44 15.52
N PHE G 89 28.25 -10.34 14.85
CA PHE G 89 29.06 -10.38 13.64
C PHE G 89 30.31 -9.50 13.69
N THR G 90 31.45 -10.09 13.35
CA THR G 90 32.62 -9.32 12.95
C THR G 90 32.56 -9.22 11.43
N ILE G 91 32.38 -8.01 10.93
CA ILE G 91 32.24 -7.84 9.50
C ILE G 91 33.48 -7.13 8.93
N ILE G 92 33.99 -7.71 7.84
CA ILE G 92 35.27 -7.34 7.25
C ILE G 92 35.09 -6.79 5.84
N ASP G 93 35.26 -5.48 5.70
CA ASP G 93 35.19 -4.80 4.42
C ASP G 93 36.53 -4.93 3.69
N ALA G 94 36.53 -5.59 2.54
CA ALA G 94 37.76 -5.87 1.79
C ALA G 94 37.91 -4.98 0.54
N PRO G 95 39.16 -4.70 0.13
CA PRO G 95 39.40 -3.91 -1.09
C PRO G 95 38.91 -4.65 -2.34
N GLY G 96 38.58 -3.92 -3.39
CA GLY G 96 38.18 -4.54 -4.64
C GLY G 96 39.20 -4.28 -5.73
N HIS G 97 40.01 -3.25 -5.54
CA HIS G 97 40.99 -2.86 -6.55
C HIS G 97 42.11 -3.89 -6.65
N ARG G 98 42.45 -4.22 -7.89
CA ARG G 98 43.43 -5.26 -8.24
C ARG G 98 44.72 -5.20 -7.45
N ASP G 99 45.25 -3.99 -7.27
CA ASP G 99 46.48 -3.77 -6.50
C ASP G 99 46.47 -4.35 -5.09
N PHE G 100 45.29 -4.60 -4.54
CA PHE G 100 45.23 -4.98 -3.14
C PHE G 100 44.49 -6.26 -2.82
N VAL G 101 44.43 -7.20 -3.75
CA VAL G 101 43.85 -8.49 -3.42
C VAL G 101 44.62 -9.20 -2.32
N LYS G 102 45.91 -8.87 -2.14
CA LYS G 102 46.71 -9.42 -1.04
C LYS G 102 45.98 -9.22 0.28
N ASN G 103 45.28 -8.09 0.40
CA ASN G 103 44.58 -7.75 1.63
C ASN G 103 43.22 -8.43 1.68
N MET G 104 42.57 -8.53 0.52
CA MET G 104 41.33 -9.26 0.44
C MET G 104 41.53 -10.71 0.89
N ILE G 105 42.68 -11.29 0.55
CA ILE G 105 42.96 -12.68 0.87
C ILE G 105 43.11 -12.91 2.37
N THR G 106 43.75 -11.99 3.09
CA THR G 106 43.88 -12.16 4.53
C THR G 106 42.51 -12.08 5.18
N GLY G 107 41.63 -11.28 4.57
CA GLY G 107 40.25 -11.19 5.03
C GLY G 107 39.49 -12.49 4.88
N ALA G 108 39.59 -13.11 3.70
CA ALA G 108 38.89 -14.36 3.44
C ALA G 108 39.37 -15.49 4.34
N SER G 109 40.66 -15.52 4.64
CA SER G 109 41.22 -16.59 5.46
C SER G 109 40.64 -16.56 6.89
N GLN G 110 40.25 -15.36 7.31
CA GLN G 110 39.65 -15.10 8.61
C GLN G 110 38.12 -15.33 8.65
N ALA G 111 37.49 -15.46 7.49
CA ALA G 111 36.04 -15.45 7.44
C ALA G 111 35.39 -16.83 7.56
N ASP G 112 34.10 -16.79 7.88
CA ASP G 112 33.26 -17.97 7.98
C ASP G 112 32.21 -17.91 6.88
N ALA G 113 31.88 -16.68 6.49
CA ALA G 113 30.90 -16.42 5.46
C ALA G 113 31.31 -15.20 4.63
N ALA G 114 30.88 -15.17 3.38
CA ALA G 114 31.23 -14.06 2.52
C ALA G 114 30.00 -13.40 1.95
N ILE G 115 30.02 -12.07 1.86
CA ILE G 115 29.00 -11.33 1.14
C ILE G 115 29.58 -10.87 -0.18
N LEU G 116 29.12 -11.49 -1.26
CA LEU G 116 29.60 -11.20 -2.59
C LEU G 116 28.79 -10.07 -3.22
N VAL G 117 29.30 -8.86 -3.12
CA VAL G 117 28.67 -7.70 -3.75
C VAL G 117 29.00 -7.66 -5.25
N VAL G 118 27.98 -7.65 -6.09
CA VAL G 118 28.17 -7.48 -7.52
C VAL G 118 27.24 -6.39 -8.03
N SER G 119 27.79 -5.50 -8.86
CA SER G 119 27.01 -4.39 -9.40
C SER G 119 26.19 -4.86 -10.58
N ALA G 120 24.93 -4.45 -10.62
CA ALA G 120 24.02 -4.89 -11.67
C ALA G 120 23.96 -3.91 -12.83
N ARG G 121 24.84 -2.91 -12.81
CA ARG G 121 24.85 -1.86 -13.83
C ARG G 121 25.51 -2.31 -15.14
N LYS G 122 25.18 -1.63 -16.23
CA LYS G 122 25.70 -2.00 -17.54
C LYS G 122 27.19 -1.79 -17.58
N GLY G 123 27.92 -2.83 -17.94
CA GLY G 123 29.37 -2.76 -18.03
C GLY G 123 30.05 -3.16 -16.74
N GLU G 124 29.51 -2.70 -15.61
CA GLU G 124 30.10 -3.00 -14.31
C GLU G 124 30.03 -4.49 -14.02
N PHE G 125 28.87 -5.12 -14.23
CA PHE G 125 28.78 -6.56 -14.06
C PHE G 125 29.76 -7.29 -14.97
N GLU G 126 29.91 -6.80 -16.19
CA GLU G 126 30.75 -7.46 -17.18
C GLU G 126 32.24 -7.21 -16.93
N ALA G 127 32.58 -6.01 -16.47
CA ALA G 127 33.95 -5.70 -16.10
C ALA G 127 34.40 -6.65 -14.99
N GLY G 128 33.63 -6.68 -13.90
CA GLY G 128 33.91 -7.55 -12.78
C GLY G 128 33.85 -9.03 -13.10
N MET G 129 32.99 -9.40 -14.04
CA MET G 129 32.88 -10.81 -14.42
C MET G 129 33.76 -11.17 -15.61
N SER G 130 34.67 -10.27 -15.98
CA SER G 130 35.56 -10.51 -17.12
C SER G 130 36.59 -11.58 -16.85
N THR G 131 37.81 -11.37 -17.33
CA THR G 131 38.87 -12.36 -17.20
C THR G 131 39.84 -11.92 -16.11
N GLU G 132 40.07 -10.61 -16.04
CA GLU G 132 40.92 -10.06 -14.99
C GLU G 132 40.03 -9.41 -13.93
N GLY G 133 38.76 -9.80 -13.91
CA GLY G 133 37.80 -9.26 -12.96
C GLY G 133 37.86 -9.89 -11.58
N GLN G 134 37.62 -9.06 -10.56
CA GLN G 134 37.74 -9.51 -9.18
C GLN G 134 36.41 -10.09 -8.66
N THR G 135 35.34 -9.99 -9.43
CA THR G 135 34.16 -10.80 -9.12
C THR G 135 34.58 -12.25 -9.31
N ARG G 136 35.30 -12.48 -10.40
CA ARG G 136 35.87 -13.77 -10.73
C ARG G 136 36.97 -14.15 -9.74
N GLU G 137 37.91 -13.24 -9.53
CA GLU G 137 39.05 -13.52 -8.66
C GLU G 137 38.62 -13.72 -7.20
N HIS G 138 37.82 -12.81 -6.66
CA HIS G 138 37.46 -12.90 -5.24
C HIS G 138 36.63 -14.16 -5.00
N LEU G 139 35.83 -14.55 -5.99
CA LEU G 139 35.09 -15.79 -5.89
C LEU G 139 36.03 -16.98 -5.81
N LEU G 140 36.97 -17.06 -6.75
CA LEU G 140 37.92 -18.16 -6.76
C LEU G 140 38.70 -18.18 -5.44
N LEU G 141 39.29 -17.04 -5.09
CA LEU G 141 40.12 -16.95 -3.90
C LEU G 141 39.35 -17.29 -2.61
N ALA G 142 38.10 -16.88 -2.54
CA ALA G 142 37.29 -17.17 -1.35
C ALA G 142 37.09 -18.67 -1.16
N ARG G 143 36.88 -19.40 -2.26
CA ARG G 143 36.76 -20.85 -2.20
C ARG G 143 38.06 -21.50 -1.72
N THR G 144 39.19 -21.11 -2.31
CA THR G 144 40.45 -21.73 -1.94
C THR G 144 40.79 -21.33 -0.50
N MET G 145 40.34 -20.16 -0.07
CA MET G 145 40.59 -19.74 1.29
C MET G 145 39.66 -20.46 2.28
N GLY G 146 38.77 -21.32 1.76
CA GLY G 146 37.97 -22.17 2.60
C GLY G 146 36.67 -21.56 3.07
N ILE G 147 36.14 -20.65 2.27
CA ILE G 147 34.83 -20.11 2.54
C ILE G 147 33.82 -20.91 1.74
N GLU G 148 32.78 -21.38 2.44
CA GLU G 148 31.74 -22.17 1.80
C GLU G 148 30.40 -21.44 1.87
N GLN G 149 30.15 -20.75 2.99
CA GLN G 149 28.91 -19.98 3.12
C GLN G 149 29.00 -18.62 2.45
N ILE G 150 28.20 -18.43 1.40
CA ILE G 150 28.19 -17.16 0.66
C ILE G 150 26.77 -16.59 0.51
N ILE G 151 26.70 -15.27 0.44
CA ILE G 151 25.48 -14.49 0.26
C ILE G 151 25.78 -13.43 -0.79
N VAL G 152 25.25 -13.54 -2.00
CA VAL G 152 25.56 -12.55 -3.02
C VAL G 152 24.51 -11.45 -3.04
N ALA G 153 24.97 -10.22 -3.18
CA ALA G 153 24.10 -9.07 -3.20
C ALA G 153 24.17 -8.35 -4.54
N VAL G 154 23.25 -8.68 -5.43
CA VAL G 154 23.10 -7.96 -6.69
C VAL G 154 22.76 -6.49 -6.38
N ASN G 155 23.70 -5.59 -6.69
CA ASN G 155 23.65 -4.23 -6.16
C ASN G 155 23.49 -3.13 -7.21
N LYS G 156 23.35 -1.90 -6.72
CA LYS G 156 23.13 -0.70 -7.52
C LYS G 156 21.83 -0.80 -8.32
N MET G 157 20.84 -1.44 -7.71
CA MET G 157 19.51 -1.60 -8.30
C MET G 157 18.89 -0.26 -8.64
N ASP G 158 18.86 0.62 -7.64
CA ASP G 158 18.33 1.97 -7.74
C ASP G 158 18.82 2.75 -8.97
N ALA G 159 20.00 2.44 -9.46
CA ALA G 159 20.62 3.17 -10.57
C ALA G 159 19.80 3.13 -11.87
N PRO G 160 19.89 4.22 -12.67
CA PRO G 160 19.31 4.36 -14.00
C PRO G 160 19.47 3.14 -14.90
N ASP G 161 20.69 2.61 -15.02
CA ASP G 161 20.96 1.44 -15.87
C ASP G 161 20.05 0.26 -15.53
N VAL G 162 19.61 0.20 -14.28
CA VAL G 162 18.86 -0.94 -13.78
C VAL G 162 17.39 -0.58 -13.54
N ASN G 163 17.16 0.31 -12.57
CA ASN G 163 15.81 0.72 -12.18
C ASN G 163 14.94 -0.46 -11.73
N TYR G 164 15.49 -1.27 -10.83
CA TYR G 164 14.75 -2.35 -10.17
C TYR G 164 14.23 -3.43 -11.12
N ASP G 165 14.86 -3.57 -12.29
CA ASP G 165 14.41 -4.55 -13.29
C ASP G 165 14.60 -6.00 -12.83
N GLN G 166 13.53 -6.78 -12.86
CA GLN G 166 13.56 -8.20 -12.50
C GLN G 166 14.23 -9.02 -13.61
N LYS G 167 14.56 -8.38 -14.72
CA LYS G 167 15.15 -9.11 -15.82
C LYS G 167 16.67 -8.92 -15.90
N ARG G 168 17.16 -7.74 -15.53
CA ARG G 168 18.62 -7.55 -15.43
C ARG G 168 19.10 -8.38 -14.26
N TYR G 169 18.38 -8.26 -13.15
CA TYR G 169 18.60 -9.08 -11.96
C TYR G 169 18.72 -10.55 -12.31
N GLU G 170 17.80 -11.02 -13.13
CA GLU G 170 17.73 -12.43 -13.46
C GLU G 170 18.90 -12.87 -14.34
N PHE G 171 19.41 -11.95 -15.16
CA PHE G 171 20.51 -12.26 -16.06
C PHE G 171 21.82 -12.44 -15.31
N VAL G 172 22.08 -11.55 -14.36
CA VAL G 172 23.31 -11.61 -13.59
C VAL G 172 23.28 -12.80 -12.61
N VAL G 173 22.09 -13.26 -12.21
CA VAL G 173 22.01 -14.47 -11.40
C VAL G 173 22.47 -15.68 -12.22
N SER G 174 22.15 -15.66 -13.50
CA SER G 174 22.53 -16.73 -14.41
C SER G 174 24.03 -16.84 -14.53
N VAL G 175 24.64 -15.74 -14.97
CA VAL G 175 26.08 -15.69 -15.19
C VAL G 175 26.84 -16.07 -13.92
N LEU G 176 26.41 -15.52 -12.78
CA LEU G 176 27.02 -15.84 -11.49
C LEU G 176 26.88 -17.32 -11.13
N LYS G 177 25.66 -17.84 -11.19
CA LYS G 177 25.41 -19.22 -10.77
C LYS G 177 26.20 -20.20 -11.63
N LYS G 178 26.36 -19.89 -12.91
CA LYS G 178 27.17 -20.72 -13.78
C LYS G 178 28.58 -20.82 -13.24
N PHE G 179 29.19 -19.66 -13.07
CA PHE G 179 30.58 -19.56 -12.67
C PHE G 179 30.84 -20.14 -11.27
N MET G 180 29.95 -19.85 -10.34
CA MET G 180 30.08 -20.38 -8.99
C MET G 180 29.88 -21.89 -9.00
N LYS G 181 29.18 -22.40 -9.99
CA LYS G 181 28.94 -23.84 -10.05
C LYS G 181 30.25 -24.54 -10.37
N GLY G 182 30.95 -24.02 -11.37
CA GLY G 182 32.24 -24.53 -11.75
C GLY G 182 33.26 -24.49 -10.62
N LEU G 183 33.07 -23.56 -9.68
CA LEU G 183 33.96 -23.45 -8.53
C LEU G 183 33.52 -24.43 -7.43
N GLY G 184 32.36 -25.04 -7.63
CA GLY G 184 31.87 -26.06 -6.73
C GLY G 184 30.92 -25.56 -5.66
N TYR G 185 30.55 -24.28 -5.72
CA TYR G 185 29.62 -23.74 -4.74
C TYR G 185 28.27 -24.43 -4.86
N GLN G 186 27.67 -24.76 -3.73
CA GLN G 186 26.34 -25.34 -3.72
C GLN G 186 25.30 -24.29 -4.14
N VAL G 187 25.39 -23.90 -5.41
CA VAL G 187 24.52 -22.88 -6.03
C VAL G 187 23.06 -22.85 -5.55
N ASP G 188 22.43 -24.02 -5.49
CA ASP G 188 21.05 -24.12 -5.05
C ASP G 188 20.88 -23.52 -3.65
N LYS G 189 21.90 -23.70 -2.82
CA LYS G 189 21.80 -23.36 -1.40
C LYS G 189 22.13 -21.91 -1.08
N ILE G 190 22.46 -21.11 -2.09
CA ILE G 190 22.90 -19.73 -1.83
C ILE G 190 21.90 -18.69 -2.37
N PRO G 191 21.60 -17.66 -1.54
CA PRO G 191 20.59 -16.63 -1.81
C PRO G 191 21.11 -15.40 -2.56
N PHE G 192 20.39 -14.96 -3.59
CA PHE G 192 20.80 -13.78 -4.34
C PHE G 192 19.88 -12.61 -4.06
N ILE G 193 20.38 -11.65 -3.28
CA ILE G 193 19.54 -10.57 -2.76
C ILE G 193 19.64 -9.30 -3.61
N PRO G 194 18.55 -8.94 -4.30
CA PRO G 194 18.55 -7.67 -5.03
C PRO G 194 18.51 -6.53 -4.05
N VAL G 195 19.54 -5.69 -4.04
CA VAL G 195 19.57 -4.59 -3.08
C VAL G 195 20.02 -3.29 -3.71
N SER G 196 19.94 -2.25 -2.90
CA SER G 196 20.57 -0.98 -3.19
C SER G 196 21.35 -0.55 -1.95
N ALA G 197 22.68 -0.53 -2.07
CA ALA G 197 23.54 -0.15 -0.96
C ALA G 197 23.46 1.34 -0.70
N TRP G 198 23.01 2.08 -1.70
CA TRP G 198 22.89 3.53 -1.61
C TRP G 198 21.53 3.94 -1.07
N LYS G 199 20.48 3.72 -1.87
CA LYS G 199 19.14 4.13 -1.48
C LYS G 199 18.69 3.36 -0.23
N GLY G 200 18.84 2.03 -0.25
CA GLY G 200 18.62 1.25 0.95
C GLY G 200 17.91 -0.09 0.81
N ASP G 201 17.50 -0.41 -0.41
CA ASP G 201 16.61 -1.54 -0.68
C ASP G 201 17.09 -2.90 -0.17
N ASN G 202 16.16 -3.63 0.43
CA ASN G 202 16.33 -5.04 0.83
C ASN G 202 17.42 -5.33 1.84
N LEU G 203 17.94 -4.28 2.47
CA LEU G 203 18.95 -4.45 3.50
C LEU G 203 18.35 -5.09 4.75
N ILE G 204 17.49 -4.36 5.44
CA ILE G 204 16.86 -4.85 6.66
C ILE G 204 15.35 -5.04 6.48
N GLU G 205 14.75 -4.25 5.60
CA GLU G 205 13.30 -4.29 5.36
C GLU G 205 13.00 -4.45 3.87
N ARG G 206 12.06 -5.35 3.59
CA ARG G 206 11.59 -5.63 2.23
C ARG G 206 11.37 -4.37 1.42
N SER G 207 11.90 -4.35 0.20
CA SER G 207 11.88 -3.14 -0.61
C SER G 207 10.65 -3.00 -1.48
N PRO G 208 9.95 -1.87 -1.33
CA PRO G 208 8.79 -1.45 -2.13
C PRO G 208 8.99 -1.59 -3.63
N ASN G 209 10.13 -1.10 -4.13
CA ASN G 209 10.36 -0.92 -5.56
C ASN G 209 10.66 -2.22 -6.31
N MET G 210 10.77 -3.31 -5.57
CA MET G 210 10.98 -4.63 -6.17
C MET G 210 10.06 -5.68 -5.53
N PRO G 211 8.74 -5.51 -5.71
CA PRO G 211 7.75 -6.38 -5.05
C PRO G 211 7.83 -7.80 -5.57
N TRP G 212 8.43 -7.93 -6.75
CA TRP G 212 8.57 -9.22 -7.41
C TRP G 212 9.54 -10.14 -6.69
N TYR G 213 10.32 -9.60 -5.74
CA TYR G 213 11.42 -10.35 -5.16
C TYR G 213 10.95 -11.58 -4.35
N ASN G 214 10.26 -11.33 -3.25
CA ASN G 214 9.66 -12.39 -2.42
C ASN G 214 10.68 -13.36 -1.80
N GLY G 215 11.96 -12.99 -1.87
CA GLY G 215 13.02 -13.76 -1.24
C GLY G 215 13.46 -13.10 0.05
N PRO G 216 14.54 -13.61 0.67
CA PRO G 216 15.00 -13.09 1.97
C PRO G 216 15.70 -11.74 1.87
N THR G 217 15.55 -10.89 2.88
CA THR G 217 16.36 -9.67 2.94
C THR G 217 17.77 -10.07 3.36
N LEU G 218 18.70 -9.14 3.31
CA LEU G 218 20.08 -9.42 3.70
C LEU G 218 20.16 -9.83 5.17
N VAL G 219 19.53 -9.06 6.04
CA VAL G 219 19.48 -9.38 7.47
C VAL G 219 18.86 -10.76 7.69
N GLU G 220 17.81 -11.05 6.93
CA GLU G 220 17.17 -12.36 6.98
C GLU G 220 18.13 -13.43 6.47
N ALA G 221 18.94 -13.08 5.46
CA ALA G 221 19.92 -14.01 4.89
C ALA G 221 21.07 -14.32 5.86
N LEU G 222 21.46 -13.31 6.65
CA LEU G 222 22.50 -13.44 7.64
C LEU G 222 22.08 -14.41 8.74
N ASP G 223 20.81 -14.32 9.14
CA ASP G 223 20.32 -15.18 10.21
C ASP G 223 20.16 -16.60 9.70
N GLN G 224 20.07 -16.75 8.37
CA GLN G 224 19.98 -18.07 7.76
C GLN G 224 21.36 -18.74 7.63
N LEU G 225 22.42 -18.02 8.01
CA LEU G 225 23.77 -18.58 8.07
C LEU G 225 23.91 -19.56 9.25
N GLN G 226 24.73 -20.60 9.08
CA GLN G 226 24.91 -21.62 10.10
C GLN G 226 26.33 -21.58 10.70
N PRO G 227 26.44 -21.74 12.03
CA PRO G 227 27.76 -21.62 12.68
C PRO G 227 28.64 -22.79 12.30
N PRO G 228 29.96 -22.63 12.44
CA PRO G 228 30.89 -23.71 12.05
C PRO G 228 31.45 -24.52 13.23
N ALA G 229 32.06 -25.66 12.92
CA ALA G 229 32.75 -26.47 13.91
C ALA G 229 33.91 -25.72 14.55
N LYS G 230 34.33 -26.13 15.75
CA LYS G 230 35.35 -25.38 16.50
C LYS G 230 36.43 -26.27 17.12
N PRO G 231 37.47 -26.62 16.34
CA PRO G 231 38.49 -27.60 16.75
C PRO G 231 39.34 -27.11 17.94
N VAL G 232 38.90 -27.43 19.16
CA VAL G 232 39.57 -26.95 20.38
C VAL G 232 40.55 -28.02 20.94
N ASP G 233 40.38 -29.27 20.52
CA ASP G 233 41.35 -30.32 20.83
C ASP G 233 42.68 -30.07 20.12
N LYS G 234 42.62 -29.38 18.97
CA LYS G 234 43.80 -29.03 18.19
C LYS G 234 44.57 -27.89 18.85
N PRO G 235 45.90 -27.83 18.62
CA PRO G 235 46.76 -26.84 19.26
C PRO G 235 46.48 -25.41 18.81
N LEU G 236 46.71 -24.49 19.74
CA LEU G 236 46.49 -23.07 19.49
C LEU G 236 47.21 -22.58 18.22
N ARG G 237 46.45 -21.97 17.32
CA ARG G 237 47.01 -21.24 16.18
C ARG G 237 46.28 -19.93 16.00
N ILE G 238 47.00 -18.81 16.10
CA ILE G 238 46.42 -17.50 15.76
C ILE G 238 47.30 -16.76 14.76
N PRO G 239 46.88 -16.76 13.48
CA PRO G 239 47.50 -15.93 12.47
C PRO G 239 47.32 -14.46 12.80
N VAL G 240 48.39 -13.70 12.98
CA VAL G 240 48.21 -12.27 13.25
C VAL G 240 47.90 -11.53 11.98
N GLN G 241 46.91 -10.66 12.06
CA GLN G 241 46.46 -9.86 10.94
C GLN G 241 47.11 -8.47 11.00
N ASN G 242 47.44 -8.02 12.20
CA ASN G 242 48.10 -6.74 12.39
C ASN G 242 48.65 -6.63 13.80
N VAL G 243 49.44 -5.59 14.07
CA VAL G 243 50.00 -5.38 15.41
C VAL G 243 50.04 -3.91 15.74
N TYR G 244 49.33 -3.54 16.82
CA TYR G 244 49.23 -2.15 17.28
C TYR G 244 50.02 -1.96 18.54
N SER G 245 50.39 -0.72 18.82
CA SER G 245 50.90 -0.40 20.14
C SER G 245 49.92 0.57 20.76
N ILE G 246 49.25 0.13 21.83
CA ILE G 246 48.18 0.93 22.41
C ILE G 246 48.47 1.34 23.85
N PRO G 247 48.23 2.63 24.15
CA PRO G 247 48.22 3.20 25.49
C PRO G 247 47.33 2.41 26.45
N GLY G 248 47.92 1.96 27.56
CA GLY G 248 47.17 1.21 28.54
C GLY G 248 47.22 -0.27 28.29
N ALA G 249 47.89 -0.68 27.21
CA ALA G 249 47.91 -2.10 26.85
C ALA G 249 49.28 -2.64 26.48
N GLY G 250 50.09 -1.81 25.84
CA GLY G 250 51.37 -2.24 25.30
C GLY G 250 51.23 -2.69 23.85
N THR G 251 51.92 -3.74 23.46
CA THR G 251 51.80 -4.16 22.06
C THR G 251 50.76 -5.28 21.95
N VAL G 252 49.79 -5.08 21.07
CA VAL G 252 48.69 -6.01 20.92
C VAL G 252 48.50 -6.43 19.45
N PRO G 253 48.93 -7.66 19.15
CA PRO G 253 48.57 -8.39 17.95
C PRO G 253 47.06 -8.61 17.91
N VAL G 254 46.52 -8.54 16.70
CA VAL G 254 45.13 -8.77 16.41
C VAL G 254 45.05 -9.96 15.46
N GLY G 255 44.03 -10.78 15.59
CA GLY G 255 43.93 -11.95 14.73
C GLY G 255 42.69 -12.74 15.07
N ARG G 256 42.43 -13.78 14.31
CA ARG G 256 41.29 -14.63 14.58
C ARG G 256 41.79 -16.01 15.01
N VAL G 257 41.35 -16.48 16.17
CA VAL G 257 41.74 -17.80 16.66
C VAL G 257 41.23 -18.85 15.66
N GLU G 258 42.11 -19.74 15.22
CA GLU G 258 41.71 -20.74 14.24
C GLU G 258 41.56 -22.12 14.89
N THR G 259 42.47 -22.42 15.81
CA THR G 259 42.39 -23.65 16.57
C THR G 259 42.79 -23.39 18.01
N GLY G 260 42.24 -24.18 18.95
CA GLY G 260 42.69 -24.19 20.33
C GLY G 260 42.19 -22.99 21.12
N VAL G 261 42.75 -22.78 22.30
CA VAL G 261 42.24 -21.72 23.17
C VAL G 261 43.35 -20.88 23.77
N LEU G 262 43.13 -19.56 23.72
CA LEU G 262 44.03 -18.60 24.34
C LEU G 262 43.47 -18.14 25.70
N ARG G 263 44.18 -18.46 26.77
CA ARG G 263 43.73 -18.03 28.09
C ARG G 263 44.65 -16.96 28.64
N VAL G 264 44.07 -15.88 29.17
CA VAL G 264 44.86 -14.83 29.82
C VAL G 264 45.87 -15.45 30.77
N GLY G 265 47.10 -14.98 30.73
CA GLY G 265 48.14 -15.56 31.54
C GLY G 265 49.06 -16.50 30.79
N ASP G 266 48.59 -17.03 29.66
CA ASP G 266 49.34 -17.99 28.82
C ASP G 266 50.67 -17.45 28.30
N LYS G 267 51.73 -18.26 28.38
CA LYS G 267 52.97 -18.00 27.65
C LYS G 267 52.73 -18.40 26.19
N VAL G 268 52.96 -17.46 25.29
CA VAL G 268 52.66 -17.68 23.88
C VAL G 268 53.93 -17.41 23.04
N VAL G 269 54.09 -18.11 21.92
CA VAL G 269 55.24 -17.85 21.02
C VAL G 269 54.79 -17.52 19.59
N PHE G 270 55.41 -16.49 19.03
CA PHE G 270 55.13 -16.10 17.65
C PHE G 270 56.14 -16.67 16.68
N MET G 271 55.65 -17.52 15.79
CA MET G 271 56.47 -18.07 14.72
C MET G 271 56.15 -17.37 13.40
N PRO G 272 57.15 -17.22 12.53
CA PRO G 272 58.52 -17.71 12.72
C PRO G 272 59.51 -16.89 13.57
N PRO G 273 59.19 -15.67 14.06
CA PRO G 273 60.30 -14.99 14.77
C PRO G 273 60.77 -15.62 16.07
N GLY G 274 60.00 -16.55 16.64
CA GLY G 274 60.39 -17.15 17.90
C GLY G 274 60.38 -16.24 19.10
N VAL G 275 59.62 -15.14 19.06
CA VAL G 275 59.58 -14.29 20.24
C VAL G 275 58.47 -14.77 21.19
N VAL G 276 58.80 -14.77 22.47
CA VAL G 276 57.92 -15.27 23.51
C VAL G 276 57.37 -14.15 24.38
N GLY G 277 56.05 -14.16 24.60
CA GLY G 277 55.43 -13.22 25.51
C GLY G 277 54.29 -13.83 26.31
N GLU G 278 53.93 -13.15 27.39
CA GLU G 278 52.84 -13.58 28.25
C GLU G 278 51.57 -12.79 27.94
N VAL G 279 50.45 -13.50 27.78
CA VAL G 279 49.18 -12.82 27.51
C VAL G 279 48.72 -12.06 28.76
N ARG G 280 48.66 -10.74 28.65
CA ARG G 280 48.21 -9.91 29.77
C ARG G 280 46.68 -9.74 29.79
N SER G 281 46.08 -9.72 28.61
CA SER G 281 44.66 -9.49 28.48
C SER G 281 44.19 -9.89 27.11
N ILE G 282 42.88 -9.97 26.96
CA ILE G 282 42.26 -10.36 25.71
C ILE G 282 41.02 -9.52 25.52
N GLU G 283 40.90 -8.87 24.36
CA GLU G 283 39.73 -8.06 24.08
C GLU G 283 39.04 -8.44 22.76
N MET G 284 37.71 -8.54 22.79
CA MET G 284 36.93 -8.75 21.57
C MET G 284 35.74 -7.83 21.56
N HIS G 285 35.68 -6.95 20.57
CA HIS G 285 34.59 -5.97 20.48
C HIS G 285 34.48 -5.17 21.76
N TYR G 286 35.60 -4.62 22.19
CA TYR G 286 35.68 -3.81 23.41
C TYR G 286 35.35 -4.58 24.70
N GLN G 287 35.10 -5.88 24.62
CA GLN G 287 34.81 -6.71 25.80
C GLN G 287 36.03 -7.43 26.36
N GLN G 288 36.29 -7.27 27.65
CA GLN G 288 37.35 -8.01 28.29
C GLN G 288 37.02 -9.50 28.34
N LEU G 289 37.92 -10.36 27.85
CA LEU G 289 37.72 -11.80 27.88
C LEU G 289 38.74 -12.47 28.77
N GLN G 290 38.38 -13.62 29.34
CA GLN G 290 39.33 -14.35 30.15
C GLN G 290 39.98 -15.43 29.30
N GLN G 291 39.29 -15.84 28.25
CA GLN G 291 39.82 -16.81 27.31
C GLN G 291 39.14 -16.68 25.94
N ALA G 292 39.89 -16.98 24.87
CA ALA G 292 39.37 -16.84 23.51
C ALA G 292 39.40 -18.19 22.79
N GLU G 293 38.27 -18.55 22.18
CA GLU G 293 38.08 -19.84 21.51
C GLU G 293 38.09 -19.68 19.99
N PRO G 294 38.23 -20.80 19.24
CA PRO G 294 38.20 -20.72 17.78
C PRO G 294 37.04 -19.89 17.27
N GLY G 295 37.33 -18.98 16.34
CA GLY G 295 36.32 -18.13 15.76
C GLY G 295 36.39 -16.72 16.30
N ASP G 296 36.94 -16.58 17.50
CA ASP G 296 37.01 -15.28 18.16
C ASP G 296 37.99 -14.36 17.46
N ASN G 297 37.57 -13.13 17.20
CA ASN G 297 38.46 -12.15 16.58
C ASN G 297 38.96 -11.16 17.62
N ILE G 298 40.19 -11.39 18.07
CA ILE G 298 40.66 -10.79 19.30
C ILE G 298 41.89 -9.90 19.20
N GLY G 299 41.98 -8.97 20.14
CA GLY G 299 43.22 -8.28 20.42
C GLY G 299 43.75 -8.87 21.72
N PHE G 300 45.06 -9.10 21.79
CA PHE G 300 45.65 -9.60 23.02
C PHE G 300 47.01 -8.99 23.34
N ALA G 301 47.05 -8.29 24.46
CA ALA G 301 48.27 -7.66 24.96
C ALA G 301 49.29 -8.71 25.37
N VAL G 302 50.48 -8.58 24.80
CA VAL G 302 51.56 -9.50 25.14
C VAL G 302 52.66 -8.71 25.83
N ARG G 303 53.11 -9.22 26.97
CA ARG G 303 54.14 -8.56 27.76
C ARG G 303 55.53 -8.97 27.27
N GLY G 304 56.44 -7.99 27.20
CA GLY G 304 57.82 -8.24 26.83
C GLY G 304 58.01 -8.49 25.34
N VAL G 305 57.05 -8.04 24.56
CA VAL G 305 57.13 -8.15 23.13
C VAL G 305 56.87 -6.78 22.54
N SER G 306 57.76 -6.33 21.68
CA SER G 306 57.60 -5.03 21.06
C SER G 306 56.91 -5.13 19.71
N LYS G 307 56.32 -4.03 19.27
CA LYS G 307 55.61 -3.99 18.01
C LYS G 307 56.49 -4.41 16.83
N SER G 308 57.79 -4.08 16.89
CA SER G 308 58.71 -4.37 15.81
C SER G 308 59.13 -5.84 15.74
N ASP G 309 58.83 -6.61 16.79
CA ASP G 309 59.22 -8.02 16.84
C ASP G 309 58.31 -8.92 15.98
N ILE G 310 57.04 -8.55 15.83
CA ILE G 310 56.10 -9.40 15.11
C ILE G 310 55.35 -8.55 14.08
N LYS G 311 54.68 -9.20 13.14
CA LYS G 311 53.92 -8.50 12.11
C LYS G 311 52.92 -9.45 11.47
N ARG G 312 52.04 -8.91 10.62
CA ARG G 312 51.08 -9.73 9.91
C ARG G 312 51.74 -10.97 9.34
N GLY G 313 51.09 -12.11 9.51
CA GLY G 313 51.58 -13.32 8.87
C GLY G 313 52.39 -14.16 9.82
N ASP G 314 52.85 -13.58 10.93
CA ASP G 314 53.35 -14.40 12.02
C ASP G 314 52.18 -15.22 12.61
N VAL G 315 52.48 -16.28 13.34
CA VAL G 315 51.42 -17.04 13.99
C VAL G 315 51.78 -17.35 15.43
N ALA G 316 50.85 -17.05 16.33
CA ALA G 316 51.02 -17.35 17.75
C ALA G 316 50.49 -18.75 18.07
N GLY G 317 51.21 -19.42 18.95
CA GLY G 317 50.80 -20.71 19.47
C GLY G 317 51.39 -20.83 20.87
N HIS G 318 51.16 -21.97 21.53
CA HIS G 318 51.74 -22.23 22.86
C HIS G 318 53.16 -22.73 22.75
N LEU G 319 54.03 -22.32 23.67
CA LEU G 319 55.43 -22.77 23.72
C LEU G 319 55.54 -24.28 23.56
N ASP G 320 54.53 -24.96 24.08
CA ASP G 320 54.43 -26.41 24.12
C ASP G 320 54.32 -26.99 22.72
N LYS G 321 53.49 -26.39 21.87
CA LYS G 321 53.24 -26.94 20.54
C LYS G 321 53.21 -25.87 19.45
N PRO G 322 54.38 -25.27 19.14
CA PRO G 322 54.48 -24.08 18.31
C PRO G 322 53.97 -24.28 16.90
N PRO G 323 53.53 -23.19 16.24
CA PRO G 323 53.19 -23.24 14.81
C PRO G 323 54.43 -23.62 14.06
N THR G 324 54.31 -24.45 13.04
CA THR G 324 55.52 -24.97 12.44
C THR G 324 56.01 -24.09 11.29
N VAL G 325 57.29 -23.76 11.36
CA VAL G 325 57.98 -23.00 10.33
C VAL G 325 58.50 -23.95 9.26
N ALA G 326 58.04 -23.76 8.03
CA ALA G 326 58.40 -24.64 6.92
C ALA G 326 59.71 -24.23 6.30
N GLU G 327 60.74 -25.07 6.44
CA GLU G 327 61.97 -24.90 5.67
C GLU G 327 61.69 -25.29 4.21
N GLU G 328 60.94 -26.38 4.04
CA GLU G 328 60.38 -26.76 2.76
C GLU G 328 58.98 -27.28 2.99
N PHE G 329 58.14 -27.28 1.97
CA PHE G 329 56.85 -27.91 2.12
C PHE G 329 56.32 -28.43 0.79
N GLU G 330 55.71 -29.61 0.86
CA GLU G 330 55.14 -30.28 -0.30
C GLU G 330 53.67 -29.92 -0.44
N ALA G 331 53.20 -29.74 -1.67
CA ALA G 331 51.80 -29.42 -1.88
C ALA G 331 51.25 -30.04 -3.15
N ARG G 332 49.94 -30.27 -3.16
CA ARG G 332 49.24 -30.58 -4.39
C ARG G 332 48.61 -29.29 -4.87
N ILE G 333 48.91 -28.90 -6.11
CA ILE G 333 48.45 -27.63 -6.66
C ILE G 333 47.73 -27.83 -7.98
N PHE G 334 46.91 -26.85 -8.32
CA PHE G 334 46.23 -26.83 -9.60
C PHE G 334 46.48 -25.48 -10.25
N VAL G 335 47.00 -25.48 -11.46
CA VAL G 335 47.31 -24.23 -12.15
C VAL G 335 46.07 -23.66 -12.83
N ILE G 336 45.62 -22.50 -12.38
CA ILE G 336 44.41 -21.85 -12.91
C ILE G 336 44.69 -21.04 -14.17
N TRP G 337 45.81 -20.34 -14.15
CA TRP G 337 46.21 -19.46 -15.22
C TRP G 337 47.73 -19.29 -15.22
N HIS G 338 48.33 -19.36 -16.40
CA HIS G 338 49.73 -19.02 -16.54
C HIS G 338 50.02 -18.74 -18.01
N PRO G 339 50.84 -17.70 -18.29
CA PRO G 339 51.15 -17.29 -19.66
C PRO G 339 51.88 -18.37 -20.46
N SER G 340 52.95 -18.89 -19.86
CA SER G 340 53.78 -19.87 -20.54
C SER G 340 53.84 -21.20 -19.78
N ALA G 341 54.98 -21.50 -19.17
CA ALA G 341 55.20 -22.77 -18.50
C ALA G 341 55.80 -22.59 -17.11
N ILE G 342 55.37 -23.43 -16.17
CA ILE G 342 55.87 -23.38 -14.80
C ILE G 342 56.98 -24.41 -14.65
N THR G 343 58.06 -24.02 -14.00
CA THR G 343 59.30 -24.77 -14.02
C THR G 343 59.93 -24.76 -12.64
N VAL G 344 60.76 -25.75 -12.33
CA VAL G 344 61.66 -25.60 -11.20
C VAL G 344 62.34 -24.24 -11.24
N GLY G 345 62.24 -23.49 -10.15
CA GLY G 345 62.78 -22.14 -10.11
C GLY G 345 61.68 -21.09 -10.12
N TYR G 346 60.50 -21.45 -10.61
CA TYR G 346 59.33 -20.59 -10.49
C TYR G 346 59.10 -20.23 -9.03
N THR G 347 59.00 -18.94 -8.76
CA THR G 347 58.87 -18.44 -7.40
C THR G 347 57.71 -17.45 -7.25
N PRO G 348 56.48 -17.98 -7.23
CA PRO G 348 55.27 -17.18 -7.03
C PRO G 348 55.17 -16.72 -5.58
N VAL G 349 54.23 -15.84 -5.26
CA VAL G 349 54.04 -15.55 -3.85
C VAL G 349 52.95 -16.51 -3.35
N ILE G 350 53.19 -17.08 -2.17
CA ILE G 350 52.25 -17.94 -1.49
C ILE G 350 51.37 -17.15 -0.50
N HIS G 351 50.07 -17.11 -0.75
CA HIS G 351 49.15 -16.53 0.21
C HIS G 351 48.51 -17.65 1.03
N VAL G 352 48.97 -17.77 2.27
CA VAL G 352 48.45 -18.76 3.18
C VAL G 352 48.08 -18.08 4.49
N HIS G 353 46.98 -18.54 5.08
CA HIS G 353 46.29 -17.83 6.15
C HIS G 353 46.45 -16.33 5.94
N THR G 354 47.26 -15.73 6.78
CA THR G 354 47.28 -14.30 6.87
C THR G 354 48.63 -13.79 6.33
N ALA G 355 49.47 -14.70 5.86
CA ALA G 355 50.81 -14.38 5.36
C ALA G 355 50.94 -14.34 3.82
N SER G 356 52.00 -13.69 3.34
CA SER G 356 52.32 -13.66 1.91
C SER G 356 53.82 -13.74 1.72
N VAL G 357 54.32 -14.92 1.41
CA VAL G 357 55.74 -15.19 1.28
C VAL G 357 56.05 -15.85 -0.05
N SER G 358 57.05 -15.34 -0.77
CA SER G 358 57.43 -15.90 -2.07
C SER G 358 58.18 -17.21 -1.88
N SER G 359 57.87 -18.20 -2.70
CA SER G 359 58.45 -19.52 -2.50
C SER G 359 58.89 -20.12 -3.81
N ARG G 360 60.09 -20.69 -3.80
CA ARG G 360 60.68 -21.22 -5.01
C ARG G 360 60.35 -22.69 -5.17
N ILE G 361 59.73 -23.05 -6.29
CA ILE G 361 59.61 -24.47 -6.63
C ILE G 361 61.01 -25.05 -6.73
N ILE G 362 61.25 -26.17 -6.04
CA ILE G 362 62.59 -26.73 -6.02
C ILE G 362 62.59 -28.11 -6.64
N GLU G 363 61.38 -28.61 -6.86
CA GLU G 363 61.15 -29.86 -7.54
C GLU G 363 59.68 -29.98 -7.79
N ILE G 364 59.31 -30.43 -8.97
CA ILE G 364 57.96 -30.90 -9.15
C ILE G 364 58.10 -32.38 -9.41
N LYS G 365 57.52 -33.19 -8.53
CA LYS G 365 57.86 -34.60 -8.49
C LYS G 365 56.81 -35.47 -9.16
N ALA G 366 55.67 -34.88 -9.50
CA ALA G 366 54.64 -35.63 -10.20
C ALA G 366 53.64 -34.72 -10.86
N LYS G 367 53.04 -35.17 -11.94
CA LYS G 367 51.91 -34.48 -12.52
C LYS G 367 50.69 -35.37 -12.32
N LEU G 368 49.57 -34.77 -11.94
CA LEU G 368 48.41 -35.56 -11.55
C LEU G 368 47.32 -35.47 -12.56
N ASP G 369 46.52 -36.53 -12.61
CA ASP G 369 45.28 -36.46 -13.36
C ASP G 369 44.27 -35.70 -12.52
N PRO G 370 43.81 -34.53 -13.00
CA PRO G 370 42.92 -33.67 -12.23
C PRO G 370 41.68 -34.38 -11.71
N LYS G 371 40.97 -35.12 -12.57
CA LYS G 371 39.75 -35.81 -12.17
C LYS G 371 40.05 -36.96 -11.20
N THR G 372 41.18 -37.62 -11.39
CA THR G 372 41.56 -38.73 -10.54
C THR G 372 42.30 -38.26 -9.30
N GLY G 373 43.59 -38.05 -9.46
CA GLY G 373 44.48 -37.69 -8.36
C GLY G 373 45.67 -38.62 -8.43
N GLN G 374 45.73 -39.35 -9.54
CA GLN G 374 46.76 -40.36 -9.78
C GLN G 374 47.89 -39.81 -10.65
N VAL G 375 49.11 -40.27 -10.37
CA VAL G 375 50.29 -39.88 -11.15
C VAL G 375 50.06 -40.11 -12.64
N VAL G 376 50.49 -39.16 -13.48
CA VAL G 376 50.53 -39.38 -14.92
C VAL G 376 51.97 -39.20 -15.41
N GLU G 377 52.81 -38.55 -14.62
CA GLU G 377 54.23 -38.47 -14.98
C GLU G 377 55.14 -38.13 -13.80
N GLN G 378 56.21 -38.89 -13.65
CA GLN G 378 57.24 -38.57 -12.68
C GLN G 378 58.06 -37.42 -13.23
N ASN G 379 58.36 -36.45 -12.36
CA ASN G 379 59.23 -35.32 -12.67
C ASN G 379 59.01 -34.64 -14.03
N PRO G 380 57.79 -34.15 -14.31
CA PRO G 380 57.65 -33.43 -15.58
C PRO G 380 58.57 -32.21 -15.67
N GLN G 381 59.00 -31.90 -16.88
CA GLN G 381 59.88 -30.76 -17.13
C GLN G 381 59.21 -29.45 -16.73
N PHE G 382 57.90 -29.39 -16.97
CA PHE G 382 57.15 -28.17 -16.75
C PHE G 382 55.66 -28.48 -16.56
N LEU G 383 54.93 -27.42 -16.21
CA LEU G 383 53.49 -27.45 -16.02
C LEU G 383 52.88 -26.30 -16.78
N LYS G 384 51.61 -26.44 -17.11
CA LYS G 384 50.87 -25.33 -17.69
C LYS G 384 49.48 -25.26 -17.09
N ALA G 385 48.76 -24.19 -17.44
CA ALA G 385 47.40 -24.01 -16.99
C ALA G 385 46.60 -25.28 -17.23
N GLY G 386 45.78 -25.65 -16.25
CA GLY G 386 44.94 -26.82 -16.33
C GLY G 386 45.51 -28.03 -15.62
N ASP G 387 46.81 -28.05 -15.43
CA ASP G 387 47.44 -29.20 -14.80
C ASP G 387 47.28 -29.24 -13.28
N ALA G 388 47.38 -30.45 -12.74
CA ALA G 388 47.49 -30.65 -11.31
C ALA G 388 48.84 -31.29 -11.06
N ALA G 389 49.39 -31.11 -9.86
CA ALA G 389 50.72 -31.65 -9.62
C ALA G 389 51.08 -31.71 -8.15
N ILE G 390 52.03 -32.56 -7.83
CA ILE G 390 52.69 -32.54 -6.53
C ILE G 390 53.98 -31.77 -6.67
N VAL G 391 54.15 -30.76 -5.81
CA VAL G 391 55.23 -29.81 -5.94
C VAL G 391 55.92 -29.54 -4.60
N ARG G 392 57.23 -29.39 -4.62
CA ARG G 392 57.93 -29.04 -3.39
C ARG G 392 58.42 -27.59 -3.42
N PHE G 393 58.02 -26.81 -2.42
CA PHE G 393 58.38 -25.41 -2.33
C PHE G 393 59.48 -25.18 -1.34
N LYS G 394 60.13 -24.04 -1.48
CA LYS G 394 61.07 -23.60 -0.47
C LYS G 394 60.91 -22.09 -0.30
N PRO G 395 60.22 -21.68 0.77
CA PRO G 395 59.95 -20.26 1.01
C PRO G 395 61.22 -19.43 1.07
N VAL G 396 61.21 -18.32 0.35
CA VAL G 396 62.31 -17.36 0.31
C VAL G 396 62.61 -16.75 1.70
N LYS G 397 61.56 -16.38 2.42
CA LYS G 397 61.68 -15.97 3.79
C LYS G 397 60.98 -17.02 4.67
N PRO G 398 61.21 -17.00 6.00
CA PRO G 398 60.55 -17.97 6.89
C PRO G 398 59.02 -17.84 6.88
N LEU G 399 58.34 -18.97 6.73
CA LEU G 399 56.90 -19.00 6.61
C LEU G 399 56.25 -20.10 7.47
N VAL G 400 55.20 -19.75 8.20
CA VAL G 400 54.44 -20.77 8.94
C VAL G 400 53.36 -21.38 8.04
N VAL G 401 53.46 -22.68 7.78
CA VAL G 401 52.38 -23.41 7.12
C VAL G 401 52.17 -24.72 7.88
N GLU G 402 51.04 -25.36 7.64
CA GLU G 402 50.70 -26.56 8.39
C GLU G 402 50.14 -27.58 7.39
N LYS G 403 50.32 -28.88 7.61
CA LYS G 403 49.65 -29.87 6.75
C LYS G 403 48.14 -29.63 6.74
N PHE G 404 47.54 -29.73 5.56
CA PHE G 404 46.10 -29.46 5.38
C PHE G 404 45.23 -30.44 6.18
N SER G 405 45.65 -31.70 6.22
CA SER G 405 44.91 -32.74 6.93
C SER G 405 44.88 -32.52 8.44
N GLU G 406 45.72 -31.61 8.93
CA GLU G 406 45.81 -31.41 10.36
C GLU G 406 45.15 -30.09 10.70
N ILE G 407 45.74 -28.99 10.31
CA ILE G 407 45.10 -27.70 10.50
C ILE G 407 44.77 -27.03 9.15
N PRO G 408 43.60 -27.35 8.57
CA PRO G 408 43.20 -26.93 7.21
C PRO G 408 43.45 -25.46 6.92
N GLN G 409 43.20 -24.60 7.89
CA GLN G 409 43.20 -23.17 7.62
C GLN G 409 44.62 -22.62 7.54
N LEU G 410 45.63 -23.43 7.89
CA LEU G 410 47.02 -23.03 7.74
C LEU G 410 47.69 -23.85 6.64
N GLY G 411 46.86 -24.50 5.84
CA GLY G 411 47.35 -25.46 4.90
C GLY G 411 46.77 -25.34 3.51
N ARG G 412 45.91 -24.35 3.29
CA ARG G 412 45.32 -24.09 1.98
C ARG G 412 45.80 -22.73 1.50
N PHE G 413 46.17 -22.63 0.22
CA PHE G 413 46.77 -21.39 -0.26
C PHE G 413 46.52 -21.03 -1.71
N ALA G 414 46.94 -19.82 -2.06
CA ALA G 414 46.88 -19.34 -3.44
C ALA G 414 48.29 -19.03 -3.88
N MET G 415 48.64 -19.42 -5.10
CA MET G 415 49.90 -18.93 -5.66
C MET G 415 49.59 -17.82 -6.68
N ARG G 416 50.31 -16.71 -6.54
CA ARG G 416 50.09 -15.52 -7.36
C ARG G 416 51.43 -14.96 -7.82
N ASP G 417 51.39 -14.35 -9.00
CA ASP G 417 52.60 -13.74 -9.55
C ASP G 417 52.14 -12.65 -10.50
N MET G 418 52.92 -11.57 -10.59
CA MET G 418 52.59 -10.52 -11.54
C MET G 418 51.17 -10.02 -11.28
N ASN G 419 50.81 -9.95 -10.00
CA ASN G 419 49.46 -9.53 -9.58
C ASN G 419 48.36 -10.30 -10.29
N ARG G 420 48.56 -11.60 -10.45
CA ARG G 420 47.58 -12.50 -11.04
C ARG G 420 47.54 -13.79 -10.23
N THR G 421 46.33 -14.32 -10.02
CA THR G 421 46.24 -15.61 -9.34
C THR G 421 46.55 -16.71 -10.34
N VAL G 422 47.68 -17.38 -10.12
CA VAL G 422 48.18 -18.38 -11.02
C VAL G 422 47.62 -19.77 -10.72
N GLY G 423 47.55 -20.11 -9.43
CA GLY G 423 47.06 -21.42 -9.04
C GLY G 423 46.56 -21.51 -7.61
N ILE G 424 46.04 -22.68 -7.25
CA ILE G 424 45.60 -22.92 -5.89
C ILE G 424 46.27 -24.18 -5.39
N GLY G 425 46.46 -24.27 -4.07
CA GLY G 425 47.12 -25.43 -3.49
C GLY G 425 46.69 -25.79 -2.08
N ILE G 426 47.14 -26.95 -1.61
CA ILE G 426 47.01 -27.35 -0.21
C ILE G 426 48.29 -28.07 0.19
N VAL G 427 48.85 -27.75 1.35
CA VAL G 427 50.13 -28.36 1.71
C VAL G 427 49.92 -29.78 2.24
N THR G 428 50.78 -30.70 1.82
CA THR G 428 50.63 -32.10 2.13
C THR G 428 51.78 -32.69 2.92
N ASP G 429 52.83 -31.91 3.12
CA ASP G 429 53.96 -32.32 3.96
C ASP G 429 54.76 -31.07 4.30
N VAL G 430 55.55 -31.13 5.37
CA VAL G 430 56.35 -29.98 5.78
C VAL G 430 57.69 -30.47 6.27
N LYS G 431 58.75 -29.71 6.03
CA LYS G 431 60.07 -30.05 6.55
C LYS G 431 60.49 -28.94 7.50
N PRO G 432 60.16 -29.11 8.78
CA PRO G 432 60.29 -28.13 9.86
C PRO G 432 61.69 -27.62 10.06
N ALA G 433 61.79 -26.32 10.27
CA ALA G 433 63.04 -25.69 10.70
C ALA G 433 63.12 -25.74 12.22
N LYS G 434 64.32 -25.72 12.77
CA LYS G 434 64.50 -25.83 14.21
C LYS G 434 63.99 -24.56 14.94
N VAL G 435 63.06 -24.76 15.87
CA VAL G 435 62.37 -23.66 16.58
C VAL G 435 63.30 -22.81 17.46
N ASP G 436 63.88 -21.74 16.89
CA ASP G 436 64.91 -20.96 17.58
C ASP G 436 64.36 -19.88 18.56
N ILE G 437 64.19 -20.24 19.83
CA ILE G 437 63.64 -19.33 20.83
C ILE G 437 64.72 -18.64 21.65
N SER H 19 85.16 3.95 -23.25
CA SER H 19 84.69 3.13 -22.14
C SER H 19 84.94 1.63 -22.37
N HIS H 20 85.90 1.32 -23.24
CA HIS H 20 86.24 -0.08 -23.52
C HIS H 20 87.43 -0.54 -22.66
N MET H 21 87.87 -1.78 -22.87
CA MET H 21 89.06 -2.29 -22.20
C MET H 21 90.26 -2.22 -23.15
N ARG H 22 91.30 -1.49 -22.78
CA ARG H 22 92.45 -1.33 -23.67
C ARG H 22 93.16 -2.65 -23.85
N VAL H 23 93.07 -3.23 -25.05
CA VAL H 23 93.74 -4.51 -25.35
C VAL H 23 94.68 -4.41 -26.57
N GLU H 24 95.88 -5.00 -26.45
CA GLU H 24 96.82 -5.10 -27.57
C GLU H 24 97.57 -6.42 -27.56
N VAL H 25 97.35 -7.25 -28.58
CA VAL H 25 98.16 -8.46 -28.77
C VAL H 25 99.64 -8.10 -28.85
N LEU H 26 100.52 -8.91 -28.26
CA LEU H 26 101.93 -8.54 -28.17
C LEU H 26 102.84 -9.37 -29.08
N ASP H 27 102.39 -10.53 -29.54
CA ASP H 27 103.24 -11.36 -30.39
C ASP H 27 102.53 -11.83 -31.66
N ASN H 28 103.32 -12.24 -32.64
CA ASN H 28 102.81 -12.59 -33.97
C ASN H 28 102.09 -13.94 -33.95
N LYS H 29 102.24 -14.67 -32.86
CA LYS H 29 101.59 -15.95 -32.74
C LYS H 29 100.22 -15.83 -32.09
N ARG H 30 99.79 -14.60 -31.79
CA ARG H 30 98.44 -14.33 -31.29
C ARG H 30 98.17 -14.94 -29.91
N ARG H 31 99.18 -15.06 -29.07
CA ARG H 31 99.04 -15.80 -27.84
C ARG H 31 99.09 -14.92 -26.60
N ILE H 32 99.59 -13.70 -26.74
CA ILE H 32 99.78 -12.84 -25.59
C ILE H 32 99.01 -11.54 -25.74
N VAL H 33 98.13 -11.26 -24.79
CA VAL H 33 97.40 -9.99 -24.75
C VAL H 33 97.68 -9.23 -23.47
N ARG H 34 98.00 -7.95 -23.60
CA ARG H 34 98.04 -7.05 -22.46
C ARG H 34 96.69 -6.36 -22.38
N LEU H 35 96.19 -6.12 -21.18
CA LEU H 35 94.89 -5.47 -21.06
C LEU H 35 94.76 -4.76 -19.73
N ARG H 36 93.92 -3.74 -19.71
CA ARG H 36 93.72 -2.95 -18.50
C ARG H 36 92.25 -2.66 -18.32
N PRO H 37 91.62 -3.37 -17.38
CA PRO H 37 90.20 -3.19 -17.04
C PRO H 37 89.93 -1.77 -16.57
N GLU H 38 88.90 -1.13 -17.10
CA GLU H 38 88.60 0.25 -16.75
C GLU H 38 87.24 0.37 -16.08
N SER H 39 86.50 -0.73 -16.00
CA SER H 39 85.19 -0.72 -15.35
C SER H 39 84.85 -2.07 -14.74
N GLU H 40 83.80 -2.13 -13.92
CA GLU H 40 83.41 -3.40 -13.35
C GLU H 40 82.89 -4.36 -14.42
N GLU H 41 82.41 -3.83 -15.53
CA GLU H 41 81.88 -4.73 -16.56
C GLU H 41 83.03 -5.27 -17.41
N ASP H 42 84.16 -4.55 -17.39
CA ASP H 42 85.39 -5.09 -17.98
C ASP H 42 85.85 -6.29 -17.17
N LEU H 43 85.65 -6.19 -15.85
CA LEU H 43 86.00 -7.27 -14.93
C LEU H 43 85.10 -8.48 -15.17
N TRP H 44 83.82 -8.23 -15.38
CA TRP H 44 82.88 -9.27 -15.76
C TRP H 44 83.32 -9.92 -17.07
N LEU H 45 83.76 -9.10 -18.02
CA LEU H 45 84.24 -9.59 -19.29
C LEU H 45 85.39 -10.55 -19.07
N LEU H 46 86.26 -10.22 -18.11
CA LEU H 46 87.36 -11.10 -17.76
C LEU H 46 86.87 -12.40 -17.15
N ARG H 47 85.83 -12.34 -16.33
CA ARG H 47 85.30 -13.55 -15.71
C ARG H 47 84.78 -14.51 -16.77
N ILE H 48 84.11 -13.96 -17.77
CA ILE H 48 83.46 -14.83 -18.72
C ILE H 48 84.40 -15.20 -19.87
N THR H 49 85.65 -14.74 -19.79
CA THR H 49 86.63 -14.98 -20.87
C THR H 49 87.84 -15.80 -20.41
N LEU H 50 88.45 -15.41 -19.30
CA LEU H 50 89.61 -16.13 -18.83
C LEU H 50 89.26 -17.57 -18.50
N ARG H 51 90.25 -18.43 -18.50
CA ARG H 51 90.00 -19.84 -18.43
C ARG H 51 91.11 -20.50 -17.62
N PRO H 52 90.82 -21.66 -16.98
CA PRO H 52 91.92 -22.36 -16.31
C PRO H 52 92.97 -22.79 -17.31
N GLY H 53 94.18 -22.30 -17.15
CA GLY H 53 95.27 -22.68 -18.03
C GLY H 53 95.94 -21.43 -18.54
N ASP H 54 95.15 -20.37 -18.64
CA ASP H 54 95.69 -19.07 -18.98
C ASP H 54 96.79 -18.72 -18.00
N VAL H 55 97.78 -17.97 -18.45
CA VAL H 55 98.92 -17.61 -17.61
C VAL H 55 99.04 -16.10 -17.51
N VAL H 56 98.59 -15.56 -16.38
CA VAL H 56 98.56 -14.12 -16.23
C VAL H 56 99.88 -13.60 -15.68
N ARG H 57 100.31 -12.47 -16.20
CA ARG H 57 101.47 -11.78 -15.69
C ARG H 57 100.97 -10.56 -14.93
N ILE H 58 101.34 -10.46 -13.66
CA ILE H 58 100.79 -9.41 -12.80
C ILE H 58 101.88 -8.79 -11.96
N ARG H 59 101.76 -7.49 -11.72
CA ARG H 59 102.51 -6.87 -10.66
C ARG H 59 101.76 -7.09 -9.35
N THR H 60 102.31 -7.91 -8.46
CA THR H 60 101.74 -8.08 -7.12
C THR H 60 102.69 -7.75 -5.99
N SER H 61 102.56 -8.55 -4.92
CA SER H 61 103.35 -8.42 -3.72
C SER H 61 103.22 -9.72 -2.98
N ARG H 62 104.24 -10.04 -2.20
CA ARG H 62 104.32 -11.33 -1.54
C ARG H 62 105.27 -11.20 -0.34
N ASP H 63 104.94 -11.87 0.76
CA ASP H 63 105.78 -11.76 1.94
C ASP H 63 106.92 -12.76 1.88
N VAL H 64 108.10 -12.29 1.51
CA VAL H 64 109.25 -13.15 1.34
C VAL H 64 110.20 -12.99 2.53
N PRO H 65 110.90 -14.07 2.90
CA PRO H 65 111.88 -13.99 3.98
C PRO H 65 113.16 -13.22 3.64
N VAL H 66 113.34 -12.07 4.30
CA VAL H 66 114.64 -11.43 4.42
C VAL H 66 115.37 -12.20 5.52
N GLY H 67 116.66 -11.92 5.74
CA GLY H 67 117.40 -12.65 6.74
C GLY H 67 116.86 -12.46 8.15
N SER H 68 117.39 -13.27 9.07
CA SER H 68 117.23 -13.05 10.50
C SER H 68 115.77 -13.08 10.99
N GLY H 69 115.07 -14.18 10.67
CA GLY H 69 113.73 -14.44 11.16
C GLY H 69 112.73 -13.33 10.89
N ARG H 70 112.99 -12.58 9.82
CA ARG H 70 112.23 -11.39 9.48
C ARG H 70 111.70 -11.44 8.04
N LYS H 71 110.42 -11.15 7.85
CA LYS H 71 109.85 -11.13 6.51
C LYS H 71 109.51 -9.69 6.10
N GLU H 72 109.73 -9.39 4.82
CA GLU H 72 109.33 -8.10 4.27
C GLU H 72 108.29 -8.30 3.16
N ARG H 73 107.63 -7.21 2.81
CA ARG H 73 106.59 -7.24 1.79
C ARG H 73 107.17 -6.68 0.51
N VAL H 74 107.47 -7.55 -0.44
CA VAL H 74 108.15 -7.12 -1.66
C VAL H 74 107.23 -7.13 -2.89
N VAL H 75 107.05 -5.96 -3.51
CA VAL H 75 106.28 -5.91 -4.75
C VAL H 75 107.11 -6.54 -5.85
N MET H 76 106.46 -7.29 -6.72
CA MET H 76 107.15 -8.13 -7.69
C MET H 76 106.22 -8.57 -8.79
N THR H 77 106.79 -8.99 -9.91
CA THR H 77 105.98 -9.44 -11.02
C THR H 77 106.01 -10.97 -11.11
N LEU H 78 104.84 -11.57 -11.30
CA LEU H 78 104.73 -13.02 -11.36
C LEU H 78 103.97 -13.45 -12.60
N ARG H 79 104.29 -14.63 -13.11
CA ARG H 79 103.45 -15.28 -14.10
C ARG H 79 102.73 -16.44 -13.40
N ILE H 80 101.40 -16.41 -13.42
CA ILE H 80 100.61 -17.38 -12.68
C ILE H 80 99.70 -18.20 -13.60
N ARG H 81 99.85 -19.51 -13.54
CA ARG H 81 98.98 -20.40 -14.31
C ARG H 81 97.62 -20.51 -13.64
N LEU H 82 96.66 -19.75 -14.16
CA LEU H 82 95.33 -19.63 -13.58
C LEU H 82 94.68 -20.95 -13.21
N ASP H 83 93.99 -20.94 -12.08
CA ASP H 83 93.48 -22.13 -11.40
C ASP H 83 92.01 -21.90 -10.99
N SER H 84 91.73 -20.70 -10.53
CA SER H 84 90.37 -20.28 -10.26
C SER H 84 90.23 -18.80 -10.58
N ILE H 85 89.07 -18.44 -11.09
CA ILE H 85 88.73 -17.06 -11.33
C ILE H 85 87.28 -16.87 -10.93
N GLU H 86 87.10 -16.05 -9.91
CA GLU H 86 85.80 -15.83 -9.34
C GLU H 86 85.50 -14.34 -9.34
N PHE H 87 84.24 -13.99 -9.50
CA PHE H 87 83.86 -12.60 -9.59
C PHE H 87 82.60 -12.35 -8.83
N GLN H 88 82.63 -11.37 -7.94
CA GLN H 88 81.42 -10.93 -7.25
C GLN H 88 81.04 -9.54 -7.74
N PRO H 89 79.78 -9.36 -8.14
CA PRO H 89 79.28 -8.05 -8.56
C PRO H 89 79.38 -7.00 -7.45
N PHE H 90 79.62 -5.75 -7.83
CA PHE H 90 79.62 -4.62 -6.91
C PHE H 90 80.80 -4.63 -5.93
N THR H 91 81.85 -5.36 -6.29
CA THR H 91 83.04 -5.45 -5.44
C THR H 91 84.25 -4.82 -6.12
N GLY H 92 84.11 -4.48 -7.39
CA GLY H 92 85.23 -3.99 -8.19
C GLY H 92 86.46 -4.88 -8.19
N LYS H 93 86.25 -6.18 -8.02
CA LYS H 93 87.35 -7.11 -7.90
C LYS H 93 87.10 -8.39 -8.71
N LEU H 94 88.16 -8.88 -9.35
CA LEU H 94 88.14 -10.20 -9.96
C LEU H 94 89.19 -11.00 -9.22
N ARG H 95 88.75 -12.00 -8.44
CA ARG H 95 89.68 -12.80 -7.68
C ARG H 95 90.30 -13.92 -8.51
N ILE H 96 91.62 -13.89 -8.64
CA ILE H 96 92.31 -14.95 -9.36
C ILE H 96 93.26 -15.70 -8.46
N SER H 97 93.47 -16.97 -8.75
CA SER H 97 94.58 -17.69 -8.13
C SER H 97 95.04 -18.88 -8.98
N GLY H 98 96.27 -19.30 -8.73
CA GLY H 98 96.89 -20.41 -9.43
C GLY H 98 98.31 -20.64 -8.95
N ILE H 99 99.01 -21.54 -9.61
CA ILE H 99 100.40 -21.83 -9.26
C ILE H 99 101.35 -20.90 -10.02
N VAL H 100 102.41 -20.50 -9.35
CA VAL H 100 103.38 -19.57 -9.93
C VAL H 100 104.30 -20.29 -10.89
N VAL H 101 104.32 -19.80 -12.13
CA VAL H 101 105.03 -20.52 -13.15
C VAL H 101 106.34 -19.80 -13.46
N GLU H 102 106.46 -18.57 -12.97
CA GLU H 102 107.70 -17.81 -13.05
C GLU H 102 107.61 -16.57 -12.15
N GLY H 103 108.77 -16.14 -11.67
CA GLY H 103 108.87 -14.91 -10.90
C GLY H 103 110.32 -14.49 -10.81
N PRO H 104 110.63 -13.53 -9.92
CA PRO H 104 112.05 -13.27 -9.67
C PRO H 104 112.68 -14.47 -8.98
N ASP H 105 113.88 -14.82 -9.43
CA ASP H 105 114.61 -15.96 -8.89
C ASP H 105 115.18 -15.60 -7.52
N GLU H 106 115.43 -14.30 -7.34
CA GLU H 106 115.95 -13.75 -6.09
C GLU H 106 115.05 -14.01 -4.88
N PHE H 107 113.90 -14.65 -5.10
CA PHE H 107 112.94 -14.95 -4.04
C PHE H 107 112.40 -16.38 -4.17
N GLY H 108 112.52 -16.96 -5.37
CA GLY H 108 112.18 -18.35 -5.62
C GLY H 108 110.74 -18.82 -5.36
N VAL H 109 109.79 -18.20 -6.04
CA VAL H 109 108.38 -18.47 -5.76
C VAL H 109 107.74 -19.49 -6.69
N LYS H 110 108.51 -19.96 -7.67
CA LYS H 110 107.98 -20.91 -8.64
C LYS H 110 107.45 -22.17 -7.91
N GLY H 111 106.33 -22.70 -8.39
CA GLY H 111 105.71 -23.88 -7.80
C GLY H 111 104.71 -23.60 -6.70
N ARG H 112 104.75 -22.39 -6.16
CA ARG H 112 103.86 -21.99 -5.06
C ARG H 112 102.57 -21.33 -5.55
N ARG H 113 101.57 -21.31 -4.68
CA ARG H 113 100.28 -20.72 -5.02
C ARG H 113 100.29 -19.22 -4.80
N HIS H 114 99.60 -18.50 -5.68
CA HIS H 114 99.38 -17.08 -5.48
C HIS H 114 97.92 -16.80 -5.64
N SER H 115 97.36 -16.04 -4.71
CA SER H 115 95.97 -15.64 -4.79
C SER H 115 95.94 -14.14 -4.60
N THR H 116 95.26 -13.44 -5.48
CA THR H 116 95.21 -12.01 -5.40
C THR H 116 93.95 -11.58 -6.10
N ALA H 117 93.78 -10.29 -6.36
CA ALA H 117 92.62 -9.85 -7.13
C ALA H 117 93.01 -8.84 -8.21
N VAL H 118 92.49 -9.05 -9.42
CA VAL H 118 92.56 -8.03 -10.44
C VAL H 118 91.56 -6.96 -10.05
N SER H 119 92.01 -5.71 -9.95
CA SER H 119 91.11 -4.59 -9.69
C SER H 119 91.00 -3.69 -10.92
N ILE H 120 90.08 -2.74 -10.88
CA ILE H 120 89.95 -1.78 -11.97
C ILE H 120 91.21 -0.95 -12.09
N GLY H 121 91.85 -1.02 -13.25
CA GLY H 121 93.03 -0.23 -13.53
C GLY H 121 94.34 -0.99 -13.42
N THR H 122 94.30 -2.20 -12.90
CA THR H 122 95.52 -2.98 -12.78
C THR H 122 95.86 -3.57 -14.15
N TRP H 123 97.07 -3.26 -14.62
CA TRP H 123 97.58 -3.84 -15.84
C TRP H 123 97.79 -5.34 -15.65
N LEU H 124 97.46 -6.14 -16.65
CA LEU H 124 97.90 -7.52 -16.64
C LEU H 124 97.98 -8.11 -18.06
N VAL H 125 98.87 -9.09 -18.20
CA VAL H 125 99.17 -9.69 -19.48
C VAL H 125 98.89 -11.18 -19.42
N VAL H 126 97.97 -11.66 -20.25
CA VAL H 126 97.60 -13.06 -20.12
C VAL H 126 97.89 -13.83 -21.39
N GLU H 127 98.43 -15.03 -21.20
CA GLU H 127 98.97 -15.87 -22.26
C GLU H 127 98.18 -17.17 -22.45
N ARG H 128 97.38 -17.20 -23.51
CA ARG H 128 96.66 -18.40 -23.91
C ARG H 128 97.50 -19.24 -24.88
N ASP H 129 97.61 -20.54 -24.61
CA ASP H 129 98.53 -21.41 -25.34
C ASP H 129 98.06 -21.69 -26.77
N LYS H 130 96.76 -21.94 -26.93
CA LYS H 130 96.18 -21.92 -28.26
C LYS H 130 96.23 -20.46 -28.74
N GLY H 131 95.31 -20.06 -29.59
CA GLY H 131 95.35 -18.67 -30.01
C GLY H 131 94.35 -17.83 -29.24
N TRP H 132 94.67 -16.55 -29.09
CA TRP H 132 93.63 -15.58 -28.81
C TRP H 132 92.84 -15.34 -30.10
N SER H 133 91.66 -15.95 -30.22
CA SER H 133 90.81 -15.75 -31.39
C SER H 133 90.34 -14.29 -31.50
N GLU H 134 89.85 -13.91 -32.68
CA GLU H 134 89.48 -12.52 -32.95
C GLU H 134 88.09 -12.18 -32.40
N GLN H 135 87.21 -13.17 -32.31
CA GLN H 135 85.95 -13.03 -31.60
C GLN H 135 86.24 -12.72 -30.12
N GLU H 136 87.01 -13.62 -29.49
CA GLU H 136 87.38 -13.50 -28.08
C GLU H 136 87.99 -12.15 -27.78
N LEU H 137 88.81 -11.65 -28.70
CA LEU H 137 89.43 -10.35 -28.53
C LEU H 137 88.42 -9.23 -28.69
N GLU H 138 87.44 -9.43 -29.56
CA GLU H 138 86.38 -8.44 -29.75
C GLU H 138 85.52 -8.39 -28.51
N ARG H 139 85.26 -9.58 -27.97
CA ARG H 139 84.51 -9.76 -26.73
C ARG H 139 85.18 -9.00 -25.57
N LEU H 140 86.49 -9.16 -25.44
CA LEU H 140 87.25 -8.44 -24.42
C LEU H 140 87.03 -6.91 -24.47
N ALA H 141 86.85 -6.37 -25.67
CA ALA H 141 86.81 -4.92 -25.83
C ALA H 141 85.40 -4.37 -26.03
N SER H 142 84.41 -5.23 -25.80
CA SER H 142 83.00 -4.87 -25.98
C SER H 142 82.42 -3.95 -24.90
N GLY H 143 82.92 -4.05 -23.67
CA GLY H 143 82.42 -3.27 -22.56
C GLY H 143 82.17 -1.80 -22.89
N ARG H 144 80.97 -1.32 -22.58
CA ARG H 144 80.62 0.07 -22.77
C ARG H 144 80.45 0.78 -21.41
N ALA H 145 80.99 0.15 -20.36
CA ALA H 145 80.95 0.67 -18.99
C ALA H 145 79.57 1.19 -18.57
N ARG H 146 78.50 0.53 -19.05
CA ARG H 146 77.11 1.00 -18.87
C ARG H 146 76.73 1.32 -17.42
N GLY H 147 77.48 0.75 -16.48
CA GLY H 147 77.24 1.01 -15.07
C GLY H 147 75.87 0.55 -14.62
N THR H 148 75.15 1.41 -13.92
CA THR H 148 74.12 0.91 -13.05
C THR H 148 72.78 1.64 -12.96
N ALA H 149 71.81 1.00 -12.29
CA ALA H 149 70.50 1.58 -12.01
C ALA H 149 70.02 1.20 -10.60
N VAL H 150 69.10 1.97 -10.01
CA VAL H 150 68.51 1.55 -8.75
C VAL H 150 67.01 1.31 -8.86
N ILE H 151 66.55 0.24 -8.21
CA ILE H 151 65.13 -0.11 -8.20
C ILE H 151 64.60 -0.14 -6.79
N ALA H 152 63.36 0.29 -6.63
CA ALA H 152 62.71 0.35 -5.32
C ALA H 152 61.22 0.02 -5.41
N ALA H 153 60.67 -0.52 -4.32
CA ALA H 153 59.24 -0.83 -4.27
C ALA H 153 58.66 -0.49 -2.89
N VAL H 154 57.56 0.28 -2.84
CA VAL H 154 56.91 0.62 -1.59
C VAL H 154 55.44 0.26 -1.54
N ASP H 155 55.00 -0.28 -0.40
CA ASP H 155 53.59 -0.23 -0.06
C ASP H 155 53.51 0.12 1.41
N TYR H 156 52.32 0.01 1.98
CA TYR H 156 52.14 0.39 3.38
C TYR H 156 52.78 -0.62 4.33
N ASP H 157 53.13 -1.78 3.80
CA ASP H 157 53.79 -2.83 4.58
C ASP H 157 55.29 -2.86 4.42
N GLU H 158 55.76 -2.71 3.18
CA GLU H 158 57.12 -3.08 2.80
C GLU H 158 57.82 -2.04 1.91
N PHE H 159 59.13 -1.95 2.07
CA PHE H 159 59.98 -1.14 1.22
C PHE H 159 61.29 -1.87 0.99
N ALA H 160 61.70 -2.03 -0.27
CA ALA H 160 63.01 -2.58 -0.56
C ALA H 160 63.69 -1.83 -1.70
N LEU H 161 65.02 -1.87 -1.71
CA LEU H 161 65.82 -1.09 -2.63
C LEU H 161 66.96 -1.95 -3.14
N ALA H 162 67.22 -1.86 -4.45
CA ALA H 162 68.24 -2.68 -5.09
C ALA H 162 69.01 -1.92 -6.14
N VAL H 163 70.24 -2.33 -6.38
CA VAL H 163 71.03 -1.80 -7.46
C VAL H 163 71.28 -2.88 -8.54
N LEU H 164 71.13 -2.51 -9.82
CA LEU H 164 71.47 -3.43 -10.90
C LEU H 164 72.67 -2.96 -11.70
N ALA H 165 73.49 -3.90 -12.11
CA ALA H 165 74.38 -3.72 -13.24
C ALA H 165 73.97 -4.69 -14.34
N GLY H 166 74.71 -4.75 -15.43
CA GLY H 166 74.33 -5.61 -16.54
C GLY H 166 74.50 -7.06 -16.12
N HIS H 167 75.40 -7.26 -15.18
CA HIS H 167 75.90 -8.56 -14.78
C HIS H 167 75.59 -8.93 -13.32
N GLY H 168 74.52 -8.39 -12.77
CA GLY H 168 74.24 -8.70 -11.38
C GLY H 168 73.27 -7.76 -10.71
N MET H 169 72.75 -8.21 -9.56
CA MET H 169 71.84 -7.43 -8.75
C MET H 169 72.09 -7.66 -7.25
N LYS H 170 72.06 -6.56 -6.49
CA LYS H 170 72.31 -6.58 -5.06
C LYS H 170 71.19 -5.87 -4.33
N ILE H 171 70.51 -6.58 -3.45
CA ILE H 171 69.54 -5.94 -2.55
C ILE H 171 70.26 -5.10 -1.48
N LEU H 172 69.95 -3.81 -1.42
CA LEU H 172 70.64 -2.88 -0.51
C LEU H 172 69.83 -2.54 0.73
N GLU H 173 68.56 -2.87 0.69
CA GLU H 173 67.66 -2.47 1.74
C GLU H 173 66.37 -3.23 1.62
N ASP H 174 65.85 -3.72 2.74
CA ASP H 174 64.67 -4.55 2.76
C ASP H 174 64.01 -4.52 4.15
N THR H 175 62.98 -3.71 4.31
CA THR H 175 62.45 -3.49 5.65
C THR H 175 60.96 -3.39 5.63
N SER H 176 60.36 -3.64 6.78
CA SER H 176 58.92 -3.53 6.90
C SER H 176 58.63 -2.09 7.30
N ALA H 177 57.43 -1.65 6.96
CA ALA H 177 56.99 -0.30 7.28
C ALA H 177 56.52 -0.25 8.72
N ARG H 178 57.37 0.33 9.57
CA ARG H 178 57.03 0.53 10.97
C ARG H 178 55.98 1.64 11.12
N LEU H 179 54.75 1.36 10.66
CA LEU H 179 53.70 2.37 10.67
C LEU H 179 52.70 2.10 11.77
N PRO H 180 52.15 3.17 12.36
CA PRO H 180 50.97 3.19 13.24
C PRO H 180 49.73 2.63 12.55
N GLY H 181 48.65 2.48 13.29
CA GLY H 181 47.38 2.01 12.74
C GLY H 181 46.65 3.17 12.12
N LYS H 182 45.66 2.89 11.27
CA LYS H 182 45.11 3.96 10.46
C LYS H 182 44.29 4.98 11.24
N ASP H 183 43.67 4.60 12.35
CA ASP H 183 42.90 5.57 13.14
C ASP H 183 43.76 6.27 14.18
N ASP H 184 45.04 5.93 14.21
CA ASP H 184 45.98 6.54 15.15
C ASP H 184 46.20 8.03 14.90
N PRO H 185 46.28 8.81 15.98
CA PRO H 185 46.53 10.26 15.98
C PRO H 185 47.71 10.72 15.15
N SER H 186 48.83 9.99 15.19
CA SER H 186 50.01 10.45 14.46
C SER H 186 50.30 9.59 13.22
N ARG H 187 49.24 9.07 12.60
CA ARG H 187 49.41 8.25 11.41
C ARG H 187 49.96 9.09 10.26
N GLU H 188 49.17 10.10 9.85
CA GLU H 188 49.56 10.98 8.76
C GLU H 188 50.99 11.48 8.93
N GLN H 189 51.34 11.88 10.15
CA GLN H 189 52.69 12.36 10.42
C GLN H 189 53.75 11.27 10.22
N GLU H 190 53.34 10.02 10.30
CA GLU H 190 54.30 8.91 10.28
C GLU H 190 54.46 8.31 8.89
N VAL H 191 53.38 8.33 8.11
CA VAL H 191 53.45 7.95 6.71
C VAL H 191 54.32 8.95 5.98
N GLU H 192 54.21 10.23 6.36
CA GLU H 192 55.07 11.25 5.79
C GLU H 192 56.52 10.92 6.10
N LYS H 193 56.78 10.53 7.33
CA LYS H 193 58.13 10.13 7.75
C LYS H 193 58.63 8.93 6.96
N TYR H 194 57.71 8.02 6.62
CA TYR H 194 58.03 6.81 5.86
C TYR H 194 58.53 7.16 4.46
N VAL H 195 57.81 8.03 3.76
CA VAL H 195 58.19 8.30 2.37
C VAL H 195 59.47 9.13 2.33
N ASP H 196 59.72 9.96 3.33
CA ASP H 196 60.96 10.70 3.38
C ASP H 196 62.11 9.74 3.52
N ARG H 197 61.86 8.66 4.24
CA ARG H 197 62.91 7.71 4.53
C ARG H 197 63.26 6.98 3.24
N ALA H 198 62.21 6.60 2.52
CA ALA H 198 62.35 5.92 1.23
C ALA H 198 63.18 6.78 0.30
N ALA H 199 62.66 7.97 0.03
CA ALA H 199 63.31 8.97 -0.79
C ALA H 199 64.79 9.14 -0.43
N LYS H 200 65.08 9.27 0.86
CA LYS H 200 66.44 9.53 1.29
C LYS H 200 67.32 8.34 0.93
N ARG H 201 66.81 7.15 1.24
CA ARG H 201 67.46 5.88 0.93
C ARG H 201 67.79 5.76 -0.58
N ILE H 202 66.78 6.04 -1.41
CA ILE H 202 66.90 6.00 -2.86
C ILE H 202 67.94 7.02 -3.33
N VAL H 203 67.77 8.27 -2.94
CA VAL H 203 68.72 9.33 -3.29
C VAL H 203 70.14 9.00 -2.84
N GLU H 204 70.25 8.31 -1.71
CA GLU H 204 71.54 7.93 -1.15
C GLU H 204 72.28 6.97 -2.05
N GLU H 205 71.64 5.85 -2.37
CA GLU H 205 72.28 4.80 -3.15
C GLU H 205 72.37 5.15 -4.64
N ALA H 206 71.48 6.01 -5.11
CA ALA H 206 71.57 6.47 -6.49
C ALA H 206 72.89 7.19 -6.64
N ALA H 207 73.26 7.90 -5.57
CA ALA H 207 74.51 8.65 -5.57
C ALA H 207 75.70 7.71 -5.38
N ARG H 208 75.56 6.81 -4.42
CA ARG H 208 76.63 5.90 -4.05
C ARG H 208 77.07 5.05 -5.24
N HIS H 209 76.11 4.66 -6.06
CA HIS H 209 76.40 3.80 -7.22
C HIS H 209 76.47 4.54 -8.55
N ARG H 210 76.32 5.86 -8.50
CA ARG H 210 76.30 6.67 -9.71
C ARG H 210 75.26 6.18 -10.72
N SER H 211 74.01 6.05 -10.28
CA SER H 211 72.94 5.68 -11.20
C SER H 211 72.26 6.91 -11.79
N PRO H 212 72.06 6.91 -13.11
CA PRO H 212 71.30 7.98 -13.78
C PRO H 212 69.82 7.64 -13.79
N ILE H 213 69.47 6.41 -13.42
CA ILE H 213 68.06 5.97 -13.42
C ILE H 213 67.63 5.42 -12.06
N ALA H 214 66.46 5.85 -11.59
CA ALA H 214 65.79 5.22 -10.44
C ALA H 214 64.39 4.78 -10.81
N VAL H 215 64.08 3.49 -10.62
CA VAL H 215 62.74 2.99 -10.83
C VAL H 215 62.05 2.80 -9.50
N ILE H 216 60.89 3.41 -9.32
CA ILE H 216 60.21 3.32 -8.04
C ILE H 216 58.83 2.67 -8.22
N ALA H 217 58.65 1.48 -7.65
CA ALA H 217 57.43 0.70 -7.85
C ALA H 217 56.55 0.63 -6.63
N GLY H 218 55.39 0.01 -6.79
CA GLY H 218 54.45 -0.17 -5.71
C GLY H 218 53.04 0.11 -6.16
N PRO H 219 52.04 -0.31 -5.34
CA PRO H 219 50.63 -0.06 -5.65
C PRO H 219 50.21 1.33 -5.23
N GLY H 220 49.49 2.03 -6.08
CA GLY H 220 48.89 3.28 -5.68
C GLY H 220 49.85 4.43 -5.41
N GLN H 221 49.40 5.37 -4.57
CA GLN H 221 49.97 6.71 -4.48
C GLN H 221 51.28 6.84 -3.72
N LEU H 222 51.70 5.79 -3.03
CA LEU H 222 52.88 5.88 -2.18
C LEU H 222 54.16 6.09 -2.98
N LYS H 223 54.39 5.21 -3.95
CA LYS H 223 55.58 5.29 -4.80
C LYS H 223 55.74 6.65 -5.47
N THR H 224 54.63 7.29 -5.83
CA THR H 224 54.74 8.55 -6.56
C THR H 224 55.05 9.71 -5.61
N SER H 225 54.64 9.60 -4.35
CA SER H 225 55.08 10.56 -3.34
C SER H 225 56.58 10.45 -3.13
N VAL H 226 57.10 9.23 -3.20
CA VAL H 226 58.50 8.99 -2.97
C VAL H 226 59.27 9.55 -4.14
N ALA H 227 58.78 9.19 -5.32
CA ALA H 227 59.40 9.56 -6.57
C ALA H 227 59.47 11.07 -6.68
N GLU H 228 58.41 11.74 -6.28
CA GLU H 228 58.38 13.19 -6.38
C GLU H 228 59.50 13.81 -5.54
N LYS H 229 59.75 13.20 -4.38
CA LYS H 229 60.77 13.74 -3.49
C LYS H 229 62.17 13.40 -3.99
N VAL H 230 62.34 12.17 -4.50
CA VAL H 230 63.61 11.75 -5.10
C VAL H 230 64.05 12.69 -6.25
N GLN H 231 63.12 13.05 -7.14
CA GLN H 231 63.44 13.98 -8.24
C GLN H 231 63.87 15.36 -7.77
N ARG H 232 63.20 15.84 -6.73
CA ARG H 232 63.45 17.17 -6.19
C ARG H 232 64.86 17.24 -5.63
N ALA H 233 65.36 16.13 -5.11
CA ALA H 233 66.74 16.07 -4.63
C ALA H 233 67.74 15.90 -5.77
N MET H 234 67.35 15.11 -6.76
CA MET H 234 68.23 14.79 -7.87
C MET H 234 67.53 15.15 -9.16
N PRO H 235 67.57 16.44 -9.51
CA PRO H 235 66.87 17.01 -10.66
C PRO H 235 67.30 16.40 -11.99
N SER H 236 68.55 15.96 -12.07
CA SER H 236 69.08 15.45 -13.33
C SER H 236 68.87 13.93 -13.46
N LEU H 237 68.31 13.33 -12.42
CA LEU H 237 68.03 11.89 -12.39
C LEU H 237 66.82 11.55 -13.24
N LYS H 238 66.89 10.47 -14.00
CA LYS H 238 65.68 9.91 -14.61
C LYS H 238 64.89 9.14 -13.57
N VAL H 239 63.63 9.50 -13.38
CA VAL H 239 62.84 8.81 -12.37
C VAL H 239 61.55 8.27 -12.94
N ALA H 240 61.50 6.93 -13.01
CA ALA H 240 60.34 6.23 -13.53
C ALA H 240 59.56 5.52 -12.42
N THR H 241 58.23 5.66 -12.46
CA THR H 241 57.37 4.88 -11.57
C THR H 241 56.71 3.71 -12.34
N VAL H 242 56.54 2.58 -11.67
CA VAL H 242 55.71 1.50 -12.19
C VAL H 242 54.70 1.00 -11.17
N ASP H 243 53.47 0.78 -11.64
CA ASP H 243 52.48 0.10 -10.85
C ASP H 243 52.89 -1.34 -10.60
N THR H 244 52.68 -1.77 -9.38
CA THR H 244 53.12 -3.07 -8.94
C THR H 244 52.25 -3.52 -7.76
N SER H 245 51.87 -4.80 -7.71
CA SER H 245 51.04 -5.30 -6.61
C SER H 245 51.64 -5.02 -5.23
N MET H 246 52.96 -5.09 -5.09
CA MET H 246 53.51 -5.00 -3.74
C MET H 246 54.83 -4.27 -3.62
N GLY H 247 55.23 -4.03 -2.38
CA GLY H 247 56.47 -3.36 -2.11
C GLY H 247 57.49 -4.44 -1.88
N GLY H 248 58.55 -4.11 -1.16
CA GLY H 248 59.57 -5.09 -0.82
C GLY H 248 60.28 -5.71 -2.00
N VAL H 249 61.02 -6.77 -1.74
CA VAL H 249 61.84 -7.41 -2.74
C VAL H 249 60.95 -8.05 -3.79
N ALA H 250 59.79 -8.54 -3.39
CA ALA H 250 58.91 -9.16 -4.38
C ALA H 250 58.37 -8.10 -5.33
N GLY H 251 58.31 -6.86 -4.86
CA GLY H 251 57.88 -5.75 -5.70
C GLY H 251 58.96 -5.33 -6.70
N VAL H 252 60.20 -5.24 -6.21
CA VAL H 252 61.35 -4.94 -7.06
C VAL H 252 61.39 -5.98 -8.17
N ARG H 253 61.40 -7.24 -7.78
CA ARG H 253 61.43 -8.38 -8.70
C ARG H 253 60.25 -8.40 -9.66
N GLU H 254 59.12 -7.85 -9.23
CA GLU H 254 57.97 -7.76 -10.12
C GLU H 254 58.17 -6.60 -11.09
N ALA H 255 58.69 -5.49 -10.59
CA ALA H 255 58.93 -4.32 -11.41
C ALA H 255 59.88 -4.68 -12.56
N LEU H 256 60.94 -5.42 -12.24
CA LEU H 256 61.90 -5.84 -13.24
C LEU H 256 61.29 -6.66 -14.38
N ARG H 257 60.03 -7.06 -14.25
CA ARG H 257 59.41 -7.84 -15.29
C ARG H 257 58.33 -7.07 -16.00
N ARG H 258 58.03 -5.87 -15.52
CA ARG H 258 56.98 -5.09 -16.18
C ARG H 258 57.54 -4.43 -17.44
N GLU H 259 56.67 -4.25 -18.44
CA GLU H 259 57.13 -3.93 -19.79
C GLU H 259 57.85 -2.59 -19.87
N SER H 260 57.34 -1.60 -19.12
CA SER H 260 57.96 -0.29 -19.09
C SER H 260 59.40 -0.37 -18.63
N VAL H 261 59.62 -1.11 -17.55
CA VAL H 261 60.94 -1.20 -16.93
C VAL H 261 61.91 -2.00 -17.80
N THR H 262 61.45 -3.10 -18.40
CA THR H 262 62.33 -3.90 -19.24
C THR H 262 62.75 -3.14 -20.48
N ARG H 263 61.93 -2.20 -20.95
CA ARG H 263 62.38 -1.29 -22.01
C ARG H 263 63.44 -0.31 -21.52
N ILE H 264 63.20 0.34 -20.39
CA ILE H 264 64.18 1.27 -19.84
C ILE H 264 65.52 0.60 -19.56
N LEU H 265 65.47 -0.65 -19.10
CA LEU H 265 66.68 -1.34 -18.68
C LEU H 265 67.14 -2.40 -19.68
N ARG H 266 66.61 -2.33 -20.89
CA ARG H 266 66.90 -3.32 -21.92
C ARG H 266 68.38 -3.51 -22.24
N GLU H 267 69.23 -2.53 -21.94
CA GLU H 267 70.65 -2.66 -22.20
C GLU H 267 71.40 -3.45 -21.14
N LEU H 268 70.68 -3.86 -20.10
CA LEU H 268 71.26 -4.70 -19.07
C LEU H 268 71.03 -6.18 -19.36
N SER H 269 72.11 -6.96 -19.50
CA SER H 269 71.99 -8.39 -19.81
C SER H 269 70.99 -9.08 -18.89
N ILE H 270 71.13 -8.81 -17.60
CA ILE H 270 70.30 -9.43 -16.60
C ILE H 270 68.82 -9.21 -16.89
N VAL H 271 68.50 -8.12 -17.56
CA VAL H 271 67.10 -7.80 -17.86
C VAL H 271 66.71 -8.30 -19.23
N GLU H 272 67.62 -8.16 -20.20
CA GLU H 272 67.40 -8.72 -21.52
C GLU H 272 67.05 -10.19 -21.38
N ALA H 273 67.80 -10.90 -20.52
CA ALA H 273 67.62 -12.33 -20.26
C ALA H 273 66.23 -12.74 -19.83
N GLU H 274 65.53 -11.86 -19.15
CA GLU H 274 64.23 -12.24 -18.64
C GLU H 274 63.31 -12.48 -19.84
N GLY H 275 63.49 -11.68 -20.88
CA GLY H 275 62.65 -11.75 -22.05
C GLY H 275 62.90 -13.01 -22.88
N VAL H 276 64.14 -13.48 -22.94
CA VAL H 276 64.40 -14.66 -23.76
C VAL H 276 63.93 -15.89 -22.99
N LEU H 277 64.00 -15.84 -21.67
CA LEU H 277 63.54 -16.94 -20.85
C LEU H 277 62.05 -17.13 -21.06
N GLU H 278 61.31 -16.03 -21.11
CA GLU H 278 59.88 -16.14 -21.13
C GLU H 278 59.43 -16.55 -22.54
N GLU H 279 60.21 -16.15 -23.54
CA GLU H 279 59.96 -16.58 -24.91
C GLU H 279 60.19 -18.08 -25.03
N PHE H 280 61.31 -18.52 -24.48
CA PHE H 280 61.62 -19.94 -24.39
C PHE H 280 60.52 -20.77 -23.70
N LEU H 281 59.84 -20.19 -22.70
CA LEU H 281 58.79 -20.92 -21.97
C LEU H 281 57.47 -20.88 -22.72
N ARG H 282 57.23 -19.83 -23.48
CA ARG H 282 56.12 -19.87 -24.41
C ARG H 282 56.24 -21.09 -25.31
N ARG H 283 57.45 -21.30 -25.83
CA ARG H 283 57.65 -22.31 -26.85
C ARG H 283 57.55 -23.71 -26.26
N ILE H 284 58.22 -23.92 -25.13
CA ILE H 284 58.15 -25.17 -24.39
C ILE H 284 56.71 -25.60 -24.10
N ALA H 285 55.91 -24.61 -23.71
CA ALA H 285 54.52 -24.85 -23.38
C ALA H 285 53.70 -25.23 -24.62
N LYS H 286 53.91 -24.50 -25.70
CA LYS H 286 53.22 -24.79 -26.96
C LYS H 286 53.88 -25.97 -27.70
N SER H 287 54.68 -26.74 -26.96
CA SER H 287 55.45 -27.89 -27.47
C SER H 287 56.20 -27.65 -28.79
N ARG H 288 56.90 -26.53 -28.85
CA ARG H 288 57.71 -26.19 -30.01
C ARG H 288 59.02 -26.96 -30.00
N ASP H 289 59.51 -27.26 -31.20
CA ASP H 289 60.82 -27.86 -31.34
C ASP H 289 61.81 -26.76 -31.66
N THR H 290 61.37 -25.52 -31.44
CA THR H 290 62.15 -24.33 -31.75
C THR H 290 62.96 -23.84 -30.54
N VAL H 291 63.23 -24.78 -29.62
CA VAL H 291 64.08 -24.48 -28.47
C VAL H 291 65.10 -25.57 -28.29
N ALA H 292 66.09 -25.31 -27.45
CA ALA H 292 67.06 -26.30 -27.06
C ALA H 292 67.62 -25.92 -25.70
N TYR H 293 68.03 -26.92 -24.93
CA TYR H 293 68.67 -26.67 -23.64
C TYR H 293 69.55 -27.85 -23.28
N THR H 294 70.50 -27.64 -22.36
CA THR H 294 71.53 -28.62 -22.00
C THR H 294 72.73 -28.37 -22.89
N PRO H 295 73.93 -28.32 -22.30
CA PRO H 295 75.10 -27.94 -23.11
C PRO H 295 75.21 -28.82 -24.33
N GLY H 296 74.89 -30.10 -24.20
CA GLY H 296 74.93 -31.00 -25.33
C GLY H 296 74.00 -30.57 -26.46
N GLU H 297 72.70 -30.46 -26.19
CA GLU H 297 71.73 -30.09 -27.22
C GLU H 297 72.11 -28.80 -27.92
N VAL H 298 72.55 -27.83 -27.13
CA VAL H 298 72.83 -26.52 -27.65
C VAL H 298 74.02 -26.58 -28.58
N LEU H 299 74.98 -27.44 -28.26
CA LEU H 299 76.13 -27.63 -29.12
C LEU H 299 75.65 -28.20 -30.45
N ALA H 300 74.77 -29.20 -30.34
CA ALA H 300 74.24 -29.88 -31.53
C ALA H 300 73.59 -28.89 -32.49
N VAL H 301 72.52 -28.22 -32.04
CA VAL H 301 71.79 -27.31 -32.93
C VAL H 301 72.60 -26.07 -33.28
N ALA H 302 73.65 -25.76 -32.52
CA ALA H 302 74.50 -24.62 -32.87
C ALA H 302 75.29 -24.90 -34.14
N ARG H 303 75.79 -26.13 -34.25
CA ARG H 303 76.56 -26.54 -35.41
C ARG H 303 75.68 -26.47 -36.65
N MET H 304 74.39 -26.70 -36.48
CA MET H 304 73.46 -26.59 -37.59
C MET H 304 73.22 -25.18 -38.06
N GLY H 305 73.78 -24.19 -37.36
CA GLY H 305 73.38 -22.82 -37.56
C GLY H 305 71.92 -22.57 -37.24
N ALA H 306 71.39 -23.31 -36.28
CA ALA H 306 69.97 -23.22 -35.93
C ALA H 306 69.70 -22.24 -34.80
N VAL H 307 70.75 -21.72 -34.18
CA VAL H 307 70.56 -20.94 -32.97
C VAL H 307 70.47 -19.44 -33.23
N ASP H 308 69.31 -18.91 -32.89
CA ASP H 308 69.02 -17.50 -33.01
C ASP H 308 69.56 -16.69 -31.83
N THR H 309 69.33 -17.19 -30.62
CA THR H 309 69.95 -16.59 -29.46
C THR H 309 70.14 -17.67 -28.38
N VAL H 310 71.19 -17.53 -27.58
CA VAL H 310 71.47 -18.50 -26.51
C VAL H 310 71.69 -17.81 -25.14
N LEU H 311 71.07 -18.39 -24.10
CA LEU H 311 71.11 -17.85 -22.72
C LEU H 311 71.73 -18.88 -21.82
N LEU H 312 72.67 -18.44 -21.02
CA LEU H 312 73.65 -19.33 -20.48
C LEU H 312 74.15 -18.75 -19.16
N VAL H 313 74.20 -19.62 -18.15
CA VAL H 313 74.72 -19.29 -16.82
C VAL H 313 76.27 -19.35 -16.79
N ASP H 314 76.90 -18.40 -16.13
CA ASP H 314 78.35 -18.26 -16.29
C ASP H 314 79.12 -19.35 -15.57
N THR H 315 78.51 -19.99 -14.58
CA THR H 315 79.19 -21.08 -13.91
C THR H 315 79.51 -22.22 -14.92
N LEU H 316 78.72 -22.33 -15.98
CA LEU H 316 79.00 -23.31 -17.05
C LEU H 316 80.32 -23.05 -17.77
N LEU H 317 80.62 -21.79 -18.06
CA LEU H 317 81.90 -21.39 -18.59
C LEU H 317 83.08 -21.87 -17.75
N HIS H 318 82.83 -22.16 -16.47
CA HIS H 318 83.90 -22.62 -15.60
C HIS H 318 83.63 -23.98 -14.95
N SER H 319 82.78 -24.78 -15.58
CA SER H 319 82.54 -26.13 -15.10
C SER H 319 83.86 -26.86 -14.98
N PRO H 320 84.05 -27.58 -13.87
CA PRO H 320 85.29 -28.32 -13.62
C PRO H 320 85.52 -29.36 -14.71
N ASP H 321 84.43 -29.99 -15.13
CA ASP H 321 84.44 -30.93 -16.23
C ASP H 321 84.97 -30.23 -17.47
N ASP H 322 86.21 -30.52 -17.85
CA ASP H 322 86.84 -29.83 -18.98
C ASP H 322 86.08 -30.07 -20.27
N ALA H 323 85.47 -31.25 -20.38
CA ALA H 323 84.64 -31.58 -21.53
C ALA H 323 83.51 -30.57 -21.69
N VAL H 324 82.87 -30.25 -20.57
CA VAL H 324 81.80 -29.27 -20.55
C VAL H 324 82.31 -27.92 -21.02
N ARG H 325 83.41 -27.46 -20.43
CA ARG H 325 83.95 -26.14 -20.75
C ARG H 325 84.09 -25.98 -22.25
N GLU H 326 84.71 -26.97 -22.86
CA GLU H 326 85.00 -26.92 -24.29
C GLU H 326 83.71 -27.00 -25.12
N ALA H 327 82.77 -27.83 -24.68
CA ALA H 327 81.50 -27.98 -25.39
C ALA H 327 80.66 -26.69 -25.35
N VAL H 328 80.82 -25.88 -24.31
CA VAL H 328 80.06 -24.65 -24.25
C VAL H 328 80.78 -23.60 -25.06
N ASP H 329 82.10 -23.60 -24.96
CA ASP H 329 82.92 -22.64 -25.69
C ASP H 329 82.75 -22.76 -27.21
N GLU H 330 82.73 -23.99 -27.75
CA GLU H 330 82.55 -24.18 -29.18
C GLU H 330 81.15 -23.72 -29.59
N ALA H 331 80.14 -24.24 -28.89
CA ALA H 331 78.76 -23.86 -29.14
C ALA H 331 78.61 -22.36 -29.21
N LEU H 332 79.34 -21.66 -28.36
CA LEU H 332 79.28 -20.21 -28.28
C LEU H 332 80.01 -19.55 -29.45
N ARG H 333 81.15 -20.14 -29.85
CA ARG H 333 81.85 -19.69 -31.04
C ARG H 333 80.93 -19.83 -32.24
N LEU H 334 80.27 -20.99 -32.32
CA LEU H 334 79.40 -21.34 -33.42
C LEU H 334 78.24 -20.38 -33.57
N VAL H 335 77.48 -20.18 -32.50
CA VAL H 335 76.28 -19.34 -32.55
C VAL H 335 76.65 -17.91 -32.93
N GLU H 336 77.79 -17.44 -32.43
CA GLU H 336 78.23 -16.10 -32.77
C GLU H 336 78.51 -15.96 -34.27
N SER H 337 79.42 -16.80 -34.78
CA SER H 337 79.87 -16.74 -36.17
C SER H 337 78.73 -16.83 -37.16
N MET H 338 77.68 -17.51 -36.78
CA MET H 338 76.54 -17.68 -37.67
C MET H 338 75.42 -16.69 -37.35
N GLY H 339 75.80 -15.52 -36.86
CA GLY H 339 74.87 -14.41 -36.75
C GLY H 339 74.05 -14.30 -35.46
N GLY H 340 74.13 -15.31 -34.60
CA GLY H 340 73.33 -15.35 -33.39
C GLY H 340 73.87 -14.49 -32.26
N ARG H 341 73.08 -14.42 -31.19
CA ARG H 341 73.39 -13.57 -30.04
C ARG H 341 73.56 -14.40 -28.78
N VAL H 342 74.64 -14.17 -28.03
CA VAL H 342 74.78 -14.86 -26.76
C VAL H 342 74.69 -13.91 -25.58
N ILE H 343 73.95 -14.37 -24.57
CA ILE H 343 73.73 -13.68 -23.30
C ILE H 343 74.20 -14.50 -22.09
N ILE H 344 75.19 -13.99 -21.37
CA ILE H 344 75.67 -14.64 -20.16
C ILE H 344 75.23 -13.88 -18.91
N ILE H 345 74.49 -14.57 -18.05
CA ILE H 345 74.08 -14.03 -16.74
C ILE H 345 74.73 -14.85 -15.63
N PRO H 346 74.87 -14.28 -14.41
CA PRO H 346 75.38 -15.00 -13.25
C PRO H 346 74.39 -16.03 -12.74
N GLY H 347 74.86 -17.08 -12.07
CA GLY H 347 73.99 -18.10 -11.49
C GLY H 347 72.98 -17.59 -10.47
N ASP H 348 73.46 -17.06 -9.35
CA ASP H 348 72.58 -16.42 -8.37
C ASP H 348 71.92 -15.22 -9.05
N SER H 349 70.73 -15.42 -9.58
CA SER H 349 70.10 -14.42 -10.42
C SER H 349 68.62 -14.78 -10.60
N PRO H 350 67.75 -13.78 -10.82
CA PRO H 350 66.33 -14.10 -11.04
C PRO H 350 66.17 -15.01 -12.25
N ALA H 351 66.75 -14.61 -13.38
CA ALA H 351 66.72 -15.44 -14.58
C ALA H 351 67.56 -16.71 -14.38
N GLY H 352 68.73 -16.55 -13.77
CA GLY H 352 69.65 -17.66 -13.58
C GLY H 352 69.07 -18.79 -12.77
N GLU H 353 68.25 -18.41 -11.79
CA GLU H 353 67.58 -19.37 -10.93
C GLU H 353 66.75 -20.40 -11.73
N ARG H 354 66.10 -19.95 -12.79
CA ARG H 354 65.21 -20.84 -13.53
C ARG H 354 65.88 -21.61 -14.65
N LEU H 355 67.21 -21.53 -14.77
CA LEU H 355 67.92 -22.32 -15.79
C LEU H 355 68.44 -23.62 -15.20
N VAL H 356 68.24 -23.81 -13.91
CA VAL H 356 68.75 -24.98 -13.19
C VAL H 356 68.20 -26.29 -13.75
N SER H 357 66.89 -26.38 -14.00
CA SER H 357 66.32 -27.62 -14.54
C SER H 357 66.52 -27.72 -16.04
N PHE H 358 67.39 -26.88 -16.57
CA PHE H 358 67.66 -26.87 -18.00
C PHE H 358 69.15 -26.99 -18.27
N GLY H 359 69.89 -27.36 -17.25
CA GLY H 359 71.31 -27.56 -17.43
C GLY H 359 72.07 -26.28 -17.68
N GLY H 360 71.44 -25.14 -17.43
CA GLY H 360 72.15 -23.87 -17.40
C GLY H 360 72.23 -23.11 -18.71
N VAL H 361 71.85 -23.77 -19.81
CA VAL H 361 71.80 -23.16 -21.13
C VAL H 361 70.45 -23.37 -21.80
N ILE H 362 69.88 -22.29 -22.32
CA ILE H 362 68.75 -22.45 -23.21
C ILE H 362 69.07 -21.71 -24.51
N ALA H 363 68.36 -22.06 -25.58
CA ALA H 363 68.55 -21.42 -26.88
C ALA H 363 67.22 -21.25 -27.59
N LEU H 364 67.08 -20.12 -28.28
CA LEU H 364 65.94 -19.93 -29.18
C LEU H 364 66.37 -20.37 -30.58
N LEU H 365 65.60 -21.24 -31.22
CA LEU H 365 65.99 -21.80 -32.52
C LEU H 365 65.30 -21.09 -33.67
N ARG H 366 65.97 -21.06 -34.83
CA ARG H 366 65.46 -20.36 -36.04
C ARG H 366 64.42 -21.15 -36.79
N TYR H 367 64.39 -22.46 -36.53
CA TYR H 367 63.42 -23.38 -37.15
C TYR H 367 63.34 -24.59 -36.25
N PRO H 368 62.23 -25.35 -36.34
CA PRO H 368 62.09 -26.56 -35.56
C PRO H 368 63.22 -27.53 -35.81
N VAL H 369 63.88 -27.93 -34.74
CA VAL H 369 64.74 -29.09 -34.79
C VAL H 369 64.24 -30.09 -33.78
N PRO H 370 63.54 -31.13 -34.25
CA PRO H 370 62.90 -32.10 -33.37
C PRO H 370 63.90 -32.65 -32.37
N GLN H 371 63.42 -32.98 -31.17
CA GLN H 371 64.24 -33.68 -30.21
C GLN H 371 64.26 -35.12 -30.70
N GLU H 372 65.48 -35.61 -30.89
CA GLU H 372 65.87 -36.87 -31.52
C GLU H 372 67.06 -36.47 -32.38
N ALA H 373 66.98 -35.25 -32.91
CA ALA H 373 68.01 -34.71 -33.78
C ALA H 373 68.99 -33.81 -33.00
N ARG H 374 68.60 -33.39 -31.81
CA ARG H 374 69.51 -32.58 -31.00
C ARG H 374 70.39 -33.47 -30.12
PG GTP I . -28.73 18.43 12.90
O1G GTP I . -29.29 17.37 12.01
O2G GTP I . -27.41 18.90 12.34
O3G GTP I . -29.70 19.58 13.00
O3B GTP I . -28.46 17.89 14.39
PB GTP I . -27.25 16.88 14.71
O1B GTP I . -27.41 15.58 13.98
O2B GTP I . -25.88 17.47 14.44
O3A GTP I . -27.44 16.61 16.28
PA GTP I . -26.89 17.66 17.38
O1A GTP I . -27.41 19.05 17.12
O2A GTP I . -25.38 17.58 17.40
O5' GTP I . -27.65 17.21 18.71
C5' GTP I . -29.00 16.78 18.72
C4' GTP I . -29.34 16.41 20.17
O4' GTP I . -28.97 15.07 20.39
C3' GTP I . -28.54 17.26 21.14
O3' GTP I . -29.37 17.63 22.22
C2' GTP I . -27.48 16.31 21.66
O2' GTP I . -27.13 16.61 22.98
C1' GTP I . -28.15 14.95 21.53
N9 GTP I . -27.11 13.94 21.34
C8 GTP I . -26.21 13.89 20.30
N7 GTP I . -25.42 12.83 20.47
C5 GTP I . -25.79 12.18 21.60
C6 GTP I . -25.29 11.03 22.23
O6 GTP I . -24.34 10.39 21.77
N1 GTP I . -25.90 10.61 23.39
C2 GTP I . -26.95 11.32 23.91
N2 GTP I . -27.53 10.90 25.04
N3 GTP I . -27.44 12.45 23.28
C4 GTP I . -26.86 12.88 22.14
MG MG J . -25.63 19.43 13.23
PG GTP K . 22.29 -72.87 42.07
O1G GTP K . 21.83 -73.67 43.25
O2G GTP K . 21.91 -73.62 40.82
O3G GTP K . 21.61 -71.53 42.09
O3B GTP K . 23.89 -72.64 42.16
PB GTP K . 24.93 -73.85 41.82
O1B GTP K . 24.87 -74.95 42.86
O2B GTP K . 24.65 -74.43 40.46
O3A GTP K . 26.38 -73.17 41.85
PA GTP K . 26.83 -71.96 40.90
O1A GTP K . 25.68 -71.16 40.34
O2A GTP K . 27.73 -72.51 39.83
O5' GTP K . 27.54 -70.95 41.90
C5' GTP K . 28.57 -71.45 42.71
C4' GTP K . 29.30 -70.31 43.41
O4' GTP K . 30.30 -70.97 44.13
C3' GTP K . 29.99 -69.42 42.41
O3' GTP K . 30.38 -68.25 43.07
C2' GTP K . 31.21 -70.24 42.10
O2' GTP K . 32.26 -69.43 41.62
C1' GTP K . 31.53 -70.86 43.45
N9 GTP K . 32.05 -72.23 43.29
C8 GTP K . 31.44 -73.28 42.67
N7 GTP K . 32.25 -74.37 42.75
C5 GTP K . 33.36 -74.02 43.44
C6 GTP K . 34.51 -74.74 43.81
O6 GTP K . 34.65 -75.92 43.52
N1 GTP K . 35.49 -74.09 44.52
C2 GTP K . 35.35 -72.75 44.85
N2 GTP K . 36.30 -72.13 45.55
N3 GTP K . 34.22 -72.05 44.48
C4 GTP K . 33.25 -72.68 43.80
MG MG L . 23.21 -73.69 39.25
PG GTP M . -32.99 76.27 -44.78
O1G GTP M . -31.58 75.94 -45.21
O2G GTP M . -33.85 75.06 -44.99
O3G GTP M . -33.06 76.82 -43.37
O3B GTP M . -33.57 77.48 -45.65
PB GTP M . -34.00 77.19 -47.16
O1B GTP M . -32.77 76.75 -47.91
O2B GTP M . -35.11 76.19 -47.27
O3A GTP M . -34.57 78.63 -47.55
PA GTP M . -36.04 79.07 -47.11
O1A GTP M . -36.28 78.80 -45.63
O2A GTP M . -37.05 78.46 -48.03
O5' GTP M . -35.98 80.67 -47.32
C5' GTP M . -34.88 81.47 -46.96
C4' GTP M . -35.23 82.94 -47.22
O4' GTP M . -34.92 83.21 -48.58
C3' GTP M . -36.71 83.23 -47.04
O3' GTP M . -36.85 84.49 -46.45
C2' GTP M . -37.27 83.27 -48.45
O2' GTP M . -38.36 84.16 -48.62
C1' GTP M . -36.07 83.70 -49.27
N9 GTP M . -36.15 83.13 -50.64
C8 GTP M . -36.17 81.81 -51.00
N7 GTP M . -36.26 81.72 -52.36
C5 GTP M . -36.27 82.97 -52.87
C6 GTP M . -36.36 83.47 -54.17
O6 GTP M . -36.42 82.72 -55.14
N1 GTP M . -36.37 84.83 -54.36
C2 GTP M . -36.30 85.69 -53.28
N2 GTP M . -36.30 87.00 -53.50
N3 GTP M . -36.23 85.21 -51.99
C4 GTP M . -36.22 83.87 -51.79
MG MG N . -35.59 74.56 -45.78
PG GTP O . 36.11 -0.47 -3.49
O1G GTP O . 36.27 -1.76 -4.25
O2G GTP O . 36.34 -0.71 -2.02
O3G GTP O . 37.12 0.55 -3.91
O3B GTP O . 34.62 0.14 -3.67
PB GTP O . 33.31 -0.56 -3.01
O1B GTP O . 32.97 -1.87 -3.70
O2B GTP O . 33.58 -0.82 -1.56
O3A GTP O . 32.05 0.43 -3.10
PA GTP O . 32.09 2.01 -2.82
O1A GTP O . 33.49 2.55 -3.00
O2A GTP O . 31.57 2.32 -1.44
O5' GTP O . 31.13 2.60 -3.98
C5' GTP O . 31.64 3.25 -5.13
C4' GTP O . 30.52 4.06 -5.76
O4' GTP O . 29.41 3.22 -6.03
C3' GTP O . 30.00 5.16 -4.84
O3' GTP O . 30.10 6.39 -5.49
C2' GTP O . 28.56 4.78 -4.58
O2' GTP O . 27.71 5.89 -4.61
C1' GTP O . 28.20 3.85 -5.72
N9 GTP O . 27.18 2.92 -5.22
C8 GTP O . 27.32 1.98 -4.24
N7 GTP O . 26.15 1.32 -4.07
C5 GTP O . 25.25 1.84 -4.94
C6 GTP O . 23.91 1.55 -5.20
O6 GTP O . 23.32 0.67 -4.57
N1 GTP O . 23.25 2.27 -6.17
C2 GTP O . 23.90 3.26 -6.88
N2 GTP O . 23.26 3.94 -7.80
N3 GTP O . 25.22 3.55 -6.62
C4 GTP O . 25.89 2.84 -5.66
MG MG P . 35.03 -0.14 -0.40
#